data_7N9T
#
_entry.id   7N9T
#
_cell.length_a   1.00
_cell.length_b   1.00
_cell.length_c   1.00
_cell.angle_alpha   90.00
_cell.angle_beta   90.00
_cell.angle_gamma   90.00
#
_symmetry.space_group_name_H-M   'P 1'
#
loop_
_entity.id
_entity.type
_entity.pdbx_description
1 polymer 'Spike glycoprotein'
2 polymer 'Nanobody Nb17'
#
loop_
_entity_poly.entity_id
_entity_poly.type
_entity_poly.pdbx_seq_one_letter_code
_entity_poly.pdbx_strand_id
1 'polypeptide(L)'
;PPAYTNSFTRGVYYPDKVFRSSVLHSTQDLFLPFFSNVTWFHAIHVSGTNGTKRFDNPVLPFNDGVYFASTEKSNIIRGW
IFGTTLDSKTQSLLIVNNATNVVIKVCEFQFCNDPFLGVYYHKNNKSWMESEFRVYSSANNCTFEYVSQPFLMDLEGKQG
NFKNLREFVFKNIDGYFKIYSKHTPINLVRDLPQGFSALEPLVDLPIGINITRFQTLLALHRSYLTPGDSSSGWTAGAAA
YYVGYLQPRTFLLKYNENGTITDAVDCALDPLSETKCTLKSFTVEKGIYQTSNFRVQPTESIVRFPNITNLCPFGEVFNA
TRFASVYAWNRKRISNCVADYSVLYNSASFSTFKCYGVSPTKLNDLCFTNVYADSFVIRGDEVRQIAPGQTGKIADYNYK
LPDDFTGCVIAWNSNNLDSKVGGNYNYLYRLFRKSNLKPFERDISTEIYQAGSTPCNGVEGFNCYFPLQSYGFQPTNGVG
YQPYRVVVLSFELLHAPATVCGPKKSTNLVKNKCVNFNFNGLTGTGVLTESNKKFLPFQQFGRDIADTTDAVRDPQTLEI
LDITPCSFGGVSVITPGTNTSNQVAVLYQDVNCTEVPVAIHADQLTPTWRVYSTGSNVFQTRAGCLIGAEHVNNSYECDI
PIGAGICASYQTQTNSPGSASSVASQSIIAYTMSLGAENSVAYSNNSIAIPTNFTISVTTEILPVSMTKTSVDCTMYICG
DSTECSNLLLQYGSFCTQLNRALTGIAVEQDKNTQEVFAQVKQIYKTPPIKDFGGFNFSQILPDPSKPSKRSFIEDLLFN
KVTLADAGFIMQYGDCLGDMAYRDLICAQKFNGLTVLPPLLTDEMIAQYTSALLAGTITSGWTFGAGAALQIPFAMQMAY
RFNGIGVTQNVLYENQKLIANQFNSAIGKIQDSLSSTASALGKLQDVVNQNAQALNTLVKQLSSNFGAISSVLNDILSRL
DPPEAEVQIDRLITGRLQSLQTYVTQQLIRAAEIRASANLAATKMSECVLGQSKRVDFCGKGYHLMSFPQSAPHGVVFLH
VTYVPAQEKNFTTAPAICHDGKAHFPREGVFVSNGTHWFVTQRNFYEPQIITTDNTFVSGNCDVVIGIVNNTVYDPLQPE
LDS
;
A,B,C
2 'polypeptide(L)'
;HVQLVESGGGLVQAGGSLRLSCAASGSIFSSNAMSWYRQAPGKQRELVASITSGGNADYADSVKGRFTISRDKNTVYPEM
SSLKPADTAVYYCHAVGQEASAYAPRAYWGQGTQVTVSS
;
D,E,F
#
# COMPACT_ATOMS: atom_id res chain seq x y z
N PRO A 1 -20.91 -52.66 -26.13
CA PRO A 1 -20.35 -51.63 -25.25
C PRO A 1 -20.11 -50.31 -25.98
N PRO A 2 -19.93 -49.21 -25.24
CA PRO A 2 -19.69 -47.92 -25.88
C PRO A 2 -18.41 -47.93 -26.70
N ALA A 3 -18.44 -47.23 -27.84
CA ALA A 3 -17.31 -47.15 -28.74
C ALA A 3 -16.70 -45.75 -28.62
N TYR A 4 -15.52 -45.67 -28.00
CA TYR A 4 -14.84 -44.39 -27.85
C TYR A 4 -14.06 -44.06 -29.12
N THR A 5 -13.99 -42.77 -29.41
CA THR A 5 -13.27 -42.28 -30.59
C THR A 5 -12.73 -40.88 -30.27
N ASN A 6 -11.73 -40.48 -31.05
CA ASN A 6 -11.07 -39.19 -30.87
C ASN A 6 -12.02 -38.09 -31.32
N SER A 7 -12.12 -37.03 -30.51
CA SER A 7 -12.97 -35.89 -30.84
C SER A 7 -12.18 -34.83 -31.62
N PHE A 8 -12.60 -34.55 -32.84
CA PHE A 8 -11.93 -33.56 -33.68
C PHE A 8 -11.99 -32.19 -33.03
N THR A 9 -11.27 -31.22 -33.60
CA THR A 9 -11.23 -29.86 -33.08
C THR A 9 -12.55 -29.11 -33.25
N ARG A 10 -13.50 -29.66 -34.00
CA ARG A 10 -14.77 -28.99 -34.18
C ARG A 10 -15.50 -28.84 -32.85
N GLY A 11 -16.22 -27.73 -32.72
CA GLY A 11 -16.97 -27.43 -31.52
C GLY A 11 -16.56 -26.16 -30.79
N VAL A 12 -15.96 -25.20 -31.49
CA VAL A 12 -15.55 -23.93 -30.89
C VAL A 12 -16.59 -22.87 -31.24
N TYR A 13 -16.74 -21.91 -30.34
CA TYR A 13 -17.69 -20.81 -30.55
C TYR A 13 -17.15 -19.56 -29.87
N TYR A 14 -17.62 -18.41 -30.36
CA TYR A 14 -17.18 -17.13 -29.81
C TYR A 14 -17.75 -16.93 -28.42
N PRO A 15 -16.93 -16.67 -27.39
CA PRO A 15 -17.50 -16.42 -26.06
C PRO A 15 -18.50 -15.27 -26.04
N ASP A 16 -18.29 -14.23 -26.84
CA ASP A 16 -19.18 -13.08 -26.87
C ASP A 16 -19.09 -12.44 -28.25
N LYS A 17 -19.67 -11.25 -28.39
CA LYS A 17 -19.69 -10.53 -29.65
C LYS A 17 -18.52 -9.57 -29.80
N VAL A 18 -17.58 -9.56 -28.84
CA VAL A 18 -16.45 -8.66 -28.92
C VAL A 18 -15.64 -8.93 -30.19
N PHE A 19 -15.12 -7.87 -30.78
CA PHE A 19 -14.33 -7.94 -32.00
C PHE A 19 -12.85 -7.80 -31.68
N ARG A 20 -12.05 -8.68 -32.25
CA ARG A 20 -10.61 -8.66 -32.03
C ARG A 20 -9.91 -9.10 -33.31
N SER A 21 -8.64 -8.72 -33.44
CA SER A 21 -7.87 -9.05 -34.63
C SER A 21 -6.39 -9.09 -34.26
N SER A 22 -5.71 -10.16 -34.69
CA SER A 22 -4.27 -10.30 -34.52
C SER A 22 -3.86 -10.21 -33.06
N VAL A 23 -4.75 -10.64 -32.16
CA VAL A 23 -4.48 -10.66 -30.73
C VAL A 23 -4.99 -11.99 -30.18
N LEU A 24 -4.16 -12.68 -29.41
CA LEU A 24 -4.57 -13.91 -28.77
C LEU A 24 -5.37 -13.60 -27.51
N HIS A 25 -6.52 -14.24 -27.35
CA HIS A 25 -7.42 -13.97 -26.23
C HIS A 25 -7.69 -15.27 -25.48
N SER A 26 -7.48 -15.25 -24.17
CA SER A 26 -7.80 -16.41 -23.34
C SER A 26 -9.24 -16.29 -22.82
N THR A 27 -9.90 -17.45 -22.71
CA THR A 27 -11.28 -17.47 -22.24
C THR A 27 -11.50 -18.75 -21.44
N GLN A 28 -11.98 -18.60 -20.22
CA GLN A 28 -12.26 -19.70 -19.31
C GLN A 28 -13.78 -19.86 -19.21
N ASP A 29 -14.34 -20.76 -20.02
CA ASP A 29 -15.77 -20.97 -20.06
C ASP A 29 -16.03 -22.39 -20.55
N LEU A 30 -17.27 -22.84 -20.39
CA LEU A 30 -17.63 -24.21 -20.76
C LEU A 30 -17.46 -24.40 -22.27
N PHE A 31 -16.37 -25.08 -22.64
CA PHE A 31 -16.02 -25.33 -24.03
C PHE A 31 -15.83 -26.82 -24.23
N LEU A 32 -15.60 -27.22 -25.48
CA LEU A 32 -15.40 -28.62 -25.82
C LEU A 32 -13.92 -28.93 -25.82
N PRO A 33 -13.42 -29.78 -24.92
CA PRO A 33 -11.98 -30.09 -24.93
C PRO A 33 -11.55 -30.71 -26.25
N PHE A 34 -10.34 -30.35 -26.68
CA PHE A 34 -9.79 -30.85 -27.93
C PHE A 34 -9.20 -32.23 -27.73
N PHE A 35 -9.38 -33.08 -28.76
CA PHE A 35 -8.84 -34.44 -28.78
C PHE A 35 -9.36 -35.29 -27.64
N SER A 36 -10.54 -34.97 -27.11
CA SER A 36 -11.13 -35.76 -26.04
C SER A 36 -11.81 -37.00 -26.60
N ASN A 37 -12.04 -37.97 -25.73
CA ASN A 37 -12.70 -39.21 -26.12
C ASN A 37 -14.20 -39.03 -26.05
N VAL A 38 -14.90 -39.42 -27.13
CA VAL A 38 -16.34 -39.30 -27.24
C VAL A 38 -16.92 -40.65 -27.61
N THR A 39 -18.06 -41.00 -27.02
CA THR A 39 -18.72 -42.27 -27.28
C THR A 39 -19.65 -42.08 -28.47
N TRP A 40 -19.52 -42.96 -29.46
CA TRP A 40 -20.33 -42.91 -30.67
C TRP A 40 -21.41 -43.98 -30.62
N PHE A 41 -22.64 -43.57 -30.92
CA PHE A 41 -23.81 -44.44 -30.88
C PHE A 41 -23.87 -45.29 -32.14
N HIS A 42 -24.86 -46.18 -32.19
CA HIS A 42 -25.07 -47.07 -33.32
C HIS A 42 -26.55 -47.05 -33.70
N ALA A 43 -26.81 -47.31 -34.99
CA ALA A 43 -28.17 -47.32 -35.52
C ALA A 43 -28.35 -48.59 -36.32
N ILE A 44 -29.41 -49.34 -36.02
CA ILE A 44 -29.75 -50.57 -36.74
C ILE A 44 -31.23 -50.56 -37.04
N HIS A 45 -31.62 -51.33 -38.07
CA HIS A 45 -33.00 -51.42 -38.48
C HIS A 45 -33.56 -52.74 -37.99
N VAL A 46 -32.79 -53.83 -38.04
CA VAL A 46 -33.25 -55.15 -37.62
C VAL A 46 -32.64 -55.45 -36.26
N SER A 47 -33.48 -55.88 -35.32
CA SER A 47 -33.04 -56.21 -33.96
C SER A 47 -34.05 -57.15 -33.33
N GLY A 48 -33.70 -57.69 -32.16
CA GLY A 48 -34.58 -58.60 -31.45
C GLY A 48 -33.95 -59.94 -31.17
N THR A 49 -32.65 -60.06 -31.42
CA THR A 49 -31.90 -61.30 -31.19
C THR A 49 -30.65 -61.13 -30.32
N ASN A 50 -30.61 -60.09 -29.50
CA ASN A 50 -29.49 -59.79 -28.63
C ASN A 50 -30.02 -59.46 -27.24
N GLY A 51 -29.11 -59.09 -26.34
CA GLY A 51 -29.48 -58.72 -24.99
C GLY A 51 -29.90 -57.28 -24.89
N THR A 52 -29.38 -56.57 -23.88
CA THR A 52 -29.54 -55.18 -23.48
C THR A 52 -28.61 -54.26 -24.27
N LYS A 53 -29.03 -53.84 -25.45
CA LYS A 53 -28.62 -53.02 -26.58
C LYS A 53 -29.84 -52.57 -27.38
N ARG A 54 -29.65 -51.52 -28.20
CA ARG A 54 -30.71 -50.96 -29.05
C ARG A 54 -31.89 -50.37 -28.31
N PHE A 55 -31.62 -49.48 -27.36
CA PHE A 55 -32.68 -48.85 -26.59
C PHE A 55 -33.36 -47.77 -27.41
N ASP A 56 -34.56 -47.35 -27.01
CA ASP A 56 -35.40 -46.35 -27.66
C ASP A 56 -35.23 -45.03 -26.91
N ASN A 57 -34.99 -43.95 -27.67
CA ASN A 57 -34.84 -42.58 -27.17
C ASN A 57 -34.24 -42.55 -25.78
N PRO A 58 -33.03 -43.08 -25.59
CA PRO A 58 -32.43 -43.09 -24.25
C PRO A 58 -32.20 -41.67 -23.73
N VAL A 59 -32.30 -41.52 -22.43
CA VAL A 59 -32.09 -40.24 -21.76
C VAL A 59 -30.60 -39.99 -21.60
N LEU A 60 -30.15 -38.83 -22.04
CA LEU A 60 -28.75 -38.43 -21.96
C LEU A 60 -28.55 -37.37 -20.88
N PRO A 61 -27.34 -37.22 -20.37
CA PRO A 61 -27.11 -36.23 -19.31
C PRO A 61 -27.46 -34.82 -19.78
N PHE A 62 -27.99 -34.03 -18.84
CA PHE A 62 -28.35 -32.64 -19.10
C PHE A 62 -27.31 -31.65 -18.58
N ASN A 63 -26.03 -31.99 -18.67
CA ASN A 63 -24.96 -31.13 -18.17
C ASN A 63 -25.11 -29.71 -18.70
N ASP A 64 -24.48 -28.75 -18.03
CA ASP A 64 -24.63 -27.34 -18.40
C ASP A 64 -24.24 -27.11 -19.86
N GLY A 65 -23.31 -27.92 -20.36
CA GLY A 65 -22.89 -27.81 -21.75
C GLY A 65 -22.75 -29.17 -22.38
N VAL A 66 -23.23 -29.27 -23.61
CA VAL A 66 -23.19 -30.52 -24.36
C VAL A 66 -23.02 -30.20 -25.84
N TYR A 67 -22.20 -30.98 -26.52
CA TYR A 67 -21.98 -30.81 -27.94
C TYR A 67 -22.95 -31.66 -28.75
N PHE A 68 -23.26 -31.20 -29.96
CA PHE A 68 -24.17 -31.92 -30.84
C PHE A 68 -23.73 -31.68 -32.28
N ALA A 69 -23.66 -32.78 -33.04
CA ALA A 69 -23.27 -32.71 -34.45
C ALA A 69 -23.78 -33.98 -35.14
N SER A 70 -24.21 -33.82 -36.38
CA SER A 70 -24.71 -34.94 -37.17
C SER A 70 -24.92 -34.52 -38.62
N THR A 71 -24.86 -35.49 -39.53
CA THR A 71 -25.08 -35.25 -40.96
C THR A 71 -26.21 -36.15 -41.41
N GLU A 72 -27.44 -35.62 -41.43
CA GLU A 72 -28.62 -36.36 -41.84
C GLU A 72 -29.19 -35.70 -43.09
N LYS A 73 -29.25 -36.47 -44.18
CA LYS A 73 -29.82 -35.93 -45.42
C LYS A 73 -31.30 -35.61 -45.27
N SER A 74 -32.05 -36.48 -44.59
CA SER A 74 -33.48 -36.28 -44.39
C SER A 74 -33.81 -35.56 -43.09
N ASN A 75 -32.80 -35.18 -42.31
CA ASN A 75 -33.02 -34.47 -41.05
C ASN A 75 -33.89 -35.31 -40.11
N ILE A 76 -33.37 -36.46 -39.69
CA ILE A 76 -34.12 -37.36 -38.83
C ILE A 76 -34.48 -36.68 -37.52
N ILE A 77 -33.52 -36.00 -36.89
CA ILE A 77 -33.76 -35.27 -35.65
C ILE A 77 -34.40 -33.95 -36.04
N ARG A 78 -35.61 -33.70 -35.54
CA ARG A 78 -36.38 -32.52 -35.92
C ARG A 78 -36.93 -31.73 -34.74
N GLY A 79 -36.61 -32.11 -33.51
CA GLY A 79 -37.11 -31.39 -32.36
C GLY A 79 -36.36 -31.73 -31.09
N TRP A 80 -36.47 -30.83 -30.12
CA TRP A 80 -35.87 -31.02 -28.81
C TRP A 80 -36.88 -30.62 -27.74
N ILE A 81 -36.93 -31.40 -26.67
CA ILE A 81 -37.86 -31.16 -25.56
C ILE A 81 -37.04 -31.05 -24.28
N PHE A 82 -37.30 -29.99 -23.50
CA PHE A 82 -36.62 -29.76 -22.25
C PHE A 82 -37.64 -29.76 -21.10
N GLY A 83 -37.21 -30.28 -19.97
CA GLY A 83 -38.06 -30.32 -18.79
C GLY A 83 -37.65 -31.46 -17.88
N THR A 84 -38.25 -31.46 -16.69
CA THR A 84 -38.00 -32.48 -15.68
C THR A 84 -39.23 -33.33 -15.41
N THR A 85 -40.37 -32.71 -15.07
CA THR A 85 -41.57 -33.48 -14.80
C THR A 85 -42.18 -34.04 -16.08
N LEU A 86 -41.97 -33.34 -17.20
CA LEU A 86 -42.52 -33.76 -18.50
C LEU A 86 -44.04 -33.81 -18.49
N ASP A 87 -44.68 -33.10 -17.57
CA ASP A 87 -46.13 -33.07 -17.45
C ASP A 87 -46.75 -31.83 -18.08
N SER A 88 -45.96 -31.05 -18.82
CA SER A 88 -46.40 -29.85 -19.55
C SER A 88 -46.68 -28.67 -18.64
N LYS A 89 -46.58 -28.82 -17.31
CA LYS A 89 -46.81 -27.69 -16.43
C LYS A 89 -45.78 -26.61 -16.63
N THR A 90 -44.50 -26.98 -16.77
CA THR A 90 -43.44 -26.02 -16.97
C THR A 90 -43.21 -25.77 -18.46
N GLN A 91 -42.51 -24.68 -18.76
CA GLN A 91 -42.21 -24.33 -20.14
C GLN A 91 -41.23 -25.34 -20.74
N SER A 92 -41.45 -25.66 -22.01
CA SER A 92 -40.61 -26.61 -22.73
C SER A 92 -40.24 -26.01 -24.07
N LEU A 93 -38.95 -26.08 -24.41
CA LEU A 93 -38.48 -25.56 -25.69
C LEU A 93 -38.91 -26.47 -26.83
N LEU A 94 -39.22 -25.86 -27.97
CA LEU A 94 -39.62 -26.59 -29.16
C LEU A 94 -38.98 -25.94 -30.38
N ILE A 95 -38.35 -26.75 -31.22
CA ILE A 95 -37.70 -26.29 -32.43
C ILE A 95 -38.20 -27.13 -33.60
N VAL A 96 -38.61 -26.46 -34.67
CA VAL A 96 -39.13 -27.13 -35.87
C VAL A 96 -38.34 -26.65 -37.08
N ASN A 97 -37.80 -27.58 -37.85
CA ASN A 97 -37.04 -27.28 -39.05
C ASN A 97 -37.88 -27.72 -40.26
N ASN A 98 -38.47 -26.74 -40.95
CA ASN A 98 -39.31 -27.00 -42.11
C ASN A 98 -38.82 -26.17 -43.28
N ALA A 99 -38.54 -26.84 -44.40
CA ALA A 99 -38.09 -26.17 -45.62
C ALA A 99 -36.86 -25.30 -45.35
N THR A 100 -35.93 -25.83 -44.56
CA THR A 100 -34.68 -25.19 -44.18
C THR A 100 -34.89 -23.99 -43.27
N ASN A 101 -36.11 -23.75 -42.80
CA ASN A 101 -36.42 -22.63 -41.91
C ASN A 101 -36.62 -23.16 -40.50
N VAL A 102 -35.96 -22.52 -39.54
CA VAL A 102 -36.04 -22.94 -38.14
C VAL A 102 -37.00 -22.03 -37.39
N VAL A 103 -37.96 -22.63 -36.69
CA VAL A 103 -38.94 -21.91 -35.89
C VAL A 103 -38.83 -22.39 -34.45
N ILE A 104 -38.74 -21.44 -33.52
CA ILE A 104 -38.59 -21.74 -32.11
C ILE A 104 -39.85 -21.27 -31.37
N LYS A 105 -40.46 -22.18 -30.61
CA LYS A 105 -41.65 -21.86 -29.85
C LYS A 105 -41.51 -22.46 -28.45
N VAL A 106 -42.02 -21.74 -27.46
CA VAL A 106 -42.00 -22.19 -26.07
C VAL A 106 -43.36 -22.70 -25.62
N CYS A 107 -44.23 -23.11 -26.56
CA CYS A 107 -45.57 -23.57 -26.21
C CYS A 107 -45.49 -24.80 -25.32
N GLU A 108 -46.39 -24.86 -24.35
CA GLU A 108 -46.47 -25.99 -23.43
C GLU A 108 -47.44 -27.04 -23.99
N PHE A 109 -46.98 -28.29 -24.01
CA PHE A 109 -47.80 -29.38 -24.53
C PHE A 109 -47.43 -30.67 -23.81
N GLN A 110 -48.35 -31.62 -23.83
CA GLN A 110 -48.16 -32.91 -23.21
C GLN A 110 -47.16 -33.75 -24.01
N PHE A 111 -46.39 -34.56 -23.31
CA PHE A 111 -45.38 -35.42 -23.90
C PHE A 111 -45.85 -36.87 -23.86
N CYS A 112 -45.76 -37.52 -25.02
CA CYS A 112 -46.15 -38.92 -25.13
C CYS A 112 -45.07 -39.83 -24.57
N ASN A 113 -45.43 -41.10 -24.34
CA ASN A 113 -44.47 -42.06 -23.82
C ASN A 113 -43.33 -42.28 -24.80
N ASP A 114 -43.65 -42.42 -26.08
CA ASP A 114 -42.65 -42.63 -27.14
C ASP A 114 -42.98 -41.69 -28.29
N PRO A 115 -42.69 -40.40 -28.14
CA PRO A 115 -42.97 -39.46 -29.23
C PRO A 115 -42.20 -39.81 -30.50
N PHE A 116 -42.84 -39.62 -31.64
CA PHE A 116 -42.23 -39.91 -32.93
C PHE A 116 -43.02 -39.16 -34.00
N LEU A 117 -42.41 -39.05 -35.18
CA LEU A 117 -43.03 -38.40 -36.33
C LEU A 117 -42.96 -39.33 -37.53
N GLY A 118 -43.95 -39.24 -38.40
CA GLY A 118 -44.01 -40.06 -39.60
C GLY A 118 -43.72 -39.24 -40.85
N VAL A 119 -42.81 -39.76 -41.66
CA VAL A 119 -42.40 -39.12 -42.91
C VAL A 119 -42.56 -40.14 -44.03
N TYR A 120 -43.25 -39.76 -45.10
CA TYR A 120 -43.46 -40.62 -46.27
C TYR A 120 -42.80 -39.96 -47.47
N TYR A 121 -41.59 -40.41 -47.79
CA TYR A 121 -40.85 -39.87 -48.92
C TYR A 121 -41.23 -40.59 -50.20
N HIS A 122 -40.75 -40.04 -51.33
CA HIS A 122 -41.02 -40.61 -52.66
C HIS A 122 -42.52 -40.70 -52.91
N LYS A 123 -43.16 -39.53 -52.90
CA LYS A 123 -44.58 -39.40 -53.13
C LYS A 123 -44.82 -38.51 -54.34
N ASN A 124 -45.91 -38.79 -55.06
CA ASN A 124 -46.21 -38.04 -56.28
C ASN A 124 -46.46 -36.57 -55.96
N ASN A 125 -47.18 -36.29 -54.88
CA ASN A 125 -47.50 -34.93 -54.47
C ASN A 125 -46.76 -34.60 -53.18
N LYS A 126 -46.01 -33.50 -53.19
CA LYS A 126 -45.23 -33.11 -52.04
C LYS A 126 -45.98 -32.05 -51.23
N SER A 127 -45.56 -31.87 -49.98
CA SER A 127 -46.09 -30.89 -49.04
C SER A 127 -47.39 -31.36 -48.39
N TRP A 128 -47.75 -32.62 -48.54
CA TRP A 128 -48.96 -33.14 -47.90
C TRP A 128 -48.79 -33.15 -46.38
N MET A 129 -49.91 -33.07 -45.66
CA MET A 129 -49.95 -32.93 -44.19
C MET A 129 -48.65 -32.41 -43.59
N GLU A 130 -48.00 -31.46 -44.28
CA GLU A 130 -46.75 -30.91 -43.80
C GLU A 130 -46.97 -30.05 -42.55
N SER A 131 -48.10 -29.33 -42.51
CA SER A 131 -48.40 -28.44 -41.39
C SER A 131 -49.20 -29.12 -40.28
N GLU A 132 -49.49 -30.42 -40.41
CA GLU A 132 -50.24 -31.12 -39.38
C GLU A 132 -49.49 -31.11 -38.06
N PHE A 133 -48.18 -31.36 -38.11
CA PHE A 133 -47.35 -31.37 -36.92
C PHE A 133 -47.85 -32.41 -35.91
N ARG A 134 -47.88 -33.67 -36.35
CA ARG A 134 -48.35 -34.77 -35.50
C ARG A 134 -47.21 -35.24 -34.61
N VAL A 135 -46.76 -34.32 -33.76
CA VAL A 135 -45.66 -34.59 -32.83
C VAL A 135 -46.07 -34.42 -31.37
N TYR A 136 -47.21 -33.78 -31.09
CA TYR A 136 -47.66 -33.57 -29.72
C TYR A 136 -49.18 -33.59 -29.72
N SER A 137 -49.74 -33.85 -28.53
CA SER A 137 -51.18 -33.91 -28.39
C SER A 137 -51.83 -32.55 -28.72
N SER A 138 -51.48 -31.53 -27.94
CA SER A 138 -52.03 -30.20 -28.15
C SER A 138 -51.26 -29.22 -27.27
N ALA A 139 -51.26 -27.96 -27.69
CA ALA A 139 -50.59 -26.92 -26.92
C ALA A 139 -51.54 -26.32 -25.89
N ASN A 140 -50.96 -25.68 -24.89
CA ASN A 140 -51.73 -25.05 -23.81
C ASN A 140 -51.62 -23.53 -23.82
N ASN A 141 -50.40 -23.00 -23.78
CA ASN A 141 -50.18 -21.56 -23.79
C ASN A 141 -49.07 -21.24 -24.78
N CYS A 142 -49.28 -20.20 -25.59
CA CYS A 142 -48.31 -19.76 -26.58
C CYS A 142 -48.23 -18.24 -26.53
N THR A 143 -47.15 -17.72 -25.93
CA THR A 143 -46.94 -16.29 -25.82
C THR A 143 -45.63 -15.84 -26.47
N PHE A 144 -45.03 -16.67 -27.32
CA PHE A 144 -43.78 -16.33 -27.98
C PHE A 144 -43.88 -16.72 -29.44
N GLU A 145 -43.22 -15.92 -30.29
CA GLU A 145 -43.18 -16.18 -31.73
C GLU A 145 -41.77 -15.89 -32.23
N TYR A 146 -41.36 -16.62 -33.27
CA TYR A 146 -40.05 -16.46 -33.86
C TYR A 146 -40.18 -16.60 -35.37
N VAL A 147 -39.29 -15.91 -36.09
CA VAL A 147 -39.27 -15.95 -37.55
C VAL A 147 -37.84 -16.20 -38.00
N SER A 148 -37.68 -16.75 -39.21
CA SER A 148 -36.36 -17.06 -39.74
C SER A 148 -36.15 -16.55 -41.17
N GLN A 149 -34.93 -16.14 -41.49
CA GLN A 149 -34.56 -15.65 -42.81
C GLN A 149 -33.50 -16.51 -43.47
N PRO A 150 -33.41 -16.50 -44.80
CA PRO A 150 -32.38 -17.30 -45.48
C PRO A 150 -30.98 -16.85 -45.10
N PHE A 151 -30.04 -17.80 -45.05
CA PHE A 151 -28.67 -17.47 -44.66
C PHE A 151 -27.85 -16.94 -45.83
N LEU A 152 -28.07 -17.50 -47.02
CA LEU A 152 -27.48 -17.23 -48.33
C LEU A 152 -28.37 -17.81 -49.43
N MET A 153 -28.15 -17.33 -50.65
CA MET A 153 -28.88 -17.79 -51.83
C MET A 153 -27.92 -18.17 -52.94
N ASP A 154 -28.19 -19.26 -53.63
CA ASP A 154 -27.34 -19.74 -54.71
C ASP A 154 -28.19 -19.96 -55.96
N LEU A 155 -27.55 -20.44 -57.03
CA LEU A 155 -28.09 -20.73 -58.35
C LEU A 155 -28.84 -22.07 -58.39
N GLU A 156 -29.25 -22.46 -59.59
CA GLU A 156 -29.98 -23.67 -59.96
C GLU A 156 -29.23 -24.93 -59.54
N GLY A 157 -29.98 -25.88 -58.98
CA GLY A 157 -29.39 -27.14 -58.51
C GLY A 157 -29.76 -27.37 -57.06
N LYS A 158 -30.20 -28.60 -56.78
CA LYS A 158 -30.65 -29.11 -55.48
C LYS A 158 -30.04 -30.46 -55.12
N GLN A 159 -29.45 -30.55 -53.93
CA GLN A 159 -28.84 -31.71 -53.31
C GLN A 159 -29.28 -31.79 -51.86
N GLY A 160 -29.55 -33.01 -51.39
CA GLY A 160 -30.05 -33.38 -50.09
C GLY A 160 -29.09 -34.22 -49.26
N ASN A 161 -28.13 -34.87 -49.92
CA ASN A 161 -27.06 -35.78 -49.51
C ASN A 161 -25.78 -35.06 -49.09
N PHE A 162 -25.19 -34.29 -50.00
CA PHE A 162 -23.97 -33.52 -49.71
C PHE A 162 -24.07 -32.11 -50.29
N LYS A 163 -24.61 -31.18 -49.49
CA LYS A 163 -24.73 -29.79 -49.90
C LYS A 163 -24.19 -28.85 -48.84
N ASN A 164 -24.27 -29.24 -47.58
CA ASN A 164 -23.84 -28.42 -46.45
C ASN A 164 -23.58 -29.30 -45.24
N LEU A 165 -22.86 -28.74 -44.28
CA LEU A 165 -22.60 -29.38 -43.01
C LEU A 165 -23.13 -28.49 -41.89
N ARG A 166 -23.84 -29.10 -40.95
CA ARG A 166 -24.54 -28.38 -39.88
C ARG A 166 -23.76 -28.56 -38.58
N GLU A 167 -23.50 -27.46 -37.89
CA GLU A 167 -22.83 -27.47 -36.60
C GLU A 167 -23.71 -26.75 -35.59
N PHE A 168 -23.98 -27.40 -34.46
CA PHE A 168 -24.82 -26.85 -33.40
C PHE A 168 -24.13 -27.05 -32.06
N VAL A 169 -24.11 -25.99 -31.24
CA VAL A 169 -23.57 -26.04 -29.89
C VAL A 169 -24.62 -25.50 -28.93
N PHE A 170 -24.93 -26.28 -27.89
CA PHE A 170 -25.92 -25.91 -26.89
C PHE A 170 -25.27 -25.90 -25.51
N LYS A 171 -25.57 -24.86 -24.73
CA LYS A 171 -25.06 -24.76 -23.37
C LYS A 171 -26.03 -23.93 -22.55
N ASN A 172 -25.95 -24.08 -21.23
CA ASN A 172 -26.77 -23.33 -20.28
C ASN A 172 -25.87 -22.81 -19.17
N ILE A 173 -25.88 -21.49 -18.98
CA ILE A 173 -25.08 -20.84 -17.95
C ILE A 173 -26.01 -19.95 -17.15
N ASP A 174 -26.14 -20.21 -15.85
CA ASP A 174 -27.00 -19.44 -14.95
C ASP A 174 -28.42 -19.39 -15.49
N GLY A 175 -28.85 -20.51 -16.07
CA GLY A 175 -30.17 -20.60 -16.64
C GLY A 175 -30.41 -19.73 -17.85
N TYR A 176 -29.34 -19.26 -18.51
CA TYR A 176 -29.45 -18.39 -19.68
C TYR A 176 -29.20 -19.25 -20.92
N PHE A 177 -30.27 -19.59 -21.63
CA PHE A 177 -30.14 -20.44 -22.80
C PHE A 177 -29.52 -19.65 -23.96
N LYS A 178 -28.66 -20.32 -24.72
CA LYS A 178 -27.99 -19.71 -25.86
C LYS A 178 -28.12 -20.62 -27.07
N ILE A 179 -28.12 -20.02 -28.25
CA ILE A 179 -28.31 -20.74 -29.50
C ILE A 179 -27.09 -20.53 -30.39
N TYR A 180 -26.53 -21.64 -30.87
CA TYR A 180 -25.42 -21.61 -31.80
C TYR A 180 -25.74 -22.53 -32.98
N SER A 181 -25.40 -22.06 -34.17
CA SER A 181 -25.66 -22.81 -35.39
C SER A 181 -24.78 -22.28 -36.51
N LYS A 182 -24.36 -23.18 -37.39
CA LYS A 182 -23.55 -22.81 -38.54
C LYS A 182 -23.77 -23.81 -39.66
N HIS A 183 -23.87 -23.29 -40.88
CA HIS A 183 -24.03 -24.10 -42.08
C HIS A 183 -22.84 -23.80 -42.99
N THR A 184 -21.98 -24.80 -43.18
CA THR A 184 -20.74 -24.59 -43.94
C THR A 184 -20.76 -25.42 -45.21
N PRO A 185 -20.30 -24.86 -46.34
CA PRO A 185 -20.28 -25.65 -47.58
C PRO A 185 -19.07 -26.57 -47.64
N ILE A 186 -19.33 -27.83 -47.99
CA ILE A 186 -18.29 -28.84 -48.14
C ILE A 186 -18.70 -29.80 -49.25
N ASN A 187 -17.69 -30.28 -49.99
CA ASN A 187 -17.89 -31.24 -51.08
C ASN A 187 -16.85 -32.34 -50.92
N LEU A 188 -17.20 -33.38 -50.16
CA LEU A 188 -16.31 -34.50 -49.94
C LEU A 188 -17.07 -35.67 -49.32
N VAL A 189 -16.90 -36.87 -49.88
CA VAL A 189 -17.61 -38.05 -49.40
C VAL A 189 -16.60 -39.07 -48.87
N ARG A 190 -15.34 -38.95 -49.30
CA ARG A 190 -14.32 -39.90 -48.86
C ARG A 190 -14.12 -39.85 -47.35
N ASP A 191 -14.07 -38.65 -46.77
CA ASP A 191 -13.88 -38.50 -45.33
C ASP A 191 -14.41 -37.13 -44.92
N LEU A 192 -14.64 -36.97 -43.62
CA LEU A 192 -15.12 -35.69 -43.11
C LEU A 192 -14.06 -34.62 -43.32
N PRO A 193 -14.42 -33.44 -43.84
CA PRO A 193 -13.41 -32.39 -44.04
C PRO A 193 -12.75 -32.01 -42.72
N GLN A 194 -11.44 -31.73 -42.79
CA GLN A 194 -10.66 -31.31 -41.64
C GLN A 194 -10.45 -29.81 -41.71
N GLY A 195 -10.84 -29.11 -40.65
CA GLY A 195 -10.69 -27.67 -40.62
C GLY A 195 -11.14 -27.11 -39.28
N PHE A 196 -10.99 -25.80 -39.16
CA PHE A 196 -11.35 -25.08 -37.95
C PHE A 196 -12.47 -24.09 -38.27
N SER A 197 -13.50 -24.09 -37.43
CA SER A 197 -14.64 -23.19 -37.63
C SER A 197 -15.22 -22.83 -36.26
N ALA A 198 -15.96 -21.73 -36.22
CA ALA A 198 -16.58 -21.24 -35.00
C ALA A 198 -18.03 -20.84 -35.28
N LEU A 199 -18.84 -20.91 -34.23
CA LEU A 199 -20.27 -20.62 -34.32
C LEU A 199 -20.53 -19.28 -33.64
N GLU A 200 -21.20 -18.38 -34.36
CA GLU A 200 -21.55 -17.08 -33.81
C GLU A 200 -22.80 -17.18 -32.95
N PRO A 201 -23.01 -16.23 -32.04
CA PRO A 201 -24.23 -16.26 -31.22
C PRO A 201 -25.39 -15.55 -31.90
N LEU A 202 -26.52 -16.25 -31.97
CA LEU A 202 -27.71 -15.72 -32.64
C LEU A 202 -28.65 -15.03 -31.65
N VAL A 203 -29.14 -15.78 -30.66
CA VAL A 203 -30.09 -15.26 -29.69
C VAL A 203 -29.76 -15.82 -28.32
N ASP A 204 -30.12 -15.05 -27.29
CA ASP A 204 -29.93 -15.45 -25.90
C ASP A 204 -31.23 -15.23 -25.15
N LEU A 205 -31.66 -16.26 -24.42
CA LEU A 205 -32.90 -16.21 -23.64
C LEU A 205 -32.58 -16.34 -22.16
N PRO A 206 -32.65 -15.25 -21.36
CA PRO A 206 -32.40 -15.34 -19.93
C PRO A 206 -33.61 -15.81 -19.12
N ILE A 207 -34.16 -16.97 -19.49
CA ILE A 207 -35.33 -17.50 -18.80
C ILE A 207 -35.00 -17.78 -17.34
N GLY A 208 -33.84 -18.38 -17.08
CA GLY A 208 -33.44 -18.70 -15.73
C GLY A 208 -34.04 -19.97 -15.15
N ILE A 209 -34.83 -20.70 -15.93
CA ILE A 209 -35.45 -21.91 -15.41
C ILE A 209 -34.39 -23.00 -15.23
N ASN A 210 -34.58 -23.82 -14.20
CA ASN A 210 -33.69 -24.92 -13.90
C ASN A 210 -34.26 -26.22 -14.47
N ILE A 211 -33.49 -26.88 -15.32
CA ILE A 211 -33.90 -28.11 -15.98
C ILE A 211 -32.78 -29.12 -15.83
N THR A 212 -33.12 -30.41 -15.81
CA THR A 212 -32.16 -31.47 -15.63
C THR A 212 -32.33 -32.65 -16.58
N ARG A 213 -33.28 -32.57 -17.53
CA ARG A 213 -33.51 -33.66 -18.46
C ARG A 213 -34.02 -33.08 -19.77
N PHE A 214 -33.90 -33.88 -20.83
CA PHE A 214 -34.34 -33.45 -22.15
C PHE A 214 -34.68 -34.68 -22.98
N GLN A 215 -35.41 -34.45 -24.07
CA GLN A 215 -35.78 -35.51 -24.99
C GLN A 215 -35.85 -34.94 -26.40
N THR A 216 -35.33 -35.69 -27.37
CA THR A 216 -35.30 -35.24 -28.75
C THR A 216 -36.52 -35.81 -29.51
N LEU A 217 -36.67 -35.36 -30.75
CA LEU A 217 -37.76 -35.82 -31.60
C LEU A 217 -37.19 -36.37 -32.89
N LEU A 218 -37.60 -37.59 -33.23
CA LEU A 218 -37.08 -38.30 -34.39
C LEU A 218 -38.21 -38.55 -35.38
N ALA A 219 -37.86 -38.57 -36.66
CA ALA A 219 -38.81 -38.81 -37.75
C ALA A 219 -38.43 -40.12 -38.43
N LEU A 220 -39.40 -41.03 -38.53
CA LEU A 220 -39.21 -42.34 -39.14
C LEU A 220 -40.22 -42.57 -40.25
N HIS A 221 -40.00 -43.60 -41.04
CA HIS A 221 -40.87 -43.97 -42.15
C HIS A 221 -41.75 -45.13 -41.70
N ARG A 222 -43.07 -44.96 -41.81
CA ARG A 222 -44.35 -45.57 -41.54
C ARG A 222 -44.56 -46.87 -42.33
N SER A 223 -43.87 -47.05 -43.44
CA SER A 223 -44.02 -48.25 -44.27
C SER A 223 -42.71 -48.93 -44.63
N TYR A 224 -42.71 -50.26 -44.64
CA TYR A 224 -41.53 -51.04 -44.97
C TYR A 224 -41.48 -51.55 -46.42
N LEU A 225 -40.81 -50.78 -47.27
CA LEU A 225 -40.65 -51.13 -48.67
C LEU A 225 -39.19 -51.38 -49.00
N THR A 226 -38.33 -50.43 -48.64
CA THR A 226 -36.90 -50.57 -48.90
C THR A 226 -36.18 -51.53 -47.94
N PRO A 227 -35.06 -52.12 -48.38
CA PRO A 227 -34.33 -53.04 -47.50
C PRO A 227 -33.75 -52.35 -46.27
N GLY A 228 -33.63 -51.03 -46.33
CA GLY A 228 -33.13 -50.12 -45.31
C GLY A 228 -34.10 -49.00 -45.02
N ASP A 229 -33.60 -47.89 -44.48
CA ASP A 229 -34.30 -46.67 -44.10
C ASP A 229 -34.33 -45.69 -45.27
N SER A 230 -33.16 -45.30 -45.76
CA SER A 230 -33.05 -44.38 -46.89
C SER A 230 -32.04 -44.72 -47.98
N SER A 231 -31.13 -45.66 -47.75
CA SER A 231 -30.13 -46.01 -48.76
C SER A 231 -29.69 -47.47 -48.57
N SER A 232 -28.66 -47.87 -49.32
CA SER A 232 -28.13 -49.23 -49.23
C SER A 232 -26.74 -49.20 -48.61
N GLY A 233 -26.11 -50.37 -48.53
CA GLY A 233 -24.82 -50.84 -48.04
C GLY A 233 -24.87 -51.25 -46.59
N TRP A 234 -25.37 -50.35 -45.72
CA TRP A 234 -25.46 -50.61 -44.30
C TRP A 234 -26.91 -50.93 -43.96
N THR A 235 -27.14 -51.46 -42.76
CA THR A 235 -28.31 -51.92 -42.03
C THR A 235 -29.30 -50.80 -41.76
N ALA A 236 -28.82 -49.62 -41.37
CA ALA A 236 -29.67 -48.48 -41.10
C ALA A 236 -28.96 -47.17 -41.44
N GLY A 237 -29.21 -46.66 -42.65
CA GLY A 237 -28.62 -45.42 -43.09
C GLY A 237 -27.11 -45.49 -43.15
N ALA A 238 -26.53 -44.37 -43.57
CA ALA A 238 -25.08 -44.26 -43.69
C ALA A 238 -24.65 -42.81 -43.57
N ALA A 239 -24.13 -42.43 -42.40
CA ALA A 239 -23.70 -41.06 -42.16
C ALA A 239 -22.83 -40.91 -40.91
N ALA A 240 -22.38 -39.69 -40.65
CA ALA A 240 -21.51 -39.41 -39.50
C ALA A 240 -22.19 -38.49 -38.52
N TYR A 241 -22.11 -38.84 -37.24
CA TYR A 241 -22.69 -38.01 -36.18
C TYR A 241 -21.94 -38.31 -34.88
N TYR A 242 -21.47 -37.25 -34.24
CA TYR A 242 -20.72 -37.37 -33.00
C TYR A 242 -21.36 -36.49 -31.94
N VAL A 243 -21.25 -36.92 -30.69
CA VAL A 243 -21.78 -36.19 -29.55
C VAL A 243 -20.68 -36.07 -28.50
N GLY A 244 -20.47 -34.85 -28.00
CA GLY A 244 -19.45 -34.59 -27.01
C GLY A 244 -20.02 -33.99 -25.73
N TYR A 245 -19.11 -33.66 -24.83
CA TYR A 245 -19.47 -33.08 -23.54
C TYR A 245 -18.58 -31.86 -23.28
N LEU A 246 -19.17 -30.80 -22.74
CA LEU A 246 -18.44 -29.58 -22.44
C LEU A 246 -18.05 -29.55 -20.97
N GLN A 247 -16.84 -29.08 -20.71
CA GLN A 247 -16.29 -28.97 -19.36
C GLN A 247 -15.71 -27.58 -19.18
N PRO A 248 -15.64 -27.08 -17.92
CA PRO A 248 -15.12 -25.74 -17.66
C PRO A 248 -13.61 -25.60 -17.90
N ARG A 249 -13.19 -25.92 -19.12
CA ARG A 249 -11.79 -25.76 -19.48
C ARG A 249 -11.56 -24.39 -20.11
N THR A 250 -10.31 -23.95 -20.11
CA THR A 250 -9.91 -22.65 -20.63
C THR A 250 -9.21 -22.83 -21.97
N PHE A 251 -9.62 -22.04 -22.96
CA PHE A 251 -9.04 -22.07 -24.28
C PHE A 251 -8.35 -20.75 -24.57
N LEU A 252 -7.50 -20.75 -25.60
CA LEU A 252 -6.88 -19.54 -26.11
C LEU A 252 -7.16 -19.47 -27.60
N LEU A 253 -7.75 -18.36 -28.04
CA LEU A 253 -8.23 -18.20 -29.40
C LEU A 253 -7.42 -17.12 -30.12
N LYS A 254 -7.25 -17.32 -31.43
CA LYS A 254 -6.46 -16.42 -32.26
C LYS A 254 -7.38 -15.72 -33.25
N TYR A 255 -7.36 -14.40 -33.24
CA TYR A 255 -8.14 -13.61 -34.20
C TYR A 255 -7.24 -13.13 -35.33
N ASN A 256 -7.87 -12.76 -36.43
CA ASN A 256 -7.19 -12.25 -37.62
C ASN A 256 -7.87 -10.97 -38.09
N GLU A 257 -7.28 -10.36 -39.12
CA GLU A 257 -7.81 -9.08 -39.62
C GLU A 257 -9.21 -9.25 -40.20
N ASN A 258 -9.57 -10.48 -40.56
CA ASN A 258 -10.91 -10.73 -41.10
C ASN A 258 -11.99 -10.70 -40.03
N GLY A 259 -11.63 -10.70 -38.76
CA GLY A 259 -12.60 -10.71 -37.69
C GLY A 259 -13.12 -12.07 -37.29
N THR A 260 -12.54 -13.15 -37.82
CA THR A 260 -12.97 -14.50 -37.52
C THR A 260 -11.83 -15.26 -36.86
N ILE A 261 -12.16 -16.02 -35.82
CA ILE A 261 -11.14 -16.79 -35.10
C ILE A 261 -10.66 -17.92 -35.99
N THR A 262 -9.34 -18.00 -36.18
CA THR A 262 -8.74 -18.96 -37.10
C THR A 262 -8.06 -20.13 -36.39
N ASP A 263 -7.81 -20.03 -35.08
CA ASP A 263 -7.10 -21.11 -34.39
C ASP A 263 -7.50 -21.08 -32.91
N ALA A 264 -7.46 -22.27 -32.31
CA ALA A 264 -7.76 -22.44 -30.90
C ALA A 264 -6.78 -23.45 -30.32
N VAL A 265 -6.33 -23.19 -29.09
CA VAL A 265 -5.39 -24.06 -28.40
C VAL A 265 -5.88 -24.29 -26.99
N ASP A 266 -5.78 -25.53 -26.52
CA ASP A 266 -6.19 -25.90 -25.17
C ASP A 266 -5.02 -25.78 -24.22
N CYS A 267 -5.13 -24.84 -23.27
CA CYS A 267 -4.01 -24.55 -22.38
C CYS A 267 -3.63 -25.76 -21.54
N ALA A 268 -4.63 -26.48 -21.02
CA ALA A 268 -4.39 -27.58 -20.12
C ALA A 268 -4.21 -28.92 -20.83
N LEU A 269 -4.33 -28.96 -22.16
CA LEU A 269 -4.20 -30.23 -22.87
C LEU A 269 -2.80 -30.81 -22.70
N ASP A 270 -1.77 -29.99 -22.82
CA ASP A 270 -0.39 -30.44 -22.74
C ASP A 270 0.48 -29.28 -22.28
N PRO A 271 1.67 -29.57 -21.74
CA PRO A 271 2.54 -28.48 -21.28
C PRO A 271 2.90 -27.48 -22.38
N LEU A 272 3.04 -27.96 -23.62
CA LEU A 272 3.37 -27.05 -24.71
C LEU A 272 2.30 -25.97 -24.87
N SER A 273 1.04 -26.37 -24.94
CA SER A 273 -0.04 -25.40 -25.00
C SER A 273 -0.13 -24.55 -23.74
N GLU A 274 0.21 -25.10 -22.57
CA GLU A 274 0.22 -24.30 -21.36
C GLU A 274 1.23 -23.17 -21.43
N THR A 275 2.44 -23.45 -21.90
CA THR A 275 3.45 -22.40 -22.02
C THR A 275 3.08 -21.43 -23.13
N LYS A 276 2.45 -21.93 -24.20
CA LYS A 276 1.95 -21.04 -25.24
C LYS A 276 0.94 -20.05 -24.68
N CYS A 277 -0.01 -20.53 -23.87
CA CYS A 277 -0.97 -19.66 -23.23
C CYS A 277 -0.30 -18.69 -22.27
N THR A 278 0.67 -19.16 -21.48
CA THR A 278 1.34 -18.28 -20.52
C THR A 278 2.07 -17.15 -21.24
N LEU A 279 2.72 -17.46 -22.36
CA LEU A 279 3.48 -16.45 -23.08
C LEU A 279 2.60 -15.62 -24.01
N LYS A 280 1.32 -15.97 -24.15
CA LYS A 280 0.40 -15.22 -25.00
C LYS A 280 0.94 -15.13 -26.44
N SER A 281 1.51 -16.24 -26.91
CA SER A 281 2.05 -16.30 -28.26
C SER A 281 2.17 -17.76 -28.68
N PHE A 282 1.69 -18.05 -29.89
CA PHE A 282 1.81 -19.40 -30.43
C PHE A 282 3.27 -19.79 -30.61
N THR A 283 4.09 -18.87 -31.12
CA THR A 283 5.51 -19.14 -31.30
C THR A 283 6.15 -19.39 -29.93
N VAL A 284 6.97 -20.44 -29.87
CA VAL A 284 7.64 -20.85 -28.63
C VAL A 284 9.12 -20.56 -28.77
N GLU A 285 9.67 -19.79 -27.84
CA GLU A 285 11.07 -19.41 -27.86
C GLU A 285 11.90 -20.40 -27.04
N LYS A 286 13.21 -20.34 -27.23
CA LYS A 286 14.12 -21.23 -26.53
C LYS A 286 14.20 -20.84 -25.05
N GLY A 287 14.44 -21.85 -24.22
CA GLY A 287 14.58 -21.66 -22.79
C GLY A 287 13.64 -22.54 -21.99
N ILE A 288 13.76 -22.43 -20.67
CA ILE A 288 12.97 -23.18 -19.72
C ILE A 288 12.17 -22.19 -18.88
N TYR A 289 10.87 -22.43 -18.77
CA TYR A 289 9.95 -21.54 -18.05
C TYR A 289 9.19 -22.34 -17.00
N GLN A 290 8.83 -21.67 -15.91
CA GLN A 290 8.06 -22.27 -14.82
C GLN A 290 6.58 -22.08 -15.12
N THR A 291 5.81 -23.17 -15.12
CA THR A 291 4.39 -23.09 -15.48
C THR A 291 3.52 -22.96 -14.24
N SER A 292 3.58 -23.94 -13.34
CA SER A 292 2.66 -23.99 -12.21
C SER A 292 3.25 -24.92 -11.14
N ASN A 293 2.42 -25.30 -10.18
CA ASN A 293 2.80 -26.19 -9.10
C ASN A 293 1.76 -27.29 -8.97
N PHE A 294 2.21 -28.45 -8.48
CA PHE A 294 1.33 -29.60 -8.26
C PHE A 294 1.25 -29.88 -6.77
N ARG A 295 0.04 -30.10 -6.27
CA ARG A 295 -0.23 -30.25 -4.85
C ARG A 295 -0.83 -31.62 -4.60
N VAL A 296 -0.39 -32.28 -3.53
CA VAL A 296 -0.94 -33.57 -3.16
C VAL A 296 -1.81 -33.39 -1.92
N GLN A 297 -3.08 -33.80 -2.02
CA GLN A 297 -4.02 -33.63 -0.92
C GLN A 297 -4.23 -34.95 -0.20
N PRO A 298 -4.67 -34.92 1.06
CA PRO A 298 -4.96 -36.17 1.78
C PRO A 298 -6.12 -36.91 1.16
N THR A 299 -6.14 -38.23 1.34
CA THR A 299 -7.16 -39.07 0.75
C THR A 299 -8.54 -38.68 1.24
N GLU A 300 -8.80 -38.85 2.54
CA GLU A 300 -10.04 -38.34 3.13
C GLU A 300 -9.73 -37.36 4.27
N SER A 301 -8.91 -37.77 5.21
CA SER A 301 -8.57 -36.94 6.36
C SER A 301 -7.59 -37.71 7.24
N ILE A 302 -6.91 -36.98 8.12
CA ILE A 302 -6.01 -37.55 9.13
C ILE A 302 -6.24 -36.75 10.41
N VAL A 303 -6.99 -37.32 11.35
CA VAL A 303 -7.33 -36.67 12.60
C VAL A 303 -7.00 -37.61 13.75
N ARG A 304 -6.38 -37.08 14.79
CA ARG A 304 -6.06 -37.84 16.00
C ARG A 304 -6.67 -37.14 17.20
N PHE A 305 -7.13 -37.92 18.17
CA PHE A 305 -7.83 -37.45 19.34
C PHE A 305 -6.94 -37.59 20.56
N PRO A 306 -7.34 -37.02 21.70
CA PRO A 306 -6.53 -37.15 22.91
C PRO A 306 -6.45 -38.59 23.39
N ASN A 307 -5.79 -38.77 24.54
CA ASN A 307 -5.52 -40.10 25.08
C ASN A 307 -6.80 -40.69 25.67
N ILE A 308 -6.68 -41.81 26.39
CA ILE A 308 -7.82 -42.54 26.93
C ILE A 308 -8.79 -41.57 27.59
N THR A 309 -8.27 -40.65 28.41
CA THR A 309 -9.09 -39.66 29.09
C THR A 309 -10.20 -40.34 29.90
N ASN A 310 -9.76 -41.09 30.93
CA ASN A 310 -10.67 -41.88 31.75
C ASN A 310 -11.92 -41.10 32.12
N LEU A 311 -13.04 -41.81 32.26
CA LEU A 311 -14.34 -41.20 32.46
C LEU A 311 -14.50 -40.82 33.93
N CYS A 312 -15.70 -40.39 34.29
CA CYS A 312 -15.98 -39.94 35.64
C CYS A 312 -15.87 -41.12 36.61
N PRO A 313 -15.54 -40.89 37.88
CA PRO A 313 -15.39 -42.02 38.83
C PRO A 313 -16.73 -42.54 39.33
N PHE A 314 -17.52 -43.09 38.42
CA PHE A 314 -18.80 -43.69 38.78
C PHE A 314 -18.64 -45.08 39.40
N GLY A 315 -17.44 -45.65 39.38
CA GLY A 315 -17.25 -46.96 39.98
C GLY A 315 -17.52 -46.95 41.46
N GLU A 316 -17.06 -45.92 42.16
CA GLU A 316 -17.32 -45.80 43.59
C GLU A 316 -18.80 -45.66 43.91
N VAL A 317 -19.56 -44.94 43.08
CA VAL A 317 -21.00 -44.80 43.29
C VAL A 317 -21.73 -46.11 43.02
N PHE A 318 -21.37 -46.79 41.93
CA PHE A 318 -22.00 -48.07 41.61
C PHE A 318 -21.67 -49.11 42.68
N ASN A 319 -20.43 -49.11 43.17
CA ASN A 319 -19.99 -50.09 44.17
C ASN A 319 -20.25 -49.62 45.59
N ALA A 320 -20.86 -48.45 45.77
CA ALA A 320 -21.16 -47.97 47.12
C ALA A 320 -22.04 -48.96 47.86
N THR A 321 -21.69 -49.22 49.11
CA THR A 321 -22.45 -50.19 49.90
C THR A 321 -23.89 -49.71 50.12
N ARG A 322 -24.07 -48.43 50.42
CA ARG A 322 -25.38 -47.85 50.67
C ARG A 322 -25.53 -46.61 49.78
N PHE A 323 -26.51 -46.63 48.89
CA PHE A 323 -26.76 -45.49 48.01
C PHE A 323 -27.41 -44.36 48.81
N ALA A 324 -27.23 -43.13 48.32
CA ALA A 324 -27.80 -41.98 49.00
C ALA A 324 -29.31 -42.07 49.05
N SER A 325 -29.89 -41.67 50.19
CA SER A 325 -31.32 -41.72 50.36
C SER A 325 -32.02 -40.68 49.49
N VAL A 326 -33.31 -40.93 49.23
CA VAL A 326 -34.08 -40.01 48.39
C VAL A 326 -34.19 -38.65 49.07
N TYR A 327 -34.46 -38.63 50.37
CA TYR A 327 -34.61 -37.35 51.07
C TYR A 327 -33.29 -36.58 51.12
N ALA A 328 -32.17 -37.28 51.29
CA ALA A 328 -30.85 -36.66 51.34
C ALA A 328 -29.98 -37.28 50.26
N TRP A 329 -29.77 -36.55 49.17
CA TRP A 329 -28.96 -37.01 48.05
C TRP A 329 -27.71 -36.16 47.92
N ASN A 330 -26.57 -36.83 47.77
CA ASN A 330 -25.30 -36.11 47.65
C ASN A 330 -25.27 -35.28 46.37
N ARG A 331 -24.66 -34.11 46.47
CA ARG A 331 -24.53 -33.19 45.33
C ARG A 331 -23.06 -32.80 45.21
N LYS A 332 -22.37 -33.42 44.27
CA LYS A 332 -20.96 -33.16 44.02
C LYS A 332 -20.77 -32.82 42.55
N ARG A 333 -20.06 -31.74 42.27
CA ARG A 333 -19.82 -31.32 40.89
C ARG A 333 -18.96 -32.36 40.17
N ILE A 334 -19.29 -32.60 38.90
CA ILE A 334 -18.58 -33.57 38.07
C ILE A 334 -18.09 -32.85 36.82
N SER A 335 -16.79 -32.99 36.52
CA SER A 335 -16.21 -32.35 35.36
C SER A 335 -14.95 -33.11 34.98
N ASN A 336 -14.30 -32.65 33.91
CA ASN A 336 -13.07 -33.25 33.40
C ASN A 336 -13.26 -34.73 33.07
N CYS A 337 -14.44 -35.08 32.58
CA CYS A 337 -14.74 -36.46 32.19
C CYS A 337 -15.88 -36.43 31.18
N VAL A 338 -16.24 -37.60 30.68
CA VAL A 338 -17.27 -37.75 29.66
C VAL A 338 -18.29 -38.79 30.13
N ALA A 339 -19.51 -38.70 29.61
CA ALA A 339 -20.55 -39.65 29.98
C ALA A 339 -20.15 -41.05 29.56
N ASP A 340 -20.54 -42.03 30.39
CA ASP A 340 -20.18 -43.43 30.16
C ASP A 340 -21.27 -44.20 29.41
N TYR A 341 -22.27 -43.50 28.88
CA TYR A 341 -23.34 -44.18 28.15
C TYR A 341 -22.82 -44.88 26.90
N SER A 342 -21.72 -44.40 26.32
CA SER A 342 -21.19 -45.02 25.11
C SER A 342 -20.66 -46.42 25.36
N VAL A 343 -20.23 -46.73 26.59
CA VAL A 343 -19.70 -48.05 26.90
C VAL A 343 -20.78 -49.03 27.34
N LEU A 344 -22.02 -48.57 27.54
CA LEU A 344 -23.09 -49.42 28.02
C LEU A 344 -23.70 -50.30 26.93
N TYR A 345 -23.07 -50.38 25.75
CA TYR A 345 -23.59 -51.24 24.70
C TYR A 345 -23.59 -52.71 25.14
N ASN A 346 -22.52 -53.15 25.79
CA ASN A 346 -22.39 -54.51 26.29
C ASN A 346 -22.25 -54.43 27.81
N SER A 347 -23.38 -54.47 28.51
CA SER A 347 -23.38 -54.38 29.96
C SER A 347 -24.74 -54.79 30.53
N ALA A 348 -24.94 -54.59 31.83
CA ALA A 348 -26.20 -54.94 32.47
C ALA A 348 -27.29 -53.95 32.07
N SER A 349 -28.13 -54.34 31.11
CA SER A 349 -29.18 -53.47 30.61
C SER A 349 -30.13 -53.08 31.73
N PHE A 350 -30.57 -51.82 31.73
CA PHE A 350 -31.47 -51.29 32.74
C PHE A 350 -32.91 -51.51 32.31
N SER A 351 -33.85 -51.37 33.25
CA SER A 351 -35.26 -51.60 32.94
C SER A 351 -35.75 -50.65 31.87
N THR A 352 -35.40 -49.37 31.97
CA THR A 352 -35.80 -48.38 30.96
C THR A 352 -34.80 -47.24 30.94
N PHE A 353 -34.62 -46.68 29.74
CA PHE A 353 -33.74 -45.54 29.52
C PHE A 353 -34.46 -44.60 28.58
N LYS A 354 -35.00 -43.49 29.10
CA LYS A 354 -35.81 -42.59 28.30
C LYS A 354 -35.27 -41.17 28.41
N CYS A 355 -34.97 -40.56 27.27
CA CYS A 355 -34.50 -39.18 27.21
C CYS A 355 -35.49 -38.37 26.38
N TYR A 356 -36.32 -37.57 27.07
CA TYR A 356 -37.31 -36.76 26.37
C TYR A 356 -36.66 -35.63 25.58
N GLY A 357 -35.64 -34.99 26.16
CA GLY A 357 -35.04 -33.84 25.52
C GLY A 357 -34.39 -34.19 24.19
N VAL A 358 -33.60 -35.26 24.18
CA VAL A 358 -32.88 -35.69 22.98
C VAL A 358 -32.99 -37.20 22.86
N SER A 359 -32.78 -37.69 21.64
CA SER A 359 -32.82 -39.13 21.40
C SER A 359 -31.59 -39.79 22.02
N PRO A 360 -31.66 -41.08 22.34
CA PRO A 360 -30.50 -41.75 22.97
C PRO A 360 -29.25 -41.73 22.10
N THR A 361 -29.39 -41.67 20.78
CA THR A 361 -28.24 -41.67 19.88
C THR A 361 -27.65 -40.29 19.67
N LYS A 362 -28.33 -39.23 20.12
CA LYS A 362 -27.83 -37.87 20.00
C LYS A 362 -27.10 -37.38 21.24
N LEU A 363 -26.93 -38.23 22.25
CA LEU A 363 -26.25 -37.81 23.47
C LEU A 363 -24.81 -37.41 23.17
N ASN A 364 -24.12 -38.20 22.35
CA ASN A 364 -22.74 -37.91 21.99
C ASN A 364 -22.60 -36.70 21.07
N ASP A 365 -23.67 -36.28 20.41
CA ASP A 365 -23.64 -35.13 19.52
C ASP A 365 -23.90 -33.81 20.22
N LEU A 366 -24.25 -33.84 21.50
CA LEU A 366 -24.54 -32.63 22.27
C LEU A 366 -23.59 -32.56 23.46
N CYS A 367 -22.99 -31.38 23.66
CA CYS A 367 -22.05 -31.19 24.75
C CYS A 367 -22.81 -31.09 26.08
N PHE A 368 -22.10 -31.42 27.15
CA PHE A 368 -22.64 -31.39 28.50
C PHE A 368 -21.78 -30.48 29.37
N THR A 369 -22.45 -29.78 30.29
CA THR A 369 -21.79 -28.85 31.20
C THR A 369 -21.92 -29.28 32.66
N ASN A 370 -23.14 -29.55 33.12
CA ASN A 370 -23.41 -29.93 34.51
C ASN A 370 -23.94 -31.36 34.51
N VAL A 371 -23.38 -32.19 35.38
CA VAL A 371 -23.79 -33.59 35.53
C VAL A 371 -24.18 -33.79 36.98
N TYR A 372 -25.49 -33.89 37.24
CA TYR A 372 -26.02 -34.12 38.59
C TYR A 372 -27.09 -35.20 38.49
N ALA A 373 -26.83 -36.36 39.10
CA ALA A 373 -27.74 -37.49 39.06
C ALA A 373 -28.41 -37.66 40.42
N ASP A 374 -29.74 -37.72 40.42
CA ASP A 374 -30.52 -37.92 41.64
C ASP A 374 -31.08 -39.35 41.62
N SER A 375 -30.55 -40.21 42.49
CA SER A 375 -30.93 -41.61 42.54
C SER A 375 -31.90 -41.82 43.70
N PHE A 376 -32.99 -42.55 43.45
CA PHE A 376 -33.96 -42.86 44.47
C PHE A 376 -34.56 -44.23 44.18
N VAL A 377 -35.43 -44.69 45.09
CA VAL A 377 -36.07 -45.99 45.00
C VAL A 377 -37.58 -45.78 44.99
N ILE A 378 -38.26 -46.47 44.09
CA ILE A 378 -39.71 -46.36 43.95
C ILE A 378 -40.32 -47.75 43.90
N ARG A 379 -41.63 -47.80 44.13
CA ARG A 379 -42.37 -49.04 44.05
C ARG A 379 -42.76 -49.34 42.60
N GLY A 380 -42.81 -50.63 42.27
CA GLY A 380 -43.14 -51.02 40.91
C GLY A 380 -44.52 -50.56 40.49
N ASP A 381 -45.52 -50.78 41.35
CA ASP A 381 -46.89 -50.39 41.04
C ASP A 381 -47.04 -48.89 40.84
N GLU A 382 -46.13 -48.08 41.38
CA GLU A 382 -46.16 -46.64 41.22
C GLU A 382 -45.41 -46.17 39.97
N VAL A 383 -44.77 -47.08 39.24
CA VAL A 383 -44.04 -46.68 38.04
C VAL A 383 -45.01 -46.10 37.01
N ARG A 384 -46.15 -46.77 36.78
CA ARG A 384 -47.12 -46.26 35.83
C ARG A 384 -47.69 -44.92 36.29
N GLN A 385 -47.99 -44.81 37.58
CA GLN A 385 -48.58 -43.58 38.12
C GLN A 385 -47.56 -42.45 38.22
N ILE A 386 -46.27 -42.73 38.11
CA ILE A 386 -45.23 -41.72 38.20
C ILE A 386 -44.75 -41.44 36.78
N ALA A 387 -44.97 -40.21 36.32
CA ALA A 387 -44.56 -39.79 34.99
C ALA A 387 -44.75 -38.29 34.85
N PRO A 388 -43.96 -37.61 34.00
CA PRO A 388 -44.14 -36.17 33.84
C PRO A 388 -45.53 -35.83 33.31
N GLY A 389 -46.09 -34.74 33.83
CA GLY A 389 -47.40 -34.29 33.40
C GLY A 389 -48.56 -35.09 33.96
N GLN A 390 -48.30 -36.00 34.89
CA GLN A 390 -49.35 -36.84 35.48
C GLN A 390 -49.64 -36.35 36.89
N THR A 391 -50.91 -36.06 37.17
CA THR A 391 -51.32 -35.60 38.49
C THR A 391 -51.46 -36.78 39.43
N GLY A 392 -50.97 -36.62 40.65
CA GLY A 392 -51.06 -37.68 41.64
C GLY A 392 -50.51 -37.21 42.97
N LYS A 393 -50.65 -38.09 43.97
CA LYS A 393 -50.17 -37.76 45.31
C LYS A 393 -48.66 -37.55 45.31
N ILE A 394 -47.92 -38.41 44.61
CA ILE A 394 -46.47 -38.29 44.56
C ILE A 394 -46.09 -36.97 43.88
N ALA A 395 -46.75 -36.65 42.76
CA ALA A 395 -46.44 -35.43 42.04
C ALA A 395 -46.77 -34.19 42.86
N ASP A 396 -47.80 -34.28 43.71
CA ASP A 396 -48.29 -33.10 44.40
C ASP A 396 -47.37 -32.68 45.55
N TYR A 397 -46.83 -33.63 46.31
CA TYR A 397 -46.16 -33.32 47.57
C TYR A 397 -44.65 -33.52 47.52
N ASN A 398 -44.18 -34.72 47.18
CA ASN A 398 -42.75 -35.01 47.28
C ASN A 398 -42.04 -34.97 45.94
N TYR A 399 -42.77 -35.15 44.84
CA TYR A 399 -42.18 -35.15 43.50
C TYR A 399 -42.64 -33.90 42.77
N LYS A 400 -41.86 -32.82 42.88
CA LYS A 400 -42.16 -31.55 42.21
C LYS A 400 -40.96 -31.15 41.37
N LEU A 401 -41.20 -30.90 40.08
CA LEU A 401 -40.17 -30.47 39.16
C LEU A 401 -40.71 -29.42 38.20
N PRO A 402 -39.84 -28.59 37.62
CA PRO A 402 -40.31 -27.59 36.66
C PRO A 402 -40.99 -28.24 35.47
N ASP A 403 -42.03 -27.56 34.97
CA ASP A 403 -42.77 -28.06 33.82
C ASP A 403 -41.91 -28.15 32.56
N ASP A 404 -40.85 -27.35 32.47
CA ASP A 404 -39.96 -27.36 31.32
C ASP A 404 -38.66 -28.13 31.60
N PHE A 405 -38.61 -28.87 32.69
CA PHE A 405 -37.40 -29.61 33.03
C PHE A 405 -37.06 -30.62 31.94
N THR A 406 -35.79 -30.66 31.57
CA THR A 406 -35.29 -31.57 30.54
C THR A 406 -34.23 -32.47 31.16
N GLY A 407 -34.30 -33.76 30.84
CA GLY A 407 -33.34 -34.71 31.38
C GLY A 407 -33.67 -36.12 30.93
N CYS A 408 -32.91 -37.07 31.48
CA CYS A 408 -33.08 -38.48 31.16
C CYS A 408 -33.46 -39.25 32.42
N VAL A 409 -34.25 -40.31 32.23
CA VAL A 409 -34.71 -41.17 33.31
C VAL A 409 -34.19 -42.58 33.05
N ILE A 410 -33.52 -43.15 34.05
CA ILE A 410 -32.94 -44.49 33.94
C ILE A 410 -33.44 -45.30 35.12
N ALA A 411 -34.19 -46.36 34.83
CA ALA A 411 -34.76 -47.21 35.87
C ALA A 411 -34.26 -48.64 35.70
N TRP A 412 -34.00 -49.30 36.83
CA TRP A 412 -33.57 -50.68 36.82
C TRP A 412 -33.98 -51.36 38.12
N ASN A 413 -34.26 -52.66 38.01
CA ASN A 413 -34.66 -53.45 39.18
C ASN A 413 -33.43 -53.73 40.03
N SER A 414 -33.55 -53.47 41.34
CA SER A 414 -32.47 -53.69 42.29
C SER A 414 -32.67 -54.96 43.13
N ASN A 415 -33.60 -55.83 42.74
CA ASN A 415 -33.85 -57.04 43.51
C ASN A 415 -32.60 -57.91 43.63
N ASN A 416 -31.74 -57.86 42.61
CA ASN A 416 -30.52 -58.66 42.63
C ASN A 416 -29.59 -58.27 43.77
N LEU A 417 -29.67 -57.03 44.25
CA LEU A 417 -28.82 -56.55 45.33
C LEU A 417 -29.62 -56.20 46.58
N ASP A 418 -30.77 -55.54 46.42
CA ASP A 418 -31.58 -55.16 47.58
C ASP A 418 -32.12 -56.36 48.33
N SER A 419 -32.14 -57.54 47.70
CA SER A 419 -32.66 -58.72 48.37
C SER A 419 -31.73 -59.14 49.52
N LYS A 420 -32.31 -59.85 50.47
CA LYS A 420 -31.63 -60.37 51.66
C LYS A 420 -30.74 -59.31 52.32
N VAL A 421 -31.21 -58.08 52.43
CA VAL A 421 -30.43 -57.01 53.07
C VAL A 421 -30.79 -56.77 54.53
N GLY A 422 -31.61 -57.65 55.10
CA GLY A 422 -32.10 -57.68 56.46
C GLY A 422 -32.93 -56.47 56.82
N GLY A 423 -33.77 -56.03 55.90
CA GLY A 423 -34.74 -54.96 55.82
C GLY A 423 -34.28 -53.67 56.47
N ASN A 424 -33.15 -53.14 55.99
CA ASN A 424 -32.60 -51.91 56.54
C ASN A 424 -33.57 -50.76 56.29
N TYR A 425 -33.76 -49.91 57.30
CA TYR A 425 -34.70 -48.81 57.24
C TYR A 425 -34.03 -47.48 56.95
N ASN A 426 -32.89 -47.49 56.26
CA ASN A 426 -32.20 -46.23 55.94
C ASN A 426 -33.06 -45.33 55.06
N TYR A 427 -33.73 -45.90 54.06
CA TYR A 427 -34.56 -45.12 53.17
C TYR A 427 -35.68 -44.44 53.94
N LEU A 428 -35.92 -43.17 53.63
CA LEU A 428 -36.98 -42.40 54.29
C LEU A 428 -37.50 -41.35 53.32
N TYR A 429 -38.73 -40.91 53.57
CA TYR A 429 -39.36 -39.90 52.72
C TYR A 429 -40.40 -39.15 53.54
N ARG A 430 -40.77 -37.98 53.04
CA ARG A 430 -41.78 -37.15 53.68
C ARG A 430 -43.12 -37.37 52.98
N LEU A 431 -44.05 -38.02 53.69
CA LEU A 431 -45.35 -38.32 53.10
C LEU A 431 -46.23 -37.08 52.99
N PHE A 432 -46.19 -36.20 53.98
CA PHE A 432 -47.02 -35.01 53.99
C PHE A 432 -46.18 -33.81 54.39
N ARG A 433 -46.58 -32.63 53.92
CA ARG A 433 -45.89 -31.40 54.24
C ARG A 433 -46.89 -30.25 54.22
N LYS A 434 -46.53 -29.15 54.89
CA LYS A 434 -47.38 -27.97 54.95
C LYS A 434 -47.47 -27.23 53.63
N SER A 435 -46.60 -27.55 52.67
CA SER A 435 -46.61 -26.89 51.37
C SER A 435 -45.89 -27.78 50.38
N ASN A 436 -45.84 -27.33 49.12
CA ASN A 436 -45.18 -28.07 48.06
C ASN A 436 -43.71 -27.69 47.99
N LEU A 437 -42.84 -28.71 47.99
CA LEU A 437 -41.41 -28.48 47.94
C LEU A 437 -41.00 -27.98 46.56
N LYS A 438 -40.19 -26.92 46.55
CA LYS A 438 -39.67 -26.40 45.30
C LYS A 438 -38.58 -27.31 44.76
N PRO A 439 -38.26 -27.20 43.47
CA PRO A 439 -37.20 -28.05 42.90
C PRO A 439 -35.89 -27.86 43.64
N PHE A 440 -35.17 -28.97 43.84
CA PHE A 440 -33.89 -28.97 44.54
C PHE A 440 -33.99 -28.46 45.97
N GLU A 441 -35.18 -28.58 46.57
CA GLU A 441 -35.40 -28.14 47.93
C GLU A 441 -35.52 -29.33 48.88
N ARG A 442 -35.05 -29.14 50.11
CA ARG A 442 -35.10 -30.16 51.14
C ARG A 442 -35.69 -29.56 52.42
N ASP A 443 -36.40 -30.40 53.17
CA ASP A 443 -37.04 -30.01 54.42
C ASP A 443 -36.26 -30.59 55.58
N ILE A 444 -35.89 -29.73 56.54
CA ILE A 444 -35.14 -30.16 57.72
C ILE A 444 -35.96 -30.07 59.00
N SER A 445 -37.21 -29.61 58.91
CA SER A 445 -38.04 -29.48 60.10
C SER A 445 -38.65 -30.83 60.46
N THR A 446 -38.27 -31.36 61.62
CA THR A 446 -38.78 -32.63 62.12
C THR A 446 -39.88 -32.46 63.16
N GLU A 447 -40.37 -31.24 63.36
CA GLU A 447 -41.40 -31.01 64.37
C GLU A 447 -42.68 -31.77 64.03
N ILE A 448 -43.35 -32.25 65.07
CA ILE A 448 -44.60 -32.99 64.87
C ILE A 448 -45.66 -32.04 64.35
N TYR A 449 -46.32 -32.42 63.26
CA TYR A 449 -47.32 -31.56 62.65
C TYR A 449 -48.54 -31.46 63.57
N GLN A 450 -48.99 -30.24 63.81
CA GLN A 450 -50.12 -29.96 64.70
C GLN A 450 -51.37 -29.77 63.86
N ALA A 451 -52.30 -30.71 63.97
CA ALA A 451 -53.57 -30.62 63.26
C ALA A 451 -54.66 -29.97 64.10
N GLY A 452 -54.69 -30.28 65.40
CA GLY A 452 -55.68 -29.72 66.30
C GLY A 452 -55.15 -28.53 67.09
N SER A 453 -56.01 -28.03 67.98
CA SER A 453 -55.64 -26.89 68.82
C SER A 453 -54.66 -27.26 69.93
N THR A 454 -54.52 -28.54 70.25
CA THR A 454 -53.62 -28.96 71.32
C THR A 454 -52.19 -28.97 70.79
N PRO A 455 -51.27 -28.20 71.39
CA PRO A 455 -49.88 -28.25 70.92
C PRO A 455 -49.27 -29.64 71.08
N CYS A 456 -48.47 -30.04 70.10
CA CYS A 456 -47.78 -31.32 70.18
C CYS A 456 -46.60 -31.27 71.13
N ASN A 457 -45.94 -30.10 71.23
CA ASN A 457 -44.80 -29.92 72.12
C ASN A 457 -43.66 -30.87 71.77
N GLY A 458 -43.53 -31.22 70.49
CA GLY A 458 -42.46 -32.08 70.05
C GLY A 458 -42.64 -33.55 70.34
N VAL A 459 -43.80 -33.95 70.86
CA VAL A 459 -44.08 -35.34 71.20
C VAL A 459 -45.45 -35.71 70.65
N GLU A 460 -45.69 -37.02 70.56
CA GLU A 460 -46.97 -37.50 70.05
C GLU A 460 -48.11 -37.07 70.97
N GLY A 461 -49.25 -36.78 70.36
CA GLY A 461 -50.39 -36.33 71.13
C GLY A 461 -51.66 -36.34 70.29
N PHE A 462 -52.69 -35.71 70.83
CA PHE A 462 -53.99 -35.67 70.16
C PHE A 462 -53.90 -34.79 68.92
N ASN A 463 -54.39 -35.30 67.78
CA ASN A 463 -54.35 -34.57 66.51
C ASN A 463 -52.93 -34.13 66.18
N CYS A 464 -51.96 -35.01 66.45
CA CYS A 464 -50.56 -34.78 66.12
C CYS A 464 -50.13 -35.81 65.10
N TYR A 465 -49.50 -35.36 64.02
CA TYR A 465 -49.10 -36.22 62.92
C TYR A 465 -47.58 -36.25 62.79
N PHE A 466 -47.06 -37.40 62.39
CA PHE A 466 -45.63 -37.59 62.18
C PHE A 466 -45.35 -37.61 60.68
N PRO A 467 -44.75 -36.56 60.11
CA PRO A 467 -44.63 -36.53 58.63
C PRO A 467 -43.63 -37.54 58.10
N LEU A 468 -42.46 -37.66 58.72
CA LEU A 468 -41.44 -38.55 58.20
C LEU A 468 -41.92 -39.99 58.21
N GLN A 469 -41.66 -40.71 57.12
CA GLN A 469 -42.06 -42.10 57.01
C GLN A 469 -41.12 -42.82 56.05
N SER A 470 -41.05 -44.14 56.19
CA SER A 470 -40.21 -44.99 55.36
C SER A 470 -41.06 -46.08 54.73
N TYR A 471 -40.51 -46.69 53.68
CA TYR A 471 -41.19 -47.76 52.95
C TYR A 471 -41.01 -49.06 53.72
N GLY A 472 -42.11 -49.59 54.27
CA GLY A 472 -42.04 -50.84 55.00
C GLY A 472 -41.55 -51.97 54.11
N PHE A 473 -40.61 -52.75 54.61
CA PHE A 473 -40.04 -53.88 53.87
C PHE A 473 -40.76 -55.15 54.31
N GLN A 474 -41.59 -55.70 53.41
CA GLN A 474 -42.34 -56.91 53.68
C GLN A 474 -41.68 -58.08 52.99
N PRO A 475 -41.22 -59.11 53.72
CA PRO A 475 -40.57 -60.24 53.05
C PRO A 475 -41.48 -60.99 52.09
N THR A 476 -42.79 -60.86 52.21
CA THR A 476 -43.74 -61.54 51.35
C THR A 476 -44.07 -60.75 50.09
N ASN A 477 -43.42 -59.61 49.88
CA ASN A 477 -43.68 -58.81 48.69
C ASN A 477 -43.44 -59.62 47.42
N GLY A 478 -44.33 -59.45 46.45
CA GLY A 478 -44.25 -60.16 45.19
C GLY A 478 -43.33 -59.47 44.20
N VAL A 479 -43.37 -59.97 42.96
CA VAL A 479 -42.53 -59.42 41.91
C VAL A 479 -42.91 -57.96 41.64
N GLY A 480 -44.20 -57.68 41.60
CA GLY A 480 -44.65 -56.32 41.30
C GLY A 480 -44.32 -55.32 42.38
N TYR A 481 -44.10 -55.78 43.61
CA TYR A 481 -43.77 -54.89 44.73
C TYR A 481 -42.26 -54.71 44.91
N GLN A 482 -41.45 -55.30 44.05
CA GLN A 482 -40.00 -55.19 44.19
C GLN A 482 -39.57 -53.74 43.96
N PRO A 483 -38.74 -53.16 44.81
CA PRO A 483 -38.29 -51.79 44.58
C PRO A 483 -37.45 -51.66 43.32
N TYR A 484 -37.57 -50.51 42.67
CA TYR A 484 -36.82 -50.21 41.45
C TYR A 484 -36.05 -48.92 41.67
N ARG A 485 -34.77 -48.93 41.31
CA ARG A 485 -33.94 -47.74 41.43
C ARG A 485 -34.07 -46.88 40.17
N VAL A 486 -34.37 -45.59 40.37
CA VAL A 486 -34.58 -44.65 39.29
C VAL A 486 -33.63 -43.48 39.48
N VAL A 487 -33.00 -43.04 38.39
CA VAL A 487 -32.08 -41.92 38.38
C VAL A 487 -32.53 -40.92 37.32
N VAL A 488 -32.57 -39.65 37.72
CA VAL A 488 -32.95 -38.56 36.83
C VAL A 488 -31.77 -37.62 36.70
N LEU A 489 -31.35 -37.35 35.46
CA LEU A 489 -30.21 -36.47 35.20
C LEU A 489 -30.75 -35.06 34.96
N SER A 490 -30.44 -34.15 35.88
CA SER A 490 -30.88 -32.76 35.78
C SER A 490 -29.72 -31.89 35.33
N PHE A 491 -29.94 -31.11 34.27
CA PHE A 491 -28.91 -30.23 33.75
C PHE A 491 -29.55 -29.31 32.71
N GLU A 492 -29.10 -28.05 32.71
CA GLU A 492 -29.61 -27.04 31.79
C GLU A 492 -28.67 -26.80 30.60
N LEU A 493 -27.40 -27.21 30.70
CA LEU A 493 -26.44 -27.04 29.62
C LEU A 493 -26.09 -25.57 29.40
N LEU A 494 -26.53 -24.70 30.30
CA LEU A 494 -26.25 -23.27 30.20
C LEU A 494 -25.54 -22.79 31.46
N HIS A 495 -25.06 -21.55 31.45
CA HIS A 495 -24.42 -20.88 32.57
C HIS A 495 -22.99 -21.37 32.82
N ALA A 496 -22.51 -22.36 32.08
CA ALA A 496 -21.16 -22.87 32.26
C ALA A 496 -20.57 -23.13 30.88
N PRO A 497 -19.24 -23.08 30.75
CA PRO A 497 -18.62 -23.37 29.46
C PRO A 497 -18.85 -24.82 29.04
N ALA A 498 -18.91 -25.02 27.73
CA ALA A 498 -19.06 -26.36 27.15
C ALA A 498 -17.68 -26.99 27.02
N THR A 499 -17.33 -27.84 27.98
CA THR A 499 -16.03 -28.49 28.01
C THR A 499 -16.13 -29.99 27.71
N VAL A 500 -17.13 -30.66 28.28
CA VAL A 500 -17.29 -32.10 28.10
C VAL A 500 -17.93 -32.35 26.74
N CYS A 501 -17.31 -33.21 25.95
CA CYS A 501 -17.79 -33.59 24.63
C CYS A 501 -17.90 -35.09 24.52
N GLY A 502 -18.84 -35.55 23.69
CA GLY A 502 -19.08 -36.96 23.50
C GLY A 502 -17.99 -37.62 22.68
N PRO A 503 -17.92 -38.94 22.72
CA PRO A 503 -16.89 -39.66 21.96
C PRO A 503 -17.07 -39.44 20.46
N LYS A 504 -15.94 -39.38 19.75
CA LYS A 504 -15.91 -39.20 18.32
C LYS A 504 -15.09 -40.30 17.67
N LYS A 505 -15.57 -40.81 16.54
CA LYS A 505 -14.88 -41.87 15.83
C LYS A 505 -13.54 -41.36 15.32
N SER A 506 -12.50 -42.18 15.46
CA SER A 506 -11.15 -41.83 15.04
C SER A 506 -10.80 -42.61 13.78
N THR A 507 -10.31 -41.90 12.76
CA THR A 507 -9.92 -42.52 11.51
C THR A 507 -8.51 -43.10 11.63
N ASN A 508 -7.99 -43.63 10.53
CA ASN A 508 -6.66 -44.21 10.50
C ASN A 508 -5.62 -43.11 10.26
N LEU A 509 -4.36 -43.44 10.52
CA LEU A 509 -3.24 -42.52 10.35
C LEU A 509 -2.32 -43.03 9.26
N VAL A 510 -1.84 -42.11 8.43
CA VAL A 510 -0.92 -42.43 7.34
C VAL A 510 0.36 -41.64 7.55
N LYS A 511 1.47 -42.21 7.07
CA LYS A 511 2.79 -41.62 7.23
C LYS A 511 3.49 -41.55 5.88
N ASN A 512 4.49 -40.67 5.81
CA ASN A 512 5.28 -40.46 4.59
C ASN A 512 4.45 -39.86 3.46
N LYS A 513 3.31 -39.26 3.78
CA LYS A 513 2.45 -38.62 2.80
C LYS A 513 1.86 -37.36 3.40
N CYS A 514 1.88 -36.27 2.64
CA CYS A 514 1.35 -35.00 3.13
C CYS A 514 -0.14 -35.15 3.43
N VAL A 515 -0.53 -34.69 4.62
CA VAL A 515 -1.92 -34.82 5.08
C VAL A 515 -2.23 -33.67 6.03
N ASN A 516 -3.52 -33.36 6.13
CA ASN A 516 -3.99 -32.37 7.08
C ASN A 516 -4.16 -32.99 8.47
N PHE A 517 -4.06 -32.14 9.49
CA PHE A 517 -4.20 -32.60 10.86
C PHE A 517 -4.67 -31.44 11.73
N ASN A 518 -5.25 -31.77 12.88
CA ASN A 518 -5.75 -30.78 13.82
C ASN A 518 -5.52 -31.32 15.23
N PHE A 519 -4.60 -30.68 15.96
CA PHE A 519 -4.26 -31.08 17.32
C PHE A 519 -4.64 -29.95 18.26
N ASN A 520 -5.48 -30.26 19.24
CA ASN A 520 -5.89 -29.29 20.26
C ASN A 520 -6.40 -27.99 19.62
N GLY A 521 -7.16 -28.12 18.54
CA GLY A 521 -7.71 -26.99 17.83
C GLY A 521 -6.80 -26.40 16.78
N LEU A 522 -5.48 -26.46 16.99
CA LEU A 522 -4.54 -25.91 16.02
C LEU A 522 -4.46 -26.82 14.81
N THR A 523 -4.71 -26.26 13.64
CA THR A 523 -4.69 -27.00 12.38
C THR A 523 -3.33 -26.87 11.71
N GLY A 524 -3.05 -27.81 10.82
CA GLY A 524 -1.80 -27.80 10.09
C GLY A 524 -1.80 -28.85 9.00
N THR A 525 -0.74 -28.84 8.20
CA THR A 525 -0.56 -29.79 7.12
C THR A 525 0.89 -30.23 7.08
N GLY A 526 1.11 -31.53 6.93
CA GLY A 526 2.47 -32.03 6.91
C GLY A 526 2.51 -33.54 6.87
N VAL A 527 3.70 -34.08 7.11
CA VAL A 527 3.97 -35.51 7.06
C VAL A 527 4.35 -35.96 8.46
N LEU A 528 3.70 -37.01 8.95
CA LEU A 528 4.01 -37.55 10.27
C LEU A 528 4.98 -38.71 10.12
N THR A 529 6.13 -38.60 10.79
CA THR A 529 7.18 -39.61 10.73
C THR A 529 7.57 -40.03 12.15
N GLU A 530 8.61 -40.84 12.25
CA GLU A 530 9.13 -41.33 13.51
C GLU A 530 10.54 -40.78 13.74
N SER A 531 10.77 -40.24 14.93
CA SER A 531 12.06 -39.69 15.30
C SER A 531 12.48 -40.22 16.66
N ASN A 532 13.79 -40.46 16.83
CA ASN A 532 14.34 -40.97 18.07
C ASN A 532 15.02 -39.89 18.91
N LYS A 533 14.83 -38.62 18.55
CA LYS A 533 15.45 -37.52 19.29
C LYS A 533 14.84 -37.43 20.69
N LYS A 534 15.69 -37.30 21.71
CA LYS A 534 15.21 -37.18 23.07
C LYS A 534 14.38 -35.92 23.24
N PHE A 535 13.23 -36.05 23.91
CA PHE A 535 12.32 -34.93 24.10
C PHE A 535 11.92 -34.82 25.57
N LEU A 536 11.64 -33.57 25.99
CA LEU A 536 11.26 -33.34 27.38
C LEU A 536 9.92 -34.01 27.69
N PRO A 537 9.78 -34.68 28.83
CA PRO A 537 8.50 -35.33 29.15
C PRO A 537 7.33 -34.36 29.19
N PHE A 538 7.54 -33.12 29.66
CA PHE A 538 6.46 -32.16 29.81
C PHE A 538 6.15 -31.37 28.55
N GLN A 539 7.15 -31.14 27.69
CA GLN A 539 6.91 -30.36 26.48
C GLN A 539 5.87 -31.04 25.61
N GLN A 540 4.91 -30.25 25.12
CA GLN A 540 3.81 -30.75 24.30
C GLN A 540 4.02 -30.45 22.82
N PHE A 541 4.22 -29.18 22.48
CA PHE A 541 4.35 -28.76 21.09
C PHE A 541 5.77 -28.27 20.82
N GLY A 542 6.09 -28.18 19.52
CA GLY A 542 7.37 -27.68 19.07
C GLY A 542 7.21 -26.67 17.96
N ARG A 543 8.21 -25.80 17.85
CA ARG A 543 8.23 -24.73 16.86
C ARG A 543 9.53 -24.81 16.07
N ASP A 544 9.72 -23.86 15.17
CA ASP A 544 10.90 -23.82 14.32
C ASP A 544 11.15 -22.38 13.89
N ILE A 545 12.30 -22.15 13.26
CA ILE A 545 12.64 -20.82 12.79
C ILE A 545 11.59 -20.33 11.80
N ALA A 546 10.92 -21.26 11.11
CA ALA A 546 9.88 -20.91 10.15
C ALA A 546 8.57 -20.51 10.81
N ASP A 547 8.49 -20.54 12.15
CA ASP A 547 7.28 -20.18 12.88
C ASP A 547 6.13 -21.13 12.52
N THR A 548 6.49 -22.39 12.27
CA THR A 548 5.52 -23.43 11.97
C THR A 548 5.82 -24.64 12.84
N THR A 549 4.78 -25.36 13.23
CA THR A 549 4.94 -26.52 14.10
C THR A 549 5.85 -27.55 13.43
N ASP A 550 6.85 -28.03 14.18
CA ASP A 550 7.78 -29.04 13.71
C ASP A 550 7.72 -30.32 14.54
N ALA A 551 7.75 -30.19 15.86
CA ALA A 551 7.71 -31.34 16.75
C ALA A 551 6.40 -31.35 17.54
N VAL A 552 5.75 -32.52 17.55
CA VAL A 552 4.49 -32.72 18.25
C VAL A 552 4.58 -34.02 19.05
N ARG A 553 3.69 -34.14 20.04
CA ARG A 553 3.64 -35.30 20.91
C ARG A 553 2.28 -35.98 20.76
N ASP A 554 2.30 -37.29 20.57
CA ASP A 554 1.06 -38.05 20.42
C ASP A 554 0.41 -38.23 21.79
N PRO A 555 -0.82 -37.77 22.00
CA PRO A 555 -1.45 -37.98 23.33
C PRO A 555 -1.56 -39.43 23.72
N GLN A 556 -1.80 -40.33 22.76
CA GLN A 556 -1.97 -41.74 23.08
C GLN A 556 -0.72 -42.32 23.71
N THR A 557 0.39 -42.30 22.98
CA THR A 557 1.65 -42.85 23.45
C THR A 557 2.74 -41.79 23.37
N LEU A 558 3.72 -41.89 24.27
CA LEU A 558 4.82 -40.94 24.33
C LEU A 558 5.73 -41.18 23.14
N GLU A 559 5.58 -40.35 22.10
CA GLU A 559 6.42 -40.46 20.92
C GLU A 559 6.52 -39.08 20.27
N ILE A 560 7.56 -38.91 19.46
CA ILE A 560 7.83 -37.66 18.77
C ILE A 560 7.69 -37.91 17.28
N LEU A 561 6.83 -37.14 16.63
CA LEU A 561 6.61 -37.23 15.19
C LEU A 561 7.02 -35.91 14.54
N ASP A 562 7.92 -35.98 13.57
CA ASP A 562 8.40 -34.80 12.88
C ASP A 562 7.40 -34.35 11.82
N ILE A 563 7.53 -33.10 11.38
CA ILE A 563 6.66 -32.53 10.36
C ILE A 563 7.53 -32.00 9.22
N THR A 564 7.19 -32.41 8.00
CA THR A 564 7.93 -31.96 6.83
C THR A 564 7.07 -32.11 5.57
N PRO A 565 7.02 -31.10 4.71
CA PRO A 565 6.22 -31.22 3.49
C PRO A 565 6.92 -32.10 2.45
N CYS A 566 6.11 -32.66 1.55
CA CYS A 566 6.63 -33.56 0.52
C CYS A 566 7.21 -32.79 -0.66
N SER A 567 6.33 -32.09 -1.40
CA SER A 567 6.75 -31.45 -2.65
C SER A 567 6.50 -29.96 -2.67
N PHE A 568 5.28 -29.54 -2.32
CA PHE A 568 4.81 -28.16 -2.46
C PHE A 568 4.66 -27.75 -3.93
N GLY A 569 5.06 -28.62 -4.86
CA GLY A 569 4.77 -28.39 -6.26
C GLY A 569 5.69 -27.43 -6.98
N GLY A 570 6.19 -27.84 -8.14
CA GLY A 570 6.88 -26.94 -9.05
C GLY A 570 7.17 -27.62 -10.37
N VAL A 571 6.76 -27.00 -11.48
CA VAL A 571 6.82 -27.62 -12.79
C VAL A 571 7.57 -26.69 -13.74
N SER A 572 8.48 -27.26 -14.52
CA SER A 572 9.16 -26.56 -15.60
C SER A 572 8.99 -27.35 -16.90
N VAL A 573 8.91 -26.62 -18.00
CA VAL A 573 8.66 -27.21 -19.31
C VAL A 573 9.83 -26.82 -20.21
N ILE A 574 10.44 -27.81 -20.85
CA ILE A 574 11.52 -27.57 -21.80
C ILE A 574 10.99 -27.84 -23.21
N THR A 575 11.12 -26.85 -24.09
CA THR A 575 10.59 -26.93 -25.45
C THR A 575 11.67 -26.48 -26.42
N PRO A 576 12.04 -27.30 -27.40
CA PRO A 576 12.94 -26.85 -28.45
C PRO A 576 12.21 -25.98 -29.46
N GLY A 577 12.92 -25.61 -30.52
CA GLY A 577 12.34 -24.82 -31.58
C GLY A 577 11.11 -25.48 -32.19
N THR A 578 10.00 -24.74 -32.24
CA THR A 578 8.77 -25.30 -32.77
C THR A 578 8.89 -25.63 -34.26
N ASN A 579 9.75 -24.93 -34.99
CA ASN A 579 9.89 -25.19 -36.41
C ASN A 579 10.39 -26.61 -36.67
N THR A 580 11.35 -27.07 -35.86
CA THR A 580 11.91 -28.41 -36.04
C THR A 580 10.98 -29.48 -35.48
N SER A 581 10.65 -29.40 -34.19
CA SER A 581 9.80 -30.37 -33.53
C SER A 581 9.01 -29.68 -32.43
N ASN A 582 7.95 -30.35 -31.98
CA ASN A 582 7.07 -29.82 -30.95
C ASN A 582 7.07 -30.67 -29.68
N GLN A 583 7.92 -31.68 -29.59
CA GLN A 583 8.01 -32.51 -28.38
C GLN A 583 8.53 -31.65 -27.23
N VAL A 584 8.00 -31.91 -26.04
CA VAL A 584 8.35 -31.14 -24.84
C VAL A 584 8.72 -32.10 -23.73
N ALA A 585 9.46 -31.57 -22.75
CA ALA A 585 9.91 -32.34 -21.59
C ALA A 585 9.41 -31.67 -20.33
N VAL A 586 8.94 -32.47 -19.37
CA VAL A 586 8.45 -31.94 -18.10
C VAL A 586 9.50 -32.18 -17.02
N LEU A 587 9.55 -31.28 -16.05
CA LEU A 587 10.51 -31.39 -14.95
C LEU A 587 9.82 -30.96 -13.66
N TYR A 588 9.60 -31.89 -12.75
CA TYR A 588 9.13 -31.59 -11.40
C TYR A 588 10.36 -31.20 -10.59
N GLN A 589 10.42 -29.93 -10.18
CA GLN A 589 11.65 -29.36 -9.66
C GLN A 589 11.73 -29.47 -8.14
N ASP A 590 12.92 -29.78 -7.65
CA ASP A 590 13.20 -29.85 -6.21
C ASP A 590 12.23 -30.79 -5.50
N VAL A 591 11.90 -31.90 -6.17
CA VAL A 591 11.00 -32.90 -5.63
C VAL A 591 11.41 -34.26 -6.19
N ASN A 592 10.83 -35.32 -5.64
CA ASN A 592 11.07 -36.67 -6.08
C ASN A 592 9.76 -37.30 -6.56
N CYS A 593 9.81 -37.91 -7.74
CA CYS A 593 8.61 -38.50 -8.35
C CYS A 593 8.36 -39.87 -7.73
N THR A 594 7.97 -39.84 -6.45
CA THR A 594 7.61 -41.04 -5.70
C THR A 594 6.18 -41.01 -5.21
N GLU A 595 5.70 -39.87 -4.72
CA GLU A 595 4.34 -39.78 -4.21
C GLU A 595 3.30 -39.83 -5.34
N VAL A 596 3.72 -39.72 -6.59
CA VAL A 596 2.79 -39.76 -7.72
C VAL A 596 2.10 -41.11 -7.74
N PRO A 597 0.83 -41.19 -8.15
CA PRO A 597 0.15 -42.50 -8.17
C PRO A 597 0.71 -43.59 -9.10
N VAL A 598 1.23 -44.66 -8.50
CA VAL A 598 1.78 -45.84 -9.17
C VAL A 598 1.44 -47.08 -8.36
N ALA A 599 0.72 -48.01 -8.99
CA ALA A 599 0.19 -49.30 -8.57
C ALA A 599 0.60 -50.48 -9.44
N ILE A 600 1.46 -50.27 -10.44
CA ILE A 600 1.96 -51.27 -11.39
C ILE A 600 3.20 -52.00 -10.88
N HIS A 601 3.85 -51.49 -9.84
CA HIS A 601 5.05 -52.11 -9.28
C HIS A 601 4.87 -52.37 -7.80
N ALA A 602 5.43 -53.49 -7.33
CA ALA A 602 5.43 -53.98 -5.95
C ALA A 602 6.83 -53.87 -5.35
N ASP A 603 6.88 -53.49 -4.08
CA ASP A 603 8.15 -53.31 -3.38
C ASP A 603 8.94 -54.61 -3.38
N GLN A 604 10.09 -54.62 -4.06
CA GLN A 604 11.12 -55.63 -4.26
C GLN A 604 12.35 -55.44 -3.38
N LEU A 605 12.28 -54.56 -2.39
CA LEU A 605 13.42 -54.29 -1.51
C LEU A 605 14.63 -53.84 -2.32
N THR A 606 14.50 -52.72 -3.02
CA THR A 606 15.60 -52.17 -3.80
C THR A 606 16.33 -50.97 -3.21
N PRO A 607 17.66 -50.97 -3.19
CA PRO A 607 18.39 -49.83 -2.59
C PRO A 607 17.99 -48.48 -3.17
N THR A 608 17.74 -48.40 -4.48
CA THR A 608 17.42 -47.12 -5.10
C THR A 608 16.22 -47.15 -6.04
N TRP A 609 15.01 -46.98 -5.49
CA TRP A 609 13.80 -46.77 -6.28
C TRP A 609 13.69 -47.72 -7.47
N ARG A 610 13.96 -49.00 -7.25
CA ARG A 610 13.86 -50.10 -8.22
C ARG A 610 14.34 -49.70 -9.62
N VAL A 611 15.59 -49.25 -9.70
CA VAL A 611 16.24 -48.80 -10.93
C VAL A 611 17.27 -49.83 -11.38
N TYR A 612 16.85 -50.75 -12.25
CA TYR A 612 17.60 -51.82 -12.92
C TYR A 612 17.68 -51.60 -14.43
N SER A 613 18.72 -50.88 -14.82
CA SER A 613 18.91 -50.51 -16.22
C SER A 613 20.23 -51.07 -16.73
N THR A 614 20.24 -51.51 -18.00
CA THR A 614 21.33 -52.07 -18.77
C THR A 614 22.33 -51.01 -19.22
N GLY A 615 21.87 -49.78 -19.36
CA GLY A 615 22.73 -48.72 -19.85
C GLY A 615 22.40 -47.39 -19.23
N SER A 616 22.37 -46.35 -20.08
CA SER A 616 22.17 -44.98 -19.64
C SER A 616 20.72 -44.54 -19.59
N ASN A 617 19.78 -45.46 -19.39
CA ASN A 617 18.34 -45.26 -19.31
C ASN A 617 18.01 -44.20 -18.26
N VAL A 618 16.78 -43.69 -18.29
CA VAL A 618 16.39 -42.61 -17.38
C VAL A 618 16.67 -43.02 -15.94
N PHE A 619 17.33 -42.13 -15.20
CA PHE A 619 17.67 -42.37 -13.80
C PHE A 619 17.29 -41.13 -13.00
N GLN A 620 16.83 -41.35 -11.77
CA GLN A 620 16.35 -40.25 -10.94
C GLN A 620 17.50 -39.29 -10.62
N THR A 621 17.19 -38.00 -10.62
CA THR A 621 18.15 -36.95 -10.32
C THR A 621 17.73 -36.23 -9.03
N ARG A 622 18.75 -35.76 -8.29
CA ARG A 622 18.48 -35.10 -7.01
C ARG A 622 17.84 -33.74 -7.21
N ALA A 623 18.29 -32.98 -8.23
CA ALA A 623 17.74 -31.65 -8.45
C ALA A 623 16.25 -31.69 -8.79
N GLY A 624 15.83 -32.65 -9.61
CA GLY A 624 14.44 -32.77 -9.96
C GLY A 624 14.20 -34.05 -10.75
N CYS A 625 12.93 -34.33 -10.98
CA CYS A 625 12.52 -35.53 -11.72
C CYS A 625 12.06 -35.10 -13.11
N LEU A 626 12.73 -35.62 -14.14
CA LEU A 626 12.49 -35.22 -15.51
C LEU A 626 11.80 -36.34 -16.29
N ILE A 627 10.78 -35.99 -17.05
CA ILE A 627 10.06 -36.91 -17.91
C ILE A 627 10.15 -36.40 -19.34
N GLY A 628 10.52 -37.28 -20.25
CA GLY A 628 10.64 -36.96 -21.66
C GLY A 628 12.06 -36.90 -22.21
N ALA A 629 13.06 -37.25 -21.42
CA ALA A 629 14.44 -37.24 -21.87
C ALA A 629 15.19 -38.41 -21.23
N GLU A 630 16.26 -38.84 -21.90
CA GLU A 630 17.09 -39.94 -21.44
C GLU A 630 18.50 -39.43 -21.21
N HIS A 631 19.07 -39.77 -20.06
CA HIS A 631 20.43 -39.34 -19.75
C HIS A 631 21.42 -40.03 -20.67
N VAL A 632 22.47 -39.30 -21.06
CA VAL A 632 23.51 -39.80 -21.95
C VAL A 632 24.85 -39.53 -21.29
N ASN A 633 25.74 -40.52 -21.32
CA ASN A 633 27.05 -40.36 -20.69
C ASN A 633 27.86 -39.26 -21.38
N ASN A 634 27.79 -39.18 -22.70
CA ASN A 634 28.56 -38.19 -23.43
C ASN A 634 28.10 -36.78 -23.07
N SER A 635 29.02 -35.83 -23.21
CA SER A 635 28.76 -34.44 -22.84
C SER A 635 29.01 -33.55 -24.04
N TYR A 636 28.14 -32.55 -24.23
CA TYR A 636 28.27 -31.61 -25.34
C TYR A 636 28.02 -30.21 -24.79
N GLU A 637 28.02 -29.22 -25.68
CA GLU A 637 27.79 -27.83 -25.29
C GLU A 637 26.36 -27.65 -24.79
N CYS A 638 26.19 -26.80 -23.77
CA CYS A 638 24.87 -26.58 -23.21
C CYS A 638 23.93 -25.97 -24.25
N ASP A 639 22.69 -26.44 -24.27
CA ASP A 639 21.66 -25.92 -25.16
C ASP A 639 20.54 -25.23 -24.41
N ILE A 640 19.92 -25.93 -23.46
CA ILE A 640 18.84 -25.35 -22.65
C ILE A 640 19.20 -25.52 -21.18
N PRO A 641 19.83 -24.53 -20.55
CA PRO A 641 20.27 -24.72 -19.16
C PRO A 641 19.09 -24.97 -18.23
N ILE A 642 19.29 -25.85 -17.25
CA ILE A 642 18.26 -26.19 -16.28
C ILE A 642 18.81 -25.90 -14.88
N GLY A 643 19.88 -26.58 -14.51
CA GLY A 643 20.50 -26.38 -13.21
C GLY A 643 21.49 -27.46 -12.87
N ALA A 644 22.41 -27.17 -11.95
CA ALA A 644 23.43 -28.13 -11.52
C ALA A 644 24.24 -28.66 -12.70
N GLY A 645 24.39 -27.84 -13.74
CA GLY A 645 25.15 -28.24 -14.90
C GLY A 645 24.40 -29.13 -15.87
N ILE A 646 23.10 -29.32 -15.69
CA ILE A 646 22.29 -30.18 -16.53
C ILE A 646 21.62 -29.31 -17.58
N CYS A 647 21.80 -29.66 -18.86
CA CYS A 647 21.22 -28.94 -19.98
C CYS A 647 20.48 -29.92 -20.87
N ALA A 648 19.38 -29.47 -21.47
CA ALA A 648 18.59 -30.32 -22.33
C ALA A 648 18.72 -29.87 -23.78
N SER A 649 18.70 -30.85 -24.69
CA SER A 649 18.81 -30.58 -26.11
C SER A 649 17.90 -31.53 -26.87
N TYR A 650 17.42 -31.08 -28.02
CA TYR A 650 16.50 -31.90 -28.82
C TYR A 650 17.26 -32.91 -29.66
N GLN A 651 18.12 -32.44 -30.56
CA GLN A 651 18.88 -33.32 -31.42
C GLN A 651 20.08 -33.90 -30.67
N THR A 652 20.48 -35.10 -31.08
CA THR A 652 21.59 -35.81 -30.43
C THR A 652 22.91 -35.49 -31.14
N GLN A 653 23.25 -34.21 -31.22
CA GLN A 653 24.42 -33.60 -31.83
C GLN A 653 24.35 -32.10 -31.56
N THR A 654 25.49 -31.44 -31.72
CA THR A 654 25.60 -29.98 -31.56
C THR A 654 26.06 -29.31 -32.84
N ASN A 655 25.32 -28.28 -33.27
CA ASN A 655 25.51 -27.43 -34.44
C ASN A 655 26.05 -28.13 -35.68
N SER A 656 25.37 -29.17 -36.13
CA SER A 656 25.82 -29.91 -37.31
C SER A 656 25.68 -29.08 -38.58
N PRO A 657 26.75 -28.88 -39.35
CA PRO A 657 26.63 -28.11 -40.60
C PRO A 657 25.77 -28.80 -41.65
N GLY A 658 25.54 -30.10 -41.54
CA GLY A 658 24.83 -31.09 -42.32
C GLY A 658 23.41 -31.31 -41.87
N SER A 659 22.88 -32.51 -42.10
CA SER A 659 21.53 -32.99 -41.82
C SER A 659 21.19 -32.89 -40.34
N ALA A 660 19.97 -32.45 -40.05
CA ALA A 660 19.33 -32.26 -38.76
C ALA A 660 18.57 -33.52 -38.35
N SER A 661 17.78 -33.40 -37.29
CA SER A 661 16.98 -34.49 -36.77
C SER A 661 15.85 -34.94 -37.69
N SER A 662 15.30 -36.12 -37.41
CA SER A 662 14.25 -36.71 -38.23
C SER A 662 13.21 -37.36 -37.32
N VAL A 663 12.34 -38.17 -37.90
CA VAL A 663 11.27 -38.84 -37.17
C VAL A 663 11.74 -40.14 -36.52
N ALA A 664 13.04 -40.40 -36.56
CA ALA A 664 13.74 -41.57 -36.05
C ALA A 664 13.75 -41.64 -34.53
N SER A 665 14.45 -42.63 -33.96
CA SER A 665 14.47 -42.84 -32.53
C SER A 665 15.04 -41.66 -31.73
N GLN A 666 15.78 -40.77 -32.38
CA GLN A 666 16.34 -39.63 -31.68
C GLN A 666 15.23 -38.77 -31.07
N SER A 667 15.47 -38.32 -29.84
CA SER A 667 14.49 -37.54 -29.11
C SER A 667 15.23 -36.59 -28.16
N ILE A 668 14.46 -35.90 -27.34
CA ILE A 668 15.01 -34.94 -26.38
C ILE A 668 15.88 -35.68 -25.38
N ILE A 669 17.01 -35.08 -25.02
CA ILE A 669 17.94 -35.66 -24.05
C ILE A 669 18.34 -34.59 -23.05
N ALA A 670 18.76 -35.04 -21.87
CA ALA A 670 19.29 -34.18 -20.81
C ALA A 670 20.65 -34.71 -20.42
N TYR A 671 21.64 -33.83 -20.34
CA TYR A 671 23.03 -34.23 -20.16
C TYR A 671 23.81 -33.14 -19.43
N THR A 672 24.93 -33.55 -18.83
CA THR A 672 25.83 -32.58 -18.21
C THR A 672 26.61 -31.86 -19.29
N MET A 673 26.48 -30.53 -19.33
CA MET A 673 27.12 -29.75 -20.38
C MET A 673 28.64 -29.91 -20.32
N SER A 674 29.24 -30.04 -21.49
CA SER A 674 30.69 -30.19 -21.61
C SER A 674 31.34 -28.86 -21.24
N LEU A 675 32.18 -28.87 -20.22
CA LEU A 675 32.83 -27.66 -19.77
C LEU A 675 33.94 -27.26 -20.73
N GLY A 676 33.63 -26.34 -21.64
CA GLY A 676 34.62 -25.90 -22.60
C GLY A 676 35.05 -27.04 -23.52
N ALA A 677 36.27 -26.91 -24.03
CA ALA A 677 36.87 -27.90 -24.92
C ALA A 677 38.24 -28.28 -24.35
N GLU A 678 38.49 -29.58 -24.27
CA GLU A 678 39.76 -30.06 -23.74
C GLU A 678 40.90 -29.64 -24.67
N ASN A 679 42.02 -29.25 -24.06
CA ASN A 679 43.20 -28.83 -24.82
C ASN A 679 44.43 -29.13 -23.99
N SER A 680 45.57 -29.23 -24.69
CA SER A 680 46.84 -29.49 -24.05
C SER A 680 47.88 -28.54 -24.63
N VAL A 681 48.77 -28.04 -23.77
CA VAL A 681 49.82 -27.11 -24.16
C VAL A 681 51.17 -27.74 -23.85
N ALA A 682 52.06 -27.75 -24.85
CA ALA A 682 53.41 -28.29 -24.68
C ALA A 682 54.27 -27.22 -24.02
N TYR A 683 54.49 -27.36 -22.72
CA TYR A 683 55.25 -26.39 -21.94
C TYR A 683 56.60 -26.97 -21.54
N SER A 684 57.65 -26.19 -21.79
CA SER A 684 59.00 -26.56 -21.38
C SER A 684 59.83 -25.29 -21.21
N ASN A 685 60.94 -25.42 -20.48
CA ASN A 685 61.77 -24.25 -20.20
C ASN A 685 62.45 -23.71 -21.45
N ASN A 686 62.50 -24.49 -22.53
CA ASN A 686 63.20 -24.07 -23.75
C ASN A 686 62.31 -24.13 -24.98
N SER A 687 61.00 -23.97 -24.84
CA SER A 687 60.07 -23.99 -25.96
C SER A 687 59.22 -22.72 -25.93
N ILE A 688 59.06 -22.08 -27.08
CA ILE A 688 58.23 -20.90 -27.23
C ILE A 688 57.39 -21.07 -28.49
N ALA A 689 56.30 -20.30 -28.55
CA ALA A 689 55.41 -20.29 -29.71
C ALA A 689 55.40 -18.88 -30.28
N ILE A 690 55.68 -18.75 -31.57
CA ILE A 690 55.75 -17.47 -32.25
C ILE A 690 54.73 -17.47 -33.39
N PRO A 691 53.90 -16.44 -33.52
CA PRO A 691 52.96 -16.42 -34.65
C PRO A 691 53.67 -16.15 -35.97
N THR A 692 53.31 -16.94 -36.98
CA THR A 692 53.85 -16.76 -38.33
C THR A 692 52.87 -16.07 -39.28
N ASN A 693 51.61 -15.94 -38.88
CA ASN A 693 50.61 -15.26 -39.69
C ASN A 693 49.56 -14.67 -38.76
N PHE A 694 48.81 -13.71 -39.28
CA PHE A 694 47.81 -12.97 -38.51
C PHE A 694 46.53 -12.86 -39.31
N THR A 695 45.43 -12.66 -38.60
CA THR A 695 44.11 -12.49 -39.20
C THR A 695 43.45 -11.28 -38.56
N ILE A 696 42.53 -10.66 -39.30
CA ILE A 696 41.83 -9.45 -38.85
C ILE A 696 40.38 -9.83 -38.63
N SER A 697 40.03 -10.15 -37.39
CA SER A 697 38.66 -10.49 -37.04
C SER A 697 37.90 -9.25 -36.61
N VAL A 698 36.59 -9.24 -36.87
CA VAL A 698 35.72 -8.14 -36.52
C VAL A 698 34.52 -8.68 -35.77
N THR A 699 34.19 -8.04 -34.64
CA THR A 699 33.05 -8.45 -33.84
C THR A 699 32.07 -7.29 -33.70
N THR A 700 30.90 -7.55 -33.13
CA THR A 700 29.88 -6.53 -32.95
C THR A 700 29.37 -6.57 -31.52
N GLU A 701 29.17 -5.38 -30.95
CA GLU A 701 28.63 -5.25 -29.60
C GLU A 701 27.49 -4.24 -29.62
N ILE A 702 26.31 -4.68 -29.20
CA ILE A 702 25.12 -3.84 -29.14
C ILE A 702 24.98 -3.36 -27.70
N LEU A 703 24.88 -2.05 -27.51
CA LEU A 703 24.76 -1.47 -26.18
C LEU A 703 23.55 -0.54 -26.14
N PRO A 704 22.56 -0.81 -25.28
CA PRO A 704 21.44 0.13 -25.14
C PRO A 704 21.92 1.49 -24.64
N VAL A 705 21.25 2.54 -25.13
CA VAL A 705 21.59 3.90 -24.77
C VAL A 705 20.42 4.57 -24.08
N SER A 706 19.24 4.47 -24.67
CA SER A 706 18.02 5.08 -24.14
C SER A 706 16.84 4.13 -24.35
N MET A 707 15.65 4.64 -24.06
CA MET A 707 14.42 3.88 -24.26
C MET A 707 13.26 4.85 -24.45
N THR A 708 12.07 4.29 -24.60
CA THR A 708 10.88 5.10 -24.81
C THR A 708 10.64 6.02 -23.62
N LYS A 709 10.26 7.26 -23.91
CA LYS A 709 9.97 8.25 -22.88
C LYS A 709 8.47 8.22 -22.60
N THR A 710 8.11 7.78 -21.41
CA THR A 710 6.71 7.61 -21.02
C THR A 710 6.32 8.65 -19.98
N SER A 711 5.01 8.86 -19.84
CA SER A 711 4.46 9.78 -18.86
C SER A 711 3.03 9.37 -18.55
N VAL A 712 2.67 9.44 -17.27
CA VAL A 712 1.36 9.03 -16.80
C VAL A 712 0.76 10.18 -15.99
N ASP A 713 -0.49 10.54 -16.30
CA ASP A 713 -1.17 11.58 -15.55
C ASP A 713 -2.11 10.93 -14.52
N CYS A 714 -2.04 11.40 -13.28
CA CYS A 714 -2.87 10.83 -12.23
C CYS A 714 -4.35 11.04 -12.50
N THR A 715 -4.74 12.25 -12.92
CA THR A 715 -6.14 12.58 -13.06
C THR A 715 -6.84 11.62 -14.00
N MET A 716 -6.43 11.59 -15.27
CA MET A 716 -7.10 10.75 -16.25
C MET A 716 -6.98 9.28 -15.89
N TYR A 717 -5.81 8.85 -15.44
CA TYR A 717 -5.60 7.43 -15.17
C TYR A 717 -6.53 6.93 -14.06
N ILE A 718 -6.67 7.71 -12.99
CA ILE A 718 -7.41 7.23 -11.83
C ILE A 718 -8.88 7.64 -11.94
N CYS A 719 -9.13 8.90 -12.30
CA CYS A 719 -10.47 9.48 -12.28
C CYS A 719 -10.88 9.89 -13.70
N GLY A 720 -12.08 9.51 -14.10
CA GLY A 720 -12.64 9.95 -15.36
C GLY A 720 -13.60 11.10 -15.17
N ASP A 721 -13.13 12.33 -15.46
CA ASP A 721 -13.92 13.56 -15.43
C ASP A 721 -14.98 13.55 -14.32
N SER A 722 -14.57 13.18 -13.11
CA SER A 722 -15.46 13.15 -11.95
C SER A 722 -14.87 14.04 -10.87
N THR A 723 -15.67 14.96 -10.35
CA THR A 723 -15.18 15.94 -9.38
C THR A 723 -14.84 15.26 -8.05
N GLU A 724 -15.69 14.35 -7.59
CA GLU A 724 -15.46 13.72 -6.30
C GLU A 724 -14.16 12.92 -6.28
N CYS A 725 -13.91 12.16 -7.36
CA CYS A 725 -12.69 11.37 -7.42
C CYS A 725 -11.46 12.28 -7.41
N SER A 726 -11.52 13.39 -8.15
CA SER A 726 -10.40 14.33 -8.15
C SER A 726 -10.18 14.92 -6.76
N ASN A 727 -11.27 15.29 -6.08
CA ASN A 727 -11.13 15.86 -4.74
C ASN A 727 -10.50 14.85 -3.79
N LEU A 728 -10.93 13.59 -3.86
CA LEU A 728 -10.34 12.56 -3.01
C LEU A 728 -8.88 12.34 -3.35
N LEU A 729 -8.54 12.36 -4.64
CA LEU A 729 -7.16 12.13 -5.05
C LEU A 729 -6.23 13.26 -4.61
N LEU A 730 -6.73 14.50 -4.62
CA LEU A 730 -5.88 15.62 -4.22
C LEU A 730 -5.47 15.53 -2.75
N GLN A 731 -6.15 14.67 -1.98
CA GLN A 731 -5.80 14.53 -0.57
C GLN A 731 -4.36 14.03 -0.42
N TYR A 732 -3.97 13.05 -1.25
CA TYR A 732 -2.59 12.56 -1.18
C TYR A 732 -1.59 13.66 -1.50
N GLY A 733 -1.84 14.45 -2.54
CA GLY A 733 -1.04 15.63 -2.81
C GLY A 733 0.28 15.36 -3.49
N SER A 734 1.36 15.44 -2.72
CA SER A 734 2.70 15.50 -3.29
C SER A 734 3.12 14.21 -3.99
N PHE A 735 2.37 13.11 -3.82
CA PHE A 735 2.74 11.87 -4.48
C PHE A 735 2.82 12.04 -6.00
N CYS A 736 1.76 12.61 -6.59
CA CYS A 736 1.74 12.77 -8.04
C CYS A 736 2.79 13.77 -8.49
N THR A 737 3.00 14.85 -7.73
CA THR A 737 4.02 15.84 -8.06
C THR A 737 5.43 15.25 -8.05
N GLN A 738 5.75 14.40 -7.08
CA GLN A 738 7.05 13.75 -7.04
C GLN A 738 7.21 12.66 -8.09
N LEU A 739 6.14 11.93 -8.41
CA LEU A 739 6.23 10.95 -9.49
C LEU A 739 6.52 11.63 -10.81
N ASN A 740 5.85 12.74 -11.08
CA ASN A 740 6.11 13.49 -12.31
C ASN A 740 7.53 14.02 -12.34
N ARG A 741 8.03 14.51 -11.20
CA ARG A 741 9.41 14.99 -11.14
C ARG A 741 10.39 13.86 -11.41
N ALA A 742 10.13 12.67 -10.85
CA ALA A 742 10.99 11.52 -11.09
C ALA A 742 10.99 11.14 -12.57
N LEU A 743 9.81 11.15 -13.19
CA LEU A 743 9.74 10.84 -14.62
C LEU A 743 10.49 11.86 -15.45
N THR A 744 10.35 13.15 -15.12
CA THR A 744 11.08 14.19 -15.84
C THR A 744 12.58 14.02 -15.67
N GLY A 745 13.04 13.69 -14.47
CA GLY A 745 14.45 13.44 -14.27
C GLY A 745 14.95 12.24 -15.06
N ILE A 746 14.13 11.19 -15.12
CA ILE A 746 14.48 10.01 -15.91
C ILE A 746 14.64 10.40 -17.38
N ALA A 747 13.69 11.17 -17.90
CA ALA A 747 13.79 11.62 -19.29
C ALA A 747 15.03 12.48 -19.51
N VAL A 748 15.33 13.39 -18.59
CA VAL A 748 16.48 14.28 -18.74
C VAL A 748 17.77 13.47 -18.75
N GLU A 749 17.90 12.50 -17.84
CA GLU A 749 19.11 11.69 -17.80
C GLU A 749 19.21 10.79 -19.03
N GLN A 750 18.09 10.28 -19.53
CA GLN A 750 18.12 9.47 -20.74
C GLN A 750 18.60 10.30 -21.93
N ASP A 751 18.12 11.53 -22.07
CA ASP A 751 18.61 12.43 -23.11
C ASP A 751 20.08 12.78 -22.93
N LYS A 752 20.52 13.03 -21.69
CA LYS A 752 21.92 13.36 -21.43
C LYS A 752 22.83 12.19 -21.78
N ASN A 753 22.38 10.96 -21.52
CA ASN A 753 23.18 9.78 -21.86
C ASN A 753 23.42 9.72 -23.36
N THR A 754 22.36 9.93 -24.15
CA THR A 754 22.51 9.94 -25.59
C THR A 754 23.43 11.07 -26.05
N GLN A 755 23.27 12.24 -25.45
CA GLN A 755 24.13 13.37 -25.81
C GLN A 755 25.59 13.05 -25.56
N GLU A 756 25.90 12.48 -24.40
CA GLU A 756 27.29 12.12 -24.10
C GLU A 756 27.80 11.02 -25.02
N VAL A 757 26.97 10.02 -25.31
CA VAL A 757 27.42 8.89 -26.13
C VAL A 757 27.74 9.36 -27.54
N PHE A 758 26.86 10.18 -28.11
CA PHE A 758 26.98 10.57 -29.52
C PHE A 758 27.56 11.98 -29.68
N ALA A 759 26.98 12.97 -29.00
CA ALA A 759 27.41 14.35 -29.15
C ALA A 759 28.64 14.58 -28.29
N GLN A 760 29.80 14.25 -28.86
CA GLN A 760 31.09 14.44 -28.21
C GLN A 760 32.01 15.40 -28.93
N VAL A 761 31.76 15.67 -30.21
CA VAL A 761 32.60 16.57 -31.01
C VAL A 761 31.70 17.69 -31.54
N LYS A 762 32.14 18.94 -31.33
CA LYS A 762 31.37 20.09 -31.79
C LYS A 762 31.49 20.26 -33.30
N GLN A 763 32.60 19.79 -33.87
CA GLN A 763 32.88 19.94 -35.29
C GLN A 763 32.42 18.69 -36.03
N ILE A 764 31.65 18.90 -37.09
CA ILE A 764 31.18 17.78 -37.91
C ILE A 764 32.16 17.54 -39.04
N TYR A 765 32.63 16.30 -39.17
CA TYR A 765 33.58 15.92 -40.19
C TYR A 765 32.87 15.16 -41.32
N LYS A 766 33.43 15.26 -42.52
CA LYS A 766 32.87 14.59 -43.68
C LYS A 766 33.98 13.95 -44.49
N THR A 767 33.66 12.83 -45.13
CA THR A 767 34.63 12.13 -45.95
C THR A 767 34.89 12.90 -47.24
N PRO A 768 36.06 12.71 -47.84
CA PRO A 768 36.38 13.39 -49.10
C PRO A 768 35.53 12.85 -50.23
N PRO A 769 35.36 13.61 -51.32
CA PRO A 769 34.54 13.10 -52.42
C PRO A 769 35.18 11.92 -53.14
N ILE A 770 36.50 11.79 -53.08
CA ILE A 770 37.22 10.66 -53.67
C ILE A 770 37.57 9.69 -52.57
N LYS A 771 37.17 8.43 -52.74
CA LYS A 771 37.36 7.39 -51.74
C LYS A 771 38.61 6.59 -52.10
N ASP A 772 39.75 7.03 -51.59
CA ASP A 772 41.03 6.36 -51.76
C ASP A 772 41.65 6.15 -50.39
N PHE A 773 41.82 4.89 -50.00
CA PHE A 773 42.33 4.53 -48.67
C PHE A 773 43.42 3.48 -48.75
N GLY A 774 44.02 3.27 -49.92
CA GLY A 774 45.06 2.27 -50.08
C GLY A 774 44.55 0.85 -50.20
N GLY A 775 43.25 0.66 -50.38
CA GLY A 775 42.66 -0.65 -50.50
C GLY A 775 41.42 -0.87 -49.65
N PHE A 776 41.25 -0.14 -48.56
CA PHE A 776 40.08 -0.27 -47.71
C PHE A 776 38.86 0.30 -48.40
N ASN A 777 37.71 -0.35 -48.18
CA ASN A 777 36.44 0.05 -48.77
C ASN A 777 35.40 0.16 -47.67
N PHE A 778 35.10 1.39 -47.25
CA PHE A 778 34.10 1.66 -46.22
C PHE A 778 32.76 2.05 -46.80
N SER A 779 32.59 1.99 -48.12
CA SER A 779 31.33 2.40 -48.73
C SER A 779 30.18 1.54 -48.23
N GLN A 780 30.45 0.29 -47.87
CA GLN A 780 29.40 -0.59 -47.36
C GLN A 780 28.82 -0.04 -46.07
N ILE A 781 29.69 0.51 -45.21
CA ILE A 781 29.24 1.01 -43.91
C ILE A 781 29.04 2.53 -43.94
N LEU A 782 29.67 3.22 -44.86
CA LEU A 782 29.49 4.66 -44.97
C LEU A 782 28.11 4.97 -45.56
N PRO A 783 27.57 6.16 -45.29
CA PRO A 783 26.27 6.53 -45.87
C PRO A 783 26.32 6.53 -47.39
N ASP A 784 25.20 6.16 -48.00
CA ASP A 784 25.09 6.15 -49.45
C ASP A 784 24.64 7.54 -49.93
N PRO A 785 25.47 8.27 -50.67
CA PRO A 785 25.04 9.60 -51.14
C PRO A 785 23.78 9.57 -51.98
N SER A 786 23.60 8.54 -52.80
CA SER A 786 22.45 8.46 -53.69
C SER A 786 21.12 8.38 -52.94
N LYS A 787 21.04 7.59 -51.88
CA LYS A 787 19.79 7.45 -51.14
C LYS A 787 19.45 8.78 -50.44
N PRO A 788 18.20 9.21 -50.51
CA PRO A 788 17.85 10.49 -49.85
C PRO A 788 18.10 10.47 -48.35
N SER A 789 17.94 9.32 -47.71
CA SER A 789 18.17 9.19 -46.27
C SER A 789 19.59 8.69 -46.03
N LYS A 790 20.32 9.39 -45.17
CA LYS A 790 21.71 9.05 -44.87
C LYS A 790 21.74 7.95 -43.81
N ARG A 791 21.39 6.74 -44.26
CA ARG A 791 21.40 5.56 -43.42
C ARG A 791 22.36 4.54 -44.01
N SER A 792 23.21 3.97 -43.15
CA SER A 792 24.21 3.02 -43.62
C SER A 792 23.55 1.71 -44.05
N PHE A 793 24.29 0.95 -44.85
CA PHE A 793 23.78 -0.34 -45.34
C PHE A 793 23.52 -1.30 -44.19
N ILE A 794 24.35 -1.24 -43.15
CA ILE A 794 24.19 -2.14 -42.01
C ILE A 794 22.83 -1.92 -41.35
N GLU A 795 22.47 -0.65 -41.13
CA GLU A 795 21.18 -0.35 -40.53
C GLU A 795 20.03 -0.83 -41.42
N ASP A 796 20.17 -0.66 -42.74
CA ASP A 796 19.14 -1.13 -43.65
C ASP A 796 18.95 -2.64 -43.54
N LEU A 797 20.06 -3.39 -43.49
CA LEU A 797 19.95 -4.84 -43.34
C LEU A 797 19.35 -5.20 -41.98
N LEU A 798 19.73 -4.48 -40.93
CA LEU A 798 19.16 -4.76 -39.61
C LEU A 798 17.65 -4.56 -39.63
N PHE A 799 17.18 -3.48 -40.26
CA PHE A 799 15.74 -3.26 -40.39
C PHE A 799 15.08 -4.34 -41.23
N ASN A 800 15.71 -4.75 -42.33
CA ASN A 800 15.14 -5.74 -43.24
C ASN A 800 15.04 -7.12 -42.60
N LYS A 801 15.99 -7.50 -41.77
CA LYS A 801 16.03 -8.85 -41.17
C LYS A 801 14.85 -9.12 -40.26
N VAL A 802 13.97 -8.17 -39.97
CA VAL A 802 12.81 -8.40 -39.12
C VAL A 802 11.61 -8.72 -40.00
N THR A 803 10.70 -9.53 -39.47
CA THR A 803 9.52 -9.94 -40.21
C THR A 803 8.61 -8.75 -40.47
N LEU A 804 8.47 -8.37 -41.74
CA LEU A 804 7.62 -7.27 -42.18
C LEU A 804 6.40 -7.82 -42.93
N ALA A 805 5.56 -6.92 -43.45
CA ALA A 805 4.36 -7.30 -44.19
C ALA A 805 4.42 -6.71 -45.59
N ASP A 806 3.88 -7.45 -46.56
CA ASP A 806 3.74 -7.27 -48.00
C ASP A 806 2.37 -6.81 -48.47
N ALA A 807 1.39 -6.73 -47.58
CA ALA A 807 0.04 -6.29 -47.94
C ALA A 807 -0.10 -4.77 -48.06
N GLY A 808 0.31 -4.25 -49.22
CA GLY A 808 0.25 -2.83 -49.48
C GLY A 808 1.53 -2.29 -50.07
N PHE A 809 1.80 -1.01 -49.85
CA PHE A 809 2.98 -0.28 -50.31
C PHE A 809 3.93 0.12 -49.19
N ILE A 810 5.20 -0.23 -49.33
CA ILE A 810 6.21 0.06 -48.30
C ILE A 810 6.82 1.43 -48.57
N MET A 811 6.14 2.46 -48.09
CA MET A 811 6.61 3.83 -48.23
C MET A 811 7.55 4.36 -47.14
N GLN A 812 7.10 4.32 -45.87
CA GLN A 812 7.94 4.79 -44.78
C GLN A 812 8.29 3.68 -43.80
N TYR A 813 7.30 2.88 -43.40
CA TYR A 813 7.01 1.73 -42.55
C TYR A 813 7.83 1.67 -41.26
N GLY A 814 7.74 2.73 -40.45
CA GLY A 814 8.45 2.78 -39.18
C GLY A 814 9.71 3.62 -39.25
N ASP A 815 9.64 4.83 -38.70
CA ASP A 815 10.78 5.73 -38.66
C ASP A 815 11.50 5.77 -37.31
N CYS A 816 10.87 5.26 -36.25
CA CYS A 816 11.49 5.25 -34.93
C CYS A 816 11.44 3.94 -34.16
N LEU A 817 10.57 3.03 -34.59
CA LEU A 817 10.43 1.74 -33.90
C LEU A 817 11.70 0.89 -33.99
N GLY A 818 11.89 0.05 -32.97
CA GLY A 818 13.09 -0.75 -32.88
C GLY A 818 13.05 -2.02 -33.70
N ASP A 819 13.13 -1.87 -35.03
CA ASP A 819 13.22 -2.64 -36.28
C ASP A 819 11.95 -3.34 -36.77
N MET A 820 10.79 -2.81 -36.42
CA MET A 820 9.46 -3.31 -36.78
C MET A 820 8.68 -2.17 -37.44
N ALA A 821 7.52 -2.52 -37.97
CA ALA A 821 6.43 -1.84 -38.68
C ALA A 821 5.13 -2.15 -37.97
N TYR A 822 4.48 -1.11 -37.45
CA TYR A 822 3.24 -1.24 -36.71
C TYR A 822 2.11 -0.36 -37.23
N ARG A 823 1.00 -0.29 -36.49
CA ARG A 823 -0.13 0.55 -36.87
C ARG A 823 0.17 2.00 -36.52
N ASP A 824 -0.86 2.85 -36.52
CA ASP A 824 -0.92 4.30 -36.37
C ASP A 824 -0.14 4.74 -35.12
N LEU A 825 0.17 6.04 -35.08
CA LEU A 825 1.04 6.73 -34.14
C LEU A 825 0.52 6.62 -32.70
N ILE A 826 1.27 7.17 -31.75
CA ILE A 826 0.98 6.96 -30.33
C ILE A 826 -0.45 7.38 -30.01
N CYS A 827 -0.96 8.38 -30.73
CA CYS A 827 -2.33 8.82 -30.52
C CYS A 827 -3.34 7.69 -30.66
N ALA A 828 -3.05 6.70 -31.52
CA ALA A 828 -3.89 5.52 -31.71
C ALA A 828 -3.94 4.68 -30.45
N GLN A 829 -2.80 4.50 -29.78
CA GLN A 829 -2.58 3.77 -28.54
C GLN A 829 -2.86 4.61 -27.30
N LYS A 830 -3.07 5.91 -27.45
CA LYS A 830 -3.28 6.80 -26.31
C LYS A 830 -4.79 7.01 -26.09
N PHE A 831 -5.38 6.08 -25.35
CA PHE A 831 -6.79 6.13 -24.99
C PHE A 831 -7.01 6.47 -23.52
N ASN A 832 -5.93 6.73 -22.77
CA ASN A 832 -5.88 7.09 -21.35
C ASN A 832 -4.82 8.17 -21.12
N GLY A 833 -4.38 8.83 -22.19
CA GLY A 833 -3.37 9.86 -22.05
C GLY A 833 -1.97 9.35 -21.78
N LEU A 834 -1.65 8.13 -22.20
CA LEU A 834 -0.31 7.58 -22.02
C LEU A 834 0.61 8.18 -23.08
N THR A 835 0.84 9.49 -22.94
CA THR A 835 1.65 10.22 -23.90
C THR A 835 3.09 9.69 -23.90
N VAL A 836 3.68 9.65 -25.09
CA VAL A 836 5.06 9.23 -25.28
C VAL A 836 5.81 10.44 -25.82
N LEU A 837 6.61 11.07 -24.97
CA LEU A 837 7.33 12.28 -25.39
C LEU A 837 8.38 11.91 -26.43
N PRO A 838 8.41 12.58 -27.59
CA PRO A 838 9.44 12.26 -28.57
C PRO A 838 10.86 12.48 -28.10
N PRO A 839 11.80 11.63 -28.51
CA PRO A 839 13.19 11.82 -28.08
C PRO A 839 13.75 13.14 -28.57
N LEU A 840 14.60 13.74 -27.73
CA LEU A 840 15.22 15.01 -28.11
C LEU A 840 16.08 14.86 -29.35
N LEU A 841 16.84 13.76 -29.43
CA LEU A 841 17.71 13.50 -30.57
C LEU A 841 17.01 12.59 -31.56
N THR A 842 17.05 12.99 -32.83
CA THR A 842 16.44 12.23 -33.91
C THR A 842 17.45 11.27 -34.51
N ASP A 843 16.93 10.19 -35.10
CA ASP A 843 17.80 9.17 -35.69
C ASP A 843 18.74 9.75 -36.74
N GLU A 844 18.28 10.76 -37.50
CA GLU A 844 19.14 11.38 -38.49
C GLU A 844 20.35 12.04 -37.82
N MET A 845 20.14 12.71 -36.70
CA MET A 845 21.24 13.33 -35.98
C MET A 845 22.22 12.29 -35.44
N ILE A 846 21.70 11.18 -34.93
CA ILE A 846 22.57 10.10 -34.43
C ILE A 846 23.42 9.55 -35.59
N ALA A 847 22.78 9.33 -36.74
CA ALA A 847 23.51 8.86 -37.91
C ALA A 847 24.56 9.86 -38.37
N GLN A 848 24.25 11.16 -38.34
CA GLN A 848 25.23 12.17 -38.69
C GLN A 848 26.41 12.17 -37.72
N TYR A 849 26.13 12.03 -36.42
CA TYR A 849 27.21 11.96 -35.44
C TYR A 849 28.10 10.73 -35.69
N THR A 850 27.47 9.58 -35.95
CA THR A 850 28.23 8.37 -36.24
C THR A 850 29.08 8.51 -37.49
N SER A 851 28.53 9.09 -38.57
CA SER A 851 29.29 9.33 -39.78
C SER A 851 30.45 10.29 -39.55
N ALA A 852 30.22 11.35 -38.78
CA ALA A 852 31.30 12.31 -38.51
C ALA A 852 32.42 11.64 -37.71
N LEU A 853 32.07 10.86 -36.69
CA LEU A 853 33.09 10.17 -35.91
C LEU A 853 33.86 9.19 -36.78
N LEU A 854 33.16 8.43 -37.61
CA LEU A 854 33.82 7.48 -38.50
C LEU A 854 34.74 8.17 -39.49
N ALA A 855 34.31 9.28 -40.10
CA ALA A 855 35.15 10.05 -40.99
C ALA A 855 36.37 10.63 -40.30
N GLY A 856 36.23 11.14 -39.07
CA GLY A 856 37.35 11.62 -38.32
C GLY A 856 38.34 10.52 -38.03
N THR A 857 37.84 9.34 -37.68
CA THR A 857 38.72 8.20 -37.42
C THR A 857 39.51 7.82 -38.67
N ILE A 858 38.84 7.78 -39.82
CA ILE A 858 39.51 7.41 -41.07
C ILE A 858 40.54 8.47 -41.45
N THR A 859 40.15 9.74 -41.36
CA THR A 859 41.02 10.82 -41.81
C THR A 859 41.91 11.34 -40.68
N SER A 860 41.30 11.76 -39.58
CA SER A 860 42.02 12.38 -38.47
C SER A 860 42.52 11.37 -37.45
N GLY A 861 42.20 10.09 -37.59
CA GLY A 861 42.63 9.12 -36.62
C GLY A 861 42.11 9.45 -35.23
N TRP A 862 42.99 9.31 -34.24
CA TRP A 862 42.64 9.64 -32.86
C TRP A 862 43.04 11.06 -32.48
N THR A 863 43.63 11.82 -33.40
CA THR A 863 44.07 13.18 -33.08
C THR A 863 42.91 14.11 -32.78
N PHE A 864 41.79 13.97 -33.49
CA PHE A 864 40.65 14.86 -33.31
C PHE A 864 40.02 14.71 -31.93
N GLY A 865 40.10 13.54 -31.31
CA GLY A 865 39.54 13.34 -29.98
C GLY A 865 40.40 13.95 -28.90
N ALA A 866 41.69 14.13 -29.19
CA ALA A 866 42.63 14.73 -28.25
C ALA A 866 42.93 16.19 -28.56
N GLY A 867 42.24 16.78 -29.51
CA GLY A 867 42.48 18.15 -29.89
C GLY A 867 42.07 18.38 -31.34
N ALA A 868 42.77 19.31 -31.98
CA ALA A 868 42.49 19.63 -33.37
C ALA A 868 42.75 18.43 -34.26
N ALA A 869 41.88 18.24 -35.24
CA ALA A 869 42.03 17.11 -36.16
C ALA A 869 43.30 17.27 -36.99
N LEU A 870 43.98 16.14 -37.21
CA LEU A 870 45.23 16.11 -37.99
C LEU A 870 45.08 15.06 -39.07
N GLN A 871 44.97 15.50 -40.32
CA GLN A 871 44.80 14.57 -41.43
C GLN A 871 46.02 13.67 -41.57
N ILE A 872 45.78 12.42 -41.93
CA ILE A 872 46.85 11.44 -42.14
C ILE A 872 46.30 10.28 -42.96
N PRO A 873 47.07 9.71 -43.88
CA PRO A 873 46.54 8.60 -44.69
C PRO A 873 46.14 7.42 -43.81
N PHE A 874 45.08 6.73 -44.21
CA PHE A 874 44.61 5.57 -43.44
C PHE A 874 45.68 4.48 -43.40
N ALA A 875 46.34 4.25 -44.53
CA ALA A 875 47.41 3.25 -44.57
C ALA A 875 48.50 3.52 -43.54
N MET A 876 48.73 4.79 -43.20
CA MET A 876 49.71 5.17 -42.19
C MET A 876 49.13 5.13 -40.77
N GLN A 877 47.80 5.08 -40.64
CA GLN A 877 47.18 4.97 -39.32
C GLN A 877 47.37 3.59 -38.72
N MET A 878 47.16 2.54 -39.53
CA MET A 878 47.35 1.18 -39.04
C MET A 878 48.81 0.92 -38.68
N ALA A 879 49.75 1.62 -39.30
CA ALA A 879 51.16 1.44 -38.95
C ALA A 879 51.42 1.78 -37.49
N TYR A 880 50.92 2.93 -37.04
CA TYR A 880 51.09 3.33 -35.65
C TYR A 880 50.33 2.41 -34.70
N ARG A 881 49.12 1.98 -35.08
CA ARG A 881 48.34 1.09 -34.25
C ARG A 881 49.01 -0.25 -34.04
N PHE A 882 49.65 -0.81 -35.07
CA PHE A 882 50.38 -2.06 -34.90
C PHE A 882 51.53 -1.88 -33.90
N ASN A 883 52.27 -0.78 -34.02
CA ASN A 883 53.33 -0.51 -33.05
C ASN A 883 52.77 -0.35 -31.65
N GLY A 884 51.54 0.16 -31.55
CA GLY A 884 50.91 0.27 -30.25
C GLY A 884 50.76 -1.07 -29.56
N ILE A 885 50.47 -2.11 -30.33
CA ILE A 885 50.29 -3.46 -29.80
C ILE A 885 51.58 -4.26 -29.87
N GLY A 886 52.72 -3.60 -30.06
CA GLY A 886 54.00 -4.29 -30.09
C GLY A 886 54.33 -4.96 -31.40
N VAL A 887 53.62 -4.65 -32.48
CA VAL A 887 53.88 -5.21 -33.79
C VAL A 887 54.49 -4.12 -34.67
N THR A 888 55.66 -4.40 -35.24
CA THR A 888 56.31 -3.42 -36.09
C THR A 888 55.49 -3.20 -37.36
N GLN A 889 55.41 -1.94 -37.79
CA GLN A 889 54.57 -1.59 -38.93
C GLN A 889 55.09 -2.19 -40.23
N ASN A 890 56.34 -2.68 -40.24
CA ASN A 890 56.91 -3.21 -41.47
C ASN A 890 56.04 -4.28 -42.09
N VAL A 891 55.40 -5.11 -41.26
CA VAL A 891 54.52 -6.16 -41.79
C VAL A 891 53.37 -5.53 -42.56
N LEU A 892 52.73 -4.52 -41.97
CA LEU A 892 51.56 -3.89 -42.55
C LEU A 892 51.75 -3.64 -44.05
N TYR A 893 52.75 -2.85 -44.39
CA TYR A 893 52.99 -2.52 -45.80
C TYR A 893 53.13 -3.79 -46.63
N GLU A 894 53.96 -4.73 -46.17
CA GLU A 894 54.21 -5.93 -46.95
C GLU A 894 52.92 -6.69 -47.23
N ASN A 895 51.91 -6.52 -46.39
CA ASN A 895 50.61 -7.14 -46.57
C ASN A 895 49.47 -6.12 -46.63
N GLN A 896 49.80 -4.84 -46.80
CA GLN A 896 48.78 -3.79 -46.75
C GLN A 896 47.55 -4.15 -47.55
N LYS A 897 47.70 -4.31 -48.87
CA LYS A 897 46.57 -4.67 -49.71
C LYS A 897 45.87 -5.91 -49.16
N LEU A 898 46.64 -6.96 -48.88
CA LEU A 898 46.05 -8.17 -48.32
C LEU A 898 45.23 -7.85 -47.08
N ILE A 899 45.81 -7.07 -46.17
CA ILE A 899 45.11 -6.70 -44.95
C ILE A 899 43.77 -6.05 -45.30
N ALA A 900 43.79 -5.13 -46.26
CA ALA A 900 42.55 -4.49 -46.68
C ALA A 900 41.51 -5.54 -47.06
N ASN A 901 41.91 -6.52 -47.87
CA ASN A 901 40.99 -7.59 -48.22
C ASN A 901 40.50 -8.30 -46.96
N GLN A 902 41.41 -8.63 -46.05
CA GLN A 902 41.01 -9.25 -44.79
C GLN A 902 39.99 -8.40 -44.07
N PHE A 903 40.14 -7.07 -44.14
CA PHE A 903 39.14 -6.18 -43.57
C PHE A 903 37.84 -6.28 -44.35
N ASN A 904 37.92 -6.17 -45.68
CA ASN A 904 36.71 -6.15 -46.49
C ASN A 904 35.89 -7.41 -46.27
N SER A 905 36.54 -8.58 -46.39
CA SER A 905 35.83 -9.84 -46.18
C SER A 905 35.15 -9.85 -44.82
N ALA A 906 35.80 -9.28 -43.81
CA ALA A 906 35.22 -9.26 -42.47
C ALA A 906 33.86 -8.58 -42.49
N ILE A 907 33.75 -7.47 -43.21
CA ILE A 907 32.46 -6.79 -43.32
C ILE A 907 31.41 -7.75 -43.85
N GLY A 908 31.77 -8.52 -44.88
CA GLY A 908 30.84 -9.51 -45.40
C GLY A 908 30.39 -10.48 -44.32
N LYS A 909 31.33 -10.94 -43.49
CA LYS A 909 30.97 -11.85 -42.41
C LYS A 909 29.91 -11.23 -41.51
N ILE A 910 29.96 -9.91 -41.30
CA ILE A 910 28.95 -9.26 -40.47
C ILE A 910 27.56 -9.56 -41.01
N GLN A 911 27.39 -9.47 -42.33
CA GLN A 911 26.10 -9.81 -42.94
C GLN A 911 25.70 -11.23 -42.58
N ASP A 912 26.66 -12.17 -42.68
CA ASP A 912 26.36 -13.55 -42.30
C ASP A 912 25.93 -13.63 -40.85
N SER A 913 26.56 -12.83 -39.97
CA SER A 913 26.18 -12.84 -38.57
C SER A 913 24.71 -12.51 -38.39
N LEU A 914 24.15 -11.71 -39.31
CA LEU A 914 22.73 -11.41 -39.24
C LEU A 914 21.89 -12.60 -39.72
N SER A 915 22.35 -13.30 -40.75
CA SER A 915 21.59 -14.43 -41.27
C SER A 915 21.70 -15.64 -40.35
N SER A 916 22.89 -15.90 -39.83
CA SER A 916 23.14 -17.07 -39.00
C SER A 916 22.84 -16.83 -37.52
N THR A 917 22.55 -15.60 -37.12
CA THR A 917 22.26 -15.30 -35.72
C THR A 917 21.37 -14.07 -35.65
N ALA A 918 20.15 -14.25 -35.13
CA ALA A 918 19.20 -13.16 -34.94
C ALA A 918 19.22 -12.60 -33.53
N SER A 919 20.12 -13.07 -32.67
CA SER A 919 20.20 -12.63 -31.28
C SER A 919 21.16 -11.47 -31.08
N ALA A 920 21.75 -10.93 -32.14
CA ALA A 920 22.68 -9.83 -32.00
C ALA A 920 22.00 -8.61 -31.36
N LEU A 921 20.78 -8.30 -31.81
CA LEU A 921 20.01 -7.20 -31.26
C LEU A 921 19.10 -7.64 -30.11
N GLY A 922 19.50 -8.70 -29.39
CA GLY A 922 18.64 -9.21 -28.33
C GLY A 922 18.38 -8.21 -27.23
N LYS A 923 19.39 -7.41 -26.89
CA LYS A 923 19.24 -6.46 -25.79
C LYS A 923 18.15 -5.44 -26.07
N LEU A 924 18.22 -4.78 -27.23
CA LEU A 924 17.25 -3.76 -27.57
C LEU A 924 15.85 -4.34 -27.68
N GLN A 925 15.73 -5.49 -28.35
CA GLN A 925 14.42 -6.12 -28.50
C GLN A 925 13.84 -6.51 -27.15
N ASP A 926 14.66 -7.06 -26.25
CA ASP A 926 14.18 -7.43 -24.92
C ASP A 926 13.74 -6.20 -24.14
N VAL A 927 14.50 -5.11 -24.23
CA VAL A 927 14.14 -3.88 -23.51
C VAL A 927 12.80 -3.36 -24.02
N VAL A 928 12.65 -3.31 -25.34
CA VAL A 928 11.39 -2.82 -25.92
C VAL A 928 10.23 -3.71 -25.52
N ASN A 929 10.44 -5.03 -25.56
CA ASN A 929 9.38 -5.96 -25.18
C ASN A 929 8.98 -5.78 -23.73
N GLN A 930 9.98 -5.61 -22.85
CA GLN A 930 9.67 -5.41 -21.43
C GLN A 930 8.90 -4.12 -21.21
N ASN A 931 9.31 -3.03 -21.88
CA ASN A 931 8.61 -1.77 -21.73
C ASN A 931 7.17 -1.88 -22.22
N ALA A 932 6.98 -2.52 -23.38
CA ALA A 932 5.63 -2.68 -23.91
C ALA A 932 4.77 -3.54 -22.99
N GLN A 933 5.34 -4.62 -22.47
CA GLN A 933 4.58 -5.48 -21.56
C GLN A 933 4.20 -4.73 -20.29
N ALA A 934 5.12 -3.95 -19.74
CA ALA A 934 4.79 -3.18 -18.55
C ALA A 934 3.69 -2.16 -18.82
N LEU A 935 3.77 -1.45 -19.95
CA LEU A 935 2.74 -0.47 -20.28
C LEU A 935 1.39 -1.16 -20.46
N ASN A 936 1.37 -2.29 -21.17
CA ASN A 936 0.12 -3.00 -21.40
C ASN A 936 -0.47 -3.50 -20.09
N THR A 937 0.37 -4.04 -19.21
CA THR A 937 -0.11 -4.52 -17.92
C THR A 937 -0.69 -3.37 -17.10
N LEU A 938 -0.01 -2.22 -17.11
CA LEU A 938 -0.53 -1.06 -16.40
C LEU A 938 -1.88 -0.64 -16.97
N VAL A 939 -2.04 -0.75 -18.28
CA VAL A 939 -3.31 -0.39 -18.92
C VAL A 939 -4.42 -1.34 -18.46
N LYS A 940 -4.16 -2.65 -18.50
CA LYS A 940 -5.20 -3.60 -18.13
C LYS A 940 -5.52 -3.50 -16.65
N GLN A 941 -4.56 -3.08 -15.82
CA GLN A 941 -4.82 -2.97 -14.39
C GLN A 941 -5.92 -1.96 -14.09
N LEU A 942 -6.21 -1.05 -15.03
CA LEU A 942 -7.30 -0.11 -14.81
C LEU A 942 -8.63 -0.82 -14.62
N SER A 943 -8.79 -2.00 -15.21
CA SER A 943 -10.04 -2.74 -15.14
C SER A 943 -10.10 -3.69 -13.94
N SER A 944 -9.07 -3.70 -13.10
CA SER A 944 -9.03 -4.54 -11.92
C SER A 944 -10.07 -4.08 -10.90
N ASN A 945 -10.78 -5.05 -10.32
CA ASN A 945 -11.86 -4.73 -9.39
C ASN A 945 -11.33 -4.25 -8.03
N PHE A 946 -10.26 -4.86 -7.53
CA PHE A 946 -9.71 -4.53 -6.21
C PHE A 946 -10.77 -4.72 -5.12
N GLY A 947 -11.62 -5.72 -5.29
CA GLY A 947 -12.62 -6.06 -4.30
C GLY A 947 -13.85 -5.17 -4.28
N ALA A 948 -13.98 -4.25 -5.21
CA ALA A 948 -15.14 -3.37 -5.25
C ALA A 948 -16.31 -4.06 -5.93
N ILE A 949 -17.47 -3.39 -5.89
CA ILE A 949 -18.65 -3.92 -6.57
C ILE A 949 -18.45 -3.90 -8.08
N SER A 950 -17.77 -2.89 -8.60
CA SER A 950 -17.53 -2.77 -10.04
C SER A 950 -16.20 -2.08 -10.26
N SER A 951 -15.65 -2.27 -11.46
CA SER A 951 -14.37 -1.68 -11.83
C SER A 951 -14.52 -0.34 -12.54
N VAL A 952 -15.74 0.15 -12.71
CA VAL A 952 -16.01 1.41 -13.40
C VAL A 952 -16.64 2.38 -12.41
N LEU A 953 -16.05 3.57 -12.30
CA LEU A 953 -16.58 4.56 -11.36
C LEU A 953 -17.99 4.98 -11.72
N ASN A 954 -18.27 5.18 -13.01
CA ASN A 954 -19.60 5.60 -13.42
C ASN A 954 -20.66 4.58 -13.04
N ASP A 955 -20.37 3.29 -13.22
CA ASP A 955 -21.32 2.25 -12.83
C ASP A 955 -21.58 2.28 -11.33
N ILE A 956 -20.52 2.47 -10.54
CA ILE A 956 -20.68 2.54 -9.09
C ILE A 956 -21.57 3.71 -8.71
N LEU A 957 -21.32 4.88 -9.30
CA LEU A 957 -22.12 6.06 -8.99
C LEU A 957 -23.58 5.85 -9.39
N SER A 958 -23.81 5.29 -10.57
CA SER A 958 -25.18 5.12 -11.05
C SER A 958 -25.94 4.11 -10.20
N ARG A 959 -25.35 2.93 -9.98
CA ARG A 959 -26.06 1.89 -9.24
C ARG A 959 -26.05 2.14 -7.74
N LEU A 960 -24.96 2.68 -7.21
CA LEU A 960 -24.79 2.87 -5.77
C LEU A 960 -24.68 4.35 -5.45
N ASP A 961 -25.19 4.71 -4.27
CA ASP A 961 -25.20 6.10 -3.84
C ASP A 961 -23.77 6.61 -3.60
N PRO A 962 -23.53 7.90 -3.79
CA PRO A 962 -22.18 8.44 -3.63
C PRO A 962 -21.64 8.21 -2.22
N PRO A 963 -22.36 8.65 -1.17
CA PRO A 963 -21.74 8.65 0.17
C PRO A 963 -21.25 7.28 0.62
N GLU A 964 -21.98 6.21 0.35
CA GLU A 964 -21.53 4.89 0.77
C GLU A 964 -20.48 4.34 -0.20
N ALA A 965 -20.49 4.84 -1.44
CA ALA A 965 -19.49 4.40 -2.42
C ALA A 965 -18.14 5.01 -2.15
N GLU A 966 -18.05 5.94 -1.19
CA GLU A 966 -16.79 6.61 -0.92
C GLU A 966 -15.70 5.62 -0.54
N VAL A 967 -16.04 4.62 0.27
CA VAL A 967 -15.06 3.62 0.69
C VAL A 967 -14.55 2.84 -0.52
N GLN A 968 -15.44 2.43 -1.41
CA GLN A 968 -15.03 1.68 -2.59
C GLN A 968 -14.14 2.53 -3.49
N ILE A 969 -14.51 3.80 -3.67
CA ILE A 969 -13.69 4.69 -4.49
C ILE A 969 -12.31 4.87 -3.87
N ASP A 970 -12.25 5.04 -2.56
CA ASP A 970 -10.98 5.22 -1.88
C ASP A 970 -10.11 3.98 -2.05
N ARG A 971 -10.70 2.79 -1.91
CA ARG A 971 -9.94 1.56 -2.08
C ARG A 971 -9.43 1.43 -3.51
N LEU A 972 -10.26 1.75 -4.49
CA LEU A 972 -9.82 1.68 -5.88
C LEU A 972 -8.68 2.65 -6.15
N ILE A 973 -8.80 3.87 -5.61
CA ILE A 973 -7.74 4.86 -5.80
C ILE A 973 -6.45 4.39 -5.15
N THR A 974 -6.56 3.80 -3.95
CA THR A 974 -5.37 3.29 -3.27
C THR A 974 -4.70 2.18 -4.08
N GLY A 975 -5.50 1.27 -4.63
CA GLY A 975 -4.94 0.20 -5.45
C GLY A 975 -4.26 0.74 -6.69
N ARG A 976 -4.90 1.70 -7.36
CA ARG A 976 -4.31 2.29 -8.56
C ARG A 976 -3.02 3.04 -8.21
N LEU A 977 -3.00 3.73 -7.07
CA LEU A 977 -1.79 4.42 -6.65
C LEU A 977 -0.66 3.43 -6.35
N GLN A 978 -0.98 2.31 -5.71
CA GLN A 978 0.03 1.31 -5.44
C GLN A 978 0.58 0.74 -6.75
N SER A 979 -0.30 0.47 -7.71
CA SER A 979 0.16 -0.02 -9.01
C SER A 979 1.04 1.01 -9.71
N LEU A 980 0.66 2.28 -9.65
CA LEU A 980 1.48 3.33 -10.26
C LEU A 980 2.83 3.43 -9.59
N GLN A 981 2.87 3.32 -8.26
CA GLN A 981 4.15 3.35 -7.56
C GLN A 981 5.04 2.18 -7.96
N THR A 982 4.45 0.99 -8.08
CA THR A 982 5.23 -0.17 -8.50
C THR A 982 5.77 0.04 -9.91
N TYR A 983 4.94 0.56 -10.81
CA TYR A 983 5.38 0.81 -12.18
C TYR A 983 6.50 1.84 -12.21
N VAL A 984 6.38 2.89 -11.39
CA VAL A 984 7.41 3.93 -11.37
C VAL A 984 8.71 3.37 -10.81
N THR A 985 8.63 2.51 -9.79
CA THR A 985 9.83 1.87 -9.26
C THR A 985 10.50 1.01 -10.32
N GLN A 986 9.71 0.23 -11.05
CA GLN A 986 10.29 -0.58 -12.14
C GLN A 986 10.92 0.33 -13.19
N GLN A 987 10.28 1.46 -13.49
CA GLN A 987 10.85 2.41 -14.45
C GLN A 987 12.18 2.96 -13.95
N LEU A 988 12.27 3.22 -12.64
CA LEU A 988 13.54 3.66 -12.06
C LEU A 988 14.63 2.61 -12.23
N ILE A 989 14.29 1.34 -11.99
CA ILE A 989 15.29 0.28 -12.19
C ILE A 989 15.72 0.21 -13.64
N ARG A 990 14.76 0.31 -14.56
CA ARG A 990 15.09 0.29 -15.98
C ARG A 990 15.96 1.48 -16.37
N ALA A 991 15.67 2.67 -15.82
CA ALA A 991 16.47 3.84 -16.10
C ALA A 991 17.89 3.68 -15.58
N ALA A 992 18.05 3.13 -14.38
CA ALA A 992 19.37 2.82 -13.86
C ALA A 992 20.12 1.83 -14.74
N GLU A 993 19.44 0.79 -15.21
CA GLU A 993 20.05 -0.14 -16.16
C GLU A 993 20.50 0.54 -17.44
N ILE A 994 19.65 1.39 -18.00
CA ILE A 994 19.96 2.05 -19.26
C ILE A 994 21.12 3.02 -19.09
N ARG A 995 21.14 3.77 -17.98
CA ARG A 995 22.26 4.68 -17.75
C ARG A 995 23.57 3.92 -17.55
N ALA A 996 23.52 2.81 -16.84
CA ALA A 996 24.69 1.97 -16.66
C ALA A 996 25.23 1.43 -17.98
N SER A 997 24.34 0.98 -18.87
CA SER A 997 24.77 0.59 -20.21
C SER A 997 25.32 1.75 -21.01
N ALA A 998 24.69 2.92 -20.92
CA ALA A 998 25.11 4.07 -21.73
C ALA A 998 26.47 4.59 -21.27
N ASN A 999 26.75 4.54 -19.97
CA ASN A 999 28.05 4.97 -19.48
C ASN A 999 29.16 4.08 -20.05
N LEU A 1000 28.94 2.77 -20.05
CA LEU A 1000 29.92 1.86 -20.65
C LEU A 1000 30.05 2.11 -22.14
N ALA A 1001 28.93 2.36 -22.83
CA ALA A 1001 28.98 2.64 -24.25
C ALA A 1001 29.81 3.90 -24.53
N ALA A 1002 29.59 4.95 -23.75
CA ALA A 1002 30.35 6.18 -23.91
C ALA A 1002 31.83 5.98 -23.60
N THR A 1003 32.15 5.21 -22.55
CA THR A 1003 33.54 4.93 -22.24
C THR A 1003 34.21 4.19 -23.39
N LYS A 1004 33.52 3.20 -23.96
CA LYS A 1004 34.08 2.48 -25.11
C LYS A 1004 34.26 3.40 -26.30
N MET A 1005 33.28 4.27 -26.56
CA MET A 1005 33.40 5.22 -27.66
C MET A 1005 34.62 6.12 -27.46
N SER A 1006 34.80 6.63 -26.26
CA SER A 1006 35.97 7.48 -25.98
C SER A 1006 37.26 6.69 -26.16
N GLU A 1007 37.28 5.43 -25.71
CA GLU A 1007 38.47 4.60 -25.78
C GLU A 1007 38.55 3.79 -27.06
N CYS A 1008 37.56 2.93 -27.31
CA CYS A 1008 37.61 2.01 -28.44
C CYS A 1008 37.60 2.77 -29.77
N VAL A 1009 36.75 3.80 -29.89
CA VAL A 1009 36.55 4.43 -31.19
C VAL A 1009 37.52 5.61 -31.37
N LEU A 1010 37.43 6.60 -30.49
CA LEU A 1010 38.26 7.80 -30.65
C LEU A 1010 39.74 7.47 -30.55
N GLY A 1011 40.13 6.63 -29.59
CA GLY A 1011 41.53 6.29 -29.41
C GLY A 1011 41.79 4.80 -29.49
N GLN A 1012 42.94 4.37 -29.00
CA GLN A 1012 43.31 2.96 -28.95
C GLN A 1012 43.43 2.55 -27.49
N SER A 1013 42.73 1.49 -27.11
CA SER A 1013 42.69 1.04 -25.72
C SER A 1013 43.58 -0.18 -25.54
N LYS A 1014 44.43 -0.13 -24.51
CA LYS A 1014 45.28 -1.25 -24.15
C LYS A 1014 44.58 -2.26 -23.25
N ARG A 1015 43.34 -1.99 -22.84
CA ARG A 1015 42.62 -2.90 -21.97
C ARG A 1015 42.24 -4.15 -22.75
N VAL A 1016 42.47 -5.32 -22.13
CA VAL A 1016 42.21 -6.58 -22.79
C VAL A 1016 40.73 -6.93 -22.71
N ASP A 1017 40.18 -7.40 -23.82
CA ASP A 1017 38.78 -7.84 -23.89
C ASP A 1017 37.80 -6.71 -23.59
N PHE A 1018 38.28 -5.46 -23.64
CA PHE A 1018 37.38 -4.33 -23.43
C PHE A 1018 36.80 -3.85 -24.76
N CYS A 1019 37.63 -3.77 -25.79
CA CYS A 1019 37.22 -3.35 -27.13
C CYS A 1019 37.13 -4.54 -28.07
N GLY A 1020 36.68 -5.68 -27.56
CA GLY A 1020 36.56 -6.88 -28.36
C GLY A 1020 37.73 -7.82 -28.15
N LYS A 1021 37.50 -9.10 -28.45
CA LYS A 1021 38.54 -10.10 -28.28
C LYS A 1021 39.71 -9.82 -29.19
N GLY A 1022 40.92 -10.06 -28.69
CA GLY A 1022 42.14 -9.83 -29.43
C GLY A 1022 42.65 -8.41 -29.25
N TYR A 1023 43.89 -8.23 -29.70
CA TYR A 1023 44.52 -6.92 -29.59
C TYR A 1023 43.72 -5.89 -30.40
N HIS A 1024 43.40 -4.78 -29.74
CA HIS A 1024 42.54 -3.75 -30.31
C HIS A 1024 43.30 -2.95 -31.35
N LEU A 1025 42.69 -2.76 -32.52
CA LEU A 1025 43.21 -1.88 -33.56
C LEU A 1025 42.37 -0.62 -33.71
N MET A 1026 41.05 -0.75 -33.84
CA MET A 1026 40.17 0.41 -33.95
C MET A 1026 38.73 -0.07 -33.76
N SER A 1027 37.80 0.89 -33.75
CA SER A 1027 36.39 0.58 -33.57
C SER A 1027 35.56 1.57 -34.37
N PHE A 1028 34.45 1.07 -34.93
CA PHE A 1028 33.55 1.88 -35.74
C PHE A 1028 32.20 1.94 -35.03
N PRO A 1029 31.64 3.13 -34.81
CA PRO A 1029 30.30 3.21 -34.22
C PRO A 1029 29.21 3.22 -35.28
N GLN A 1030 28.03 2.74 -34.87
CA GLN A 1030 26.87 2.72 -35.75
C GLN A 1030 25.62 2.99 -34.92
N SER A 1031 24.67 3.72 -35.50
CA SER A 1031 23.43 4.03 -34.82
C SER A 1031 22.52 2.79 -34.76
N ALA A 1032 21.69 2.76 -33.73
CA ALA A 1032 20.71 1.69 -33.55
C ALA A 1032 19.53 2.25 -32.79
N PRO A 1033 18.31 1.76 -33.04
CA PRO A 1033 17.13 2.32 -32.37
C PRO A 1033 17.24 2.15 -30.86
N HIS A 1034 17.31 3.27 -30.15
CA HIS A 1034 17.47 3.26 -28.70
C HIS A 1034 18.71 2.46 -28.29
N GLY A 1035 19.78 2.62 -29.06
CA GLY A 1035 21.00 1.91 -28.76
C GLY A 1035 22.11 2.30 -29.72
N VAL A 1036 23.27 1.68 -29.51
CA VAL A 1036 24.44 1.91 -30.35
C VAL A 1036 25.08 0.56 -30.64
N VAL A 1037 25.86 0.50 -31.71
CA VAL A 1037 26.57 -0.71 -32.12
C VAL A 1037 28.04 -0.36 -32.32
N PHE A 1038 28.92 -1.21 -31.83
CA PHE A 1038 30.36 -1.04 -32.01
C PHE A 1038 30.93 -2.22 -32.78
N LEU A 1039 31.63 -1.93 -33.88
CA LEU A 1039 32.33 -2.93 -34.67
C LEU A 1039 33.80 -2.79 -34.38
N HIS A 1040 34.37 -3.78 -33.68
CA HIS A 1040 35.76 -3.71 -33.20
C HIS A 1040 36.67 -4.44 -34.19
N VAL A 1041 37.51 -3.68 -34.88
CA VAL A 1041 38.55 -4.26 -35.72
C VAL A 1041 39.77 -4.50 -34.84
N THR A 1042 40.21 -5.75 -34.75
CA THR A 1042 41.25 -6.16 -33.84
C THR A 1042 42.32 -6.96 -34.59
N TYR A 1043 43.42 -7.23 -33.89
CA TYR A 1043 44.54 -8.00 -34.42
C TYR A 1043 44.59 -9.32 -33.67
N VAL A 1044 44.56 -10.43 -34.41
CA VAL A 1044 44.54 -11.77 -33.84
C VAL A 1044 45.54 -12.62 -34.61
N PRO A 1045 46.45 -13.34 -33.94
CA PRO A 1045 47.33 -14.25 -34.67
C PRO A 1045 46.56 -15.35 -35.37
N ALA A 1046 47.10 -15.80 -36.50
CA ALA A 1046 46.47 -16.84 -37.31
C ALA A 1046 47.24 -18.15 -37.27
N GLN A 1047 48.53 -18.13 -37.57
CA GLN A 1047 49.36 -19.33 -37.61
C GLN A 1047 50.51 -19.17 -36.62
N GLU A 1048 50.76 -20.21 -35.84
CA GLU A 1048 51.82 -20.21 -34.84
C GLU A 1048 52.74 -21.41 -35.04
N LYS A 1049 54.02 -21.21 -34.73
CA LYS A 1049 55.04 -22.24 -34.90
C LYS A 1049 55.89 -22.30 -33.64
N ASN A 1050 56.40 -23.49 -33.33
CA ASN A 1050 57.23 -23.67 -32.16
C ASN A 1050 58.69 -23.39 -32.46
N PHE A 1051 59.42 -22.93 -31.45
CA PHE A 1051 60.82 -22.60 -31.58
C PHE A 1051 61.51 -22.85 -30.24
N THR A 1052 62.83 -22.96 -30.29
CA THR A 1052 63.66 -23.12 -29.11
C THR A 1052 64.24 -21.77 -28.73
N THR A 1053 63.98 -21.34 -27.51
CA THR A 1053 64.39 -20.03 -27.02
C THR A 1053 65.33 -20.18 -25.83
N ALA A 1054 66.18 -19.17 -25.64
CA ALA A 1054 67.12 -19.14 -24.54
C ALA A 1054 66.96 -17.81 -23.82
N PRO A 1055 67.25 -17.73 -22.52
CA PRO A 1055 67.06 -16.46 -21.80
C PRO A 1055 67.92 -15.32 -22.35
N ALA A 1056 69.12 -15.60 -22.84
CA ALA A 1056 70.00 -14.57 -23.35
C ALA A 1056 71.17 -15.24 -24.06
N ILE A 1057 72.12 -14.40 -24.52
CA ILE A 1057 73.32 -14.87 -25.20
C ILE A 1057 74.51 -14.15 -24.60
N CYS A 1058 75.51 -14.92 -24.16
CA CYS A 1058 76.73 -14.34 -23.61
C CYS A 1058 77.92 -15.00 -24.31
N HIS A 1059 78.60 -14.24 -25.18
CA HIS A 1059 79.60 -14.79 -26.08
C HIS A 1059 81.01 -14.69 -25.53
N ASP A 1060 81.47 -13.48 -25.20
CA ASP A 1060 82.84 -13.27 -24.72
C ASP A 1060 82.88 -12.88 -23.25
N GLY A 1061 81.99 -13.45 -22.42
CA GLY A 1061 81.90 -13.13 -21.02
C GLY A 1061 80.87 -12.07 -20.71
N LYS A 1062 80.47 -11.29 -21.72
CA LYS A 1062 79.44 -10.28 -21.54
C LYS A 1062 78.12 -10.76 -22.15
N ALA A 1063 77.05 -10.60 -21.37
CA ALA A 1063 75.73 -11.03 -21.80
C ALA A 1063 75.18 -10.07 -22.85
N HIS A 1064 74.13 -10.53 -23.55
CA HIS A 1064 73.49 -9.73 -24.59
C HIS A 1064 71.99 -9.96 -24.50
N PHE A 1065 71.29 -8.99 -23.93
CA PHE A 1065 69.85 -9.09 -23.73
C PHE A 1065 69.11 -8.37 -24.85
N PRO A 1066 67.96 -8.87 -25.27
CA PRO A 1066 67.26 -8.24 -26.40
C PRO A 1066 66.48 -7.01 -25.95
N ARG A 1067 66.76 -5.89 -26.60
CA ARG A 1067 65.99 -4.67 -26.34
C ARG A 1067 64.53 -4.86 -26.74
N GLU A 1068 64.30 -5.47 -27.89
CA GLU A 1068 62.94 -5.78 -28.35
C GLU A 1068 62.99 -7.09 -29.11
N GLY A 1069 62.05 -7.98 -28.82
CA GLY A 1069 62.01 -9.27 -29.50
C GLY A 1069 62.63 -10.38 -28.67
N VAL A 1070 62.24 -11.61 -29.00
CA VAL A 1070 62.72 -12.78 -28.27
C VAL A 1070 63.52 -13.67 -29.22
N PHE A 1071 64.64 -14.20 -28.71
CA PHE A 1071 65.47 -15.09 -29.50
C PHE A 1071 64.74 -16.39 -29.81
N VAL A 1072 64.98 -16.91 -31.01
CA VAL A 1072 64.40 -18.16 -31.48
C VAL A 1072 65.50 -18.98 -32.14
N SER A 1073 65.24 -20.28 -32.30
CA SER A 1073 66.18 -21.19 -32.92
C SER A 1073 65.43 -22.22 -33.74
N ASN A 1074 65.99 -22.57 -34.90
CA ASN A 1074 65.45 -23.62 -35.75
C ASN A 1074 66.17 -24.95 -35.54
N GLY A 1075 67.05 -25.04 -34.55
CA GLY A 1075 67.81 -26.24 -34.28
C GLY A 1075 69.28 -26.13 -34.62
N THR A 1076 69.64 -25.26 -35.56
CA THR A 1076 71.04 -25.06 -35.94
C THR A 1076 71.50 -23.62 -35.73
N HIS A 1077 70.70 -22.64 -36.14
CA HIS A 1077 71.07 -21.23 -36.04
C HIS A 1077 70.16 -20.51 -35.05
N TRP A 1078 70.71 -19.47 -34.42
CA TRP A 1078 69.95 -18.63 -33.50
C TRP A 1078 69.66 -17.29 -34.16
N PHE A 1079 68.39 -16.89 -34.11
CA PHE A 1079 67.94 -15.64 -34.72
C PHE A 1079 67.17 -14.83 -33.69
N VAL A 1080 66.93 -13.57 -34.00
CA VAL A 1080 66.16 -12.66 -33.14
C VAL A 1080 64.94 -12.21 -33.93
N THR A 1081 63.77 -12.32 -33.33
CA THR A 1081 62.51 -11.95 -33.96
C THR A 1081 61.72 -11.07 -33.01
N GLN A 1082 60.87 -10.22 -33.59
CA GLN A 1082 60.09 -9.28 -32.82
C GLN A 1082 58.99 -9.99 -32.03
N ARG A 1083 58.42 -9.26 -31.06
CA ARG A 1083 57.63 -9.87 -30.00
C ARG A 1083 56.40 -10.61 -30.51
N ASN A 1084 55.58 -9.97 -31.34
CA ASN A 1084 54.26 -10.48 -31.68
C ASN A 1084 54.16 -11.03 -33.09
N PHE A 1085 55.27 -11.18 -33.81
CA PHE A 1085 55.23 -11.72 -35.16
C PHE A 1085 56.61 -12.26 -35.51
N TYR A 1086 56.63 -13.27 -36.38
CA TYR A 1086 57.88 -13.92 -36.78
C TYR A 1086 58.61 -13.09 -37.83
N GLU A 1087 59.82 -12.65 -37.50
CA GLU A 1087 60.63 -11.85 -38.42
C GLU A 1087 62.10 -12.00 -38.02
N PRO A 1088 62.68 -13.16 -38.27
CA PRO A 1088 64.06 -13.40 -37.84
C PRO A 1088 65.04 -12.45 -38.55
N GLN A 1089 66.07 -12.06 -37.80
CA GLN A 1089 67.11 -11.19 -38.32
C GLN A 1089 68.43 -11.58 -37.68
N ILE A 1090 69.53 -11.19 -38.34
CA ILE A 1090 70.85 -11.46 -37.79
C ILE A 1090 71.03 -10.66 -36.50
N ILE A 1091 71.58 -11.30 -35.48
CA ILE A 1091 71.80 -10.67 -34.19
C ILE A 1091 72.96 -9.69 -34.32
N THR A 1092 72.72 -8.44 -33.91
CA THR A 1092 73.72 -7.39 -33.98
C THR A 1092 73.71 -6.60 -32.69
N THR A 1093 74.83 -5.91 -32.43
CA THR A 1093 74.94 -5.10 -31.21
C THR A 1093 73.93 -3.97 -31.19
N ASP A 1094 73.39 -3.57 -32.34
CA ASP A 1094 72.40 -2.51 -32.38
C ASP A 1094 71.11 -2.87 -31.66
N ASN A 1095 70.63 -4.11 -31.79
CA ASN A 1095 69.37 -4.52 -31.20
C ASN A 1095 69.52 -5.12 -29.81
N THR A 1096 70.74 -5.18 -29.27
CA THR A 1096 70.97 -5.75 -27.95
C THR A 1096 72.01 -4.92 -27.23
N PHE A 1097 71.98 -4.99 -25.89
CA PHE A 1097 72.96 -4.31 -25.04
C PHE A 1097 73.53 -5.29 -24.01
N VAL A 1098 74.61 -4.86 -23.37
CA VAL A 1098 75.38 -5.71 -22.46
C VAL A 1098 74.93 -5.43 -21.03
N SER A 1099 74.59 -6.49 -20.31
CA SER A 1099 74.20 -6.40 -18.90
C SER A 1099 74.43 -7.76 -18.26
N GLY A 1100 75.42 -7.84 -17.38
CA GLY A 1100 75.72 -9.09 -16.71
C GLY A 1100 76.72 -9.95 -17.47
N ASN A 1101 77.05 -11.08 -16.86
CA ASN A 1101 78.03 -12.02 -17.40
C ASN A 1101 77.35 -13.33 -17.78
N CYS A 1102 78.15 -14.25 -18.31
CA CYS A 1102 77.63 -15.58 -18.65
C CYS A 1102 77.12 -16.30 -17.40
N ASP A 1103 77.88 -16.23 -16.30
CA ASP A 1103 77.57 -16.99 -15.10
C ASP A 1103 76.26 -16.54 -14.47
N VAL A 1104 76.02 -15.22 -14.43
CA VAL A 1104 74.88 -14.70 -13.69
C VAL A 1104 73.57 -15.25 -14.26
N VAL A 1105 73.47 -15.33 -15.59
CA VAL A 1105 72.25 -15.82 -16.19
C VAL A 1105 72.16 -17.34 -16.01
N ILE A 1106 70.94 -17.85 -15.94
CA ILE A 1106 70.68 -19.28 -15.76
C ILE A 1106 70.00 -19.77 -17.03
N GLY A 1107 70.54 -20.85 -17.61
CA GLY A 1107 70.05 -21.37 -18.87
C GLY A 1107 70.59 -20.66 -20.09
N ILE A 1108 71.56 -19.77 -19.93
CA ILE A 1108 72.08 -19.01 -21.06
C ILE A 1108 72.79 -19.94 -22.04
N VAL A 1109 72.89 -19.47 -23.29
CA VAL A 1109 73.55 -20.22 -24.36
C VAL A 1109 74.55 -19.31 -25.04
N ASN A 1110 75.51 -19.93 -25.72
CA ASN A 1110 76.58 -19.21 -26.40
C ASN A 1110 76.30 -19.13 -27.89
N ASN A 1111 76.56 -17.95 -28.46
CA ASN A 1111 76.36 -17.71 -29.88
C ASN A 1111 77.22 -16.52 -30.28
N THR A 1112 77.39 -16.33 -31.58
CA THR A 1112 78.18 -15.24 -32.13
C THR A 1112 77.25 -14.11 -32.53
N VAL A 1113 77.65 -12.87 -32.23
CA VAL A 1113 76.87 -11.68 -32.54
C VAL A 1113 77.59 -10.93 -33.65
N TYR A 1114 76.88 -10.60 -34.72
CA TYR A 1114 77.47 -9.89 -35.83
C TYR A 1114 77.79 -8.47 -35.40
N ASP A 1115 79.08 -8.12 -35.47
CA ASP A 1115 79.54 -6.79 -35.12
C ASP A 1115 79.82 -6.00 -36.39
N PRO A 1116 79.03 -4.97 -36.72
CA PRO A 1116 79.31 -4.22 -37.96
C PRO A 1116 80.68 -3.58 -37.98
N LEU A 1117 81.25 -3.27 -36.81
CA LEU A 1117 82.55 -2.62 -36.78
C LEU A 1117 83.65 -3.53 -37.34
N GLN A 1118 83.58 -4.83 -37.05
CA GLN A 1118 84.66 -5.74 -37.45
C GLN A 1118 84.94 -5.75 -38.93
N PRO A 1119 83.96 -5.92 -39.82
CA PRO A 1119 84.27 -5.91 -41.26
C PRO A 1119 84.89 -4.61 -41.74
N GLU A 1120 84.50 -3.47 -41.16
CA GLU A 1120 85.07 -2.20 -41.57
C GLU A 1120 86.57 -2.15 -41.32
N LEU A 1121 87.00 -2.65 -40.16
CA LEU A 1121 88.42 -2.64 -39.82
C LEU A 1121 89.24 -3.55 -40.72
N ASP A 1122 88.61 -4.52 -41.39
CA ASP A 1122 89.35 -5.41 -42.28
C ASP A 1122 90.01 -4.64 -43.43
N SER A 1123 89.28 -3.70 -44.02
CA SER A 1123 89.82 -2.92 -45.13
C SER A 1123 90.75 -1.84 -44.63
N PRO B 1 -22.79 53.95 -21.77
CA PRO B 1 -22.41 52.56 -21.52
C PRO B 1 -21.32 52.42 -20.46
N PRO B 2 -21.16 51.20 -19.91
CA PRO B 2 -20.13 51.01 -18.88
C PRO B 2 -18.74 51.30 -19.43
N ALA B 3 -17.88 51.87 -18.59
CA ALA B 3 -16.51 52.21 -18.95
C ALA B 3 -15.57 51.24 -18.26
N TYR B 4 -14.99 50.33 -19.04
CA TYR B 4 -14.05 49.36 -18.50
C TYR B 4 -12.65 49.99 -18.37
N THR B 5 -11.93 49.55 -17.34
CA THR B 5 -10.58 50.04 -17.09
C THR B 5 -9.79 48.93 -16.41
N ASN B 6 -8.47 49.05 -16.48
CA ASN B 6 -7.56 48.06 -15.91
C ASN B 6 -7.59 48.16 -14.39
N SER B 7 -7.68 47.01 -13.72
CA SER B 7 -7.69 46.97 -12.27
C SER B 7 -6.28 46.82 -11.72
N PHE B 8 -5.83 47.81 -10.94
CA PHE B 8 -4.50 47.78 -10.36
C PHE B 8 -4.35 46.59 -9.43
N THR B 9 -3.13 46.35 -8.95
CA THR B 9 -2.83 45.24 -8.06
C THR B 9 -3.43 45.41 -6.67
N ARG B 10 -3.98 46.58 -6.35
CA ARG B 10 -4.57 46.78 -5.04
C ARG B 10 -5.76 45.85 -4.84
N GLY B 11 -5.93 45.40 -3.60
CA GLY B 11 -7.02 44.51 -3.24
C GLY B 11 -6.58 43.17 -2.69
N VAL B 12 -5.39 43.06 -2.12
CA VAL B 12 -4.90 41.82 -1.54
C VAL B 12 -5.08 41.89 -0.02
N TYR B 13 -5.29 40.73 0.59
CA TYR B 13 -5.45 40.65 2.03
C TYR B 13 -4.91 39.31 2.51
N TYR B 14 -4.56 39.27 3.79
CA TYR B 14 -4.00 38.05 4.39
C TYR B 14 -5.10 37.00 4.52
N PRO B 15 -4.92 35.78 3.98
CA PRO B 15 -5.94 34.75 4.17
C PRO B 15 -6.25 34.46 5.63
N ASP B 16 -5.26 34.53 6.52
CA ASP B 16 -5.47 34.26 7.93
C ASP B 16 -4.42 35.03 8.72
N LYS B 17 -4.31 34.73 10.02
CA LYS B 17 -3.37 35.39 10.91
C LYS B 17 -2.03 34.67 10.99
N VAL B 18 -1.83 33.61 10.21
CA VAL B 18 -0.58 32.87 10.27
C VAL B 18 0.59 33.78 9.91
N PHE B 19 1.72 33.58 10.58
CA PHE B 19 2.92 34.36 10.38
C PHE B 19 3.92 33.57 9.54
N ARG B 20 4.48 34.22 8.52
CA ARG B 20 5.45 33.61 7.65
C ARG B 20 6.48 34.65 7.25
N SER B 21 7.65 34.17 6.82
CA SER B 21 8.73 35.06 6.42
C SER B 21 9.64 34.34 5.43
N SER B 22 9.95 35.02 4.32
CA SER B 22 10.90 34.50 3.33
C SER B 22 10.45 33.15 2.78
N VAL B 23 9.15 32.90 2.74
CA VAL B 23 8.59 31.67 2.19
C VAL B 23 7.39 32.05 1.34
N LEU B 24 7.34 31.51 0.12
CA LEU B 24 6.20 31.73 -0.75
C LEU B 24 5.06 30.79 -0.36
N HIS B 25 3.86 31.35 -0.24
CA HIS B 25 2.70 30.58 0.21
C HIS B 25 1.59 30.70 -0.82
N SER B 26 1.06 29.57 -1.26
CA SER B 26 -0.08 29.58 -2.17
C SER B 26 -1.39 29.54 -1.39
N THR B 27 -2.40 30.23 -1.92
CA THR B 27 -3.70 30.28 -1.26
C THR B 27 -4.79 30.34 -2.32
N GLN B 28 -5.74 29.41 -2.23
CA GLN B 28 -6.86 29.32 -3.15
C GLN B 28 -8.11 29.78 -2.40
N ASP B 29 -8.46 31.06 -2.56
CA ASP B 29 -9.61 31.64 -1.89
C ASP B 29 -10.10 32.82 -2.70
N LEU B 30 -11.30 33.29 -2.37
CA LEU B 30 -11.91 34.39 -3.11
C LEU B 30 -11.06 35.64 -2.98
N PHE B 31 -10.31 35.96 -4.05
CA PHE B 31 -9.41 37.10 -4.09
C PHE B 31 -9.76 37.95 -5.30
N LEU B 32 -9.08 39.09 -5.41
CA LEU B 32 -9.30 40.01 -6.52
C LEU B 32 -8.31 39.70 -7.64
N PRO B 33 -8.74 39.25 -8.81
CA PRO B 33 -7.79 38.98 -9.89
C PRO B 33 -7.00 40.22 -10.27
N PHE B 34 -5.73 40.02 -10.59
CA PHE B 34 -4.86 41.12 -10.98
C PHE B 34 -5.05 41.48 -12.44
N PHE B 35 -5.00 42.77 -12.73
CA PHE B 35 -5.10 43.30 -14.09
C PHE B 35 -6.44 42.97 -14.74
N SER B 36 -7.47 42.74 -13.93
CA SER B 36 -8.79 42.45 -14.46
C SER B 36 -9.49 43.74 -14.89
N ASN B 37 -10.52 43.58 -15.72
CA ASN B 37 -11.30 44.71 -16.19
C ASN B 37 -12.40 45.04 -15.20
N VAL B 38 -12.50 46.31 -14.82
CA VAL B 38 -13.48 46.78 -13.85
C VAL B 38 -14.25 47.94 -14.46
N THR B 39 -15.55 47.97 -14.22
CA THR B 39 -16.43 49.02 -14.74
C THR B 39 -16.43 50.19 -13.75
N TRP B 40 -16.15 51.38 -14.26
CA TRP B 40 -16.10 52.59 -13.43
C TRP B 40 -17.37 53.41 -13.64
N PHE B 41 -17.97 53.82 -12.53
CA PHE B 41 -19.21 54.58 -12.53
C PHE B 41 -18.93 56.05 -12.83
N HIS B 42 -20.00 56.84 -12.92
CA HIS B 42 -19.91 58.26 -13.20
C HIS B 42 -20.81 59.01 -12.21
N ALA B 43 -20.43 60.25 -11.94
CA ALA B 43 -21.18 61.12 -11.02
C ALA B 43 -21.39 62.46 -11.68
N ILE B 44 -22.65 62.92 -11.72
CA ILE B 44 -23.01 64.20 -12.29
C ILE B 44 -23.97 64.91 -11.35
N HIS B 45 -24.02 66.24 -11.45
CA HIS B 45 -24.88 67.05 -10.60
C HIS B 45 -26.08 67.48 -11.43
N VAL B 46 -25.90 67.83 -12.70
CA VAL B 46 -26.99 68.29 -13.56
C VAL B 46 -27.37 67.15 -14.50
N SER B 47 -28.66 66.86 -14.58
CA SER B 47 -29.17 65.80 -15.43
C SER B 47 -30.64 66.05 -15.72
N GLY B 48 -31.21 65.27 -16.64
CA GLY B 48 -32.61 65.41 -17.01
C GLY B 48 -32.81 65.67 -18.49
N THR B 49 -31.74 65.53 -19.28
CA THR B 49 -31.80 65.73 -20.72
C THR B 49 -31.24 64.57 -21.55
N ASN B 50 -31.22 63.37 -20.97
CA ASN B 50 -30.73 62.17 -21.62
C ASN B 50 -31.73 61.04 -21.41
N GLY B 51 -31.37 59.85 -21.89
CA GLY B 51 -32.22 58.69 -21.73
C GLY B 51 -32.02 58.00 -20.40
N THR B 52 -31.88 56.68 -20.42
CA THR B 52 -31.67 55.70 -19.35
C THR B 52 -30.19 55.59 -18.98
N LYS B 53 -29.71 56.49 -18.12
CA LYS B 53 -28.48 56.87 -17.43
C LYS B 53 -28.79 57.65 -16.17
N ARG B 54 -27.82 57.75 -15.27
CA ARG B 54 -27.94 58.47 -14.00
C ARG B 54 -28.99 57.93 -13.04
N PHE B 55 -28.93 56.63 -12.76
CA PHE B 55 -29.89 56.02 -11.85
C PHE B 55 -29.54 56.36 -10.41
N ASP B 56 -30.49 56.19 -9.49
CA ASP B 56 -30.38 56.47 -8.06
C ASP B 56 -30.13 55.16 -7.33
N ASN B 57 -29.12 55.15 -6.45
CA ASN B 57 -28.73 54.03 -5.60
C ASN B 57 -29.01 52.69 -6.28
N PRO B 58 -28.40 52.43 -7.45
CA PRO B 58 -28.65 51.17 -8.14
C PRO B 58 -28.19 49.98 -7.32
N VAL B 59 -28.90 48.87 -7.48
CA VAL B 59 -28.60 47.62 -6.78
C VAL B 59 -27.46 46.92 -7.51
N LEU B 60 -26.43 46.56 -6.76
CA LEU B 60 -25.27 45.86 -7.30
C LEU B 60 -25.26 44.40 -6.87
N PRO B 61 -24.56 43.54 -7.58
CA PRO B 61 -24.56 42.11 -7.23
C PRO B 61 -24.02 41.89 -5.82
N PHE B 62 -24.59 40.90 -5.13
CA PHE B 62 -24.18 40.53 -3.79
C PHE B 62 -23.28 39.29 -3.77
N ASN B 63 -22.40 39.15 -4.75
CA ASN B 63 -21.53 37.98 -4.84
C ASN B 63 -20.80 37.76 -3.52
N ASP B 64 -20.29 36.54 -3.31
CA ASP B 64 -19.66 36.17 -2.06
C ASP B 64 -18.51 37.12 -1.73
N GLY B 65 -17.86 37.65 -2.77
CA GLY B 65 -16.77 38.59 -2.58
C GLY B 65 -16.87 39.74 -3.55
N VAL B 66 -16.62 40.95 -3.03
CA VAL B 66 -16.68 42.16 -3.82
C VAL B 66 -15.64 43.15 -3.29
N TYR B 67 -14.98 43.84 -4.20
CA TYR B 67 -13.99 44.84 -3.84
C TYR B 67 -14.64 46.21 -3.72
N PHE B 68 -14.05 47.06 -2.89
CA PHE B 68 -14.55 48.41 -2.67
C PHE B 68 -13.37 49.32 -2.39
N ALA B 69 -13.36 50.47 -3.07
CA ALA B 69 -12.30 51.45 -2.88
C ALA B 69 -12.81 52.79 -3.39
N SER B 70 -12.42 53.86 -2.70
CA SER B 70 -12.82 55.21 -3.07
C SER B 70 -12.05 56.24 -2.26
N THR B 71 -11.90 57.45 -2.80
CA THR B 71 -11.22 58.55 -2.13
C THR B 71 -12.19 59.73 -2.05
N GLU B 72 -12.90 59.83 -0.91
CA GLU B 72 -13.86 60.90 -0.69
C GLU B 72 -13.38 61.76 0.47
N LYS B 73 -13.14 63.04 0.19
CA LYS B 73 -12.70 63.95 1.25
C LYS B 73 -13.77 64.12 2.31
N SER B 74 -15.04 64.24 1.93
CA SER B 74 -16.14 64.42 2.86
C SER B 74 -16.80 63.11 3.26
N ASN B 75 -16.29 61.97 2.77
CA ASN B 75 -16.85 60.66 3.12
C ASN B 75 -18.33 60.58 2.75
N ILE B 76 -18.61 60.67 1.45
CA ILE B 76 -19.99 60.65 0.98
C ILE B 76 -20.68 59.35 1.37
N ILE B 77 -20.01 58.22 1.17
CA ILE B 77 -20.56 56.92 1.56
C ILE B 77 -20.32 56.76 3.06
N ARG B 78 -21.40 56.60 3.83
CA ARG B 78 -21.31 56.56 5.28
C ARG B 78 -22.03 55.38 5.91
N GLY B 79 -22.60 54.47 5.11
CA GLY B 79 -23.30 53.32 5.68
C GLY B 79 -23.52 52.25 4.64
N TRP B 80 -23.77 51.04 5.15
CA TRP B 80 -24.08 49.89 4.32
C TRP B 80 -25.24 49.14 4.95
N ILE B 81 -26.16 48.66 4.11
CA ILE B 81 -27.34 47.94 4.55
C ILE B 81 -27.36 46.59 3.83
N PHE B 82 -27.55 45.52 4.60
CA PHE B 82 -27.61 44.17 4.07
C PHE B 82 -28.98 43.56 4.37
N GLY B 83 -29.46 42.77 3.43
CA GLY B 83 -30.74 42.09 3.59
C GLY B 83 -31.36 41.80 2.24
N THR B 84 -32.44 41.01 2.29
CA THR B 84 -33.17 40.63 1.09
C THR B 84 -34.58 41.21 1.08
N THR B 85 -35.36 40.98 2.14
CA THR B 85 -36.73 41.51 2.18
C THR B 85 -36.73 43.02 2.43
N LEU B 86 -35.71 43.52 3.13
CA LEU B 86 -35.59 44.93 3.47
C LEU B 86 -36.77 45.42 4.30
N ASP B 87 -37.46 44.51 5.00
CA ASP B 87 -38.60 44.85 5.83
C ASP B 87 -38.24 44.94 7.31
N SER B 88 -36.96 44.90 7.65
CA SER B 88 -36.43 45.03 9.00
C SER B 88 -36.65 43.77 9.85
N LYS B 89 -37.33 42.75 9.33
CA LYS B 89 -37.53 41.54 10.12
C LYS B 89 -36.21 40.84 10.40
N THR B 90 -35.33 40.76 9.41
CA THR B 90 -34.05 40.11 9.58
C THR B 90 -32.99 41.13 10.02
N GLN B 91 -31.87 40.61 10.53
CA GLN B 91 -30.78 41.46 10.96
C GLN B 91 -30.12 42.15 9.78
N SER B 92 -29.75 43.41 9.98
CA SER B 92 -29.11 44.22 8.95
C SER B 92 -27.88 44.89 9.53
N LEU B 93 -26.76 44.80 8.81
CA LEU B 93 -25.53 45.43 9.27
C LEU B 93 -25.61 46.94 9.10
N LEU B 94 -25.00 47.65 10.05
CA LEU B 94 -24.96 49.11 10.01
C LEU B 94 -23.59 49.58 10.46
N ILE B 95 -22.99 50.47 9.67
CA ILE B 95 -21.67 51.02 9.97
C ILE B 95 -21.76 52.54 9.91
N VAL B 96 -21.24 53.21 10.94
CA VAL B 96 -21.28 54.66 11.03
C VAL B 96 -19.85 55.16 11.25
N ASN B 97 -19.41 56.08 10.40
CA ASN B 97 -18.08 56.69 10.51
C ASN B 97 -18.24 58.13 10.98
N ASN B 98 -17.93 58.38 12.24
CA ASN B 98 -18.07 59.71 12.82
C ASN B 98 -16.76 60.11 13.49
N ALA B 99 -16.22 61.26 13.09
CA ALA B 99 -14.97 61.77 13.65
C ALA B 99 -13.85 60.74 13.54
N THR B 100 -13.77 60.09 12.37
CA THR B 100 -12.78 59.07 12.05
C THR B 100 -12.94 57.79 12.87
N ASN B 101 -14.02 57.67 13.64
CA ASN B 101 -14.27 56.49 14.46
C ASN B 101 -15.37 55.66 13.81
N VAL B 102 -15.14 54.36 13.67
CA VAL B 102 -16.10 53.46 13.03
C VAL B 102 -16.86 52.70 14.11
N VAL B 103 -18.19 52.73 14.02
CA VAL B 103 -19.06 52.02 14.95
C VAL B 103 -19.93 51.06 14.15
N ILE B 104 -19.98 49.81 14.60
CA ILE B 104 -20.73 48.76 13.91
C ILE B 104 -21.87 48.31 14.82
N LYS B 105 -23.09 48.34 14.28
CA LYS B 105 -24.27 47.92 15.03
C LYS B 105 -25.14 47.06 14.12
N VAL B 106 -25.76 46.04 14.73
CA VAL B 106 -26.65 45.14 14.01
C VAL B 106 -28.12 45.45 14.30
N CYS B 107 -28.43 46.67 14.73
CA CYS B 107 -29.80 47.02 15.07
C CYS B 107 -30.70 46.89 13.84
N GLU B 108 -31.92 46.42 14.08
CA GLU B 108 -32.91 46.26 13.02
C GLU B 108 -33.75 47.52 12.91
N PHE B 109 -33.89 48.04 11.70
CA PHE B 109 -34.67 49.25 11.46
C PHE B 109 -35.27 49.20 10.06
N GLN B 110 -36.32 49.98 9.88
CA GLN B 110 -37.02 50.06 8.60
C GLN B 110 -36.18 50.82 7.59
N PHE B 111 -36.30 50.41 6.33
CA PHE B 111 -35.57 51.02 5.23
C PHE B 111 -36.51 51.86 4.37
N CYS B 112 -36.09 53.09 4.11
CA CYS B 112 -36.88 53.99 3.29
C CYS B 112 -36.71 53.66 1.81
N ASN B 113 -37.61 54.22 1.00
CA ASN B 113 -37.54 53.99 -0.44
C ASN B 113 -36.25 54.55 -1.03
N ASP B 114 -35.86 55.76 -0.62
CA ASP B 114 -34.65 56.42 -1.09
C ASP B 114 -33.90 56.98 0.12
N PRO B 115 -33.27 56.12 0.91
CA PRO B 115 -32.53 56.62 2.08
C PRO B 115 -31.43 57.58 1.66
N PHE B 116 -31.22 58.61 2.49
CA PHE B 116 -30.21 59.61 2.24
C PHE B 116 -29.94 60.36 3.54
N LEU B 117 -28.81 61.07 3.59
CA LEU B 117 -28.42 61.86 4.74
C LEU B 117 -28.09 63.28 4.28
N GLY B 118 -28.35 64.24 5.17
CA GLY B 118 -28.08 65.64 4.86
C GLY B 118 -26.88 66.16 5.64
N VAL B 119 -25.97 66.80 4.92
CA VAL B 119 -24.76 67.36 5.50
C VAL B 119 -24.69 68.83 5.08
N TYR B 120 -24.48 69.72 6.06
CA TYR B 120 -24.38 71.15 5.82
C TYR B 120 -22.98 71.59 6.24
N TYR B 121 -22.08 71.71 5.27
CA TYR B 121 -20.71 72.13 5.54
C TYR B 121 -20.61 73.65 5.54
N HIS B 122 -19.45 74.14 5.97
CA HIS B 122 -19.16 75.58 6.02
C HIS B 122 -20.20 76.30 6.89
N LYS B 123 -20.21 75.90 8.17
CA LYS B 123 -21.12 76.45 9.15
C LYS B 123 -20.31 77.06 10.29
N ASN B 124 -20.86 78.12 10.90
CA ASN B 124 -20.15 78.83 11.96
C ASN B 124 -19.92 77.90 13.15
N ASN B 125 -20.93 77.11 13.52
CA ASN B 125 -20.84 76.20 14.65
C ASN B 125 -20.83 74.77 14.13
N LYS B 126 -19.83 74.00 14.54
CA LYS B 126 -19.69 72.61 14.11
C LYS B 126 -20.27 71.67 15.16
N SER B 127 -20.54 70.43 14.72
CA SER B 127 -21.05 69.34 15.55
C SER B 127 -22.55 69.44 15.78
N TRP B 128 -23.25 70.32 15.06
CA TRP B 128 -24.70 70.42 15.20
C TRP B 128 -25.37 69.15 14.71
N MET B 129 -26.57 68.86 15.23
CA MET B 129 -27.32 67.62 15.00
C MET B 129 -26.44 66.48 14.48
N GLU B 130 -25.23 66.35 15.02
CA GLU B 130 -24.32 65.30 14.59
C GLU B 130 -24.80 63.94 15.06
N SER B 131 -25.39 63.89 16.26
CA SER B 131 -25.85 62.64 16.84
C SER B 131 -27.30 62.32 16.49
N GLU B 132 -27.97 63.16 15.71
CA GLU B 132 -29.36 62.91 15.34
C GLU B 132 -29.49 61.59 14.56
N PHE B 133 -28.57 61.37 13.63
CA PHE B 133 -28.57 60.14 12.82
C PHE B 133 -29.90 60.01 12.06
N ARG B 134 -30.19 61.00 11.22
CA ARG B 134 -31.42 61.01 10.43
C ARG B 134 -31.22 60.16 9.17
N VAL B 135 -30.96 58.88 9.40
CA VAL B 135 -30.74 57.93 8.32
C VAL B 135 -31.75 56.79 8.32
N TYR B 136 -32.49 56.59 9.40
CA TYR B 136 -33.47 55.51 9.47
C TYR B 136 -34.63 55.97 10.35
N SER B 137 -35.77 55.32 10.17
CA SER B 137 -36.97 55.68 10.93
C SER B 137 -36.74 55.46 12.42
N SER B 138 -36.49 54.22 12.82
CA SER B 138 -36.26 53.89 14.22
C SER B 138 -35.77 52.45 14.30
N ALA B 139 -35.04 52.16 15.37
CA ALA B 139 -34.53 50.81 15.60
C ALA B 139 -35.55 49.97 16.35
N ASN B 140 -35.41 48.65 16.24
CA ASN B 140 -36.29 47.71 16.91
C ASN B 140 -35.60 46.92 18.01
N ASN B 141 -34.50 46.25 17.70
CA ASN B 141 -33.75 45.47 18.69
C ASN B 141 -32.27 45.77 18.54
N CYS B 142 -31.60 45.98 19.66
CA CYS B 142 -30.17 46.27 19.70
C CYS B 142 -29.54 45.43 20.81
N THR B 143 -28.83 44.37 20.43
CA THR B 143 -28.17 43.49 21.38
C THR B 143 -26.67 43.40 21.13
N PHE B 144 -26.10 44.32 20.35
CA PHE B 144 -24.67 44.30 20.06
C PHE B 144 -24.12 45.71 20.19
N GLU B 145 -22.87 45.80 20.64
CA GLU B 145 -22.18 47.07 20.78
C GLU B 145 -20.74 46.91 20.31
N TYR B 146 -20.19 47.99 19.77
CA TYR B 146 -18.82 47.99 19.28
C TYR B 146 -18.17 49.32 19.63
N VAL B 147 -16.85 49.29 19.84
CA VAL B 147 -16.08 50.48 20.17
C VAL B 147 -14.86 50.53 19.25
N SER B 148 -14.32 51.74 19.04
CA SER B 148 -13.17 51.93 18.18
C SER B 148 -12.06 52.76 18.81
N GLN B 149 -10.82 52.45 18.48
CA GLN B 149 -9.65 53.16 18.99
C GLN B 149 -8.84 53.80 17.87
N PRO B 150 -8.06 54.85 18.18
CA PRO B 150 -7.24 55.48 17.13
C PRO B 150 -6.21 54.52 16.55
N PHE B 151 -5.91 54.66 15.26
CA PHE B 151 -4.95 53.76 14.62
C PHE B 151 -3.52 54.20 14.85
N LEU B 152 -3.27 55.51 14.84
CA LEU B 152 -2.04 56.26 15.05
C LEU B 152 -2.35 57.71 15.40
N MET B 153 -1.35 58.39 15.95
CA MET B 153 -1.46 59.80 16.33
C MET B 153 -0.29 60.59 15.75
N ASP B 154 -0.57 61.79 15.24
CA ASP B 154 0.45 62.64 14.65
C ASP B 154 0.39 64.01 15.30
N LEU B 155 1.23 64.93 14.83
CA LEU B 155 1.41 66.31 15.26
C LEU B 155 0.35 67.24 14.68
N GLU B 156 0.51 68.54 14.92
CA GLU B 156 -0.33 69.66 14.51
C GLU B 156 -0.48 69.73 13.00
N GLY B 157 -1.71 69.97 12.55
CA GLY B 157 -2.01 70.04 11.12
C GLY B 157 -3.14 69.09 10.78
N LYS B 158 -4.11 69.60 10.03
CA LYS B 158 -5.33 68.95 9.56
C LYS B 158 -5.59 69.14 8.07
N GLN B 159 -5.82 68.04 7.36
CA GLN B 159 -6.14 67.94 5.94
C GLN B 159 -7.28 66.94 5.78
N GLY B 160 -8.20 67.26 4.86
CA GLY B 160 -9.42 66.54 4.54
C GLY B 160 -9.46 66.00 3.13
N ASN B 161 -8.64 66.55 2.23
CA ASN B 161 -8.41 66.36 0.80
C ASN B 161 -7.40 65.26 0.51
N PHE B 162 -6.15 65.43 0.98
CA PHE B 162 -5.09 64.44 0.80
C PHE B 162 -4.30 64.23 2.08
N LYS B 163 -4.77 63.29 2.90
CA LYS B 163 -4.09 62.97 4.16
C LYS B 163 -3.87 61.47 4.30
N ASN B 164 -4.76 60.66 3.72
CA ASN B 164 -4.69 59.22 3.82
C ASN B 164 -5.49 58.59 2.68
N LEU B 165 -5.23 57.30 2.44
CA LEU B 165 -5.96 56.52 1.47
C LEU B 165 -6.60 55.33 2.19
N ARG B 166 -7.87 55.08 1.90
CA ARG B 166 -8.67 54.09 2.58
C ARG B 166 -8.85 52.88 1.65
N GLU B 167 -8.57 51.68 2.18
CA GLU B 167 -8.76 50.44 1.45
C GLU B 167 -9.67 49.53 2.25
N PHE B 168 -10.72 49.02 1.61
CA PHE B 168 -11.70 48.15 2.26
C PHE B 168 -11.95 46.94 1.38
N VAL B 169 -11.98 45.76 1.97
CA VAL B 169 -12.29 44.52 1.27
C VAL B 169 -13.37 43.79 2.05
N PHE B 170 -14.46 43.43 1.36
CA PHE B 170 -15.58 42.73 1.97
C PHE B 170 -15.82 41.41 1.25
N LYS B 171 -16.04 40.36 2.03
CA LYS B 171 -16.34 39.05 1.46
C LYS B 171 -17.18 38.27 2.46
N ASN B 172 -17.87 37.25 1.96
CA ASN B 172 -18.69 36.36 2.77
C ASN B 172 -18.40 34.92 2.37
N ILE B 173 -17.97 34.11 3.34
CA ILE B 173 -17.68 32.70 3.11
C ILE B 173 -18.45 31.89 4.15
N ASP B 174 -19.32 31.00 3.67
CA ASP B 174 -20.14 30.16 4.54
C ASP B 174 -20.90 31.02 5.55
N GLY B 175 -21.37 32.17 5.08
CA GLY B 175 -22.09 33.08 5.93
C GLY B 175 -21.29 33.69 7.05
N TYR B 176 -19.96 33.66 6.96
CA TYR B 176 -19.08 34.21 7.99
C TYR B 176 -18.57 35.57 7.49
N PHE B 177 -19.14 36.65 8.03
CA PHE B 177 -18.75 37.98 7.61
C PHE B 177 -17.37 38.34 8.15
N LYS B 178 -16.58 39.03 7.32
CA LYS B 178 -15.23 39.44 7.71
C LYS B 178 -15.06 40.91 7.37
N ILE B 179 -14.19 41.57 8.15
CA ILE B 179 -13.96 43.00 8.02
C ILE B 179 -12.50 43.24 7.70
N TYR B 180 -12.26 44.01 6.64
CA TYR B 180 -10.92 44.42 6.24
C TYR B 180 -10.91 45.92 6.04
N SER B 181 -9.83 46.55 6.49
CA SER B 181 -9.69 48.00 6.38
C SER B 181 -8.22 48.36 6.55
N LYS B 182 -7.81 49.41 5.85
CA LYS B 182 -6.43 49.90 5.95
C LYS B 182 -6.41 51.38 5.60
N HIS B 183 -5.63 52.14 6.38
CA HIS B 183 -5.44 53.57 6.15
C HIS B 183 -3.94 53.78 5.91
N THR B 184 -3.58 54.18 4.69
CA THR B 184 -2.18 54.31 4.33
C THR B 184 -1.85 55.76 4.01
N PRO B 185 -0.69 56.26 4.47
CA PRO B 185 -0.33 57.64 4.17
C PRO B 185 0.25 57.80 2.77
N ILE B 186 -0.26 58.78 2.03
CA ILE B 186 0.20 59.09 0.69
C ILE B 186 0.10 60.60 0.47
N ASN B 187 1.06 61.12 -0.30
CA ASN B 187 1.10 62.55 -0.65
C ASN B 187 1.38 62.65 -2.15
N LEU B 188 0.29 62.66 -2.93
CA LEU B 188 0.41 62.77 -4.38
C LEU B 188 -0.95 63.09 -4.99
N VAL B 189 -1.01 64.08 -5.87
CA VAL B 189 -2.26 64.50 -6.49
C VAL B 189 -2.18 64.28 -8.00
N ARG B 190 -0.96 64.17 -8.53
CA ARG B 190 -0.80 63.99 -9.97
C ARG B 190 -1.42 62.68 -10.44
N ASP B 191 -1.23 61.59 -9.69
CA ASP B 191 -1.78 60.30 -10.05
C ASP B 191 -1.84 59.44 -8.80
N LEU B 192 -2.64 58.37 -8.86
CA LEU B 192 -2.77 57.47 -7.73
C LEU B 192 -1.43 56.77 -7.46
N PRO B 193 -0.97 56.72 -6.22
CA PRO B 193 0.31 56.05 -5.95
C PRO B 193 0.26 54.58 -6.37
N GLN B 194 1.40 54.11 -6.90
CA GLN B 194 1.54 52.73 -7.34
C GLN B 194 2.33 51.97 -6.27
N GLY B 195 1.76 50.87 -5.78
CA GLY B 195 2.42 50.08 -4.76
C GLY B 195 1.59 48.87 -4.42
N PHE B 196 2.16 48.06 -3.52
CA PHE B 196 1.53 46.83 -3.06
C PHE B 196 1.25 46.94 -1.56
N SER B 197 0.03 46.58 -1.17
CA SER B 197 -0.37 46.63 0.23
C SER B 197 -1.38 45.52 0.49
N ALA B 198 -1.52 45.17 1.77
CA ALA B 198 -2.44 44.12 2.20
C ALA B 198 -3.22 44.59 3.41
N LEU B 199 -4.42 44.03 3.57
CA LEU B 199 -5.34 44.38 4.65
C LEU B 199 -5.36 43.25 5.67
N GLU B 200 -5.13 43.59 6.93
CA GLU B 200 -5.17 42.60 7.99
C GLU B 200 -6.61 42.33 8.43
N PRO B 201 -6.87 41.18 9.05
CA PRO B 201 -8.22 40.90 9.53
C PRO B 201 -8.45 41.47 10.93
N LEU B 202 -9.54 42.22 11.07
CA LEU B 202 -9.88 42.85 12.34
C LEU B 202 -10.83 42.00 13.16
N VAL B 203 -12.02 41.72 12.63
CA VAL B 203 -13.05 40.97 13.34
C VAL B 203 -13.74 40.03 12.36
N ASP B 204 -14.25 38.92 12.90
CA ASP B 204 -14.99 37.93 12.13
C ASP B 204 -16.28 37.61 12.86
N LEU B 205 -17.40 37.67 12.13
CA LEU B 205 -18.72 37.39 12.70
C LEU B 205 -19.30 36.16 12.03
N PRO B 206 -19.36 34.99 12.71
CA PRO B 206 -19.97 33.80 12.12
C PRO B 206 -21.49 33.75 12.27
N ILE B 207 -22.16 34.80 11.78
CA ILE B 207 -23.61 34.85 11.89
C ILE B 207 -24.25 33.71 11.10
N GLY B 208 -23.76 33.45 9.90
CA GLY B 208 -24.29 32.39 9.07
C GLY B 208 -25.54 32.74 8.30
N ILE B 209 -26.02 33.98 8.39
CA ILE B 209 -27.24 34.36 7.68
C ILE B 209 -26.96 34.44 6.19
N ASN B 210 -27.97 34.06 5.40
CA ASN B 210 -27.89 34.09 3.94
C ASN B 210 -28.53 35.38 3.44
N ILE B 211 -27.77 36.16 2.69
CA ILE B 211 -28.22 37.44 2.15
C ILE B 211 -27.84 37.48 0.67
N THR B 212 -28.63 38.21 -0.12
CA THR B 212 -28.41 38.30 -1.56
C THR B 212 -28.51 39.72 -2.11
N ARG B 213 -28.69 40.73 -1.26
CA ARG B 213 -28.80 42.10 -1.72
C ARG B 213 -28.27 43.03 -0.65
N PHE B 214 -27.94 44.25 -1.05
CA PHE B 214 -27.40 45.24 -0.13
C PHE B 214 -27.70 46.63 -0.68
N GLN B 215 -27.58 47.62 0.20
CA GLN B 215 -27.81 49.01 -0.16
C GLN B 215 -26.88 49.89 0.67
N THR B 216 -26.27 50.88 0.04
CA THR B 216 -25.35 51.78 0.72
C THR B 216 -26.08 53.04 1.19
N LEU B 217 -25.38 53.87 1.94
CA LEU B 217 -25.93 55.13 2.44
C LEU B 217 -25.03 56.27 2.01
N LEU B 218 -25.64 57.28 1.40
CA LEU B 218 -24.93 58.42 0.84
C LEU B 218 -25.35 59.70 1.56
N ALA B 219 -24.42 60.64 1.67
CA ALA B 219 -24.66 61.93 2.31
C ALA B 219 -24.53 63.03 1.26
N LEU B 220 -25.56 63.85 1.15
CA LEU B 220 -25.62 64.94 0.18
C LEU B 220 -25.88 66.26 0.88
N HIS B 221 -25.70 67.35 0.16
CA HIS B 221 -25.92 68.70 0.66
C HIS B 221 -27.28 69.19 0.17
N ARG B 222 -28.14 69.58 1.10
CA ARG B 222 -29.49 70.08 1.30
C ARG B 222 -29.75 71.42 0.63
N SER B 223 -28.71 72.21 0.37
CA SER B 223 -28.86 73.52 -0.26
C SER B 223 -27.95 73.75 -1.45
N TYR B 224 -28.47 74.42 -2.47
CA TYR B 224 -27.71 74.73 -3.69
C TYR B 224 -27.12 76.14 -3.74
N LEU B 225 -25.86 76.23 -3.31
CA LEU B 225 -25.14 77.51 -3.32
C LEU B 225 -23.97 77.44 -4.28
N THR B 226 -23.13 76.42 -4.14
CA THR B 226 -21.98 76.26 -5.02
C THR B 226 -22.32 75.74 -6.42
N PRO B 227 -21.48 76.04 -7.41
CA PRO B 227 -21.76 75.57 -8.78
C PRO B 227 -21.71 74.05 -8.90
N GLY B 228 -21.05 73.40 -7.93
CA GLY B 228 -20.86 71.97 -7.79
C GLY B 228 -21.30 71.47 -6.42
N ASP B 229 -20.77 70.32 -6.01
CA ASP B 229 -21.02 69.63 -4.75
C ASP B 229 -20.03 70.10 -3.68
N SER B 230 -18.73 69.93 -3.94
CA SER B 230 -17.70 70.36 -3.00
C SER B 230 -16.50 71.11 -3.58
N SER B 231 -16.30 71.10 -4.89
CA SER B 231 -15.16 71.79 -5.49
C SER B 231 -15.50 72.24 -6.91
N SER B 232 -14.50 72.72 -7.64
CA SER B 232 -14.68 73.17 -9.02
C SER B 232 -13.94 72.23 -9.96
N GLY B 233 -13.97 72.55 -11.26
CA GLY B 233 -13.45 72.00 -12.49
C GLY B 233 -14.41 71.04 -13.15
N TRP B 234 -14.88 70.05 -12.40
CA TRP B 234 -15.82 69.05 -12.89
C TRP B 234 -17.21 69.37 -12.37
N THR B 235 -18.21 68.74 -12.97
CA THR B 235 -19.67 68.74 -12.83
C THR B 235 -20.12 68.26 -11.45
N ALA B 236 -19.49 67.21 -10.92
CA ALA B 236 -19.83 66.68 -9.60
C ALA B 236 -18.60 66.09 -8.93
N GLY B 237 -17.95 66.89 -8.08
CA GLY B 237 -16.79 66.43 -7.36
C GLY B 237 -15.63 66.07 -8.28
N ALA B 238 -14.54 65.67 -7.65
CA ALA B 238 -13.34 65.27 -8.38
C ALA B 238 -12.50 64.31 -7.54
N ALA B 239 -12.58 63.01 -7.86
CA ALA B 239 -11.84 62.00 -7.11
C ALA B 239 -11.79 60.65 -7.82
N ALA B 240 -11.10 59.69 -7.21
CA ALA B 240 -10.94 58.36 -7.79
C ALA B 240 -11.61 57.31 -6.93
N TYR B 241 -12.36 56.42 -7.58
CA TYR B 241 -13.03 55.32 -6.88
C TYR B 241 -13.27 54.20 -7.87
N TYR B 242 -12.85 53.00 -7.49
CA TYR B 242 -12.98 51.83 -8.34
C TYR B 242 -13.67 50.72 -7.55
N VAL B 243 -14.42 49.90 -8.28
CA VAL B 243 -15.13 48.75 -7.69
C VAL B 243 -14.81 47.52 -8.51
N GLY B 244 -14.43 46.44 -7.82
CA GLY B 244 -14.08 45.19 -8.45
C GLY B 244 -14.95 44.04 -8.00
N TYR B 245 -14.62 42.85 -8.50
CA TYR B 245 -15.33 41.63 -8.17
C TYR B 245 -14.33 40.55 -7.82
N LEU B 246 -14.63 39.75 -6.80
CA LEU B 246 -13.76 38.69 -6.36
C LEU B 246 -14.22 37.35 -6.93
N GLN B 247 -13.26 36.54 -7.35
CA GLN B 247 -13.52 35.22 -7.92
C GLN B 247 -12.64 34.20 -7.23
N PRO B 248 -13.05 32.92 -7.22
CA PRO B 248 -12.27 31.86 -6.55
C PRO B 248 -10.95 31.53 -7.26
N ARG B 249 -10.11 32.55 -7.44
CA ARG B 249 -8.81 32.33 -8.04
C ARG B 249 -7.75 32.10 -6.96
N THR B 250 -6.64 31.49 -7.36
CA THR B 250 -5.56 31.14 -6.45
C THR B 250 -4.40 32.10 -6.65
N PHE B 251 -3.87 32.64 -5.55
CA PHE B 251 -2.75 33.55 -5.58
C PHE B 251 -1.55 32.90 -4.89
N LEU B 252 -0.37 33.48 -5.13
CA LEU B 252 0.85 33.10 -4.42
C LEU B 252 1.45 34.36 -3.82
N LEU B 253 1.68 34.34 -2.51
CA LEU B 253 2.09 35.51 -1.76
C LEU B 253 3.51 35.31 -1.22
N LYS B 254 4.25 36.41 -1.15
CA LYS B 254 5.64 36.40 -0.70
C LYS B 254 5.73 37.14 0.64
N TYR B 255 6.27 36.46 1.64
CA TYR B 255 6.50 37.07 2.94
C TYR B 255 7.97 37.48 3.09
N ASN B 256 8.21 38.38 4.02
CA ASN B 256 9.55 38.87 4.32
C ASN B 256 9.80 38.84 5.82
N GLU B 257 11.02 39.19 6.22
CA GLU B 257 11.39 39.10 7.63
C GLU B 257 10.59 40.09 8.47
N ASN B 258 10.00 41.11 7.83
CA ASN B 258 9.20 42.08 8.55
C ASN B 258 7.83 41.54 8.92
N GLY B 259 7.43 40.38 8.39
CA GLY B 259 6.13 39.81 8.68
C GLY B 259 5.00 40.34 7.82
N THR B 260 5.29 41.13 6.79
CA THR B 260 4.27 41.70 5.93
C THR B 260 4.47 41.19 4.51
N ILE B 261 3.38 40.82 3.84
CA ILE B 261 3.46 40.31 2.48
C ILE B 261 3.84 41.45 1.55
N THR B 262 4.91 41.25 0.77
CA THR B 262 5.46 42.29 -0.08
C THR B 262 5.15 42.08 -1.56
N ASP B 263 4.67 40.91 -1.97
CA ASP B 263 4.42 40.66 -3.38
C ASP B 263 3.36 39.57 -3.51
N ALA B 264 2.60 39.66 -4.61
CA ALA B 264 1.56 38.70 -4.92
C ALA B 264 1.59 38.44 -6.42
N VAL B 265 1.39 37.17 -6.79
CA VAL B 265 1.39 36.76 -8.19
C VAL B 265 0.18 35.88 -8.45
N ASP B 266 -0.48 36.09 -9.58
CA ASP B 266 -1.64 35.32 -9.97
C ASP B 266 -1.22 34.12 -10.80
N CYS B 267 -1.44 32.91 -10.26
CA CYS B 267 -0.95 31.70 -10.91
C CYS B 267 -1.58 31.51 -12.27
N ALA B 268 -2.89 31.75 -12.38
CA ALA B 268 -3.62 31.50 -13.61
C ALA B 268 -3.64 32.69 -14.56
N LEU B 269 -3.04 33.82 -14.19
CA LEU B 269 -3.07 34.99 -15.05
C LEU B 269 -2.34 34.73 -16.36
N ASP B 270 -1.18 34.09 -16.30
CA ASP B 270 -0.36 33.84 -17.48
C ASP B 270 0.51 32.62 -17.20
N PRO B 271 1.01 31.96 -18.25
CA PRO B 271 1.86 30.77 -18.04
C PRO B 271 3.09 31.06 -17.21
N LEU B 272 3.67 32.25 -17.33
CA LEU B 272 4.86 32.59 -16.54
C LEU B 272 4.56 32.49 -15.06
N SER B 273 3.48 33.14 -14.61
CA SER B 273 3.09 33.03 -13.21
C SER B 273 2.70 31.62 -12.83
N GLU B 274 2.11 30.84 -13.75
CA GLU B 274 1.79 29.46 -13.44
C GLU B 274 3.05 28.64 -13.14
N THR B 275 4.09 28.79 -13.96
CA THR B 275 5.33 28.06 -13.70
C THR B 275 6.02 28.59 -12.45
N LYS B 276 5.91 29.89 -12.20
CA LYS B 276 6.44 30.44 -10.95
C LYS B 276 5.76 29.81 -9.74
N CYS B 277 4.44 29.68 -9.78
CA CYS B 277 3.71 29.01 -8.70
C CYS B 277 4.09 27.54 -8.58
N THR B 278 4.23 26.85 -9.71
CA THR B 278 4.57 25.43 -9.67
C THR B 278 5.94 25.23 -9.05
N LEU B 279 6.91 26.09 -9.38
CA LEU B 279 8.26 25.93 -8.86
C LEU B 279 8.41 26.53 -7.47
N LYS B 280 7.39 27.21 -6.96
CA LYS B 280 7.45 27.82 -5.62
C LYS B 280 8.63 28.77 -5.51
N SER B 281 8.87 29.54 -6.57
CA SER B 281 9.97 30.50 -6.59
C SER B 281 9.71 31.52 -7.67
N PHE B 282 9.87 32.80 -7.31
CA PHE B 282 9.71 33.87 -8.28
C PHE B 282 10.75 33.76 -9.39
N THR B 283 12.00 33.47 -9.02
CA THR B 283 13.05 33.31 -10.02
C THR B 283 12.72 32.14 -10.94
N VAL B 284 12.89 32.36 -12.24
CA VAL B 284 12.58 31.35 -13.25
C VAL B 284 13.89 30.87 -13.86
N GLU B 285 14.11 29.56 -13.83
CA GLU B 285 15.33 28.97 -14.35
C GLU B 285 15.13 28.55 -15.80
N LYS B 286 16.24 28.26 -16.47
CA LYS B 286 16.19 27.86 -17.87
C LYS B 286 15.63 26.44 -18.00
N GLY B 287 14.97 26.20 -19.12
CA GLY B 287 14.40 24.90 -19.43
C GLY B 287 12.92 24.99 -19.76
N ILE B 288 12.37 23.82 -20.08
CA ILE B 288 10.97 23.66 -20.44
C ILE B 288 10.31 22.74 -19.43
N TYR B 289 9.19 23.17 -18.87
CA TYR B 289 8.47 22.42 -17.85
C TYR B 289 7.02 22.22 -18.28
N GLN B 290 6.44 21.10 -17.84
CA GLN B 290 5.05 20.76 -18.13
C GLN B 290 4.18 21.35 -17.02
N THR B 291 3.17 22.12 -17.43
CA THR B 291 2.32 22.81 -16.46
C THR B 291 1.05 22.01 -16.16
N SER B 292 0.24 21.75 -17.17
CA SER B 292 -1.08 21.14 -16.98
C SER B 292 -1.55 20.57 -18.30
N ASN B 293 -2.84 20.22 -18.35
CA ASN B 293 -3.47 19.67 -19.54
C ASN B 293 -4.76 20.44 -19.82
N PHE B 294 -5.14 20.48 -21.10
CA PHE B 294 -6.37 21.15 -21.53
C PHE B 294 -7.32 20.11 -22.07
N ARG B 295 -8.58 20.18 -21.65
CA ARG B 295 -9.59 19.18 -21.99
C ARG B 295 -10.73 19.85 -22.76
N VAL B 296 -11.21 19.18 -23.80
CA VAL B 296 -12.34 19.69 -24.57
C VAL B 296 -13.57 18.87 -24.24
N GLN B 297 -14.62 19.54 -23.78
CA GLN B 297 -15.85 18.85 -23.38
C GLN B 297 -16.92 18.99 -24.46
N PRO B 298 -17.90 18.09 -24.50
CA PRO B 298 -18.98 18.22 -25.48
C PRO B 298 -19.83 19.45 -25.21
N THR B 299 -20.45 19.96 -26.28
CA THR B 299 -21.24 21.18 -26.18
C THR B 299 -22.39 21.01 -25.19
N GLU B 300 -23.34 20.12 -25.50
CA GLU B 300 -24.37 19.76 -24.53
C GLU B 300 -24.35 18.27 -24.25
N SER B 301 -24.40 17.45 -25.30
CA SER B 301 -24.42 15.99 -25.15
C SER B 301 -24.45 15.37 -26.53
N ILE B 302 -24.11 14.08 -26.58
CA ILE B 302 -24.20 13.28 -27.80
C ILE B 302 -24.72 11.92 -27.39
N VAL B 303 -26.01 11.66 -27.64
CA VAL B 303 -26.67 10.42 -27.25
C VAL B 303 -27.41 9.87 -28.46
N ARG B 304 -27.28 8.56 -28.67
CA ARG B 304 -27.97 7.87 -29.75
C ARG B 304 -28.79 6.73 -29.16
N PHE B 305 -29.95 6.48 -29.75
CA PHE B 305 -30.90 5.50 -29.28
C PHE B 305 -30.94 4.32 -30.22
N PRO B 306 -31.62 3.23 -29.84
CA PRO B 306 -31.70 2.06 -30.72
C PRO B 306 -32.46 2.37 -32.00
N ASN B 307 -32.63 1.32 -32.82
CA ASN B 307 -33.25 1.47 -34.13
C ASN B 307 -34.75 1.68 -33.99
N ILE B 308 -35.48 1.62 -35.12
CA ILE B 308 -36.91 1.89 -35.15
C ILE B 308 -37.61 1.17 -34.01
N THR B 309 -37.29 -0.11 -33.81
CA THR B 309 -37.87 -0.91 -32.74
C THR B 309 -39.40 -0.89 -32.83
N ASN B 310 -39.91 -1.48 -33.92
CA ASN B 310 -41.34 -1.47 -34.21
C ASN B 310 -42.17 -1.77 -32.97
N LEU B 311 -43.36 -1.19 -32.90
CA LEU B 311 -44.21 -1.26 -31.72
C LEU B 311 -44.95 -2.59 -31.70
N CYS B 312 -45.88 -2.73 -30.76
CA CYS B 312 -46.63 -3.97 -30.60
C CYS B 312 -47.52 -4.19 -31.82
N PRO B 313 -47.85 -5.44 -32.17
CA PRO B 313 -48.68 -5.69 -33.37
C PRO B 313 -50.16 -5.44 -33.12
N PHE B 314 -50.49 -4.17 -32.84
CA PHE B 314 -51.88 -3.77 -32.66
C PHE B 314 -52.63 -3.63 -33.97
N GLY B 315 -51.94 -3.70 -35.11
CA GLY B 315 -52.63 -3.58 -36.38
C GLY B 315 -53.63 -4.71 -36.60
N GLU B 316 -53.24 -5.94 -36.25
CA GLU B 316 -54.13 -7.08 -36.37
C GLU B 316 -55.36 -6.95 -35.47
N VAL B 317 -55.22 -6.41 -34.27
CA VAL B 317 -56.35 -6.21 -33.37
C VAL B 317 -57.27 -5.10 -33.88
N PHE B 318 -56.69 -3.99 -34.35
CA PHE B 318 -57.50 -2.91 -34.88
C PHE B 318 -58.23 -3.34 -36.15
N ASN B 319 -57.56 -4.12 -37.00
CA ASN B 319 -58.13 -4.59 -38.26
C ASN B 319 -58.90 -5.89 -38.11
N ALA B 320 -59.00 -6.44 -36.91
CA ALA B 320 -59.74 -7.68 -36.70
C ALA B 320 -61.19 -7.51 -37.14
N THR B 321 -61.69 -8.50 -37.87
CA THR B 321 -63.06 -8.44 -38.37
C THR B 321 -64.06 -8.40 -37.22
N ARG B 322 -63.85 -9.24 -36.20
CA ARG B 322 -64.73 -9.32 -35.05
C ARG B 322 -63.90 -9.17 -33.78
N PHE B 323 -64.17 -8.14 -33.00
CA PHE B 323 -63.45 -7.93 -31.75
C PHE B 323 -63.91 -8.94 -30.71
N ALA B 324 -63.03 -9.21 -29.74
CA ALA B 324 -63.36 -10.17 -28.69
C ALA B 324 -64.57 -9.69 -27.90
N SER B 325 -65.43 -10.64 -27.54
CA SER B 325 -66.63 -10.31 -26.79
C SER B 325 -66.29 -9.92 -25.36
N VAL B 326 -67.21 -9.19 -24.73
CA VAL B 326 -66.99 -8.74 -23.36
C VAL B 326 -66.89 -9.92 -22.41
N TYR B 327 -67.78 -10.91 -22.57
CA TYR B 327 -67.75 -12.07 -21.68
C TYR B 327 -66.48 -12.89 -21.86
N ALA B 328 -66.00 -13.03 -23.10
CA ALA B 328 -64.79 -13.78 -23.40
C ALA B 328 -63.82 -12.85 -24.11
N TRP B 329 -62.79 -12.41 -23.39
CA TRP B 329 -61.78 -11.51 -23.94
C TRP B 329 -60.43 -12.22 -23.98
N ASN B 330 -59.76 -12.12 -25.12
CA ASN B 330 -58.45 -12.76 -25.28
C ASN B 330 -57.43 -12.15 -24.33
N ARG B 331 -56.55 -13.00 -23.81
CA ARG B 331 -55.51 -12.59 -22.89
C ARG B 331 -54.18 -13.12 -23.40
N LYS B 332 -53.40 -12.26 -24.06
CA LYS B 332 -52.10 -12.62 -24.62
C LYS B 332 -51.06 -11.65 -24.08
N ARG B 333 -49.95 -12.19 -23.59
CA ARG B 333 -48.88 -11.36 -23.06
C ARG B 333 -48.25 -10.52 -24.17
N ILE B 334 -47.93 -9.27 -23.85
CA ILE B 334 -47.34 -8.33 -24.81
C ILE B 334 -46.03 -7.82 -24.21
N SER B 335 -44.95 -7.91 -24.99
CA SER B 335 -43.64 -7.46 -24.55
C SER B 335 -42.79 -7.16 -25.77
N ASN B 336 -41.57 -6.72 -25.52
CA ASN B 336 -40.61 -6.39 -26.58
C ASN B 336 -41.15 -5.32 -27.51
N CYS B 337 -41.93 -4.38 -26.97
CA CYS B 337 -42.49 -3.29 -27.76
C CYS B 337 -42.81 -2.14 -26.82
N VAL B 338 -43.29 -1.03 -27.39
CA VAL B 338 -43.57 0.19 -26.63
C VAL B 338 -45.00 0.62 -26.96
N ALA B 339 -45.61 1.37 -26.04
CA ALA B 339 -46.95 1.87 -26.26
C ALA B 339 -47.00 2.79 -27.48
N ASP B 340 -48.10 2.73 -28.22
CA ASP B 340 -48.27 3.50 -29.44
C ASP B 340 -48.99 4.82 -29.21
N TYR B 341 -49.21 5.22 -27.95
CA TYR B 341 -49.88 6.47 -27.67
C TYR B 341 -49.11 7.68 -28.20
N SER B 342 -47.78 7.57 -28.31
CA SER B 342 -46.99 8.69 -28.80
C SER B 342 -47.28 9.03 -30.25
N VAL B 343 -47.73 8.06 -31.04
CA VAL B 343 -48.01 8.31 -32.46
C VAL B 343 -49.44 8.78 -32.70
N LEU B 344 -50.30 8.76 -31.67
CA LEU B 344 -51.70 9.12 -31.82
C LEU B 344 -51.93 10.63 -31.87
N TYR B 345 -50.86 11.43 -31.99
CA TYR B 345 -51.05 12.87 -32.08
C TYR B 345 -51.86 13.25 -33.32
N ASN B 346 -51.56 12.62 -34.46
CA ASN B 346 -52.27 12.84 -35.71
C ASN B 346 -52.93 11.53 -36.12
N SER B 347 -54.16 11.33 -35.67
CA SER B 347 -54.89 10.11 -35.97
C SER B 347 -56.37 10.27 -35.64
N ALA B 348 -57.13 9.17 -35.69
CA ALA B 348 -58.55 9.22 -35.40
C ALA B 348 -58.77 9.39 -33.90
N SER B 349 -59.05 10.62 -33.46
CA SER B 349 -59.24 10.91 -32.05
C SER B 349 -60.40 10.09 -31.48
N PHE B 350 -60.22 9.60 -30.25
CA PHE B 350 -61.23 8.80 -29.58
C PHE B 350 -62.16 9.70 -28.80
N SER B 351 -63.31 9.13 -28.38
CA SER B 351 -64.30 9.94 -27.67
C SER B 351 -63.74 10.48 -26.36
N THR B 352 -63.01 9.66 -25.61
CA THR B 352 -62.40 10.10 -24.37
C THR B 352 -61.19 9.25 -24.05
N PHE B 353 -60.19 9.88 -23.42
CA PHE B 353 -58.96 9.22 -23.00
C PHE B 353 -58.63 9.74 -21.61
N LYS B 354 -58.88 8.92 -20.58
CA LYS B 354 -58.72 9.37 -19.19
C LYS B 354 -57.81 8.40 -18.46
N CYS B 355 -56.74 8.93 -17.87
CA CYS B 355 -55.81 8.15 -17.06
C CYS B 355 -55.80 8.72 -15.65
N TYR B 356 -56.46 8.02 -14.72
CA TYR B 356 -56.52 8.49 -13.34
C TYR B 356 -55.17 8.35 -12.65
N GLY B 357 -54.47 7.25 -12.90
CA GLY B 357 -53.21 7.02 -12.19
C GLY B 357 -52.16 8.06 -12.51
N VAL B 358 -51.98 8.37 -13.80
CA VAL B 358 -50.98 9.34 -14.25
C VAL B 358 -51.61 10.22 -15.31
N SER B 359 -51.00 11.40 -15.50
CA SER B 359 -51.46 12.31 -16.53
C SER B 359 -51.12 11.76 -17.91
N PRO B 360 -51.85 12.17 -18.95
CA PRO B 360 -51.57 11.64 -20.29
C PRO B 360 -50.17 11.96 -20.79
N THR B 361 -49.55 13.05 -20.32
CA THR B 361 -48.22 13.43 -20.76
C THR B 361 -47.11 12.72 -19.99
N LYS B 362 -47.45 12.03 -18.89
CA LYS B 362 -46.47 11.30 -18.11
C LYS B 362 -46.38 9.83 -18.47
N LEU B 363 -47.13 9.38 -19.48
CA LEU B 363 -47.08 7.97 -19.87
C LEU B 363 -45.69 7.57 -20.32
N ASN B 364 -45.04 8.43 -21.11
CA ASN B 364 -43.71 8.14 -21.61
C ASN B 364 -42.64 8.25 -20.53
N ASP B 365 -42.94 8.89 -19.40
CA ASP B 365 -41.99 9.05 -18.32
C ASP B 365 -42.03 7.89 -17.32
N LEU B 366 -42.98 6.97 -17.47
CA LEU B 366 -43.12 5.84 -16.56
C LEU B 366 -43.01 4.54 -17.36
N CYS B 367 -42.19 3.61 -16.87
CA CYS B 367 -42.00 2.35 -17.54
C CYS B 367 -43.22 1.44 -17.36
N PHE B 368 -43.39 0.53 -18.30
CA PHE B 368 -44.49 -0.41 -18.31
C PHE B 368 -43.96 -1.84 -18.32
N THR B 369 -44.66 -2.73 -17.63
CA THR B 369 -44.27 -4.14 -17.53
C THR B 369 -45.31 -5.06 -18.16
N ASN B 370 -46.58 -4.92 -17.77
CA ASN B 370 -47.66 -5.78 -18.26
C ASN B 370 -48.64 -4.91 -19.06
N VAL B 371 -49.00 -5.37 -20.25
CA VAL B 371 -49.93 -4.67 -21.12
C VAL B 371 -51.07 -5.63 -21.41
N TYR B 372 -52.23 -5.39 -20.81
CA TYR B 372 -53.43 -6.20 -21.01
C TYR B 372 -54.61 -5.24 -21.20
N ALA B 373 -55.20 -5.25 -22.39
CA ALA B 373 -56.31 -4.36 -22.72
C ALA B 373 -57.59 -5.18 -22.82
N ASP B 374 -58.62 -4.74 -22.09
CA ASP B 374 -59.93 -5.38 -22.11
C ASP B 374 -60.89 -4.48 -22.87
N SER B 375 -61.30 -4.93 -24.05
CA SER B 375 -62.17 -4.16 -24.94
C SER B 375 -63.59 -4.69 -24.82
N PHE B 376 -64.55 -3.78 -24.68
CA PHE B 376 -65.97 -4.17 -24.63
C PHE B 376 -66.80 -3.05 -25.25
N VAL B 377 -68.11 -3.31 -25.33
CA VAL B 377 -69.06 -2.39 -25.94
C VAL B 377 -70.11 -2.02 -24.90
N ILE B 378 -70.42 -0.73 -24.80
CA ILE B 378 -71.38 -0.23 -23.83
C ILE B 378 -72.38 0.68 -24.53
N ARG B 379 -73.50 0.92 -23.86
CA ARG B 379 -74.50 1.84 -24.38
C ARG B 379 -74.14 3.28 -24.01
N GLY B 380 -74.52 4.21 -24.88
CA GLY B 380 -74.21 5.61 -24.65
C GLY B 380 -74.85 6.13 -23.38
N ASP B 381 -76.13 5.86 -23.19
CA ASP B 381 -76.84 6.33 -22.01
C ASP B 381 -76.26 5.78 -20.71
N GLU B 382 -75.55 4.67 -20.76
CA GLU B 382 -74.92 4.09 -19.58
C GLU B 382 -73.51 4.64 -19.34
N VAL B 383 -73.00 5.49 -20.24
CA VAL B 383 -71.66 6.04 -20.04
C VAL B 383 -71.61 6.88 -18.76
N ARG B 384 -72.61 7.74 -18.57
CA ARG B 384 -72.65 8.56 -17.35
C ARG B 384 -72.79 7.70 -16.12
N GLN B 385 -73.66 6.68 -16.18
CA GLN B 385 -73.89 5.81 -15.04
C GLN B 385 -72.74 4.85 -14.78
N ILE B 386 -71.82 4.69 -15.71
CA ILE B 386 -70.68 3.79 -15.57
C ILE B 386 -69.45 4.65 -15.26
N ALA B 387 -68.90 4.47 -14.07
CA ALA B 387 -67.71 5.22 -13.65
C ALA B 387 -67.19 4.65 -12.34
N PRO B 388 -65.90 4.76 -12.07
CA PRO B 388 -65.37 4.22 -10.80
C PRO B 388 -66.00 4.90 -9.60
N GLY B 389 -66.26 4.11 -8.56
CA GLY B 389 -66.85 4.64 -7.35
C GLY B 389 -68.33 4.94 -7.43
N GLN B 390 -68.99 4.56 -8.53
CA GLN B 390 -70.41 4.82 -8.71
C GLN B 390 -71.19 3.51 -8.52
N THR B 391 -72.17 3.54 -7.63
CA THR B 391 -72.99 2.36 -7.36
C THR B 391 -74.07 2.24 -8.44
N GLY B 392 -74.28 1.01 -8.91
CA GLY B 392 -75.29 0.77 -9.93
C GLY B 392 -75.39 -0.71 -10.23
N LYS B 393 -76.36 -1.04 -11.08
CA LYS B 393 -76.58 -2.43 -11.44
C LYS B 393 -75.36 -3.01 -12.17
N ILE B 394 -74.78 -2.23 -13.08
CA ILE B 394 -73.61 -2.70 -13.82
C ILE B 394 -72.44 -2.92 -12.85
N ALA B 395 -72.23 -1.98 -11.93
CA ALA B 395 -71.13 -2.09 -10.99
C ALA B 395 -71.32 -3.29 -10.05
N ASP B 396 -72.58 -3.60 -9.73
CA ASP B 396 -72.85 -4.61 -8.72
C ASP B 396 -72.60 -6.03 -9.23
N TYR B 397 -72.97 -6.33 -10.47
CA TYR B 397 -73.00 -7.71 -10.94
C TYR B 397 -71.92 -8.03 -11.95
N ASN B 398 -71.86 -7.30 -13.07
CA ASN B 398 -70.96 -7.68 -14.16
C ASN B 398 -69.70 -6.83 -14.20
N TYR B 399 -69.72 -5.63 -13.63
CA TYR B 399 -68.58 -4.72 -13.63
C TYR B 399 -68.05 -4.61 -12.21
N LYS B 400 -67.10 -5.47 -11.86
CA LYS B 400 -66.47 -5.47 -10.54
C LYS B 400 -64.96 -5.36 -10.72
N LEU B 401 -64.37 -4.38 -10.05
CA LEU B 401 -62.93 -4.16 -10.10
C LEU B 401 -62.42 -3.74 -8.72
N PRO B 402 -61.13 -3.95 -8.45
CA PRO B 402 -60.59 -3.52 -7.15
C PRO B 402 -60.73 -2.03 -6.95
N ASP B 403 -60.97 -1.65 -5.69
CA ASP B 403 -61.12 -0.24 -5.34
C ASP B 403 -59.86 0.56 -5.60
N ASP B 404 -58.69 -0.09 -5.57
CA ASP B 404 -57.42 0.58 -5.81
C ASP B 404 -56.89 0.34 -7.22
N PHE B 405 -57.72 -0.18 -8.12
CA PHE B 405 -57.28 -0.46 -9.48
C PHE B 405 -56.85 0.82 -10.16
N THR B 406 -55.72 0.76 -10.86
CA THR B 406 -55.15 1.89 -11.58
C THR B 406 -55.04 1.52 -13.06
N GLY B 407 -55.44 2.44 -13.93
CA GLY B 407 -55.37 2.18 -15.36
C GLY B 407 -55.93 3.35 -16.14
N CYS B 408 -56.04 3.16 -17.45
CA CYS B 408 -56.55 4.17 -18.36
C CYS B 408 -57.80 3.64 -19.05
N VAL B 409 -58.72 4.56 -19.36
CA VAL B 409 -59.97 4.26 -20.03
C VAL B 409 -60.00 5.02 -21.35
N ILE B 410 -60.24 4.30 -22.43
CA ILE B 410 -60.28 4.86 -23.78
C ILE B 410 -61.60 4.48 -24.41
N ALA B 411 -62.44 5.47 -24.72
CA ALA B 411 -63.74 5.22 -25.32
C ALA B 411 -63.84 5.92 -26.67
N TRP B 412 -64.50 5.25 -27.61
CA TRP B 412 -64.71 5.82 -28.93
C TRP B 412 -65.98 5.24 -29.54
N ASN B 413 -66.65 6.06 -30.35
CA ASN B 413 -67.87 5.63 -31.03
C ASN B 413 -67.52 4.70 -32.18
N SER B 414 -68.19 3.55 -32.24
CA SER B 414 -67.97 2.56 -33.29
C SER B 414 -69.06 2.57 -34.35
N ASN B 415 -69.89 3.61 -34.39
CA ASN B 415 -70.97 3.66 -35.37
C ASN B 415 -70.42 3.62 -36.80
N ASN B 416 -69.22 4.16 -37.00
CA ASN B 416 -68.64 4.17 -38.34
C ASN B 416 -68.38 2.76 -38.88
N LEU B 417 -68.21 1.79 -37.99
CA LEU B 417 -67.95 0.40 -38.39
C LEU B 417 -69.07 -0.54 -37.97
N ASP B 418 -69.59 -0.39 -36.76
CA ASP B 418 -70.66 -1.27 -36.29
C ASP B 418 -71.93 -1.11 -37.09
N SER B 419 -72.09 -0.01 -37.82
CA SER B 419 -73.29 0.20 -38.60
C SER B 419 -73.37 -0.81 -39.75
N LYS B 420 -74.59 -1.05 -40.22
CA LYS B 420 -74.90 -1.96 -41.31
C LYS B 420 -74.17 -3.29 -41.19
N VAL B 421 -74.09 -3.86 -39.99
CA VAL B 421 -73.43 -5.14 -39.78
C VAL B 421 -74.37 -6.34 -39.77
N GLY B 422 -75.63 -6.11 -40.12
CA GLY B 422 -76.73 -7.05 -40.20
C GLY B 422 -77.07 -7.69 -38.87
N GLY B 423 -77.04 -6.90 -37.80
CA GLY B 423 -77.32 -7.08 -36.38
C GLY B 423 -76.79 -8.39 -35.83
N ASN B 424 -75.49 -8.62 -35.95
CA ASN B 424 -74.87 -9.85 -35.47
C ASN B 424 -75.02 -9.92 -33.95
N TYR B 425 -75.36 -11.10 -33.45
CA TYR B 425 -75.61 -11.31 -32.03
C TYR B 425 -74.41 -11.95 -31.32
N ASN B 426 -73.20 -11.73 -31.82
CA ASN B 426 -72.02 -12.31 -31.17
C ASN B 426 -71.84 -11.78 -29.76
N TYR B 427 -72.04 -10.48 -29.55
CA TYR B 427 -71.88 -9.91 -28.23
C TYR B 427 -72.87 -10.52 -27.25
N LEU B 428 -72.39 -10.83 -26.05
CA LEU B 428 -73.23 -11.43 -25.02
C LEU B 428 -72.69 -11.02 -23.65
N TYR B 429 -73.57 -11.05 -22.66
CA TYR B 429 -73.21 -10.67 -21.30
C TYR B 429 -74.13 -11.39 -20.32
N ARG B 430 -73.67 -11.47 -19.07
CA ARG B 430 -74.44 -12.10 -18.00
C ARG B 430 -75.17 -11.01 -17.22
N LEU B 431 -76.50 -10.97 -17.36
CA LEU B 431 -77.29 -9.94 -16.67
C LEU B 431 -77.41 -10.20 -15.18
N PHE B 432 -77.54 -11.46 -14.78
CA PHE B 432 -77.70 -11.81 -13.37
C PHE B 432 -76.80 -13.00 -13.04
N ARG B 433 -76.41 -13.09 -11.78
CA ARG B 433 -75.56 -14.17 -11.31
C ARG B 433 -75.84 -14.41 -9.84
N LYS B 434 -75.51 -15.61 -9.38
CA LYS B 434 -75.70 -16.00 -7.99
C LYS B 434 -74.78 -15.27 -7.03
N SER B 435 -73.75 -14.59 -7.53
CA SER B 435 -72.81 -13.87 -6.68
C SER B 435 -72.09 -12.84 -7.54
N ASN B 436 -71.22 -12.07 -6.90
CA ASN B 436 -70.46 -11.03 -7.58
C ASN B 436 -69.16 -11.61 -8.14
N LEU B 437 -68.92 -11.38 -9.43
CA LEU B 437 -67.72 -11.89 -10.08
C LEU B 437 -66.49 -11.14 -9.57
N LYS B 438 -65.45 -11.90 -9.23
CA LYS B 438 -64.20 -11.32 -8.80
C LYS B 438 -63.45 -10.75 -10.01
N PRO B 439 -62.49 -9.86 -9.79
CA PRO B 439 -61.73 -9.31 -10.91
C PRO B 439 -61.05 -10.40 -11.72
N PHE B 440 -61.05 -10.23 -13.05
CA PHE B 440 -60.45 -11.18 -13.97
C PHE B 440 -61.10 -12.56 -13.88
N GLU B 441 -62.34 -12.63 -13.44
CA GLU B 441 -63.06 -13.89 -13.31
C GLU B 441 -64.11 -14.02 -14.40
N ARG B 442 -64.33 -15.27 -14.84
CA ARG B 442 -65.32 -15.57 -15.86
C ARG B 442 -66.20 -16.72 -15.38
N ASP B 443 -67.46 -16.69 -15.81
CA ASP B 443 -68.45 -17.70 -15.44
C ASP B 443 -68.70 -18.60 -16.66
N ILE B 444 -68.59 -19.91 -16.46
CA ILE B 444 -68.81 -20.88 -17.52
C ILE B 444 -70.07 -21.72 -17.30
N SER B 445 -70.78 -21.49 -16.20
CA SER B 445 -71.99 -22.27 -15.91
C SER B 445 -73.17 -21.71 -16.69
N THR B 446 -73.70 -22.50 -17.61
CA THR B 446 -74.85 -22.11 -18.43
C THR B 446 -76.16 -22.70 -17.91
N GLU B 447 -76.16 -23.32 -16.74
CA GLU B 447 -77.37 -23.94 -16.22
C GLU B 447 -78.45 -22.89 -15.97
N ILE B 448 -79.70 -23.28 -16.22
CA ILE B 448 -80.82 -22.38 -16.01
C ILE B 448 -80.98 -22.11 -14.53
N TYR B 449 -81.04 -20.83 -14.16
CA TYR B 449 -81.15 -20.46 -12.76
C TYR B 449 -82.50 -20.88 -12.21
N GLN B 450 -82.48 -21.55 -11.05
CA GLN B 450 -83.68 -22.07 -10.40
C GLN B 450 -84.11 -21.09 -9.32
N ALA B 451 -85.24 -20.43 -9.52
CA ALA B 451 -85.79 -19.51 -8.54
C ALA B 451 -86.79 -20.19 -7.62
N GLY B 452 -87.63 -21.08 -8.16
CA GLY B 452 -88.62 -21.78 -7.38
C GLY B 452 -88.18 -23.17 -6.98
N SER B 453 -89.09 -23.89 -6.32
CA SER B 453 -88.80 -25.25 -5.88
C SER B 453 -88.80 -26.26 -7.01
N THR B 454 -89.37 -25.93 -8.16
CA THR B 454 -89.42 -26.85 -9.28
C THR B 454 -88.07 -26.87 -10.00
N PRO B 455 -87.38 -28.01 -10.09
CA PRO B 455 -86.11 -28.03 -10.82
C PRO B 455 -86.30 -27.65 -12.28
N CYS B 456 -85.33 -26.90 -12.80
CA CYS B 456 -85.36 -26.53 -14.22
C CYS B 456 -84.95 -27.70 -15.10
N ASN B 457 -84.05 -28.56 -14.62
CA ASN B 457 -83.58 -29.73 -15.37
C ASN B 457 -82.91 -29.32 -16.69
N GLY B 458 -82.29 -28.14 -16.70
CA GLY B 458 -81.58 -27.68 -17.88
C GLY B 458 -82.45 -27.13 -18.98
N VAL B 459 -83.76 -27.00 -18.74
CA VAL B 459 -84.70 -26.50 -19.74
C VAL B 459 -85.59 -25.45 -19.09
N GLU B 460 -86.23 -24.64 -19.92
CA GLU B 460 -87.13 -23.60 -19.43
C GLU B 460 -88.29 -24.21 -18.67
N GLY B 461 -88.71 -23.51 -17.62
CA GLY B 461 -89.79 -24.01 -16.80
C GLY B 461 -90.31 -22.94 -15.86
N PHE B 462 -91.13 -23.37 -14.90
CA PHE B 462 -91.73 -22.45 -13.95
C PHE B 462 -90.66 -21.92 -13.00
N ASN B 463 -90.63 -20.60 -12.82
CA ASN B 463 -89.65 -19.93 -11.96
C ASN B 463 -88.23 -20.32 -12.37
N CYS B 464 -88.00 -20.39 -13.67
CA CYS B 464 -86.68 -20.68 -14.23
C CYS B 464 -86.22 -19.46 -15.03
N TYR B 465 -85.00 -19.01 -14.76
CA TYR B 465 -84.45 -17.81 -15.38
C TYR B 465 -83.26 -18.16 -16.26
N PHE B 466 -83.11 -17.40 -17.34
CA PHE B 466 -81.99 -17.58 -18.27
C PHE B 466 -81.01 -16.44 -18.06
N PRO B 467 -79.84 -16.68 -17.45
CA PRO B 467 -78.95 -15.55 -17.13
C PRO B 467 -78.32 -14.91 -18.35
N LEU B 468 -77.81 -15.71 -19.29
CA LEU B 468 -77.12 -15.16 -20.44
C LEU B 468 -78.07 -14.30 -21.27
N GLN B 469 -77.57 -13.15 -21.70
CA GLN B 469 -78.36 -12.23 -22.51
C GLN B 469 -77.43 -11.38 -23.36
N SER B 470 -77.98 -10.86 -24.46
CA SER B 470 -77.25 -10.02 -25.39
C SER B 470 -77.98 -8.70 -25.58
N TYR B 471 -77.26 -7.71 -26.10
CA TYR B 471 -77.81 -6.38 -26.34
C TYR B 471 -78.59 -6.40 -27.65
N GLY B 472 -79.91 -6.25 -27.55
CA GLY B 472 -80.74 -6.24 -28.75
C GLY B 472 -80.35 -5.10 -29.67
N PHE B 473 -80.22 -5.41 -30.96
CA PHE B 473 -79.84 -4.42 -31.97
C PHE B 473 -81.11 -3.92 -32.64
N GLN B 474 -81.47 -2.67 -32.35
CA GLN B 474 -82.67 -2.05 -32.91
C GLN B 474 -82.27 -1.10 -34.03
N PRO B 475 -82.71 -1.32 -35.28
CA PRO B 475 -82.32 -0.41 -36.36
C PRO B 475 -82.79 1.02 -36.17
N THR B 476 -83.79 1.25 -35.32
CA THR B 476 -84.32 2.59 -35.07
C THR B 476 -83.59 3.31 -33.95
N ASN B 477 -82.54 2.72 -33.40
CA ASN B 477 -81.79 3.35 -32.32
C ASN B 477 -81.26 4.71 -32.77
N GLY B 478 -81.35 5.69 -31.86
CA GLY B 478 -80.91 7.03 -32.14
C GLY B 478 -79.43 7.22 -31.89
N VAL B 479 -79.00 8.49 -31.94
CA VAL B 479 -77.58 8.80 -31.74
C VAL B 479 -77.15 8.41 -30.33
N GLY B 480 -78.00 8.69 -29.33
CA GLY B 480 -77.65 8.39 -27.95
C GLY B 480 -77.57 6.92 -27.65
N TYR B 481 -78.23 6.08 -28.44
CA TYR B 481 -78.22 4.64 -28.24
C TYR B 481 -77.12 3.94 -29.03
N GLN B 482 -76.28 4.68 -29.74
CA GLN B 482 -75.22 4.07 -30.53
C GLN B 482 -74.21 3.41 -29.61
N PRO B 483 -73.80 2.16 -29.86
CA PRO B 483 -72.80 1.52 -29.00
C PRO B 483 -71.46 2.24 -29.08
N TYR B 484 -70.74 2.22 -27.95
CA TYR B 484 -69.43 2.83 -27.84
C TYR B 484 -68.45 1.76 -27.36
N ARG B 485 -67.29 1.67 -28.02
CA ARG B 485 -66.27 0.72 -27.61
C ARG B 485 -65.36 1.36 -26.56
N VAL B 486 -65.18 0.65 -25.44
CA VAL B 486 -64.39 1.12 -24.31
C VAL B 486 -63.32 0.08 -24.01
N VAL B 487 -62.10 0.56 -23.76
CA VAL B 487 -60.96 -0.28 -23.44
C VAL B 487 -60.35 0.22 -22.13
N VAL B 488 -60.08 -0.73 -21.24
CA VAL B 488 -59.48 -0.43 -19.94
C VAL B 488 -58.14 -1.16 -19.87
N LEU B 489 -57.07 -0.42 -19.60
CA LEU B 489 -55.73 -0.99 -19.51
C LEU B 489 -55.44 -1.34 -18.05
N SER B 490 -55.34 -2.63 -17.76
CA SER B 490 -55.07 -3.11 -16.42
C SER B 490 -53.62 -3.55 -16.30
N PHE B 491 -52.92 -3.00 -15.31
CA PHE B 491 -51.51 -3.33 -15.08
C PHE B 491 -51.08 -2.76 -13.74
N GLU B 492 -50.25 -3.52 -13.04
CA GLU B 492 -49.75 -3.12 -11.73
C GLU B 492 -48.33 -2.57 -11.78
N LEU B 493 -47.59 -2.83 -12.85
CA LEU B 493 -46.22 -2.34 -13.02
C LEU B 493 -45.26 -2.99 -12.03
N LEU B 494 -45.72 -4.03 -11.33
CA LEU B 494 -44.89 -4.74 -10.36
C LEU B 494 -44.84 -6.22 -10.74
N HIS B 495 -43.98 -6.98 -10.06
CA HIS B 495 -43.82 -8.42 -10.20
C HIS B 495 -43.08 -8.82 -11.47
N ALA B 496 -42.72 -7.86 -12.34
CA ALA B 496 -42.00 -8.17 -13.55
C ALA B 496 -40.93 -7.10 -13.76
N PRO B 497 -39.84 -7.43 -14.46
CA PRO B 497 -38.80 -6.43 -14.72
C PRO B 497 -39.33 -5.30 -15.59
N ALA B 498 -38.76 -4.11 -15.38
CA ALA B 498 -39.09 -2.93 -16.16
C ALA B 498 -38.24 -2.93 -17.43
N THR B 499 -38.82 -3.39 -18.54
CA THR B 499 -38.11 -3.50 -19.81
C THR B 499 -38.62 -2.47 -20.82
N VAL B 500 -39.94 -2.28 -20.89
CA VAL B 500 -40.53 -1.37 -21.86
C VAL B 500 -40.41 0.05 -21.34
N CYS B 501 -39.85 0.93 -22.17
CA CYS B 501 -39.66 2.34 -21.83
C CYS B 501 -40.29 3.21 -22.92
N GLY B 502 -40.74 4.40 -22.50
CA GLY B 502 -41.38 5.32 -23.40
C GLY B 502 -40.39 6.00 -24.32
N PRO B 503 -40.88 6.60 -25.41
CA PRO B 503 -39.99 7.26 -26.36
C PRO B 503 -39.24 8.42 -25.71
N LYS B 504 -38.00 8.61 -26.14
CA LYS B 504 -37.14 9.69 -25.65
C LYS B 504 -36.62 10.50 -26.82
N LYS B 505 -36.59 11.82 -26.64
CA LYS B 505 -36.11 12.72 -27.68
C LYS B 505 -34.63 12.47 -27.94
N SER B 506 -34.24 12.45 -29.21
CA SER B 506 -32.87 12.20 -29.61
C SER B 506 -32.25 13.50 -30.10
N THR B 507 -31.06 13.81 -29.58
CA THR B 507 -30.36 15.02 -29.97
C THR B 507 -29.58 14.79 -31.27
N ASN B 508 -28.82 15.79 -31.70
CA ASN B 508 -28.03 15.69 -32.91
C ASN B 508 -26.69 15.02 -32.62
N LEU B 509 -26.02 14.58 -33.68
CA LEU B 509 -24.72 13.92 -33.57
C LEU B 509 -23.65 14.78 -34.22
N VAL B 510 -22.49 14.85 -33.58
CA VAL B 510 -21.34 15.60 -34.09
C VAL B 510 -20.18 14.65 -34.28
N LYS B 511 -19.32 14.99 -35.24
CA LYS B 511 -18.19 14.15 -35.60
C LYS B 511 -16.91 15.00 -35.61
N ASN B 512 -15.78 14.32 -35.50
CA ASN B 512 -14.46 14.95 -35.48
C ASN B 512 -14.25 15.82 -34.24
N LYS B 513 -15.04 15.61 -33.20
CA LYS B 513 -14.91 16.35 -31.96
C LYS B 513 -15.18 15.42 -30.79
N CYS B 514 -14.33 15.48 -29.77
CA CYS B 514 -14.49 14.61 -28.61
C CYS B 514 -15.83 14.89 -27.93
N VAL B 515 -16.57 13.82 -27.64
CA VAL B 515 -17.90 13.94 -27.06
C VAL B 515 -18.19 12.70 -26.24
N ASN B 516 -19.09 12.85 -25.27
CA ASN B 516 -19.56 11.73 -24.47
C ASN B 516 -20.66 10.97 -25.20
N PHE B 517 -20.79 9.69 -24.88
CA PHE B 517 -21.80 8.84 -25.50
C PHE B 517 -22.15 7.71 -24.54
N ASN B 518 -23.32 7.12 -24.76
CA ASN B 518 -23.81 6.01 -23.95
C ASN B 518 -24.58 5.06 -24.85
N PHE B 519 -24.02 3.88 -25.09
CA PHE B 519 -24.63 2.86 -25.94
C PHE B 519 -24.98 1.66 -25.08
N ASN B 520 -26.25 1.27 -25.07
CA ASN B 520 -26.72 0.09 -24.35
C ASN B 520 -26.25 0.12 -22.89
N GLY B 521 -26.31 1.29 -22.27
CA GLY B 521 -25.90 1.46 -20.90
C GLY B 521 -24.42 1.75 -20.71
N LEU B 522 -23.56 1.19 -21.57
CA LEU B 522 -22.13 1.42 -21.45
C LEU B 522 -21.79 2.84 -21.90
N THR B 523 -21.14 3.59 -21.02
CA THR B 523 -20.75 4.97 -21.27
C THR B 523 -19.32 5.03 -21.79
N GLY B 524 -19.01 6.14 -22.46
CA GLY B 524 -17.68 6.33 -22.99
C GLY B 524 -17.53 7.74 -23.53
N THR B 525 -16.29 8.06 -23.92
CA THR B 525 -15.97 9.36 -24.50
C THR B 525 -15.04 9.16 -25.67
N GLY B 526 -15.30 9.87 -26.77
CA GLY B 526 -14.47 9.72 -27.93
C GLY B 526 -15.01 10.50 -29.12
N VAL B 527 -14.45 10.21 -30.28
CA VAL B 527 -14.79 10.88 -31.53
C VAL B 527 -15.42 9.85 -32.45
N LEU B 528 -16.58 10.17 -33.01
CA LEU B 528 -17.26 9.29 -33.95
C LEU B 528 -16.91 9.69 -35.37
N THR B 529 -16.36 8.74 -36.13
CA THR B 529 -15.93 8.97 -37.50
C THR B 529 -16.55 7.92 -38.41
N GLU B 530 -16.13 7.92 -39.68
CA GLU B 530 -16.61 6.98 -40.68
C GLU B 530 -15.45 6.09 -41.13
N SER B 531 -15.69 4.78 -41.16
CA SER B 531 -14.69 3.81 -41.58
C SER B 531 -15.31 2.85 -42.58
N ASN B 532 -14.51 2.43 -43.57
CA ASN B 532 -14.95 1.51 -44.61
C ASN B 532 -14.46 0.09 -44.38
N LYS B 533 -13.91 -0.21 -43.20
CA LYS B 533 -13.39 -1.54 -42.91
C LYS B 533 -14.55 -2.53 -42.83
N LYS B 534 -14.40 -3.68 -43.49
CA LYS B 534 -15.44 -4.70 -43.47
C LYS B 534 -15.65 -5.21 -42.06
N PHE B 535 -16.91 -5.33 -41.65
CA PHE B 535 -17.26 -5.77 -40.30
C PHE B 535 -18.30 -6.90 -40.36
N LEU B 536 -18.24 -7.78 -39.34
CA LEU B 536 -19.17 -8.90 -39.31
C LEU B 536 -20.60 -8.41 -39.11
N PRO B 537 -21.57 -8.97 -39.84
CA PRO B 537 -22.96 -8.50 -39.66
C PRO B 537 -23.47 -8.65 -38.25
N PHE B 538 -23.08 -9.72 -37.54
CA PHE B 538 -23.60 -9.99 -36.21
C PHE B 538 -22.84 -9.27 -35.10
N GLN B 539 -21.56 -9.00 -35.28
CA GLN B 539 -20.79 -8.33 -34.24
C GLN B 539 -21.38 -6.96 -33.92
N GLN B 540 -21.53 -6.68 -32.63
CA GLN B 540 -22.13 -5.42 -32.17
C GLN B 540 -21.07 -4.44 -31.69
N PHE B 541 -20.23 -4.85 -30.73
CA PHE B 541 -19.24 -3.99 -30.13
C PHE B 541 -17.83 -4.43 -30.51
N GLY B 542 -16.87 -3.53 -30.30
CA GLY B 542 -15.47 -3.80 -30.55
C GLY B 542 -14.60 -3.36 -29.40
N ARG B 543 -13.45 -4.02 -29.28
CA ARG B 543 -12.50 -3.75 -28.21
C ARG B 543 -11.14 -3.48 -28.83
N ASP B 544 -10.14 -3.28 -27.97
CA ASP B 544 -8.79 -2.96 -28.42
C ASP B 544 -7.81 -3.42 -27.34
N ILE B 545 -6.52 -3.37 -27.68
CA ILE B 545 -5.48 -3.75 -26.72
C ILE B 545 -5.56 -2.88 -25.48
N ALA B 546 -6.07 -1.66 -25.63
CA ALA B 546 -6.21 -0.73 -24.52
C ALA B 546 -7.39 -1.06 -23.61
N ASP B 547 -8.16 -2.11 -23.92
CA ASP B 547 -9.32 -2.51 -23.14
C ASP B 547 -10.36 -1.39 -23.09
N THR B 548 -10.46 -0.67 -24.21
CA THR B 548 -11.44 0.39 -24.38
C THR B 548 -12.15 0.19 -25.71
N THR B 549 -13.43 0.56 -25.76
CA THR B 549 -14.22 0.39 -26.97
C THR B 549 -13.59 1.16 -28.12
N ASP B 550 -13.43 0.49 -29.27
CA ASP B 550 -12.88 1.10 -30.46
C ASP B 550 -13.87 1.08 -31.62
N ALA B 551 -14.49 -0.07 -31.89
CA ALA B 551 -15.44 -0.20 -32.97
C ALA B 551 -16.84 -0.43 -32.42
N VAL B 552 -17.80 0.33 -32.95
CA VAL B 552 -19.20 0.25 -32.54
C VAL B 552 -20.07 0.23 -33.80
N ARG B 553 -21.30 -0.23 -33.63
CA ARG B 553 -22.26 -0.34 -34.72
C ARG B 553 -23.46 0.53 -34.41
N ASP B 554 -23.87 1.33 -35.38
CA ASP B 554 -25.03 2.21 -35.20
C ASP B 554 -26.31 1.39 -35.31
N PRO B 555 -27.17 1.37 -34.29
CA PRO B 555 -28.41 0.58 -34.43
C PRO B 555 -29.29 1.03 -35.58
N GLN B 556 -29.31 2.33 -35.88
CA GLN B 556 -30.17 2.83 -36.95
C GLN B 556 -29.79 2.22 -38.29
N THR B 557 -28.56 2.46 -38.74
CA THR B 557 -28.07 1.98 -40.03
C THR B 557 -26.80 1.18 -39.82
N LEU B 558 -26.58 0.20 -40.69
CA LEU B 558 -25.40 -0.66 -40.62
C LEU B 558 -24.18 0.14 -41.04
N GLU B 559 -23.42 0.61 -40.05
CA GLU B 559 -22.21 1.38 -40.31
C GLU B 559 -21.25 1.19 -39.15
N ILE B 560 -19.97 1.44 -39.42
CA ILE B 560 -18.90 1.28 -38.43
C ILE B 560 -18.32 2.67 -38.17
N LEU B 561 -18.32 3.07 -36.90
CA LEU B 561 -17.76 4.35 -36.48
C LEU B 561 -16.60 4.08 -35.53
N ASP B 562 -15.43 4.63 -35.86
CA ASP B 562 -14.24 4.45 -35.05
C ASP B 562 -14.27 5.41 -33.86
N ILE B 563 -13.45 5.09 -32.85
CA ILE B 563 -13.33 5.90 -31.64
C ILE B 563 -11.87 6.28 -31.46
N THR B 564 -11.64 7.58 -31.26
CA THR B 564 -10.29 8.08 -31.05
C THR B 564 -10.34 9.44 -30.34
N PRO B 565 -9.52 9.65 -29.31
CA PRO B 565 -9.52 10.95 -28.63
C PRO B 565 -8.79 12.01 -29.44
N CYS B 566 -9.15 13.26 -29.17
CA CYS B 566 -8.57 14.38 -29.92
C CYS B 566 -7.21 14.79 -29.34
N SER B 567 -7.19 15.31 -28.12
CA SER B 567 -5.98 15.88 -27.55
C SER B 567 -5.56 15.21 -26.25
N PHE B 568 -6.50 15.10 -25.30
CA PHE B 568 -6.23 14.68 -23.93
C PHE B 568 -5.41 15.70 -23.15
N GLY B 569 -4.96 16.76 -23.81
CA GLY B 569 -4.36 17.88 -23.11
C GLY B 569 -2.90 17.70 -22.72
N GLY B 570 -2.07 18.69 -23.04
CA GLY B 570 -0.72 18.77 -22.51
C GLY B 570 -0.08 20.09 -22.86
N VAL B 571 0.45 20.80 -21.86
CA VAL B 571 0.94 22.16 -22.05
C VAL B 571 2.37 22.23 -21.53
N SER B 572 3.25 22.87 -22.29
CA SER B 572 4.59 23.19 -21.87
C SER B 572 4.84 24.68 -22.05
N VAL B 573 5.65 25.23 -21.16
CA VAL B 573 5.93 26.67 -21.13
C VAL B 573 7.43 26.85 -21.28
N ILE B 574 7.84 27.67 -22.25
CA ILE B 574 9.25 27.99 -22.45
C ILE B 574 9.48 29.43 -22.00
N THR B 575 10.44 29.61 -21.08
CA THR B 575 10.71 30.90 -20.49
C THR B 575 12.22 31.15 -20.51
N PRO B 576 12.69 32.24 -21.12
CA PRO B 576 14.10 32.58 -21.02
C PRO B 576 14.42 33.20 -19.67
N GLY B 577 15.67 33.65 -19.53
CA GLY B 577 16.11 34.30 -18.31
C GLY B 577 15.25 35.49 -17.94
N THR B 578 14.73 35.50 -16.72
CA THR B 578 13.85 36.60 -16.29
C THR B 578 14.60 37.93 -16.23
N ASN B 579 15.91 37.91 -16.01
CA ASN B 579 16.67 39.15 -15.94
C ASN B 579 16.61 39.90 -17.26
N THR B 580 16.72 39.19 -18.38
CA THR B 580 16.72 39.83 -19.69
C THR B 580 15.29 40.21 -20.11
N SER B 581 14.41 39.20 -20.19
CA SER B 581 13.03 39.42 -20.62
C SER B 581 12.13 38.43 -19.89
N ASN B 582 10.82 38.73 -19.91
CA ASN B 582 9.83 37.90 -19.25
C ASN B 582 8.83 37.29 -20.22
N GLN B 583 9.01 37.46 -21.53
CA GLN B 583 8.13 36.87 -22.53
C GLN B 583 8.24 35.35 -22.47
N VAL B 584 7.11 34.67 -22.66
CA VAL B 584 7.05 33.21 -22.57
C VAL B 584 6.36 32.67 -23.82
N ALA B 585 6.61 31.39 -24.09
CA ALA B 585 6.04 30.71 -25.24
C ALA B 585 5.26 29.49 -24.75
N VAL B 586 4.09 29.27 -25.34
CA VAL B 586 3.26 28.13 -24.97
C VAL B 586 3.39 27.05 -26.04
N LEU B 587 3.27 25.79 -25.63
CA LEU B 587 3.36 24.65 -26.55
C LEU B 587 2.34 23.61 -26.14
N TYR B 588 1.32 23.41 -26.98
CA TYR B 588 0.38 22.31 -26.81
C TYR B 588 1.03 21.07 -27.43
N GLN B 589 1.36 20.09 -26.60
CA GLN B 589 2.23 19.00 -27.00
C GLN B 589 1.44 17.81 -27.52
N ASP B 590 1.95 17.20 -28.59
CA ASP B 590 1.39 15.99 -29.16
C ASP B 590 -0.09 16.18 -29.50
N VAL B 591 -0.42 17.38 -30.00
CA VAL B 591 -1.78 17.71 -30.39
C VAL B 591 -1.71 18.73 -31.52
N ASN B 592 -2.86 18.97 -32.14
CA ASN B 592 -2.98 19.94 -33.22
C ASN B 592 -3.96 21.04 -32.82
N CYS B 593 -3.55 22.29 -33.01
CA CYS B 593 -4.35 23.45 -32.62
C CYS B 593 -5.41 23.70 -33.68
N THR B 594 -6.37 22.77 -33.76
CA THR B 594 -7.51 22.87 -34.66
C THR B 594 -8.83 22.90 -33.92
N GLU B 595 -9.00 22.07 -32.89
CA GLU B 595 -10.25 22.03 -32.16
C GLU B 595 -10.47 23.29 -31.30
N VAL B 596 -9.45 24.12 -31.15
CA VAL B 596 -9.57 25.34 -30.34
C VAL B 596 -10.61 26.25 -30.98
N PRO B 597 -11.38 27.01 -30.20
CA PRO B 597 -12.40 27.89 -30.81
C PRO B 597 -11.91 29.00 -31.73
N VAL B 598 -12.26 28.91 -33.02
CA VAL B 598 -11.95 29.87 -34.07
C VAL B 598 -13.13 29.93 -35.04
N ALA B 599 -13.71 31.12 -35.18
CA ALA B 599 -14.84 31.60 -35.97
C ALA B 599 -14.53 32.76 -36.91
N ILE B 600 -13.28 33.21 -36.98
CA ILE B 600 -12.80 34.32 -37.79
C ILE B 600 -12.43 33.90 -39.21
N HIS B 601 -12.28 32.60 -39.48
CA HIS B 601 -11.91 32.09 -40.79
C HIS B 601 -12.94 31.08 -41.27
N ALA B 602 -13.20 31.07 -42.57
CA ALA B 602 -14.12 30.21 -43.31
C ALA B 602 -13.35 29.25 -44.19
N ASP B 603 -13.83 28.00 -44.25
CA ASP B 603 -13.17 26.96 -45.03
C ASP B 603 -13.08 27.36 -46.50
N GLN B 604 -11.86 27.56 -47.00
CA GLN B 604 -11.38 27.92 -48.33
C GLN B 604 -10.85 26.74 -49.13
N LEU B 605 -11.07 25.51 -48.66
CA LEU B 605 -10.58 24.32 -49.34
C LEU B 605 -9.07 24.38 -49.49
N THR B 606 -8.35 24.42 -48.38
CA THR B 606 -6.89 24.45 -48.39
C THR B 606 -6.18 23.14 -48.03
N PRO B 607 -5.18 22.73 -48.82
CA PRO B 607 -4.51 21.45 -48.52
C PRO B 607 -3.96 21.37 -47.11
N THR B 608 -3.43 22.46 -46.56
CA THR B 608 -2.85 22.42 -45.22
C THR B 608 -3.26 23.57 -44.32
N TRP B 609 -4.39 23.40 -43.61
CA TRP B 609 -4.81 24.31 -42.54
C TRP B 609 -4.63 25.78 -42.91
N ARG B 610 -5.06 26.17 -44.11
CA ARG B 610 -5.04 27.53 -44.65
C ARG B 610 -3.79 28.32 -44.27
N VAL B 611 -2.63 27.77 -44.63
CA VAL B 611 -1.31 28.36 -44.35
C VAL B 611 -0.71 28.91 -45.63
N TYR B 612 -0.94 30.21 -45.87
CA TYR B 612 -0.44 31.05 -46.96
C TYR B 612 0.50 32.14 -46.46
N SER B 613 1.78 31.78 -46.41
CA SER B 613 2.81 32.67 -45.87
C SER B 613 3.86 32.96 -46.95
N THR B 614 4.35 34.20 -46.96
CA THR B 614 5.36 34.77 -47.84
C THR B 614 6.77 34.30 -47.49
N GLY B 615 6.97 33.95 -46.23
CA GLY B 615 8.30 33.55 -45.80
C GLY B 615 8.25 32.48 -44.74
N SER B 616 9.08 32.68 -43.71
CA SER B 616 9.25 31.68 -42.64
C SER B 616 8.30 31.87 -41.46
N ASN B 617 7.12 32.45 -41.67
CA ASN B 617 6.07 32.72 -40.70
C ASN B 617 5.68 31.45 -39.96
N VAL B 618 4.98 31.59 -38.84
CA VAL B 618 4.63 30.43 -38.01
C VAL B 618 3.93 29.39 -38.87
N PHE B 619 4.39 28.14 -38.76
CA PHE B 619 3.81 27.03 -39.49
C PHE B 619 3.58 25.88 -38.52
N GLN B 620 2.52 25.12 -38.74
CA GLN B 620 2.15 24.05 -37.81
C GLN B 620 3.22 22.96 -37.83
N THR B 621 3.49 22.41 -36.65
CA THR B 621 4.47 21.34 -36.48
C THR B 621 3.76 20.08 -36.01
N ARG B 622 4.31 18.92 -36.44
CA ARG B 622 3.70 17.65 -36.09
C ARG B 622 3.87 17.32 -34.61
N ALA B 623 5.03 17.64 -34.03
CA ALA B 623 5.28 17.31 -32.63
C ALA B 623 4.31 18.06 -31.71
N GLY B 624 4.06 19.33 -31.99
CA GLY B 624 3.14 20.10 -31.19
C GLY B 624 2.87 21.45 -31.83
N CYS B 625 1.93 22.18 -31.25
CA CYS B 625 1.53 23.49 -31.74
C CYS B 625 2.09 24.55 -30.79
N LEU B 626 2.93 25.43 -31.32
CA LEU B 626 3.64 26.42 -30.52
C LEU B 626 3.08 27.82 -30.78
N ILE B 627 2.86 28.57 -29.72
CA ILE B 627 2.41 29.96 -29.79
C ILE B 627 3.43 30.83 -29.09
N GLY B 628 3.84 31.91 -29.75
CA GLY B 628 4.80 32.83 -29.21
C GLY B 628 6.18 32.82 -29.85
N ALA B 629 6.38 32.04 -30.91
CA ALA B 629 7.66 31.99 -31.60
C ALA B 629 7.43 31.82 -33.09
N GLU B 630 8.41 32.26 -33.87
CA GLU B 630 8.36 32.18 -35.34
C GLU B 630 9.51 31.31 -35.82
N HIS B 631 9.19 30.36 -36.71
CA HIS B 631 10.22 29.49 -37.25
C HIS B 631 11.18 30.28 -38.12
N VAL B 632 12.46 29.90 -38.06
CA VAL B 632 13.51 30.55 -38.84
C VAL B 632 14.29 29.47 -39.58
N ASN B 633 14.58 29.72 -40.85
CA ASN B 633 15.30 28.74 -41.66
C ASN B 633 16.70 28.50 -41.11
N ASN B 634 17.37 29.55 -40.67
CA ASN B 634 18.74 29.41 -40.16
C ASN B 634 18.76 28.56 -38.90
N SER B 635 19.90 27.92 -38.66
CA SER B 635 20.05 27.00 -37.53
C SER B 635 21.23 27.45 -36.69
N TYR B 636 21.07 27.38 -35.37
CA TYR B 636 22.11 27.75 -34.43
C TYR B 636 22.19 26.68 -33.35
N GLU B 637 23.06 26.91 -32.35
CA GLU B 637 23.22 25.98 -31.25
C GLU B 637 21.96 25.91 -30.40
N CYS B 638 21.62 24.72 -29.92
CA CYS B 638 20.42 24.56 -29.11
C CYS B 638 20.51 25.38 -27.83
N ASP B 639 19.39 26.01 -27.46
CA ASP B 639 19.30 26.79 -26.24
C ASP B 639 18.32 26.18 -25.24
N ILE B 640 17.09 25.94 -25.66
CA ILE B 640 16.07 25.33 -24.79
C ILE B 640 15.50 24.11 -25.51
N PRO B 641 16.04 22.92 -25.28
CA PRO B 641 15.55 21.75 -26.03
C PRO B 641 14.07 21.48 -25.77
N ILE B 642 13.37 21.08 -26.82
CA ILE B 642 11.95 20.76 -26.72
C ILE B 642 11.74 19.32 -27.17
N GLY B 643 12.08 19.03 -28.42
CA GLY B 643 11.94 17.69 -28.96
C GLY B 643 12.08 17.66 -30.46
N ALA B 644 12.41 16.48 -31.00
CA ALA B 644 12.57 16.30 -32.45
C ALA B 644 13.58 17.28 -33.03
N GLY B 645 14.57 17.65 -32.23
CA GLY B 645 15.59 18.58 -32.68
C GLY B 645 15.19 20.03 -32.68
N ILE B 646 14.04 20.37 -32.11
CA ILE B 646 13.54 21.74 -32.09
C ILE B 646 13.93 22.36 -30.76
N CYS B 647 14.59 23.50 -30.81
CA CYS B 647 15.05 24.23 -29.63
C CYS B 647 14.56 25.66 -29.72
N ALA B 648 14.23 26.26 -28.58
CA ALA B 648 13.76 27.64 -28.56
C ALA B 648 14.79 28.54 -27.91
N SER B 649 14.88 29.78 -28.43
CA SER B 649 15.82 30.76 -27.92
C SER B 649 15.15 32.13 -27.94
N TYR B 650 15.58 32.99 -27.00
CA TYR B 650 14.99 34.32 -26.90
C TYR B 650 15.60 35.28 -27.91
N GLN B 651 16.91 35.51 -27.81
CA GLN B 651 17.58 36.41 -28.72
C GLN B 651 17.87 35.73 -30.06
N THR B 652 17.90 36.53 -31.12
CA THR B 652 18.12 36.03 -32.48
C THR B 652 19.61 36.04 -32.82
N GLN B 653 20.41 35.36 -32.00
CA GLN B 653 21.86 35.19 -32.06
C GLN B 653 22.26 34.24 -30.94
N THR B 654 23.46 33.70 -31.05
CA THR B 654 24.03 32.81 -30.04
C THR B 654 25.32 33.36 -29.45
N ASN B 655 25.39 33.43 -28.13
CA ASN B 655 26.49 33.89 -27.28
C ASN B 655 27.28 35.08 -27.82
N SER B 656 26.58 36.18 -28.10
CA SER B 656 27.25 37.36 -28.64
C SER B 656 28.16 38.02 -27.59
N PRO B 657 29.45 38.21 -27.87
CA PRO B 657 30.31 38.88 -26.88
C PRO B 657 29.96 40.33 -26.64
N GLY B 658 29.20 40.96 -27.55
CA GLY B 658 28.69 42.32 -27.70
C GLY B 658 27.29 42.49 -27.14
N SER B 659 26.55 43.44 -27.70
CA SER B 659 25.19 43.86 -27.36
C SER B 659 24.19 42.72 -27.47
N ALA B 660 23.31 42.64 -26.48
CA ALA B 660 22.21 41.69 -26.30
C ALA B 660 20.93 42.22 -26.93
N SER B 661 19.83 41.54 -26.63
CA SER B 661 18.51 41.91 -27.15
C SER B 661 17.97 43.23 -26.60
N SER B 662 16.94 43.75 -27.26
CA SER B 662 16.36 45.04 -26.89
C SER B 662 14.84 44.94 -27.02
N VAL B 663 14.17 46.10 -27.00
CA VAL B 663 12.71 46.16 -27.08
C VAL B 663 12.20 46.14 -28.51
N ALA B 664 13.10 45.90 -29.46
CA ALA B 664 12.91 45.85 -30.91
C ALA B 664 12.08 44.65 -31.35
N SER B 665 11.91 44.48 -32.65
CA SER B 665 11.08 43.41 -33.20
C SER B 665 11.57 42.01 -32.84
N GLN B 666 12.82 41.85 -32.42
CA GLN B 666 13.33 40.55 -32.04
C GLN B 666 12.50 39.97 -30.89
N SER B 667 12.21 38.68 -30.99
CA SER B 667 11.40 37.99 -30.00
C SER B 667 11.82 36.52 -29.94
N ILE B 668 11.08 35.74 -29.17
CA ILE B 668 11.38 34.32 -29.00
C ILE B 668 11.21 33.61 -30.34
N ILE B 669 12.10 32.67 -30.62
CA ILE B 669 12.06 31.90 -31.86
C ILE B 669 12.25 30.43 -31.52
N ALA B 670 11.77 29.56 -32.42
CA ALA B 670 11.96 28.13 -32.32
C ALA B 670 12.56 27.65 -33.64
N TYR B 671 13.62 26.84 -33.55
CA TYR B 671 14.41 26.47 -34.71
C TYR B 671 15.03 25.10 -34.53
N THR B 672 15.42 24.48 -35.64
CA THR B 672 16.14 23.21 -35.58
C THR B 672 17.58 23.48 -35.20
N MET B 673 18.02 22.90 -34.09
CA MET B 673 19.37 23.15 -33.59
C MET B 673 20.42 22.73 -34.62
N SER B 674 21.44 23.55 -34.77
CA SER B 674 22.54 23.29 -35.70
C SER B 674 23.35 22.13 -35.15
N LEU B 675 23.45 21.05 -35.92
CA LEU B 675 24.17 19.87 -35.47
C LEU B 675 25.67 20.12 -35.57
N GLY B 676 26.28 20.49 -34.44
CA GLY B 676 27.70 20.75 -34.44
C GLY B 676 28.07 21.93 -35.32
N ALA B 677 29.31 21.90 -35.81
CA ALA B 677 29.84 22.92 -36.69
C ALA B 677 30.42 22.25 -37.93
N GLU B 678 30.04 22.76 -39.10
CA GLU B 678 30.54 22.18 -40.34
C GLU B 678 32.04 22.37 -40.46
N ASN B 679 32.72 21.34 -40.96
CA ASN B 679 34.16 21.38 -41.13
C ASN B 679 34.55 20.49 -42.30
N SER B 680 35.73 20.75 -42.85
CA SER B 680 36.26 19.98 -43.96
C SER B 680 37.72 19.65 -43.70
N VAL B 681 38.12 18.44 -44.05
CA VAL B 681 39.49 17.97 -43.83
C VAL B 681 40.09 17.62 -45.19
N ALA B 682 41.28 18.15 -45.45
CA ALA B 682 41.99 17.87 -46.70
C ALA B 682 42.72 16.54 -46.55
N TYR B 683 42.14 15.49 -47.13
CA TYR B 683 42.68 14.15 -47.02
C TYR B 683 43.27 13.70 -48.35
N SER B 684 44.49 13.18 -48.31
CA SER B 684 45.14 12.62 -49.47
C SER B 684 46.17 11.61 -49.03
N ASN B 685 46.58 10.73 -49.95
CA ASN B 685 47.52 9.67 -49.61
C ASN B 685 48.91 10.20 -49.27
N ASN B 686 49.21 11.45 -49.62
CA ASN B 686 50.53 12.02 -49.40
C ASN B 686 50.49 13.33 -48.62
N SER B 687 49.50 13.52 -47.76
CA SER B 687 49.37 14.73 -46.95
C SER B 687 49.22 14.33 -45.48
N ILE B 688 49.97 14.99 -44.60
CA ILE B 688 49.88 14.78 -43.18
C ILE B 688 49.85 16.13 -42.48
N ALA B 689 49.36 16.14 -41.25
CA ALA B 689 49.32 17.34 -40.42
C ALA B 689 50.16 17.10 -39.18
N ILE B 690 51.10 18.01 -38.92
CA ILE B 690 52.01 17.89 -37.79
C ILE B 690 51.85 19.12 -36.92
N PRO B 691 51.71 18.98 -35.60
CA PRO B 691 51.60 20.17 -34.75
C PRO B 691 52.93 20.88 -34.61
N THR B 692 52.90 22.21 -34.76
CA THR B 692 54.07 23.04 -34.59
C THR B 692 54.10 23.76 -33.25
N ASN B 693 53.00 23.76 -32.51
CA ASN B 693 52.94 24.40 -31.20
C ASN B 693 51.90 23.66 -30.37
N PHE B 694 51.99 23.84 -29.05
CA PHE B 694 51.13 23.15 -28.11
C PHE B 694 50.63 24.13 -27.06
N THR B 695 49.50 23.78 -26.45
CA THR B 695 48.89 24.59 -25.39
C THR B 695 48.53 23.67 -24.23
N ILE B 696 48.47 24.23 -23.03
CA ILE B 696 48.20 23.49 -21.81
C ILE B 696 46.84 23.95 -21.31
N SER B 697 45.79 23.20 -21.67
CA SER B 697 44.44 23.51 -21.22
C SER B 697 44.12 22.76 -19.93
N VAL B 698 43.29 23.38 -19.10
CA VAL B 698 42.89 22.81 -17.82
C VAL B 698 41.37 22.84 -17.74
N THR B 699 40.78 21.71 -17.36
CA THR B 699 39.34 21.60 -17.19
C THR B 699 38.99 21.22 -15.77
N THR B 700 37.70 21.25 -15.43
CA THR B 700 37.25 20.90 -14.09
C THR B 700 36.09 19.91 -14.18
N GLU B 701 36.10 18.93 -13.30
CA GLU B 701 35.04 17.92 -13.23
C GLU B 701 34.59 17.78 -11.79
N ILE B 702 33.31 18.03 -11.54
CA ILE B 702 32.71 17.92 -10.21
C ILE B 702 32.03 16.57 -10.13
N LEU B 703 32.38 15.79 -9.10
CA LEU B 703 31.82 14.46 -8.92
C LEU B 703 31.25 14.32 -7.52
N PRO B 704 29.94 14.07 -7.37
CA PRO B 704 29.41 13.83 -6.03
C PRO B 704 30.04 12.61 -5.38
N VAL B 705 30.19 12.67 -4.06
CA VAL B 705 30.81 11.59 -3.30
C VAL B 705 29.82 11.05 -2.28
N SER B 706 29.21 11.95 -1.51
CA SER B 706 28.25 11.59 -0.47
C SER B 706 27.10 12.59 -0.46
N MET B 707 26.25 12.47 0.56
CA MET B 707 25.14 13.39 0.74
C MET B 707 24.75 13.41 2.20
N THR B 708 23.71 14.18 2.51
CA THR B 708 23.25 14.31 3.89
C THR B 708 22.80 12.96 4.43
N LYS B 709 23.16 12.69 5.68
CA LYS B 709 22.79 11.44 6.36
C LYS B 709 21.51 11.69 7.13
N THR B 710 20.41 11.05 6.69
CA THR B 710 19.10 11.26 7.28
C THR B 710 18.66 10.01 8.06
N SER B 711 17.69 10.20 8.94
CA SER B 711 17.12 9.11 9.71
C SER B 711 15.72 9.50 10.15
N VAL B 712 14.81 8.54 10.10
CA VAL B 712 13.40 8.76 10.43
C VAL B 712 12.99 7.72 11.46
N ASP B 713 12.35 8.16 12.54
CA ASP B 713 11.84 7.24 13.54
C ASP B 713 10.35 7.03 13.34
N CYS B 714 9.93 5.76 13.34
CA CYS B 714 8.53 5.44 13.11
C CYS B 714 7.64 6.03 14.20
N THR B 715 8.05 5.87 15.47
CA THR B 715 7.19 6.24 16.58
C THR B 715 6.78 7.70 16.49
N MET B 716 7.75 8.62 16.55
CA MET B 716 7.43 10.04 16.54
C MET B 716 6.74 10.45 15.25
N TYR B 717 7.23 9.94 14.12
CA TYR B 717 6.69 10.37 12.83
C TYR B 717 5.21 10.01 12.71
N ILE B 718 4.85 8.79 13.11
CA ILE B 718 3.48 8.31 12.89
C ILE B 718 2.60 8.64 14.08
N CYS B 719 3.10 8.39 15.29
CA CYS B 719 2.31 8.50 16.51
C CYS B 719 2.91 9.55 17.43
N GLY B 720 2.06 10.44 17.95
CA GLY B 720 2.48 11.41 18.94
C GLY B 720 2.11 10.98 20.34
N ASP B 721 3.10 10.45 21.07
CA ASP B 721 2.97 10.06 22.47
C ASP B 721 1.59 9.49 22.80
N SER B 722 1.11 8.57 21.98
CA SER B 722 -0.18 7.92 22.17
C SER B 722 0.06 6.41 22.24
N THR B 723 -0.47 5.78 23.29
CA THR B 723 -0.22 4.35 23.50
C THR B 723 -0.93 3.51 22.44
N GLU B 724 -2.18 3.86 22.12
CA GLU B 724 -2.94 3.05 21.18
C GLU B 724 -2.29 3.04 19.79
N CYS B 725 -1.83 4.21 19.34
CA CYS B 725 -1.17 4.28 18.03
C CYS B 725 0.10 3.44 18.01
N SER B 726 0.88 3.51 19.09
CA SER B 726 2.09 2.70 19.17
C SER B 726 1.76 1.21 19.14
N ASN B 727 0.73 0.80 19.88
CA ASN B 727 0.34 -0.60 19.89
C ASN B 727 -0.08 -1.07 18.51
N LEU B 728 -0.87 -0.25 17.81
CA LEU B 728 -1.28 -0.61 16.45
C LEU B 728 -0.07 -0.67 15.52
N LEU B 729 0.86 0.27 15.66
CA LEU B 729 2.03 0.30 14.78
C LEU B 729 2.93 -0.91 15.00
N LEU B 730 3.06 -1.37 16.26
CA LEU B 730 3.92 -2.52 16.52
C LEU B 730 3.42 -3.78 15.84
N GLN B 731 2.16 -3.78 15.37
CA GLN B 731 1.63 -4.95 14.69
C GLN B 731 2.45 -5.26 13.43
N TYR B 732 2.79 -4.23 12.66
CA TYR B 732 3.60 -4.45 11.46
C TYR B 732 4.95 -5.04 11.81
N GLY B 733 5.62 -4.52 12.84
CA GLY B 733 6.83 -5.14 13.33
C GLY B 733 8.08 -4.86 12.53
N SER B 734 8.52 -5.86 11.76
CA SER B 734 9.85 -5.83 11.18
C SER B 734 10.02 -4.75 10.12
N PHE B 735 8.94 -4.11 9.67
CA PHE B 735 9.07 -3.06 8.66
C PHE B 735 10.00 -1.95 9.13
N CYS B 736 9.75 -1.43 10.33
CA CYS B 736 10.55 -0.33 10.85
C CYS B 736 11.99 -0.78 11.12
N THR B 737 12.15 -2.00 11.64
CA THR B 737 13.48 -2.53 11.89
C THR B 737 14.31 -2.68 10.61
N GLN B 738 13.70 -3.14 9.52
CA GLN B 738 14.42 -3.25 8.25
C GLN B 738 14.65 -1.90 7.59
N LEU B 739 13.72 -0.95 7.73
CA LEU B 739 13.97 0.39 7.19
C LEU B 739 15.17 1.04 7.88
N ASN B 740 15.24 0.90 9.21
CA ASN B 740 16.38 1.44 9.95
C ASN B 740 17.68 0.76 9.53
N ARG B 741 17.64 -0.56 9.32
CA ARG B 741 18.83 -1.27 8.88
C ARG B 741 19.27 -0.78 7.50
N ALA B 742 18.31 -0.56 6.60
CA ALA B 742 18.64 -0.05 5.27
C ALA B 742 19.26 1.33 5.35
N LEU B 743 18.70 2.20 6.20
CA LEU B 743 19.28 3.53 6.37
C LEU B 743 20.69 3.46 6.94
N THR B 744 20.92 2.59 7.93
CA THR B 744 22.25 2.44 8.49
C THR B 744 23.23 1.93 7.44
N GLY B 745 22.80 0.97 6.61
CA GLY B 745 23.67 0.50 5.54
C GLY B 745 23.98 1.59 4.53
N ILE B 746 22.97 2.42 4.21
CA ILE B 746 23.20 3.54 3.29
C ILE B 746 24.25 4.48 3.87
N ALA B 747 24.12 4.81 5.16
CA ALA B 747 25.10 5.68 5.81
C ALA B 747 26.49 5.05 5.80
N VAL B 748 26.58 3.75 6.09
CA VAL B 748 27.88 3.08 6.14
C VAL B 748 28.54 3.10 4.76
N GLU B 749 27.77 2.81 3.72
CA GLU B 749 28.34 2.81 2.38
C GLU B 749 28.71 4.23 1.94
N GLN B 750 27.92 5.23 2.32
CA GLN B 750 28.28 6.60 1.99
C GLN B 750 29.59 7.01 2.66
N ASP B 751 29.78 6.65 3.92
CA ASP B 751 31.05 6.89 4.59
C ASP B 751 32.21 6.12 3.95
N LYS B 752 31.99 4.85 3.58
CA LYS B 752 33.04 4.06 2.95
C LYS B 752 33.44 4.66 1.60
N ASN B 753 32.48 5.18 0.84
CA ASN B 753 32.80 5.80 -0.43
C ASN B 753 33.74 6.99 -0.25
N THR B 754 33.44 7.84 0.73
CA THR B 754 34.32 8.97 1.03
C THR B 754 35.69 8.48 1.48
N GLN B 755 35.73 7.46 2.33
CA GLN B 755 37.00 6.92 2.79
C GLN B 755 37.85 6.44 1.62
N GLU B 756 37.24 5.69 0.70
CA GLU B 756 37.98 5.20 -0.47
C GLU B 756 38.42 6.34 -1.37
N VAL B 757 37.56 7.33 -1.59
CA VAL B 757 37.88 8.42 -2.50
C VAL B 757 39.05 9.23 -1.97
N PHE B 758 39.01 9.55 -0.67
CA PHE B 758 40.00 10.45 -0.10
C PHE B 758 41.07 9.71 0.70
N ALA B 759 40.68 8.85 1.63
CA ALA B 759 41.62 8.15 2.49
C ALA B 759 42.18 6.95 1.72
N GLN B 760 43.22 7.23 0.93
CA GLN B 760 43.92 6.22 0.16
C GLN B 760 45.38 6.03 0.56
N VAL B 761 45.99 7.02 1.23
CA VAL B 761 47.38 6.96 1.64
C VAL B 761 47.43 7.10 3.16
N LYS B 762 48.13 6.17 3.82
CA LYS B 762 48.25 6.21 5.27
C LYS B 762 49.22 7.30 5.71
N GLN B 763 50.16 7.66 4.85
CA GLN B 763 51.18 8.65 5.15
C GLN B 763 50.73 10.01 4.66
N ILE B 764 50.80 11.02 5.53
CA ILE B 764 50.43 12.38 5.16
C ILE B 764 51.68 13.11 4.69
N TYR B 765 51.60 13.69 3.50
CA TYR B 765 52.71 14.42 2.90
C TYR B 765 52.47 15.92 3.03
N LYS B 766 53.56 16.69 3.07
CA LYS B 766 53.48 18.14 3.19
C LYS B 766 54.49 18.76 2.25
N THR B 767 54.15 19.94 1.74
CA THR B 767 55.03 20.65 0.84
C THR B 767 56.22 21.25 1.61
N PRO B 768 57.35 21.45 0.93
CA PRO B 768 58.51 22.05 1.60
C PRO B 768 58.25 23.50 1.96
N PRO B 769 59.00 24.04 2.92
CA PRO B 769 58.77 25.45 3.29
C PRO B 769 59.15 26.43 2.19
N ILE B 770 60.06 26.03 1.30
CA ILE B 770 60.48 26.86 0.17
C ILE B 770 59.77 26.35 -1.06
N LYS B 771 59.06 27.25 -1.76
CA LYS B 771 58.27 26.89 -2.93
C LYS B 771 59.10 27.20 -4.17
N ASP B 772 59.85 26.21 -4.64
CA ASP B 772 60.64 26.31 -5.86
C ASP B 772 60.30 25.10 -6.73
N PHE B 773 59.71 25.36 -7.91
CA PHE B 773 59.27 24.31 -8.81
C PHE B 773 59.71 24.56 -10.25
N GLY B 774 60.70 25.43 -10.45
CA GLY B 774 61.17 25.74 -11.79
C GLY B 774 60.29 26.70 -12.55
N GLY B 775 59.33 27.35 -11.90
CA GLY B 775 58.44 28.29 -12.54
C GLY B 775 56.97 28.08 -12.20
N PHE B 776 56.55 26.89 -11.81
CA PHE B 776 55.17 26.61 -11.45
C PHE B 776 54.84 27.27 -10.12
N ASN B 777 53.61 27.75 -10.01
CA ASN B 777 53.12 28.43 -8.80
C ASN B 777 51.80 27.80 -8.39
N PHE B 778 51.84 26.93 -7.38
CA PHE B 778 50.65 26.27 -6.86
C PHE B 778 50.10 26.96 -5.62
N SER B 779 50.65 28.10 -5.23
CA SER B 779 50.18 28.78 -4.03
C SER B 779 48.71 29.17 -4.15
N GLN B 780 48.24 29.42 -5.36
CA GLN B 780 46.82 29.76 -5.54
C GLN B 780 45.93 28.61 -5.13
N ILE B 781 46.34 27.37 -5.42
CA ILE B 781 45.52 26.22 -5.11
C ILE B 781 45.98 25.54 -3.82
N LEU B 782 47.23 25.75 -3.40
CA LEU B 782 47.70 25.17 -2.16
C LEU B 782 47.10 25.92 -0.97
N PRO B 783 47.02 25.27 0.20
CA PRO B 783 46.49 25.96 1.38
C PRO B 783 47.34 27.17 1.75
N ASP B 784 46.67 28.19 2.28
CA ASP B 784 47.35 29.41 2.70
C ASP B 784 47.81 29.23 4.14
N PRO B 785 49.12 29.22 4.41
CA PRO B 785 49.56 29.07 5.81
C PRO B 785 49.05 30.14 6.74
N SER B 786 48.93 31.38 6.26
CA SER B 786 48.50 32.49 7.10
C SER B 786 47.07 32.33 7.62
N LYS B 787 46.14 31.90 6.78
CA LYS B 787 44.77 31.74 7.22
C LYS B 787 44.66 30.62 8.26
N PRO B 788 43.92 30.84 9.35
CA PRO B 788 43.82 29.78 10.36
C PRO B 788 43.22 28.49 9.83
N SER B 789 42.30 28.58 8.87
CA SER B 789 41.66 27.43 8.26
C SER B 789 42.41 27.05 6.99
N LYS B 790 42.78 25.76 6.88
CA LYS B 790 43.53 25.27 5.73
C LYS B 790 42.56 24.96 4.60
N ARG B 791 42.05 26.02 3.99
CA ARG B 791 41.15 25.93 2.84
C ARG B 791 41.79 26.63 1.65
N SER B 792 41.76 25.97 0.50
CA SER B 792 42.38 26.52 -0.69
C SER B 792 41.59 27.71 -1.21
N PHE B 793 42.26 28.52 -2.03
CA PHE B 793 41.64 29.71 -2.60
C PHE B 793 40.45 29.34 -3.48
N ILE B 794 40.55 28.21 -4.19
CA ILE B 794 39.47 27.80 -5.07
C ILE B 794 38.20 27.55 -4.29
N GLU B 795 38.30 26.86 -3.14
CA GLU B 795 37.14 26.62 -2.31
C GLU B 795 36.55 27.93 -1.78
N ASP B 796 37.41 28.87 -1.41
CA ASP B 796 36.94 30.16 -0.93
C ASP B 796 36.15 30.88 -2.02
N LEU B 797 36.65 30.88 -3.25
CA LEU B 797 35.91 31.51 -4.35
C LEU B 797 34.61 30.77 -4.62
N LEU B 798 34.62 29.45 -4.55
CA LEU B 798 33.38 28.69 -4.77
C LEU B 798 32.33 29.07 -3.73
N PHE B 799 32.74 29.20 -2.47
CA PHE B 799 31.81 29.62 -1.43
C PHE B 799 31.33 31.05 -1.66
N ASN B 800 32.23 31.94 -2.07
CA ASN B 800 31.89 33.35 -2.26
C ASN B 800 30.93 33.56 -3.43
N LYS B 801 31.07 32.78 -4.49
CA LYS B 801 30.25 32.95 -5.70
C LYS B 801 28.76 32.72 -5.46
N VAL B 802 28.32 32.28 -4.28
CA VAL B 802 26.91 32.06 -4.00
C VAL B 802 26.35 33.29 -3.32
N THR B 803 25.06 33.54 -3.55
CA THR B 803 24.41 34.71 -2.99
C THR B 803 24.33 34.61 -1.47
N LEU B 804 25.04 35.49 -0.77
CA LEU B 804 25.06 35.56 0.67
C LEU B 804 24.33 36.81 1.16
N ALA B 805 24.32 37.05 2.48
CA ALA B 805 23.67 38.20 3.07
C ALA B 805 24.69 39.03 3.85
N ASP B 806 24.50 40.34 3.84
CA ASP B 806 25.22 41.46 4.43
C ASP B 806 24.62 42.04 5.70
N ALA B 807 23.44 41.57 6.11
CA ALA B 807 22.79 42.06 7.33
C ALA B 807 23.34 41.44 8.61
N GLY B 808 24.46 41.99 9.07
CA GLY B 808 25.12 41.50 10.27
C GLY B 808 26.62 41.33 10.08
N PHE B 809 27.20 40.44 10.86
CA PHE B 809 28.62 40.08 10.86
C PHE B 809 28.90 38.68 10.32
N ILE B 810 29.79 38.58 9.34
CA ILE B 810 30.13 37.29 8.71
C ILE B 810 31.27 36.64 9.49
N MET B 811 30.91 35.94 10.56
CA MET B 811 31.89 35.22 11.37
C MET B 811 32.21 33.79 10.95
N GLN B 812 31.20 32.92 10.87
CA GLN B 812 31.44 31.54 10.45
C GLN B 812 30.75 31.19 9.14
N TYR B 813 29.48 31.58 9.01
CA TYR B 813 28.36 31.55 8.07
C TYR B 813 28.27 30.28 7.22
N GLY B 814 28.20 29.12 7.87
CA GLY B 814 28.08 27.86 7.18
C GLY B 814 29.38 27.10 7.11
N ASP B 815 29.53 26.07 7.94
CA ASP B 815 30.72 25.24 7.96
C ASP B 815 30.57 23.92 7.22
N CYS B 816 29.34 23.49 6.93
CA CYS B 816 29.10 22.25 6.23
C CYS B 816 28.14 22.29 5.05
N LEU B 817 27.34 23.36 4.95
CA LEU B 817 26.37 23.48 3.87
C LEU B 817 27.04 23.59 2.50
N GLY B 818 26.32 23.12 1.49
CA GLY B 818 26.86 23.09 0.13
C GLY B 818 26.76 24.40 -0.61
N ASP B 819 27.57 25.38 -0.20
CA ASP B 819 28.00 26.75 -0.52
C ASP B 819 27.03 27.89 -0.20
N MET B 820 26.18 27.70 0.80
CA MET B 820 25.18 28.64 1.29
C MET B 820 25.38 28.84 2.78
N ALA B 821 24.65 29.81 3.33
CA ALA B 821 24.46 30.38 4.66
C ALA B 821 22.99 30.36 5.01
N TYR B 822 22.65 29.60 6.05
CA TYR B 822 21.27 29.45 6.50
C TYR B 822 21.04 29.77 7.97
N ARG B 823 19.84 29.49 8.48
CA ARG B 823 19.52 29.73 9.88
C ARG B 823 20.14 28.62 10.73
N ASP B 824 19.70 28.50 11.98
CA ASP B 824 20.15 27.67 13.09
C ASP B 824 20.25 26.21 12.66
N LEU B 825 20.97 25.43 13.47
CA LEU B 825 21.40 24.06 13.25
C LEU B 825 20.22 23.12 13.10
N ILE B 826 20.50 21.83 12.86
CA ILE B 826 19.44 20.88 12.49
C ILE B 826 18.37 20.84 13.57
N CYS B 827 18.75 21.07 14.83
CA CYS B 827 17.78 21.11 15.91
C CYS B 827 16.66 22.10 15.66
N ALA B 828 16.93 23.21 14.95
CA ALA B 828 15.94 24.21 14.58
C ALA B 828 14.89 23.61 13.63
N GLN B 829 15.33 22.81 12.67
CA GLN B 829 14.55 22.11 11.66
C GLN B 829 14.03 20.77 12.15
N LYS B 830 14.46 20.30 13.32
CA LYS B 830 14.05 19.00 13.84
C LYS B 830 12.89 19.18 14.82
N PHE B 831 11.68 19.22 14.26
CA PHE B 831 10.45 19.34 15.03
C PHE B 831 9.65 18.03 15.05
N ASN B 832 10.16 16.97 14.43
CA ASN B 832 9.60 15.63 14.31
C ASN B 832 10.70 14.58 14.47
N GLY B 833 11.86 14.98 14.98
CA GLY B 833 12.95 14.05 15.16
C GLY B 833 13.66 13.65 13.89
N LEU B 834 13.64 14.51 12.87
CA LEU B 834 14.33 14.22 11.61
C LEU B 834 15.82 14.50 11.83
N THR B 835 16.43 13.66 12.65
CA THR B 835 17.84 13.83 12.98
C THR B 835 18.71 13.65 11.74
N VAL B 836 19.77 14.46 11.67
CA VAL B 836 20.75 14.40 10.58
C VAL B 836 22.07 14.00 11.23
N LEU B 837 22.48 12.76 11.02
CA LEU B 837 23.71 12.27 11.63
C LEU B 837 24.91 12.98 11.01
N PRO B 838 25.80 13.57 11.80
CA PRO B 838 26.97 14.22 11.21
C PRO B 838 27.88 13.29 10.43
N PRO B 839 28.47 13.75 9.33
CA PRO B 839 29.36 12.89 8.55
C PRO B 839 30.56 12.46 9.36
N LEU B 840 31.01 11.22 9.13
CA LEU B 840 32.16 10.69 9.83
C LEU B 840 33.41 11.52 9.53
N LEU B 841 33.58 11.89 8.27
CA LEU B 841 34.73 12.68 7.84
C LEU B 841 34.38 14.16 7.81
N THR B 842 35.23 14.97 8.41
CA THR B 842 35.05 16.42 8.46
C THR B 842 35.74 17.08 7.27
N ASP B 843 35.24 18.25 6.90
CA ASP B 843 35.80 18.97 5.76
C ASP B 843 37.28 19.24 5.93
N GLU B 844 37.74 19.50 7.16
CA GLU B 844 39.16 19.72 7.40
C GLU B 844 39.97 18.48 7.03
N MET B 845 39.48 17.30 7.39
CA MET B 845 40.18 16.07 7.04
C MET B 845 40.22 15.86 5.52
N ILE B 846 39.12 16.16 4.84
CA ILE B 846 39.10 16.02 3.38
C ILE B 846 40.11 16.98 2.75
N ALA B 847 40.16 18.21 3.24
CA ALA B 847 41.14 19.17 2.75
C ALA B 847 42.57 18.73 3.03
N GLN B 848 42.83 18.16 4.20
CA GLN B 848 44.15 17.63 4.50
C GLN B 848 44.53 16.49 3.56
N TYR B 849 43.58 15.59 3.29
CA TYR B 849 43.85 14.50 2.35
C TYR B 849 44.17 15.04 0.96
N THR B 850 43.38 16.01 0.50
CA THR B 850 43.62 16.62 -0.80
C THR B 850 44.97 17.32 -0.86
N SER B 851 45.35 18.06 0.17
CA SER B 851 46.66 18.70 0.23
C SER B 851 47.79 17.68 0.23
N ALA B 852 47.63 16.59 0.99
CA ALA B 852 48.67 15.55 1.02
C ALA B 852 48.83 14.90 -0.34
N LEU B 853 47.72 14.58 -1.01
CA LEU B 853 47.81 13.97 -2.33
C LEU B 853 48.46 14.93 -3.33
N LEU B 854 48.07 16.20 -3.28
CA LEU B 854 48.66 17.20 -4.16
C LEU B 854 50.16 17.38 -3.92
N ALA B 855 50.58 17.44 -2.66
CA ALA B 855 52.00 17.52 -2.34
C ALA B 855 52.77 16.29 -2.78
N GLY B 856 52.22 15.09 -2.60
CA GLY B 856 52.87 13.89 -3.08
C GLY B 856 53.02 13.91 -4.59
N THR B 857 51.99 14.38 -5.30
CA THR B 857 52.07 14.46 -6.75
C THR B 857 53.16 15.43 -7.19
N ILE B 858 53.25 16.58 -6.53
CA ILE B 858 54.27 17.56 -6.89
C ILE B 858 55.66 17.03 -6.57
N THR B 859 55.83 16.44 -5.39
CA THR B 859 57.16 16.00 -4.96
C THR B 859 57.42 14.56 -5.36
N SER B 860 56.54 13.64 -4.96
CA SER B 860 56.75 12.22 -5.19
C SER B 860 56.20 11.73 -6.52
N GLY B 861 55.52 12.59 -7.27
CA GLY B 861 54.94 12.15 -8.53
C GLY B 861 53.97 11.02 -8.32
N TRP B 862 54.03 10.02 -9.20
CA TRP B 862 53.18 8.84 -9.09
C TRP B 862 53.84 7.71 -8.32
N THR B 863 55.07 7.89 -7.85
CA THR B 863 55.77 6.82 -7.15
C THR B 863 55.11 6.47 -5.82
N PHE B 864 54.59 7.45 -5.09
CA PHE B 864 53.98 7.21 -3.80
C PHE B 864 52.72 6.36 -3.89
N GLY B 865 51.98 6.42 -5.00
CA GLY B 865 50.79 5.61 -5.17
C GLY B 865 51.11 4.17 -5.47
N ALA B 866 52.30 3.91 -6.01
CA ALA B 866 52.75 2.57 -6.35
C ALA B 866 53.72 2.00 -5.32
N GLY B 867 53.93 2.69 -4.21
CA GLY B 867 54.86 2.24 -3.19
C GLY B 867 55.41 3.43 -2.41
N ALA B 868 56.63 3.26 -1.93
CA ALA B 868 57.28 4.31 -1.16
C ALA B 868 57.47 5.56 -2.02
N ALA B 869 57.26 6.72 -1.42
CA ALA B 869 57.41 7.98 -2.13
C ALA B 869 58.86 8.19 -2.54
N LEU B 870 59.06 8.71 -3.75
CA LEU B 870 60.38 8.98 -4.30
C LEU B 870 60.42 10.43 -4.76
N GLN B 871 61.18 11.25 -4.03
CA GLN B 871 61.26 12.67 -4.37
C GLN B 871 61.91 12.86 -5.73
N ILE B 872 61.42 13.85 -6.47
CA ILE B 872 61.95 14.18 -7.79
C ILE B 872 61.51 15.59 -8.15
N PRO B 873 62.35 16.40 -8.80
CA PRO B 873 61.94 17.76 -9.15
C PRO B 873 60.71 17.76 -10.05
N PHE B 874 59.85 18.76 -9.86
CA PHE B 874 58.64 18.85 -10.68
C PHE B 874 58.98 19.04 -12.15
N ALA B 875 60.00 19.87 -12.43
CA ALA B 875 60.42 20.06 -13.81
C ALA B 875 60.80 18.77 -14.49
N MET B 876 61.30 17.79 -13.75
CA MET B 876 61.65 16.48 -14.29
C MET B 876 60.46 15.52 -14.33
N GLN B 877 59.37 15.85 -13.63
CA GLN B 877 58.16 15.03 -13.68
C GLN B 877 57.44 15.18 -15.02
N MET B 878 57.29 16.42 -15.50
CA MET B 878 56.64 16.64 -16.79
C MET B 878 57.44 16.03 -17.93
N ALA B 879 58.75 15.89 -17.78
CA ALA B 879 59.57 15.28 -18.83
C ALA B 879 59.13 13.84 -19.09
N TYR B 880 58.97 13.05 -18.03
CA TYR B 880 58.51 11.67 -18.17
C TYR B 880 57.08 11.60 -18.68
N ARG B 881 56.21 12.49 -18.21
CA ARG B 881 54.82 12.51 -18.65
C ARG B 881 54.69 12.80 -20.13
N PHE B 882 55.49 13.72 -20.68
CA PHE B 882 55.46 13.98 -22.11
C PHE B 882 55.86 12.74 -22.90
N ASN B 883 56.92 12.04 -22.45
CA ASN B 883 57.31 10.80 -23.11
C ASN B 883 56.22 9.76 -23.01
N GLY B 884 55.44 9.80 -21.92
CA GLY B 884 54.32 8.88 -21.80
C GLY B 884 53.32 9.04 -22.92
N ILE B 885 53.10 10.28 -23.36
CA ILE B 885 52.15 10.57 -24.43
C ILE B 885 52.84 10.63 -25.79
N GLY B 886 54.06 10.12 -25.90
CA GLY B 886 54.76 10.09 -27.17
C GLY B 886 55.44 11.38 -27.54
N VAL B 887 55.60 12.32 -26.61
CA VAL B 887 56.27 13.58 -26.86
C VAL B 887 57.62 13.57 -26.15
N THR B 888 58.68 13.80 -26.91
CA THR B 888 60.01 13.81 -26.32
C THR B 888 60.15 14.98 -25.35
N GLN B 889 60.82 14.72 -24.22
CA GLN B 889 60.93 15.73 -23.16
C GLN B 889 61.76 16.92 -23.60
N ASN B 890 62.52 16.79 -24.70
CA ASN B 890 63.39 17.87 -25.13
C ASN B 890 62.63 19.19 -25.29
N VAL B 891 61.39 19.12 -25.77
CA VAL B 891 60.59 20.34 -25.92
C VAL B 891 60.37 21.01 -24.58
N LEU B 892 59.98 20.21 -23.57
CA LEU B 892 59.66 20.74 -22.25
C LEU B 892 60.69 21.77 -21.79
N TYR B 893 61.94 21.34 -21.67
CA TYR B 893 63.00 22.24 -21.20
C TYR B 893 63.03 23.50 -22.05
N GLU B 894 63.05 23.34 -23.38
CA GLU B 894 63.16 24.51 -24.25
C GLU B 894 62.04 25.51 -24.01
N ASN B 895 60.90 25.05 -23.50
CA ASN B 895 59.78 25.91 -23.18
C ASN B 895 59.37 25.79 -21.72
N GLN B 896 60.21 25.19 -20.87
CA GLN B 896 59.83 24.93 -19.48
C GLN B 896 59.17 26.15 -18.84
N LYS B 897 59.92 27.24 -18.71
CA LYS B 897 59.37 28.45 -18.12
C LYS B 897 58.07 28.84 -18.81
N LEU B 898 58.08 28.90 -20.14
CA LEU B 898 56.86 29.24 -20.86
C LEU B 898 55.72 28.31 -20.46
N ILE B 899 55.98 27.01 -20.43
CA ILE B 899 54.95 26.06 -20.04
C ILE B 899 54.39 26.42 -18.68
N ALA B 900 55.28 26.74 -17.73
CA ALA B 900 54.82 27.14 -16.41
C ALA B 900 53.82 28.28 -16.51
N ASN B 901 54.16 29.31 -17.29
CA ASN B 901 53.23 30.41 -17.50
C ASN B 901 51.91 29.89 -18.07
N GLN B 902 52.00 29.04 -19.10
CA GLN B 902 50.79 28.46 -19.67
C GLN B 902 49.98 27.75 -18.59
N PHE B 903 50.65 27.10 -17.64
CA PHE B 903 49.94 26.51 -16.52
C PHE B 903 49.34 27.59 -15.63
N ASN B 904 50.14 28.58 -15.25
CA ASN B 904 49.67 29.60 -14.32
C ASN B 904 48.44 30.31 -14.88
N SER B 905 48.52 30.79 -16.12
CA SER B 905 47.39 31.45 -16.74
C SER B 905 46.16 30.57 -16.69
N ALA B 906 46.35 29.26 -16.90
CA ALA B 906 45.21 28.34 -16.89
C ALA B 906 44.45 28.44 -15.57
N ILE B 907 45.19 28.50 -14.46
CA ILE B 907 44.55 28.65 -13.15
C ILE B 907 43.65 29.88 -13.14
N GLY B 908 44.17 30.99 -13.68
CA GLY B 908 43.35 32.18 -13.78
C GLY B 908 42.06 31.94 -14.53
N LYS B 909 42.15 31.20 -15.65
CA LYS B 909 40.95 30.88 -16.41
C LYS B 909 39.92 30.18 -15.55
N ILE B 910 40.37 29.34 -14.61
CA ILE B 910 39.43 28.65 -13.73
C ILE B 910 38.55 29.67 -13.03
N GLN B 911 39.15 30.74 -12.51
CA GLN B 911 38.38 31.78 -11.87
C GLN B 911 37.32 32.33 -12.82
N ASP B 912 37.71 32.59 -14.07
CA ASP B 912 36.76 33.06 -15.07
C ASP B 912 35.63 32.05 -15.24
N SER B 913 35.96 30.76 -15.21
CA SER B 913 34.93 29.74 -15.37
C SER B 913 33.86 29.89 -14.29
N LEU B 914 34.24 30.40 -13.12
CA LEU B 914 33.25 30.63 -12.08
C LEU B 914 32.40 31.86 -12.38
N SER B 915 33.01 32.91 -12.92
CA SER B 915 32.26 34.13 -13.22
C SER B 915 31.39 33.96 -14.46
N SER B 916 31.91 33.29 -15.48
CA SER B 916 31.20 33.12 -16.74
C SER B 916 30.28 31.90 -16.77
N THR B 917 30.34 31.05 -15.75
CA THR B 917 29.51 29.86 -15.70
C THR B 917 29.28 29.46 -14.24
N ALA B 918 28.02 29.50 -13.82
CA ALA B 918 27.65 29.09 -12.47
C ALA B 918 27.13 27.66 -12.41
N SER B 919 27.17 26.93 -13.52
CA SER B 919 26.66 25.56 -13.57
C SER B 919 27.74 24.52 -13.30
N ALA B 920 28.96 24.94 -12.95
CA ALA B 920 30.02 23.97 -12.68
C ALA B 920 29.65 23.07 -11.51
N LEU B 921 29.09 23.64 -10.44
CA LEU B 921 28.65 22.89 -9.28
C LEU B 921 27.19 22.45 -9.39
N GLY B 922 26.69 22.28 -10.61
CA GLY B 922 25.29 21.93 -10.79
C GLY B 922 24.91 20.62 -10.13
N LYS B 923 25.81 19.64 -10.19
CA LYS B 923 25.49 18.31 -9.66
C LYS B 923 25.22 18.37 -8.16
N LEU B 924 26.15 18.96 -7.40
CA LEU B 924 26.00 19.02 -5.95
C LEU B 924 24.78 19.83 -5.56
N GLN B 925 24.58 20.98 -6.20
CA GLN B 925 23.42 21.81 -5.90
C GLN B 925 22.13 21.09 -6.20
N ASP B 926 22.05 20.39 -7.33
CA ASP B 926 20.84 19.65 -7.66
C ASP B 926 20.59 18.53 -6.67
N VAL B 927 21.64 17.82 -6.25
CA VAL B 927 21.46 16.74 -5.28
C VAL B 927 20.94 17.30 -3.96
N VAL B 928 21.53 18.40 -3.49
CA VAL B 928 21.09 19.00 -2.24
C VAL B 928 19.65 19.48 -2.35
N ASN B 929 19.30 20.12 -3.48
CA ASN B 929 17.94 20.59 -3.67
C ASN B 929 16.95 19.44 -3.68
N GLN B 930 17.30 18.33 -4.35
CA GLN B 930 16.41 17.18 -4.38
C GLN B 930 16.23 16.59 -2.99
N ASN B 931 17.31 16.48 -2.23
CA ASN B 931 17.20 15.93 -0.87
C ASN B 931 16.33 16.83 0.00
N ALA B 932 16.54 18.14 -0.08
CA ALA B 932 15.75 19.08 0.72
C ALA B 932 14.29 19.02 0.32
N GLN B 933 14.00 18.96 -0.98
CA GLN B 933 12.62 18.89 -1.44
C GLN B 933 11.95 17.61 -0.95
N ALA B 934 12.66 16.47 -1.03
CA ALA B 934 12.09 15.22 -0.55
C ALA B 934 11.81 15.28 0.94
N LEU B 935 12.74 15.80 1.74
CA LEU B 935 12.52 15.91 3.18
C LEU B 935 11.34 16.81 3.49
N ASN B 936 11.26 17.96 2.80
CA ASN B 936 10.16 18.88 3.05
C ASN B 936 8.82 18.25 2.68
N THR B 937 8.78 17.55 1.53
CA THR B 937 7.54 16.88 1.12
C THR B 937 7.13 15.82 2.13
N LEU B 938 8.10 15.05 2.62
CA LEU B 938 7.80 14.06 3.64
C LEU B 938 7.24 14.72 4.90
N VAL B 939 7.78 15.90 5.24
CA VAL B 939 7.29 16.60 6.43
C VAL B 939 5.85 17.06 6.22
N LYS B 940 5.55 17.66 5.07
CA LYS B 940 4.19 18.15 4.84
C LYS B 940 3.20 17.00 4.74
N GLN B 941 3.66 15.83 4.28
CA GLN B 941 2.76 14.69 4.17
C GLN B 941 2.17 14.28 5.50
N LEU B 942 2.79 14.68 6.61
CA LEU B 942 2.24 14.36 7.92
C LEU B 942 0.85 14.97 8.10
N SER B 943 0.58 16.09 7.44
CA SER B 943 -0.69 16.79 7.56
C SER B 943 -1.74 16.30 6.57
N SER B 944 -1.41 15.31 5.76
CA SER B 944 -2.34 14.77 4.77
C SER B 944 -3.47 14.03 5.48
N ASN B 945 -4.70 14.25 5.00
CA ASN B 945 -5.87 13.66 5.62
C ASN B 945 -6.00 12.17 5.35
N PHE B 946 -5.71 11.74 4.12
CA PHE B 946 -5.86 10.34 3.73
C PHE B 946 -7.30 9.87 3.91
N GLY B 947 -8.25 10.78 3.69
CA GLY B 947 -9.66 10.43 3.75
C GLY B 947 -10.24 10.36 5.15
N ALA B 948 -9.48 10.70 6.18
CA ALA B 948 -9.99 10.64 7.54
C ALA B 948 -10.78 11.90 7.87
N ILE B 949 -11.41 11.88 9.05
CA ILE B 949 -12.15 13.06 9.50
C ILE B 949 -11.20 14.21 9.79
N SER B 950 -10.01 13.92 10.30
CA SER B 950 -9.04 14.96 10.61
C SER B 950 -7.64 14.38 10.42
N SER B 951 -6.67 15.27 10.26
CA SER B 951 -5.27 14.89 10.07
C SER B 951 -4.48 14.85 11.37
N VAL B 952 -5.12 15.11 12.51
CA VAL B 952 -4.45 15.12 13.81
C VAL B 952 -5.07 14.03 14.67
N LEU B 953 -4.22 13.16 15.23
CA LEU B 953 -4.72 12.07 16.06
C LEU B 953 -5.43 12.58 17.30
N ASN B 954 -4.88 13.62 17.93
CA ASN B 954 -5.50 14.15 19.15
C ASN B 954 -6.90 14.67 18.88
N ASP B 955 -7.09 15.37 17.76
CA ASP B 955 -8.43 15.87 17.42
C ASP B 955 -9.39 14.72 17.21
N ILE B 956 -8.94 13.66 16.53
CA ILE B 956 -9.80 12.50 16.31
C ILE B 956 -10.21 11.88 17.64
N LEU B 957 -9.24 11.69 18.54
CA LEU B 957 -9.55 11.09 19.84
C LEU B 957 -10.52 11.96 20.63
N SER B 958 -10.29 13.28 20.63
CA SER B 958 -11.14 14.17 21.42
C SER B 958 -12.56 14.22 20.87
N ARG B 959 -12.70 14.45 19.57
CA ARG B 959 -14.03 14.59 18.98
C ARG B 959 -14.72 13.24 18.79
N LEU B 960 -13.96 12.21 18.44
CA LEU B 960 -14.51 10.91 18.11
C LEU B 960 -14.02 9.86 19.11
N ASP B 961 -14.88 8.88 19.39
CA ASP B 961 -14.56 7.85 20.36
C ASP B 961 -13.42 6.97 19.85
N PRO B 962 -12.63 6.39 20.76
CA PRO B 962 -11.48 5.57 20.33
C PRO B 962 -11.91 4.39 19.49
N PRO B 963 -12.82 3.53 19.97
CA PRO B 963 -13.07 2.27 19.27
C PRO B 963 -13.48 2.42 17.82
N GLU B 964 -14.31 3.41 17.48
CA GLU B 964 -14.71 3.59 16.09
C GLU B 964 -13.63 4.33 15.31
N ALA B 965 -12.79 5.09 16.01
CA ALA B 965 -11.70 5.80 15.35
C ALA B 965 -10.57 4.86 14.96
N GLU B 966 -10.65 3.59 15.38
CA GLU B 966 -9.57 2.64 15.09
C GLU B 966 -9.35 2.50 13.59
N VAL B 967 -10.43 2.45 12.82
CA VAL B 967 -10.30 2.31 11.37
C VAL B 967 -9.58 3.52 10.78
N GLN B 968 -9.96 4.73 11.20
CA GLN B 968 -9.32 5.93 10.69
C GLN B 968 -7.83 5.96 11.05
N ILE B 969 -7.52 5.58 12.30
CA ILE B 969 -6.12 5.56 12.72
C ILE B 969 -5.33 4.54 11.90
N ASP B 970 -5.92 3.37 11.65
CA ASP B 970 -5.24 2.34 10.86
C ASP B 970 -4.99 2.83 9.45
N ARG B 971 -5.98 3.49 8.84
CA ARG B 971 -5.80 4.02 7.49
C ARG B 971 -4.71 5.09 7.45
N LEU B 972 -4.69 5.98 8.45
CA LEU B 972 -3.67 7.01 8.50
C LEU B 972 -2.28 6.39 8.64
N ILE B 973 -2.17 5.38 9.51
CA ILE B 973 -0.88 4.71 9.71
C ILE B 973 -0.44 4.02 8.43
N THR B 974 -1.38 3.38 7.73
CA THR B 974 -1.04 2.72 6.47
C THR B 974 -0.56 3.73 5.44
N GLY B 975 -1.23 4.88 5.34
CA GLY B 975 -0.80 5.90 4.40
C GLY B 975 0.58 6.42 4.73
N ARG B 976 0.83 6.69 6.01
CA ARG B 976 2.14 7.17 6.43
C ARG B 976 3.22 6.14 6.16
N LEU B 977 2.91 4.86 6.39
CA LEU B 977 3.87 3.80 6.11
C LEU B 977 4.17 3.71 4.63
N GLN B 978 3.15 3.84 3.78
CA GLN B 978 3.38 3.82 2.33
C GLN B 978 4.25 4.99 1.92
N SER B 979 3.99 6.18 2.47
CA SER B 979 4.82 7.34 2.16
C SER B 979 6.26 7.13 2.61
N LEU B 980 6.46 6.56 3.80
CA LEU B 980 7.79 6.28 4.29
C LEU B 980 8.51 5.27 3.40
N GLN B 981 7.79 4.23 2.95
CA GLN B 981 8.40 3.26 2.06
C GLN B 981 8.81 3.89 0.75
N THR B 982 7.96 4.75 0.19
CA THR B 982 8.32 5.45 -1.05
C THR B 982 9.55 6.32 -0.85
N TYR B 983 9.60 7.05 0.28
CA TYR B 983 10.75 7.90 0.56
C TYR B 983 12.02 7.06 0.70
N VAL B 984 11.92 5.91 1.37
CA VAL B 984 13.09 5.06 1.57
C VAL B 984 13.55 4.49 0.23
N THR B 985 12.61 4.12 -0.63
CA THR B 985 12.98 3.64 -1.96
C THR B 985 13.72 4.72 -2.74
N GLN B 986 13.20 5.94 -2.71
CA GLN B 986 13.88 7.04 -3.37
C GLN B 986 15.26 7.27 -2.79
N GLN B 987 15.39 7.14 -1.47
CA GLN B 987 16.69 7.26 -0.82
C GLN B 987 17.64 6.17 -1.30
N LEU B 988 17.13 4.95 -1.50
CA LEU B 988 17.96 3.88 -2.02
C LEU B 988 18.46 4.20 -3.43
N ILE B 989 17.58 4.75 -4.28
CA ILE B 989 18.01 5.13 -5.63
C ILE B 989 19.07 6.21 -5.56
N ARG B 990 18.87 7.20 -4.69
CA ARG B 990 19.85 8.27 -4.53
C ARG B 990 21.18 7.72 -4.03
N ALA B 991 21.13 6.77 -3.09
CA ALA B 991 22.36 6.17 -2.57
C ALA B 991 23.10 5.39 -3.66
N ALA B 992 22.35 4.65 -4.49
CA ALA B 992 22.96 3.96 -5.62
C ALA B 992 23.60 4.95 -6.60
N GLU B 993 22.93 6.06 -6.88
CA GLU B 993 23.51 7.11 -7.72
C GLU B 993 24.80 7.66 -7.13
N ILE B 994 24.79 7.96 -5.83
CA ILE B 994 25.95 8.55 -5.19
C ILE B 994 27.11 7.57 -5.15
N ARG B 995 26.84 6.30 -4.87
CA ARG B 995 27.92 5.32 -4.88
C ARG B 995 28.50 5.14 -6.28
N ALA B 996 27.64 5.13 -7.30
CA ALA B 996 28.11 5.04 -8.67
C ALA B 996 28.99 6.22 -9.06
N SER B 997 28.62 7.43 -8.66
CA SER B 997 29.49 8.59 -8.87
C SER B 997 30.79 8.48 -8.09
N ALA B 998 30.72 8.02 -6.84
CA ALA B 998 31.93 7.96 -6.00
C ALA B 998 32.90 6.92 -6.51
N ASN B 999 32.41 5.81 -7.04
CA ASN B 999 33.30 4.80 -7.60
C ASN B 999 34.08 5.36 -8.78
N LEU B 1000 33.40 6.09 -9.68
CA LEU B 1000 34.10 6.73 -10.79
C LEU B 1000 35.08 7.77 -10.29
N ALA B 1001 34.70 8.55 -9.27
CA ALA B 1001 35.60 9.55 -8.71
C ALA B 1001 36.86 8.90 -8.16
N ALA B 1002 36.71 7.80 -7.42
CA ALA B 1002 37.85 7.08 -6.88
C ALA B 1002 38.71 6.47 -7.97
N THR B 1003 38.10 5.91 -9.02
CA THR B 1003 38.88 5.37 -10.13
C THR B 1003 39.70 6.47 -10.80
N LYS B 1004 39.09 7.64 -11.01
CA LYS B 1004 39.82 8.76 -11.59
C LYS B 1004 40.96 9.21 -10.68
N MET B 1005 40.69 9.28 -9.38
CA MET B 1005 41.74 9.67 -8.43
C MET B 1005 42.90 8.69 -8.50
N SER B 1006 42.61 7.39 -8.53
CA SER B 1006 43.68 6.40 -8.62
C SER B 1006 44.43 6.54 -9.94
N GLU B 1007 43.71 6.80 -11.03
CA GLU B 1007 44.32 6.90 -12.35
C GLU B 1007 44.74 8.32 -12.70
N CYS B 1008 43.78 9.24 -12.71
CA CYS B 1008 44.06 10.60 -13.16
C CYS B 1008 45.04 11.32 -12.24
N VAL B 1009 44.87 11.16 -10.92
CA VAL B 1009 45.66 11.96 -9.97
C VAL B 1009 46.94 11.21 -9.60
N LEU B 1010 46.81 10.04 -9.00
CA LEU B 1010 47.99 9.32 -8.52
C LEU B 1010 48.92 8.95 -9.66
N GLY B 1011 48.38 8.47 -10.78
CA GLY B 1011 49.19 8.07 -11.91
C GLY B 1011 48.85 8.79 -13.19
N GLN B 1012 49.30 8.26 -14.32
CA GLN B 1012 48.99 8.81 -15.63
C GLN B 1012 48.15 7.79 -16.39
N SER B 1013 47.01 8.22 -16.90
CA SER B 1013 46.06 7.35 -17.57
C SER B 1013 46.15 7.52 -19.07
N LYS B 1014 46.26 6.41 -19.80
CA LYS B 1014 46.28 6.42 -21.25
C LYS B 1014 44.88 6.41 -21.85
N ARG B 1015 43.84 6.33 -21.02
CA ARG B 1015 42.47 6.30 -21.52
C ARG B 1015 42.09 7.66 -22.07
N VAL B 1016 41.48 7.68 -23.26
CA VAL B 1016 41.14 8.93 -23.92
C VAL B 1016 39.85 9.48 -23.35
N ASP B 1017 39.83 10.79 -23.10
CA ASP B 1017 38.65 11.50 -22.61
C ASP B 1017 38.19 10.98 -21.24
N PHE B 1018 39.07 10.26 -20.54
CA PHE B 1018 38.74 9.80 -19.20
C PHE B 1018 39.19 10.80 -18.15
N CYS B 1019 40.39 11.35 -18.31
CA CYS B 1019 40.95 12.35 -17.40
C CYS B 1019 40.91 13.74 -18.04
N GLY B 1020 39.86 14.04 -18.77
CA GLY B 1020 39.71 15.31 -19.43
C GLY B 1020 40.11 15.26 -20.89
N LYS B 1021 39.58 16.21 -21.67
CA LYS B 1021 39.87 16.25 -23.09
C LYS B 1021 41.36 16.50 -23.32
N GLY B 1022 41.90 15.84 -24.34
CA GLY B 1022 43.31 15.96 -24.69
C GLY B 1022 44.16 14.94 -23.94
N TYR B 1023 45.40 14.83 -24.41
CA TYR B 1023 46.33 13.90 -23.79
C TYR B 1023 46.56 14.28 -22.33
N HIS B 1024 46.41 13.30 -21.44
CA HIS B 1024 46.48 13.50 -20.01
C HIS B 1024 47.92 13.72 -19.57
N LEU B 1025 48.14 14.75 -18.76
CA LEU B 1025 49.43 14.99 -18.13
C LEU B 1025 49.37 14.74 -16.62
N MET B 1026 48.40 15.32 -15.93
CA MET B 1026 48.24 15.09 -14.49
C MET B 1026 46.88 15.61 -14.06
N SER B 1027 46.55 15.42 -12.79
CA SER B 1027 45.28 15.87 -12.25
C SER B 1027 45.46 16.27 -10.79
N PHE B 1028 44.73 17.30 -10.39
CA PHE B 1028 44.79 17.84 -9.04
C PHE B 1028 43.43 17.65 -8.37
N PRO B 1029 43.35 17.05 -7.20
CA PRO B 1029 42.07 16.94 -6.50
C PRO B 1029 41.81 18.12 -5.59
N GLN B 1030 40.52 18.39 -5.37
CA GLN B 1030 40.10 19.47 -4.49
C GLN B 1030 38.84 19.04 -3.77
N SER B 1031 38.71 19.44 -2.50
CA SER B 1031 37.54 19.12 -1.72
C SER B 1031 36.34 19.95 -2.15
N ALA B 1032 35.16 19.40 -1.95
CA ALA B 1032 33.91 20.09 -2.25
C ALA B 1032 32.83 19.55 -1.32
N PRO B 1033 31.86 20.38 -0.93
CA PRO B 1033 30.84 19.91 0.02
C PRO B 1033 30.06 18.74 -0.56
N HIS B 1034 30.18 17.58 0.08
CA HIS B 1034 29.53 16.36 -0.39
C HIS B 1034 29.93 16.05 -1.82
N GLY B 1035 31.21 16.27 -2.14
CA GLY B 1035 31.69 16.00 -3.47
C GLY B 1035 33.17 16.24 -3.58
N VAL B 1036 33.70 16.03 -4.79
CA VAL B 1036 35.11 16.24 -5.07
C VAL B 1036 35.21 16.96 -6.42
N VAL B 1037 36.35 17.61 -6.64
CA VAL B 1037 36.61 18.32 -7.89
C VAL B 1037 37.96 17.87 -8.42
N PHE B 1038 38.03 17.63 -9.72
CA PHE B 1038 39.27 17.25 -10.38
C PHE B 1038 39.64 18.29 -11.43
N LEU B 1039 40.85 18.82 -11.32
CA LEU B 1039 41.41 19.75 -12.31
C LEU B 1039 42.42 18.99 -13.14
N HIS B 1040 42.09 18.75 -14.41
CA HIS B 1040 42.91 17.90 -15.28
C HIS B 1040 43.83 18.79 -16.12
N VAL B 1041 45.13 18.71 -15.85
CA VAL B 1041 46.12 19.37 -16.70
C VAL B 1041 46.48 18.39 -17.81
N THR B 1042 46.27 18.82 -19.05
CA THR B 1042 46.42 17.96 -20.22
C THR B 1042 47.30 18.64 -21.26
N TYR B 1043 47.64 17.87 -22.29
CA TYR B 1043 48.47 18.34 -23.41
C TYR B 1043 47.58 18.38 -24.65
N VAL B 1044 47.52 19.54 -25.30
CA VAL B 1044 46.67 19.76 -26.46
C VAL B 1044 47.49 20.50 -27.50
N PRO B 1045 47.54 20.04 -28.76
CA PRO B 1045 48.23 20.81 -29.79
C PRO B 1045 47.59 22.17 -30.01
N ALA B 1046 48.41 23.15 -30.38
CA ALA B 1046 47.95 24.52 -30.60
C ALA B 1046 48.00 24.90 -32.07
N GLN B 1047 49.13 24.73 -32.74
CA GLN B 1047 49.30 25.12 -34.14
C GLN B 1047 49.71 23.87 -34.93
N GLU B 1048 49.07 23.69 -36.09
CA GLU B 1048 49.35 22.56 -36.96
C GLU B 1048 49.68 23.04 -38.37
N LYS B 1049 50.56 22.29 -39.04
CA LYS B 1049 51.00 22.63 -40.38
C LYS B 1049 50.95 21.39 -41.25
N ASN B 1050 50.70 21.57 -42.54
CA ASN B 1050 50.62 20.45 -43.47
C ASN B 1050 52.01 20.12 -44.02
N PHE B 1051 52.20 18.85 -44.34
CA PHE B 1051 53.46 18.36 -44.89
C PHE B 1051 53.17 17.19 -45.81
N THR B 1052 54.15 16.89 -46.66
CA THR B 1052 54.09 15.75 -47.58
C THR B 1052 54.85 14.59 -46.96
N THR B 1053 54.18 13.45 -46.79
CA THR B 1053 54.75 12.28 -46.15
C THR B 1053 54.77 11.11 -47.12
N ALA B 1054 55.71 10.18 -46.88
CA ALA B 1054 55.85 8.99 -47.70
C ALA B 1054 55.88 7.79 -46.74
N PRO B 1055 55.44 6.62 -47.19
CA PRO B 1055 55.43 5.45 -46.29
C PRO B 1055 56.80 5.08 -45.76
N ALA B 1056 57.85 5.25 -46.57
CA ALA B 1056 59.20 4.87 -46.15
C ALA B 1056 60.19 5.43 -47.16
N ILE B 1057 61.46 5.08 -46.95
CA ILE B 1057 62.54 5.50 -47.85
C ILE B 1057 63.41 4.29 -48.14
N CYS B 1058 63.63 4.02 -49.42
CA CYS B 1058 64.49 2.92 -49.84
C CYS B 1058 65.49 3.44 -50.86
N HIS B 1059 66.75 3.55 -50.43
CA HIS B 1059 67.77 4.26 -51.22
C HIS B 1059 68.58 3.33 -52.11
N ASP B 1060 69.23 2.31 -51.52
CA ASP B 1060 70.09 1.41 -52.28
C ASP B 1060 69.49 0.01 -52.39
N GLY B 1061 68.17 -0.11 -52.51
CA GLY B 1061 67.48 -1.37 -52.58
C GLY B 1061 66.96 -1.84 -51.24
N LYS B 1062 67.50 -1.29 -50.15
CA LYS B 1062 67.03 -1.63 -48.81
C LYS B 1062 66.17 -0.50 -48.25
N ALA B 1063 65.02 -0.88 -47.70
CA ALA B 1063 64.09 0.09 -47.15
C ALA B 1063 64.60 0.63 -45.83
N HIS B 1064 64.01 1.75 -45.39
CA HIS B 1064 64.38 2.39 -44.14
C HIS B 1064 63.12 2.88 -43.46
N PHE B 1065 62.67 2.16 -42.44
CA PHE B 1065 61.45 2.49 -41.74
C PHE B 1065 61.77 3.26 -40.47
N PRO B 1066 60.93 4.21 -40.08
CA PRO B 1066 61.24 5.02 -38.89
C PRO B 1066 60.90 4.28 -37.60
N ARG B 1067 61.91 4.16 -36.73
CA ARG B 1067 61.66 3.57 -35.42
C ARG B 1067 60.70 4.43 -34.61
N GLU B 1068 60.89 5.75 -34.65
CA GLU B 1068 60.00 6.69 -33.98
C GLU B 1068 59.91 7.95 -34.82
N GLY B 1069 58.70 8.44 -35.03
CA GLY B 1069 58.51 9.65 -35.82
C GLY B 1069 58.11 9.35 -37.25
N VAL B 1070 57.50 10.34 -37.90
CA VAL B 1070 57.02 10.19 -39.26
C VAL B 1070 57.77 11.16 -40.18
N PHE B 1071 58.13 10.67 -41.36
CA PHE B 1071 58.83 11.50 -42.33
C PHE B 1071 57.93 12.62 -42.84
N VAL B 1072 58.53 13.78 -43.07
CA VAL B 1072 57.85 14.96 -43.57
C VAL B 1072 58.69 15.57 -44.68
N SER B 1073 58.07 16.43 -45.49
CA SER B 1073 58.75 17.11 -46.58
C SER B 1073 58.21 18.51 -46.73
N ASN B 1074 59.11 19.44 -47.03
CA ASN B 1074 58.74 20.83 -47.31
C ASN B 1074 58.64 21.12 -48.80
N GLY B 1075 58.75 20.08 -49.64
CA GLY B 1075 58.70 20.23 -51.08
C GLY B 1075 60.03 20.00 -51.77
N THR B 1076 61.15 20.22 -51.06
CA THR B 1076 62.47 20.00 -51.62
C THR B 1076 63.27 18.97 -50.84
N HIS B 1077 63.28 19.05 -49.51
CA HIS B 1077 64.06 18.16 -48.67
C HIS B 1077 63.14 17.27 -47.85
N TRP B 1078 63.62 16.08 -47.52
CA TRP B 1078 62.90 15.15 -46.66
C TRP B 1078 63.56 15.09 -45.28
N PHE B 1079 62.74 15.24 -44.24
CA PHE B 1079 63.21 15.24 -42.87
C PHE B 1079 62.41 14.24 -42.06
N VAL B 1080 62.90 13.93 -40.86
CA VAL B 1080 62.23 13.03 -39.93
C VAL B 1080 61.90 13.82 -38.67
N THR B 1081 60.65 13.73 -38.22
CA THR B 1081 60.19 14.45 -37.05
C THR B 1081 59.44 13.47 -36.14
N GLN B 1082 59.44 13.79 -34.85
CA GLN B 1082 58.81 12.93 -33.87
C GLN B 1082 57.29 12.98 -33.98
N ARG B 1083 56.65 12.01 -33.33
CA ARG B 1083 55.25 11.69 -33.61
C ARG B 1083 54.30 12.85 -33.34
N ASN B 1084 54.37 13.45 -32.15
CA ASN B 1084 53.36 14.39 -31.69
C ASN B 1084 53.80 15.84 -31.70
N PHE B 1085 54.96 16.15 -32.27
CA PHE B 1085 55.44 17.53 -32.31
C PHE B 1085 56.44 17.67 -33.44
N TYR B 1086 56.52 18.88 -34.01
CA TYR B 1086 57.42 19.14 -35.14
C TYR B 1086 58.83 19.34 -34.66
N GLU B 1087 59.75 18.50 -35.11
CA GLU B 1087 61.16 18.59 -34.73
C GLU B 1087 62.00 17.89 -35.81
N PRO B 1088 62.11 18.49 -36.99
CA PRO B 1088 62.84 17.84 -38.08
C PRO B 1088 64.31 17.64 -37.74
N GLN B 1089 64.84 16.54 -38.23
CA GLN B 1089 66.25 16.20 -38.03
C GLN B 1089 66.76 15.47 -39.27
N ILE B 1090 68.08 15.47 -39.45
CA ILE B 1090 68.67 14.76 -40.56
C ILE B 1090 68.45 13.26 -40.37
N ILE B 1091 68.06 12.59 -41.46
CA ILE B 1091 67.79 11.15 -41.42
C ILE B 1091 69.12 10.42 -41.30
N THR B 1092 69.23 9.54 -40.31
CA THR B 1092 70.43 8.76 -40.06
C THR B 1092 70.05 7.31 -39.78
N THR B 1093 71.03 6.42 -39.97
CA THR B 1093 70.80 5.00 -39.72
C THR B 1093 70.46 4.72 -38.26
N ASP B 1094 70.81 5.62 -37.35
CA ASP B 1094 70.52 5.42 -35.94
C ASP B 1094 69.02 5.41 -35.65
N ASN B 1095 68.25 6.29 -36.29
CA ASN B 1095 66.82 6.41 -36.03
C ASN B 1095 65.97 5.53 -36.93
N THR B 1096 66.58 4.76 -37.83
CA THR B 1096 65.83 3.89 -38.74
C THR B 1096 66.56 2.57 -38.89
N PHE B 1097 65.81 1.54 -39.27
CA PHE B 1097 66.36 0.21 -39.53
C PHE B 1097 65.86 -0.31 -40.87
N VAL B 1098 66.50 -1.37 -41.35
CA VAL B 1098 66.27 -1.92 -42.68
C VAL B 1098 65.29 -3.09 -42.57
N SER B 1099 64.23 -3.03 -43.37
CA SER B 1099 63.23 -4.10 -43.44
C SER B 1099 62.53 -4.01 -44.78
N GLY B 1100 62.78 -4.99 -45.65
CA GLY B 1100 62.16 -5.00 -46.96
C GLY B 1100 62.98 -4.27 -48.00
N ASN B 1101 62.45 -4.29 -49.22
CA ASN B 1101 63.11 -3.68 -50.37
C ASN B 1101 62.28 -2.51 -50.90
N CYS B 1102 62.79 -1.86 -51.95
CA CYS B 1102 62.05 -0.77 -52.58
C CYS B 1102 60.73 -1.27 -53.15
N ASP B 1103 60.76 -2.42 -53.82
CA ASP B 1103 59.58 -2.92 -54.54
C ASP B 1103 58.44 -3.26 -53.58
N VAL B 1104 58.76 -3.87 -52.44
CA VAL B 1104 57.71 -4.38 -51.56
C VAL B 1104 56.82 -3.25 -51.08
N VAL B 1105 57.41 -2.10 -50.73
CA VAL B 1105 56.61 -0.99 -50.26
C VAL B 1105 55.85 -0.36 -51.42
N ILE B 1106 54.69 0.21 -51.12
CA ILE B 1106 53.84 0.87 -52.10
C ILE B 1106 53.81 2.35 -51.77
N GLY B 1107 54.09 3.19 -52.76
CA GLY B 1107 54.18 4.62 -52.56
C GLY B 1107 55.51 5.09 -52.02
N ILE B 1108 56.52 4.22 -51.94
CA ILE B 1108 57.80 4.59 -51.36
C ILE B 1108 58.49 5.63 -52.24
N VAL B 1109 59.40 6.39 -51.63
CA VAL B 1109 60.16 7.42 -52.32
C VAL B 1109 61.63 7.21 -52.03
N ASN B 1110 62.47 7.78 -52.89
CA ASN B 1110 63.91 7.65 -52.79
C ASN B 1110 64.53 8.90 -52.18
N ASN B 1111 65.49 8.70 -51.28
CA ASN B 1111 66.18 9.79 -50.62
C ASN B 1111 67.51 9.25 -50.09
N THR B 1112 68.40 10.16 -49.72
CA THR B 1112 69.72 9.82 -49.19
C THR B 1112 69.67 9.86 -47.67
N VAL B 1113 70.30 8.88 -47.04
CA VAL B 1113 70.35 8.77 -45.59
C VAL B 1113 71.78 9.07 -45.15
N TYR B 1114 71.92 9.99 -44.20
CA TYR B 1114 73.25 10.37 -43.71
C TYR B 1114 73.82 9.20 -42.91
N ASP B 1115 74.96 8.69 -43.38
CA ASP B 1115 75.65 7.59 -42.71
C ASP B 1115 76.83 8.16 -41.94
N PRO B 1116 76.82 8.14 -40.60
CA PRO B 1116 77.98 8.69 -39.87
C PRO B 1116 79.28 7.97 -40.17
N LEU B 1117 79.22 6.69 -40.57
CA LEU B 1117 80.43 5.95 -40.84
C LEU B 1117 81.19 6.52 -42.03
N GLN B 1118 80.48 6.95 -43.06
CA GLN B 1118 81.13 7.40 -44.29
C GLN B 1118 82.13 8.52 -44.08
N PRO B 1119 81.79 9.64 -43.41
CA PRO B 1119 82.79 10.70 -43.23
C PRO B 1119 84.03 10.24 -42.46
N GLU B 1120 83.87 9.32 -41.51
CA GLU B 1120 85.02 8.85 -40.75
C GLU B 1120 86.03 8.15 -41.65
N LEU B 1121 85.55 7.33 -42.58
CA LEU B 1121 86.45 6.62 -43.49
C LEU B 1121 87.18 7.56 -44.44
N ASP B 1122 86.68 8.78 -44.65
CA ASP B 1122 87.35 9.71 -45.55
C ASP B 1122 88.75 10.06 -45.04
N SER B 1123 88.90 10.29 -43.74
CA SER B 1123 90.19 10.65 -43.16
C SER B 1123 91.06 9.40 -43.00
N PRO C 1 15.71 -2.40 60.32
CA PRO C 1 15.29 -2.03 58.96
C PRO C 1 15.50 -3.14 57.95
N PRO C 2 14.87 -3.03 56.78
CA PRO C 2 15.02 -4.09 55.76
C PRO C 2 16.47 -4.20 55.31
N ALA C 3 16.89 -5.43 55.04
CA ALA C 3 18.26 -5.72 54.60
C ALA C 3 18.22 -6.08 53.12
N TYR C 4 18.71 -5.18 52.27
CA TYR C 4 18.75 -5.41 50.85
C TYR C 4 19.97 -6.26 50.48
N THR C 5 19.81 -7.10 49.47
CA THR C 5 20.89 -7.95 48.99
C THR C 5 20.69 -8.18 47.49
N ASN C 6 21.77 -8.59 46.83
CA ASN C 6 21.77 -8.83 45.40
C ASN C 6 20.99 -10.10 45.11
N SER C 7 20.11 -10.05 44.09
CA SER C 7 19.32 -11.20 43.70
C SER C 7 20.04 -12.01 42.63
N PHE C 8 20.36 -13.26 42.93
CA PHE C 8 21.05 -14.12 41.98
C PHE C 8 20.21 -14.34 40.73
N THR C 9 20.79 -14.97 39.71
CA THR C 9 20.10 -15.23 38.44
C THR C 9 18.98 -16.26 38.58
N ARG C 10 18.87 -16.95 39.71
CA ARG C 10 17.81 -17.93 39.88
C ARG C 10 16.44 -17.27 39.80
N GLY C 11 15.48 -18.00 39.25
CA GLY C 11 14.13 -17.52 39.10
C GLY C 11 13.63 -17.43 37.68
N VAL C 12 14.19 -18.20 36.75
CA VAL C 12 13.77 -18.20 35.36
C VAL C 12 12.87 -19.41 35.13
N TYR C 13 11.93 -19.26 34.20
CA TYR C 13 11.02 -20.34 33.86
C TYR C 13 10.63 -20.24 32.39
N TYR C 14 10.22 -21.36 31.82
CA TYR C 14 9.84 -21.40 30.41
C TYR C 14 8.52 -20.66 30.20
N PRO C 15 8.46 -19.67 29.30
CA PRO C 15 7.18 -19.00 29.06
C PRO C 15 6.06 -19.93 28.64
N ASP C 16 6.37 -21.00 27.90
CA ASP C 16 5.37 -21.94 27.43
C ASP C 16 6.06 -23.30 27.21
N LYS C 17 5.33 -24.22 26.59
CA LYS C 17 5.85 -25.56 26.32
C LYS C 17 6.52 -25.68 24.96
N VAL C 18 6.66 -24.57 24.23
CA VAL C 18 7.28 -24.63 22.91
C VAL C 18 8.70 -25.14 23.03
N PHE C 19 9.12 -25.92 22.04
CA PHE C 19 10.45 -26.52 21.99
C PHE C 19 11.33 -25.74 21.02
N ARG C 20 12.54 -25.42 21.45
CA ARG C 20 13.49 -24.69 20.63
C ARG C 20 14.90 -25.19 20.94
N SER C 21 15.81 -24.96 19.99
CA SER C 21 17.18 -25.41 20.16
C SER C 21 18.10 -24.53 19.32
N SER C 22 19.18 -24.05 19.95
CA SER C 22 20.21 -23.27 19.26
C SER C 22 19.63 -22.02 18.60
N VAL C 23 18.57 -21.47 19.20
CA VAL C 23 17.95 -20.25 18.71
C VAL C 23 17.65 -19.38 19.92
N LEU C 24 18.04 -18.10 19.85
CA LEU C 24 17.72 -17.16 20.90
C LEU C 24 16.28 -16.67 20.75
N HIS C 25 15.53 -16.68 21.84
CA HIS C 25 14.12 -16.31 21.81
C HIS C 25 13.86 -15.19 22.82
N SER C 26 13.25 -14.11 22.37
CA SER C 26 12.87 -13.04 23.27
C SER C 26 11.46 -13.25 23.80
N THR C 27 11.25 -12.87 25.06
CA THR C 27 9.94 -13.03 25.69
C THR C 27 9.69 -11.88 26.64
N GLN C 28 8.57 -11.20 26.46
CA GLN C 28 8.16 -10.06 27.28
C GLN C 28 7.02 -10.52 28.17
N ASP C 29 7.35 -10.92 29.40
CA ASP C 29 6.36 -11.41 30.35
C ASP C 29 6.89 -11.18 31.76
N LEU C 30 5.99 -11.33 32.74
CA LEU C 30 6.35 -11.09 34.12
C LEU C 30 7.42 -12.08 34.56
N PHE C 31 8.67 -11.60 34.64
CA PHE C 31 9.81 -12.41 35.00
C PHE C 31 10.54 -11.75 36.17
N LEU C 32 11.56 -12.42 36.69
CA LEU C 32 12.33 -11.91 37.81
C LEU C 32 13.54 -11.16 37.28
N PRO C 33 13.66 -9.84 37.48
CA PRO C 33 14.83 -9.12 36.99
C PRO C 33 16.12 -9.67 37.59
N PHE C 34 17.17 -9.70 36.77
CA PHE C 34 18.46 -10.19 37.20
C PHE C 34 19.22 -9.12 37.98
N PHE C 35 19.93 -9.56 39.01
CA PHE C 35 20.78 -8.68 39.83
C PHE C 35 19.97 -7.59 40.53
N SER C 36 18.68 -7.80 40.74
CA SER C 36 17.85 -6.83 41.42
C SER C 36 18.06 -6.92 42.93
N ASN C 37 17.65 -5.85 43.62
CA ASN C 37 17.77 -5.80 45.07
C ASN C 37 16.55 -6.44 45.71
N VAL C 38 16.78 -7.35 46.65
CA VAL C 38 15.71 -8.08 47.34
C VAL C 38 15.92 -7.93 48.83
N THR C 39 14.81 -7.75 49.56
CA THR C 39 14.85 -7.58 51.01
C THR C 39 14.80 -8.96 51.65
N TRP C 40 15.74 -9.24 52.54
CA TRP C 40 15.83 -10.52 53.23
C TRP C 40 15.31 -10.38 54.66
N PHE C 41 14.45 -11.31 55.05
CA PHE C 41 13.81 -11.31 56.36
C PHE C 41 14.76 -11.89 57.39
N HIS C 42 14.32 -11.87 58.65
CA HIS C 42 15.08 -12.38 59.78
C HIS C 42 14.20 -13.29 60.62
N ALA C 43 14.83 -14.25 61.29
CA ALA C 43 14.12 -15.19 62.15
C ALA C 43 14.84 -15.26 63.49
N ILE C 44 14.09 -15.08 64.58
CA ILE C 44 14.64 -15.15 65.93
C ILE C 44 13.70 -15.98 66.78
N HIS C 45 14.24 -16.54 67.87
CA HIS C 45 13.47 -17.38 68.77
C HIS C 45 13.17 -16.55 70.01
N VAL C 46 14.11 -15.75 70.51
CA VAL C 46 13.92 -14.95 71.72
C VAL C 46 13.67 -13.51 71.31
N SER C 47 12.62 -12.91 71.86
CA SER C 47 12.26 -11.53 71.55
C SER C 47 11.41 -10.98 72.69
N GLY C 48 11.16 -9.68 72.66
CA GLY C 48 10.35 -9.02 73.67
C GLY C 48 11.08 -7.88 74.37
N THR C 49 12.24 -7.50 73.84
CA THR C 49 13.04 -6.41 74.39
C THR C 49 13.43 -5.33 73.38
N ASN C 50 12.65 -5.20 72.31
CA ASN C 50 12.90 -4.22 71.26
C ASN C 50 11.59 -3.53 70.91
N GLY C 51 11.64 -2.65 69.91
CA GLY C 51 10.45 -1.94 69.47
C GLY C 51 9.62 -2.74 68.48
N THR C 52 9.22 -2.11 67.39
CA THR C 52 8.43 -2.56 66.24
C THR C 52 9.31 -3.25 65.20
N LYS C 53 9.57 -4.54 65.38
CA LYS C 53 10.29 -5.65 64.78
C LYS C 53 9.71 -6.98 65.25
N ARG C 54 10.00 -8.06 64.52
CA ARG C 54 9.54 -9.41 64.82
C ARG C 54 8.03 -9.61 64.78
N PHE C 55 7.40 -9.20 63.68
CA PHE C 55 5.96 -9.35 63.52
C PHE C 55 5.61 -10.80 63.21
N ASP C 56 4.34 -11.17 63.40
CA ASP C 56 3.79 -12.51 63.19
C ASP C 56 3.08 -12.51 61.84
N ASN C 57 3.38 -13.54 61.03
CA ASN C 57 2.78 -13.78 59.72
C ASN C 57 2.40 -12.47 59.02
N PRO C 58 3.36 -11.59 58.77
CA PRO C 58 3.03 -10.32 58.12
C PRO C 58 2.48 -10.52 56.72
N VAL C 59 1.59 -9.62 56.32
CA VAL C 59 0.96 -9.67 55.00
C VAL C 59 1.91 -9.07 53.99
N LEU C 60 2.16 -9.80 52.91
CA LEU C 60 3.03 -9.38 51.84
C LEU C 60 2.22 -9.00 50.60
N PRO C 61 2.80 -8.20 49.70
CA PRO C 61 2.04 -7.79 48.51
C PRO C 61 1.62 -8.98 47.66
N PHE C 62 0.45 -8.86 47.06
CA PHE C 62 -0.10 -9.90 46.19
C PHE C 62 0.07 -9.57 44.71
N ASN C 63 1.19 -8.96 44.33
CA ASN C 63 1.44 -8.58 42.95
C ASN C 63 1.21 -9.75 42.01
N ASP C 64 0.99 -9.47 40.73
CA ASP C 64 0.67 -10.50 39.75
C ASP C 64 1.74 -11.59 39.73
N GLY C 65 2.99 -11.20 40.02
CA GLY C 65 4.08 -12.15 40.06
C GLY C 65 4.97 -11.92 41.26
N VAL C 66 5.37 -13.01 41.89
CA VAL C 66 6.21 -12.95 43.08
C VAL C 66 7.11 -14.19 43.10
N TYR C 67 8.36 -13.99 43.48
CA TYR C 67 9.31 -15.09 43.58
C TYR C 67 9.31 -15.67 44.99
N PHE C 68 9.65 -16.95 45.08
CA PHE C 68 9.70 -17.64 46.36
C PHE C 68 10.79 -18.69 46.30
N ALA C 69 11.62 -18.71 47.34
CA ALA C 69 12.71 -19.67 47.45
C ALA C 69 13.13 -19.77 48.90
N SER C 70 13.48 -20.99 49.31
CA SER C 70 13.91 -21.23 50.69
C SER C 70 14.47 -22.64 50.83
N THR C 71 15.35 -22.85 51.81
CA THR C 71 15.95 -24.15 52.09
C THR C 71 15.63 -24.51 53.55
N GLU C 72 14.56 -25.26 53.75
CA GLU C 72 14.14 -25.69 55.08
C GLU C 72 14.24 -27.20 55.16
N LYS C 73 15.06 -27.70 56.08
CA LYS C 73 15.20 -29.14 56.26
C LYS C 73 13.90 -29.77 56.74
N SER C 74 13.21 -29.13 57.66
CA SER C 74 11.96 -29.64 58.21
C SER C 74 10.73 -29.12 57.47
N ASN C 75 10.91 -28.30 56.43
CA ASN C 75 9.80 -27.77 55.66
C ASN C 75 8.84 -26.98 56.56
N ILE C 76 9.34 -25.88 57.11
CA ILE C 76 8.54 -25.07 58.03
C ILE C 76 7.30 -24.54 57.33
N ILE C 77 7.46 -24.01 56.12
CA ILE C 77 6.33 -23.51 55.33
C ILE C 77 5.66 -24.72 54.69
N ARG C 78 4.39 -24.95 55.01
CA ARG C 78 3.67 -26.13 54.55
C ARG C 78 2.33 -25.83 53.89
N GLY C 79 1.96 -24.56 53.73
CA GLY C 79 0.68 -24.23 53.12
C GLY C 79 0.62 -22.79 52.68
N TRP C 80 -0.31 -22.53 51.76
CA TRP C 80 -0.56 -21.18 51.27
C TRP C 80 -2.06 -20.97 51.21
N ILE C 81 -2.50 -19.77 51.59
CA ILE C 81 -3.91 -19.40 51.61
C ILE C 81 -4.09 -18.15 50.77
N PHE C 82 -5.06 -18.18 49.85
CA PHE C 82 -5.36 -17.06 48.98
C PHE C 82 -6.79 -16.59 49.24
N GLY C 83 -6.97 -15.27 49.15
CA GLY C 83 -8.28 -14.69 49.33
C GLY C 83 -8.17 -13.26 49.82
N THR C 84 -9.31 -12.58 49.83
CA THR C 84 -9.40 -11.19 50.27
C THR C 84 -10.23 -11.05 51.54
N THR C 85 -11.45 -11.55 51.55
CA THR C 85 -12.29 -11.44 52.75
C THR C 85 -11.84 -12.40 53.84
N LEU C 86 -11.24 -13.53 53.45
CA LEU C 86 -10.76 -14.54 54.40
C LEU C 86 -11.89 -15.11 55.25
N ASP C 87 -13.13 -15.01 54.76
CA ASP C 87 -14.29 -15.51 55.47
C ASP C 87 -14.77 -16.86 54.95
N SER C 88 -13.99 -17.51 54.09
CA SER C 88 -14.25 -18.83 53.53
C SER C 88 -15.35 -18.82 52.47
N LYS C 89 -16.01 -17.69 52.22
CA LYS C 89 -17.05 -17.66 51.20
C LYS C 89 -16.48 -17.95 49.82
N THR C 90 -15.33 -17.36 49.50
CA THR C 90 -14.70 -17.57 48.20
C THR C 90 -13.73 -18.76 48.26
N GLN C 91 -13.36 -19.24 47.08
CA GLN C 91 -12.43 -20.35 46.98
C GLN C 91 -11.04 -19.93 47.43
N SER C 92 -10.37 -20.84 48.14
CA SER C 92 -9.03 -20.59 48.65
C SER C 92 -8.14 -21.77 48.30
N LEU C 93 -6.96 -21.49 47.78
CA LEU C 93 -6.01 -22.53 47.42
C LEU C 93 -5.39 -23.14 48.67
N LEU C 94 -5.14 -24.45 48.62
CA LEU C 94 -4.52 -25.15 49.73
C LEU C 94 -3.53 -26.16 49.17
N ILE C 95 -2.31 -26.15 49.71
CA ILE C 95 -1.25 -27.06 49.29
C ILE C 95 -0.69 -27.74 50.53
N VAL C 96 -0.57 -29.07 50.48
CA VAL C 96 -0.07 -29.86 51.60
C VAL C 96 1.09 -30.72 51.09
N ASN C 97 2.23 -30.63 51.76
CA ASN C 97 3.42 -31.42 51.42
C ASN C 97 3.62 -32.46 52.51
N ASN C 98 3.28 -33.71 52.21
CA ASN C 98 3.40 -34.81 53.16
C ASN C 98 4.21 -35.93 52.52
N ALA C 99 5.28 -36.35 53.19
CA ALA C 99 6.13 -37.44 52.72
C ALA C 99 6.63 -37.17 51.31
N THR C 100 7.03 -35.93 51.05
CA THR C 100 7.55 -35.46 49.77
C THR C 100 6.49 -35.44 48.68
N ASN C 101 5.22 -35.68 49.00
CA ASN C 101 4.14 -35.67 48.03
C ASN C 101 3.33 -34.40 48.21
N VAL C 102 3.05 -33.71 47.11
CA VAL C 102 2.31 -32.46 47.14
C VAL C 102 0.87 -32.72 46.72
N VAL C 103 -0.07 -32.26 47.53
CA VAL C 103 -1.50 -32.40 47.26
C VAL C 103 -2.12 -31.01 47.24
N ILE C 104 -2.88 -30.73 46.19
CA ILE C 104 -3.51 -29.42 45.99
C ILE C 104 -5.02 -29.59 46.08
N LYS C 105 -5.64 -28.80 46.95
CA LYS C 105 -7.09 -28.84 47.13
C LYS C 105 -7.62 -27.42 47.20
N VAL C 106 -8.80 -27.21 46.63
CA VAL C 106 -9.46 -25.91 46.64
C VAL C 106 -10.60 -25.85 47.65
N CYS C 107 -10.57 -26.72 48.67
CA CYS C 107 -11.64 -26.75 49.64
C CYS C 107 -11.73 -25.42 50.39
N GLU C 108 -12.96 -25.01 50.68
CA GLU C 108 -13.21 -23.77 51.40
C GLU C 108 -13.29 -24.06 52.89
N PHE C 109 -12.56 -23.28 53.69
CA PHE C 109 -12.53 -23.47 55.13
C PHE C 109 -12.28 -22.12 55.79
N GLN C 110 -12.67 -22.04 57.06
CA GLN C 110 -12.49 -20.83 57.86
C GLN C 110 -11.02 -20.64 58.21
N PHE C 111 -10.61 -19.37 58.29
CA PHE C 111 -9.25 -19.01 58.61
C PHE C 111 -9.17 -18.46 60.02
N CYS C 112 -8.22 -18.99 60.80
CA CYS C 112 -8.04 -18.54 62.17
C CYS C 112 -7.27 -17.21 62.19
N ASN C 113 -7.29 -16.56 63.36
CA ASN C 113 -6.58 -15.29 63.51
C ASN C 113 -5.08 -15.49 63.33
N ASP C 114 -4.53 -16.54 63.94
CA ASP C 114 -3.09 -16.85 63.85
C ASP C 114 -2.94 -18.33 63.55
N PRO C 115 -3.22 -18.74 62.31
CA PRO C 115 -3.08 -20.16 61.97
C PRO C 115 -1.66 -20.64 62.17
N PHE C 116 -1.53 -21.88 62.63
CA PHE C 116 -0.22 -22.49 62.87
C PHE C 116 -0.42 -24.00 62.95
N LEU C 117 0.70 -24.73 62.83
CA LEU C 117 0.70 -26.18 62.92
C LEU C 117 1.75 -26.61 63.94
N GLY C 118 1.48 -27.73 64.61
CA GLY C 118 2.39 -28.26 65.61
C GLY C 118 3.09 -29.52 65.10
N VAL C 119 4.41 -29.53 65.24
CA VAL C 119 5.25 -30.65 64.83
C VAL C 119 6.10 -31.06 66.03
N TYR C 120 6.09 -32.36 66.34
CA TYR C 120 6.87 -32.92 67.45
C TYR C 120 7.87 -33.90 66.86
N TYR C 121 9.11 -33.44 66.68
CA TYR C 121 10.16 -34.29 66.12
C TYR C 121 10.85 -35.07 67.24
N HIS C 122 11.69 -36.02 66.83
CA HIS C 122 12.45 -36.86 67.77
C HIS C 122 11.50 -37.62 68.70
N LYS C 123 10.66 -38.44 68.07
CA LYS C 123 9.68 -39.26 68.78
C LYS C 123 9.94 -40.73 68.48
N ASN C 124 9.62 -41.57 69.46
CA ASN C 124 9.88 -43.00 69.31
C ASN C 124 9.06 -43.59 68.17
N ASN C 125 7.80 -43.18 68.05
CA ASN C 125 6.91 -43.67 67.01
C ASN C 125 6.61 -42.54 66.03
N LYS C 126 6.86 -42.80 64.75
CA LYS C 126 6.64 -41.79 63.72
C LYS C 126 5.28 -42.00 63.05
N SER C 127 4.81 -40.95 62.37
CA SER C 127 3.56 -40.92 61.62
C SER C 127 2.35 -40.71 62.51
N TRP C 128 2.55 -40.34 63.78
CA TRP C 128 1.42 -40.08 64.68
C TRP C 128 0.67 -38.84 64.21
N MET C 129 -0.63 -38.76 64.55
CA MET C 129 -1.56 -37.72 64.08
C MET C 129 -1.08 -36.99 62.83
N GLU C 130 -0.49 -37.75 61.89
CA GLU C 130 0.00 -37.14 60.66
C GLU C 130 -1.16 -36.70 59.77
N SER C 131 -2.24 -37.47 59.77
CA SER C 131 -3.40 -37.18 58.93
C SER C 131 -4.44 -36.31 59.62
N GLU C 132 -4.18 -35.88 60.86
CA GLU C 132 -5.14 -35.03 61.56
C GLU C 132 -5.35 -33.71 60.83
N PHE C 133 -4.27 -33.11 60.35
CA PHE C 133 -4.33 -31.84 59.63
C PHE C 133 -4.98 -30.76 60.48
N ARG C 134 -4.37 -30.48 61.63
CA ARG C 134 -4.89 -29.47 62.56
C ARG C 134 -4.40 -28.08 62.12
N VAL C 135 -4.84 -27.71 60.91
CA VAL C 135 -4.48 -26.42 60.33
C VAL C 135 -5.70 -25.56 60.04
N TYR C 136 -6.90 -26.11 60.04
CA TYR C 136 -8.11 -25.34 59.77
C TYR C 136 -9.25 -25.93 60.57
N SER C 137 -10.28 -25.11 60.78
CA SER C 137 -11.43 -25.55 61.56
C SER C 137 -12.13 -26.72 60.88
N SER C 138 -12.64 -26.50 59.67
CA SER C 138 -13.34 -27.53 58.93
C SER C 138 -13.58 -27.04 57.51
N ALA C 139 -13.71 -27.99 56.59
CA ALA C 139 -13.98 -27.65 55.20
C ALA C 139 -15.48 -27.53 54.96
N ASN C 140 -15.84 -26.83 53.87
CA ASN C 140 -17.22 -26.63 53.50
C ASN C 140 -17.59 -27.34 52.21
N ASN C 141 -16.86 -27.09 51.12
CA ASN C 141 -17.13 -27.72 49.84
C ASN C 141 -15.81 -28.20 49.24
N CYS C 142 -15.82 -29.43 48.71
CA CYS C 142 -14.65 -30.03 48.09
C CYS C 142 -15.08 -30.71 46.80
N THR C 143 -14.78 -30.08 45.67
CA THR C 143 -15.11 -30.62 44.35
C THR C 143 -13.89 -30.82 43.47
N PHE C 144 -12.70 -30.82 44.05
CA PHE C 144 -11.48 -31.00 43.28
C PHE C 144 -10.56 -31.98 44.02
N GLU C 145 -9.82 -32.76 43.24
CA GLU C 145 -8.87 -33.72 43.78
C GLU C 145 -7.61 -33.70 42.93
N TYR C 146 -6.47 -33.96 43.58
CA TYR C 146 -5.19 -33.99 42.90
C TYR C 146 -4.36 -35.13 43.47
N VAL C 147 -3.48 -35.67 42.62
CA VAL C 147 -2.60 -36.76 43.00
C VAL C 147 -1.18 -36.43 42.57
N SER C 148 -0.19 -37.01 43.23
CA SER C 148 1.21 -36.75 42.93
C SER C 148 2.04 -38.02 42.77
N GLN C 149 3.03 -37.97 41.88
CA GLN C 149 3.93 -39.09 41.61
C GLN C 149 5.38 -38.75 41.91
N PRO C 150 6.22 -39.75 42.20
CA PRO C 150 7.64 -39.46 42.47
C PRO C 150 8.33 -38.83 41.28
N PHE C 151 9.29 -37.95 41.54
CA PHE C 151 9.99 -37.26 40.46
C PHE C 151 11.13 -38.11 39.89
N LEU C 152 11.85 -38.83 40.75
CA LEU C 152 12.96 -39.74 40.57
C LEU C 152 13.12 -40.66 41.78
N MET C 153 13.85 -41.74 41.58
CA MET C 153 14.12 -42.72 42.64
C MET C 153 15.63 -43.00 42.70
N ASP C 154 16.15 -43.09 43.92
CA ASP C 154 17.57 -43.34 44.13
C ASP C 154 17.73 -44.55 45.06
N LEU C 155 18.98 -44.88 45.39
CA LEU C 155 19.43 -45.96 46.25
C LEU C 155 19.31 -45.64 47.73
N GLU C 156 19.82 -46.53 48.58
CA GLU C 156 19.85 -46.50 50.03
C GLU C 156 20.55 -45.26 50.56
N GLY C 157 19.96 -44.65 51.58
CA GLY C 157 20.51 -43.43 52.17
C GLY C 157 19.45 -42.34 52.20
N LYS C 158 19.33 -41.68 53.35
CA LYS C 158 18.39 -40.62 53.67
C LYS C 158 19.05 -39.42 54.36
N GLN C 159 18.81 -38.23 53.82
CA GLN C 159 19.27 -36.93 54.30
C GLN C 159 18.11 -35.95 54.23
N GLY C 160 18.01 -35.09 55.24
CA GLY C 160 16.98 -34.09 55.48
C GLY C 160 17.48 -32.67 55.45
N ASN C 161 18.78 -32.46 55.64
CA ASN C 161 19.63 -31.28 55.71
C ASN C 161 20.11 -30.80 54.34
N PHE C 162 20.86 -31.64 53.63
CA PHE C 162 21.37 -31.32 52.30
C PHE C 162 21.21 -32.50 51.35
N LYS C 163 20.05 -32.55 50.68
CA LYS C 163 19.78 -33.62 49.72
C LYS C 163 19.27 -33.05 48.40
N ASN C 164 18.59 -31.91 48.45
CA ASN C 164 18.02 -31.28 47.27
C ASN C 164 17.76 -29.80 47.55
N LEU C 165 17.57 -29.05 46.47
CA LEU C 165 17.21 -27.65 46.54
C LEU C 165 15.90 -27.44 45.80
N ARG C 166 14.99 -26.70 46.44
CA ARG C 166 13.62 -26.52 45.96
C ARG C 166 13.51 -25.11 45.37
N GLU C 167 12.97 -25.02 44.16
CA GLU C 167 12.72 -23.75 43.49
C GLU C 167 11.24 -23.69 43.11
N PHE C 168 10.58 -22.59 43.50
CA PHE C 168 9.16 -22.39 43.23
C PHE C 168 8.95 -20.98 42.68
N VAL C 169 8.16 -20.87 41.62
CA VAL C 169 7.80 -19.59 41.03
C VAL C 169 6.29 -19.53 40.89
N PHE C 170 5.68 -18.46 41.43
CA PHE C 170 4.24 -18.28 41.39
C PHE C 170 3.91 -16.96 40.71
N LYS C 171 2.92 -17.00 39.82
CA LYS C 171 2.47 -15.80 39.12
C LYS C 171 1.00 -15.97 38.76
N ASN C 172 0.34 -14.83 38.51
CA ASN C 172 -1.06 -14.81 38.09
C ASN C 172 -1.19 -13.85 36.92
N ILE C 173 -1.71 -14.36 35.80
CA ILE C 173 -1.92 -13.57 34.60
C ILE C 173 -3.36 -13.77 34.16
N ASP C 174 -4.12 -12.69 34.10
CA ASP C 174 -5.53 -12.71 33.72
C ASP C 174 -6.30 -13.73 34.55
N GLY C 175 -5.94 -13.78 35.83
CA GLY C 175 -6.57 -14.71 36.75
C GLY C 175 -6.31 -16.17 36.46
N TYR C 176 -5.27 -16.49 35.69
CA TYR C 176 -4.93 -17.87 35.34
C TYR C 176 -3.75 -18.28 36.21
N PHE C 177 -4.04 -19.09 37.23
CA PHE C 177 -2.99 -19.53 38.15
C PHE C 177 -2.09 -20.56 37.48
N LYS C 178 -0.80 -20.47 37.75
CA LYS C 178 0.18 -21.40 37.19
C LYS C 178 1.07 -21.91 38.30
N ILE C 179 1.58 -23.13 38.11
CA ILE C 179 2.39 -23.82 39.11
C ILE C 179 3.76 -24.11 38.52
N TYR C 180 4.80 -23.71 39.25
CA TYR C 180 6.18 -24.00 38.88
C TYR C 180 6.90 -24.58 40.09
N SER C 181 7.72 -25.59 39.82
CA SER C 181 8.46 -26.27 40.89
C SER C 181 9.62 -27.03 40.27
N LYS C 182 10.72 -27.11 41.01
CA LYS C 182 11.89 -27.85 40.56
C LYS C 182 12.68 -28.31 41.77
N HIS C 183 13.16 -29.55 41.72
CA HIS C 183 13.99 -30.14 42.76
C HIS C 183 15.33 -30.50 42.11
N THR C 184 16.39 -29.81 42.52
CA THR C 184 17.70 -30.01 41.90
C THR C 184 18.69 -30.58 42.90
N PRO C 185 19.51 -31.55 42.49
CA PRO C 185 20.50 -32.11 43.42
C PRO C 185 21.73 -31.22 43.55
N ILE C 186 22.12 -30.96 44.80
CA ILE C 186 23.29 -30.16 45.12
C ILE C 186 23.93 -30.70 46.39
N ASN C 187 25.27 -30.63 46.44
CA ASN C 187 26.05 -31.08 47.60
C ASN C 187 27.08 -29.99 47.91
N LEU C 188 26.68 -29.03 48.74
CA LEU C 188 27.56 -27.94 49.14
C LEU C 188 26.98 -27.19 50.32
N VAL C 189 27.81 -26.95 51.35
CA VAL C 189 27.36 -26.28 52.56
C VAL C 189 28.11 -24.97 52.73
N ARG C 190 29.27 -24.85 52.07
CA ARG C 190 30.06 -23.64 52.20
C ARG C 190 29.32 -22.42 51.68
N ASP C 191 28.66 -22.54 50.53
CA ASP C 191 27.91 -21.45 49.95
C ASP C 191 26.85 -22.01 49.00
N LEU C 192 25.87 -21.18 48.67
CA LEU C 192 24.82 -21.61 47.76
C LEU C 192 25.42 -21.89 46.37
N PRO C 193 25.10 -23.02 45.74
CA PRO C 193 25.64 -23.28 44.41
C PRO C 193 25.25 -22.20 43.41
N GLN C 194 26.20 -21.87 42.53
CA GLN C 194 25.98 -20.87 41.49
C GLN C 194 25.72 -21.59 40.17
N GLY C 195 24.60 -21.28 39.53
CA GLY C 195 24.25 -21.91 38.28
C GLY C 195 22.97 -21.33 37.73
N PHE C 196 22.60 -21.83 36.55
CA PHE C 196 21.39 -21.41 35.86
C PHE C 196 20.44 -22.59 35.72
N SER C 197 19.18 -22.36 36.05
CA SER C 197 18.16 -23.40 35.97
C SER C 197 16.82 -22.76 35.64
N ALA C 198 15.91 -23.57 35.12
CA ALA C 198 14.58 -23.12 34.74
C ALA C 198 13.53 -24.11 35.24
N LEU C 199 12.33 -23.59 35.47
CA LEU C 199 11.21 -24.38 36.00
C LEU C 199 10.21 -24.63 34.88
N GLU C 200 9.85 -25.90 34.69
CA GLU C 200 8.88 -26.24 33.67
C GLU C 200 7.45 -26.04 34.20
N PRO C 201 6.48 -25.89 33.30
CA PRO C 201 5.09 -25.73 33.75
C PRO C 201 4.41 -27.07 33.97
N LEU C 202 3.81 -27.23 35.15
CA LEU C 202 3.15 -28.48 35.50
C LEU C 202 1.66 -28.44 35.19
N VAL C 203 0.93 -27.50 35.81
CA VAL C 203 -0.51 -27.40 35.65
C VAL C 203 -0.89 -25.93 35.57
N ASP C 204 -2.00 -25.65 34.88
CA ASP C 204 -2.54 -24.31 34.76
C ASP C 204 -4.03 -24.35 35.08
N LEU C 205 -4.47 -23.46 35.95
CA LEU C 205 -5.87 -23.38 36.36
C LEU C 205 -6.45 -22.04 35.93
N PRO C 206 -7.31 -21.99 34.89
CA PRO C 206 -7.94 -20.73 34.47
C PRO C 206 -9.17 -20.37 35.29
N ILE C 207 -9.01 -20.30 36.60
CA ILE C 207 -10.14 -19.97 37.47
C ILE C 207 -10.67 -18.57 37.17
N GLY C 208 -9.76 -17.62 36.98
CA GLY C 208 -10.14 -16.25 36.68
C GLY C 208 -10.55 -15.42 37.88
N ILE C 209 -10.46 -15.97 39.10
CA ILE C 209 -10.86 -15.21 40.28
C ILE C 209 -9.84 -14.12 40.57
N ASN C 210 -10.34 -12.99 41.06
CA ASN C 210 -9.51 -11.85 41.42
C ASN C 210 -9.21 -11.88 42.91
N ILE C 211 -7.93 -11.90 43.26
CA ILE C 211 -7.47 -11.96 44.65
C ILE C 211 -6.42 -10.88 44.83
N THR C 212 -6.30 -10.38 46.06
CA THR C 212 -5.34 -9.32 46.37
C THR C 212 -4.57 -9.54 47.66
N ARG C 213 -4.74 -10.69 48.32
CA ARG C 213 -4.05 -10.96 49.58
C ARG C 213 -3.84 -12.46 49.70
N PHE C 214 -2.89 -12.84 50.55
CA PHE C 214 -2.57 -14.24 50.76
C PHE C 214 -1.96 -14.40 52.16
N GLN C 215 -1.95 -15.65 52.62
CA GLN C 215 -1.37 -15.98 53.92
C GLN C 215 -0.76 -17.37 53.84
N THR C 216 0.42 -17.54 54.41
CA THR C 216 1.11 -18.82 54.39
C THR C 216 0.82 -19.61 55.67
N LEU C 217 1.29 -20.85 55.71
CA LEU C 217 1.10 -21.71 56.86
C LEU C 217 2.47 -22.21 57.33
N LEU C 218 2.73 -22.03 58.63
CA LEU C 218 4.02 -22.35 59.23
C LEU C 218 3.82 -23.45 60.28
N ALA C 219 4.84 -24.29 60.43
CA ALA C 219 4.84 -25.38 61.39
C ALA C 219 5.91 -25.11 62.44
N LEU C 220 5.52 -25.12 63.71
CA LEU C 220 6.43 -24.86 64.81
C LEU C 220 6.38 -26.01 65.82
N HIS C 221 7.33 -26.01 66.74
CA HIS C 221 7.43 -27.03 67.78
C HIS C 221 6.87 -26.46 69.07
N ARG C 222 5.89 -27.16 69.65
CA ARG C 222 4.96 -27.17 70.76
C ARG C 222 5.65 -27.21 72.12
N SER C 223 6.88 -27.70 72.19
CA SER C 223 7.62 -27.81 73.44
C SER C 223 9.02 -27.22 73.39
N TYR C 224 9.43 -26.57 74.48
CA TYR C 224 10.75 -25.97 74.58
C TYR C 224 11.78 -26.81 75.33
N LEU C 225 12.55 -27.58 74.57
CA LEU C 225 13.60 -28.42 75.13
C LEU C 225 14.97 -27.98 74.64
N THR C 226 15.11 -27.82 73.33
CA THR C 226 16.37 -27.38 72.75
C THR C 226 16.65 -25.88 72.91
N PRO C 227 17.93 -25.47 72.91
CA PRO C 227 18.25 -24.05 73.06
C PRO C 227 17.74 -23.22 71.88
N GLY C 228 17.48 -23.86 70.76
CA GLY C 228 16.98 -23.33 69.51
C GLY C 228 15.73 -24.06 69.03
N ASP C 229 15.46 -23.99 67.72
CA ASP C 229 14.34 -24.59 67.01
C ASP C 229 14.71 -25.99 66.52
N SER C 230 15.75 -26.09 65.71
CA SER C 230 16.22 -27.37 65.19
C SER C 230 17.71 -27.64 65.21
N SER C 231 18.55 -26.63 65.44
CA SER C 231 20.00 -26.83 65.45
C SER C 231 20.66 -25.80 66.35
N SER C 232 21.99 -25.75 66.33
CA SER C 232 22.75 -24.80 67.14
C SER C 232 23.43 -23.78 66.23
N GLY C 233 24.21 -22.89 66.82
CA GLY C 233 25.03 -21.77 66.41
C GLY C 233 24.28 -20.46 66.39
N TRP C 234 23.13 -20.44 65.71
CA TRP C 234 22.30 -19.25 65.62
C TRP C 234 21.10 -19.41 66.55
N THR C 235 20.40 -18.31 66.80
CA THR C 235 19.23 -17.99 67.60
C THR C 235 17.98 -18.73 67.15
N ALA C 236 17.76 -18.83 65.84
CA ALA C 236 16.61 -19.52 65.29
C ALA C 236 16.94 -20.16 63.95
N GLY C 237 17.31 -21.43 63.96
CA GLY C 237 17.63 -22.15 62.75
C GLY C 237 18.82 -21.57 62.04
N ALA C 238 19.17 -22.21 60.92
CA ALA C 238 20.29 -21.78 60.09
C ALA C 238 20.10 -22.24 58.66
N ALA C 239 19.69 -21.31 57.79
CA ALA C 239 19.45 -21.64 56.39
C ALA C 239 19.33 -20.41 55.50
N ALA C 240 19.15 -20.62 54.20
CA ALA C 240 19.06 -19.54 53.24
C ALA C 240 17.67 -19.51 52.59
N TYR C 241 17.09 -18.31 52.51
CA TYR C 241 15.80 -18.14 51.88
C TYR C 241 15.68 -16.70 51.40
N TYR C 242 15.33 -16.53 50.13
CA TYR C 242 15.21 -15.22 49.52
C TYR C 242 13.84 -15.10 48.87
N VAL C 243 13.32 -13.87 48.86
CA VAL C 243 12.03 -13.57 48.25
C VAL C 243 12.21 -12.38 47.32
N GLY C 244 11.71 -12.51 46.09
CA GLY C 244 11.80 -11.48 45.08
C GLY C 244 10.45 -11.02 44.58
N TYR C 245 10.50 -10.12 43.60
CA TYR C 245 9.30 -9.57 42.99
C TYR C 245 9.45 -9.60 41.49
N LEU C 246 8.36 -9.95 40.79
CA LEU C 246 8.37 -10.04 39.34
C LEU C 246 7.79 -8.77 38.74
N GLN C 247 8.41 -8.32 37.65
CA GLN C 247 8.00 -7.12 36.94
C GLN C 247 7.90 -7.43 35.46
N PRO C 248 7.07 -6.68 34.70
CA PRO C 248 6.89 -6.93 33.26
C PRO C 248 8.12 -6.59 32.42
N ARG C 249 9.26 -7.20 32.76
CA ARG C 249 10.46 -7.01 31.99
C ARG C 249 10.59 -8.09 30.92
N THR C 250 11.40 -7.79 29.90
CA THR C 250 11.61 -8.68 28.76
C THR C 250 12.96 -9.34 28.88
N PHE C 251 13.00 -10.66 28.71
CA PHE C 251 14.22 -11.44 28.75
C PHE C 251 14.51 -12.04 27.39
N LEU C 252 15.74 -12.49 27.21
CA LEU C 252 16.14 -13.23 26.02
C LEU C 252 16.79 -14.54 26.49
N LEU C 253 16.26 -15.65 26.01
CA LEU C 253 16.64 -16.98 26.47
C LEU C 253 17.34 -17.74 25.36
N LYS C 254 18.31 -18.59 25.75
CA LYS C 254 19.11 -19.36 24.82
C LYS C 254 18.78 -20.84 24.98
N TYR C 255 18.38 -21.49 23.89
CA TYR C 255 18.12 -22.91 23.90
C TYR C 255 19.31 -23.67 23.33
N ASN C 256 19.37 -24.96 23.62
CA ASN C 256 20.43 -25.85 23.15
C ASN C 256 19.80 -27.13 22.60
N GLU C 257 20.66 -28.00 22.05
CA GLU C 257 20.16 -29.21 21.41
C GLU C 257 19.51 -30.14 22.42
N ASN C 258 19.81 -29.95 23.71
CA ASN C 258 19.21 -30.78 24.75
C ASN C 258 17.76 -30.40 25.03
N GLY C 259 17.28 -29.27 24.51
CA GLY C 259 15.93 -28.83 24.76
C GLY C 259 15.72 -28.06 26.05
N THR C 260 16.79 -27.70 26.74
CA THR C 260 16.71 -26.97 28.00
C THR C 260 17.41 -25.63 27.85
N ILE C 261 16.79 -24.58 28.38
CA ILE C 261 17.36 -23.24 28.29
C ILE C 261 18.59 -23.16 29.18
N THR C 262 19.72 -22.75 28.59
CA THR C 262 20.99 -22.74 29.30
C THR C 262 21.45 -21.35 29.71
N ASP C 263 20.84 -20.29 29.18
CA ASP C 263 21.29 -18.94 29.50
C ASP C 263 20.14 -17.96 29.31
N ALA C 264 20.17 -16.89 30.10
CA ALA C 264 19.17 -15.84 30.05
C ALA C 264 19.87 -14.50 30.21
N VAL C 265 19.40 -13.52 29.45
CA VAL C 265 19.98 -12.17 29.49
C VAL C 265 18.86 -11.15 29.58
N ASP C 266 19.04 -10.14 30.42
CA ASP C 266 18.06 -9.09 30.61
C ASP C 266 18.34 -7.94 29.64
N CYS C 267 17.41 -7.72 28.70
CA CYS C 267 17.65 -6.74 27.65
C CYS C 267 17.80 -5.34 28.22
N ALA C 268 16.97 -4.98 29.20
CA ALA C 268 16.95 -3.63 29.75
C ALA C 268 17.92 -3.44 30.92
N LEU C 269 18.62 -4.50 31.34
CA LEU C 269 19.52 -4.36 32.48
C LEU C 269 20.65 -3.38 32.19
N ASP C 270 21.24 -3.48 31.01
CA ASP C 270 22.37 -2.64 30.64
C ASP C 270 22.40 -2.52 29.11
N PRO C 271 23.06 -1.48 28.58
CA PRO C 271 23.12 -1.32 27.12
C PRO C 271 23.73 -2.52 26.40
N LEU C 272 24.70 -3.18 27.03
CA LEU C 272 25.32 -4.35 26.39
C LEU C 272 24.28 -5.43 26.11
N SER C 273 23.48 -5.79 27.11
CA SER C 273 22.41 -6.75 26.91
C SER C 273 21.35 -6.23 25.94
N GLU C 274 21.09 -4.93 25.93
CA GLU C 274 20.14 -4.38 24.96
C GLU C 274 20.61 -4.59 23.53
N THR C 275 21.88 -4.33 23.25
CA THR C 275 22.38 -4.54 21.89
C THR C 275 22.45 -6.03 21.58
N LYS C 276 22.77 -6.85 22.58
CA LYS C 276 22.72 -8.30 22.38
C LYS C 276 21.33 -8.77 21.98
N CYS C 277 20.29 -8.27 22.65
CA CYS C 277 18.93 -8.60 22.29
C CYS C 277 18.57 -8.08 20.90
N THR C 278 18.98 -6.85 20.59
CA THR C 278 18.67 -6.28 19.28
C THR C 278 19.29 -7.10 18.16
N LEU C 279 20.53 -7.54 18.34
CA LEU C 279 21.21 -8.30 17.30
C LEU C 279 20.84 -9.78 17.32
N LYS C 280 20.07 -10.23 18.31
CA LYS C 280 19.65 -11.62 18.41
C LYS C 280 20.86 -12.56 18.41
N SER C 281 21.90 -12.15 19.14
CA SER C 281 23.12 -12.94 19.25
C SER C 281 23.90 -12.49 20.47
N PHE C 282 24.33 -13.47 21.26
CA PHE C 282 25.16 -13.17 22.43
C PHE C 282 26.48 -12.53 22.02
N THR C 283 27.11 -13.07 20.98
CA THR C 283 28.36 -12.49 20.49
C THR C 283 28.12 -11.06 20.02
N VAL C 284 29.02 -10.16 20.42
CA VAL C 284 28.92 -8.75 20.09
C VAL C 284 30.03 -8.40 19.11
N GLU C 285 29.67 -7.84 17.96
CA GLU C 285 30.61 -7.50 16.92
C GLU C 285 31.06 -6.04 17.09
N LYS C 286 32.14 -5.69 16.39
CA LYS C 286 32.68 -4.34 16.46
C LYS C 286 31.76 -3.36 15.74
N GLY C 287 31.76 -2.13 16.22
CA GLY C 287 30.97 -1.06 15.63
C GLY C 287 30.07 -0.38 16.65
N ILE C 288 29.35 0.62 16.15
CA ILE C 288 28.42 1.42 16.94
C ILE C 288 27.03 1.25 16.34
N TYR C 289 26.06 0.93 17.19
CA TYR C 289 24.68 0.68 16.78
C TYR C 289 23.74 1.57 17.57
N GLN C 290 22.63 1.95 16.93
CA GLN C 290 21.60 2.78 17.56
C GLN C 290 20.60 1.86 18.25
N THR C 291 20.35 2.10 19.54
CA THR C 291 19.48 1.22 20.31
C THR C 291 18.05 1.76 20.36
N SER C 292 17.87 2.96 20.89
CA SER C 292 16.53 3.49 21.14
C SER C 292 16.64 5.01 21.32
N ASN C 293 15.55 5.62 21.81
CA ASN C 293 15.49 7.04 22.06
C ASN C 293 14.97 7.28 23.48
N PHE C 294 15.37 8.40 24.06
CA PHE C 294 14.94 8.79 25.40
C PHE C 294 14.08 10.05 25.29
N ARG C 295 12.94 10.06 25.98
CA ARG C 295 11.96 11.12 25.88
C ARG C 295 11.78 11.75 27.25
N VAL C 296 11.69 13.09 27.28
CA VAL C 296 11.45 13.79 28.53
C VAL C 296 10.01 14.31 28.54
N GLN C 297 9.25 13.93 29.56
CA GLN C 297 7.84 14.31 29.64
C GLN C 297 7.66 15.44 30.64
N PRO C 298 6.58 16.22 30.53
CA PRO C 298 6.34 17.28 31.51
C PRO C 298 6.04 16.71 32.89
N THR C 299 6.33 17.50 33.92
CA THR C 299 6.18 17.05 35.30
C THR C 299 4.71 16.68 35.58
N GLU C 300 3.81 17.66 35.53
CA GLU C 300 2.39 17.37 35.60
C GLU C 300 1.66 17.88 34.37
N SER C 301 1.84 19.15 34.03
CA SER C 301 1.18 19.76 32.89
C SER C 301 1.64 21.22 32.78
N ILE C 302 1.40 21.79 31.61
CA ILE C 302 1.66 23.21 31.35
C ILE C 302 0.50 23.71 30.49
N VAL C 303 -0.44 24.42 31.12
CA VAL C 303 -1.63 24.92 30.45
C VAL C 303 -1.78 26.41 30.76
N ARG C 304 -2.09 27.20 29.73
CA ARG C 304 -2.31 28.62 29.87
C ARG C 304 -3.68 28.97 29.33
N PHE C 305 -4.35 29.92 29.96
CA PHE C 305 -5.71 30.31 29.64
C PHE C 305 -5.72 31.69 29.00
N PRO C 306 -6.86 32.11 28.46
CA PRO C 306 -6.91 33.43 27.82
C PRO C 306 -6.71 34.56 28.83
N ASN C 307 -6.82 35.79 28.35
CA ASN C 307 -6.53 36.97 29.14
C ASN C 307 -7.66 37.21 30.15
N ILE C 308 -7.64 38.37 30.81
CA ILE C 308 -8.60 38.70 31.87
C ILE C 308 -10.00 38.34 31.43
N THR C 309 -10.38 38.72 30.21
CA THR C 309 -11.70 38.42 29.66
C THR C 309 -12.79 38.95 30.60
N ASN C 310 -12.84 40.28 30.71
CA ASN C 310 -13.75 40.95 31.63
C ASN C 310 -15.15 40.34 31.56
N LEU C 311 -15.86 40.35 32.69
CA LEU C 311 -17.14 39.69 32.83
C LEU C 311 -18.24 40.57 32.23
N CYS C 312 -19.49 40.14 32.43
CA CYS C 312 -20.62 40.86 31.86
C CYS C 312 -20.74 42.23 32.51
N PRO C 313 -21.31 43.24 31.85
CA PRO C 313 -21.41 44.58 32.44
C PRO C 313 -22.55 44.70 33.44
N PHE C 314 -22.44 43.95 34.54
CA PHE C 314 -23.44 44.02 35.61
C PHE C 314 -23.26 45.24 36.49
N GLY C 315 -22.16 46.00 36.33
CA GLY C 315 -21.97 47.18 37.14
C GLY C 315 -23.05 48.21 36.91
N GLU C 316 -23.43 48.43 35.65
CA GLU C 316 -24.50 49.36 35.33
C GLU C 316 -25.84 48.94 35.92
N VAL C 317 -26.14 47.65 35.94
CA VAL C 317 -27.39 47.16 36.53
C VAL C 317 -27.37 47.31 38.04
N PHE C 318 -26.26 46.95 38.68
CA PHE C 318 -26.16 47.11 40.13
C PHE C 318 -26.21 48.57 40.53
N ASN C 319 -25.57 49.44 39.76
CA ASN C 319 -25.53 50.86 40.07
C ASN C 319 -26.70 51.63 39.47
N ALA C 320 -27.63 50.95 38.80
CA ALA C 320 -28.78 51.62 38.22
C ALA C 320 -29.58 52.34 39.31
N THR C 321 -29.96 53.58 39.02
CA THR C 321 -30.71 54.37 40.00
C THR C 321 -32.05 53.72 40.32
N ARG C 322 -32.76 53.24 39.29
CA ARG C 322 -34.06 52.61 39.45
C ARG C 322 -34.03 51.26 38.75
N PHE C 323 -34.24 50.19 39.50
CA PHE C 323 -34.27 48.86 38.93
C PHE C 323 -35.57 48.65 38.15
N ALA C 324 -35.52 47.73 37.19
CA ALA C 324 -36.70 47.46 36.37
C ALA C 324 -37.84 46.94 37.24
N SER C 325 -39.06 47.38 36.92
CA SER C 325 -40.23 46.98 37.68
C SER C 325 -40.55 45.51 37.41
N VAL C 326 -41.29 44.91 38.35
CA VAL C 326 -41.66 43.51 38.22
C VAL C 326 -42.55 43.30 37.00
N TYR C 327 -43.53 44.20 36.80
CA TYR C 327 -44.44 44.04 35.67
C TYR C 327 -43.71 44.22 34.34
N ALA C 328 -42.75 45.14 34.27
CA ALA C 328 -41.98 45.39 33.06
C ALA C 328 -40.50 45.22 33.38
N TRP C 329 -39.93 44.10 32.94
CA TRP C 329 -38.52 43.79 33.19
C TRP C 329 -37.77 43.77 31.86
N ASN C 330 -36.62 44.44 31.84
CA ASN C 330 -35.81 44.50 30.64
C ASN C 330 -35.30 43.11 30.27
N ARG C 331 -35.25 42.84 28.96
CA ARG C 331 -34.78 41.57 28.43
C ARG C 331 -33.72 41.86 27.37
N LYS C 332 -32.45 41.73 27.75
CA LYS C 332 -31.32 41.97 26.85
C LYS C 332 -30.43 40.74 26.86
N ARG C 333 -30.06 40.27 25.67
CA ARG C 333 -29.20 39.10 25.56
C ARG C 333 -27.82 39.40 26.12
N ILE C 334 -27.25 38.42 26.82
CA ILE C 334 -25.93 38.54 27.43
C ILE C 334 -25.06 37.41 26.91
N SER C 335 -23.87 37.77 26.42
CA SER C 335 -22.94 36.79 25.87
C SER C 335 -21.53 37.37 25.93
N ASN C 336 -20.56 36.56 25.49
CA ASN C 336 -19.16 36.97 25.45
C ASN C 336 -18.66 37.38 26.84
N CYS C 337 -19.15 36.70 27.87
CA CYS C 337 -18.73 36.97 29.25
C CYS C 337 -19.01 35.72 30.08
N VAL C 338 -18.63 35.78 31.35
CA VAL C 338 -18.76 34.64 32.27
C VAL C 338 -19.48 35.12 33.52
N ALA C 339 -20.12 34.19 34.21
CA ALA C 339 -20.83 34.52 35.45
C ALA C 339 -19.86 35.07 36.49
N ASP C 340 -20.33 36.04 37.27
CA ASP C 340 -19.51 36.69 38.28
C ASP C 340 -19.65 36.06 39.66
N TYR C 341 -20.32 34.90 39.76
CA TYR C 341 -20.47 34.25 41.06
C TYR C 341 -19.14 33.85 41.67
N SER C 342 -18.12 33.59 40.85
CA SER C 342 -16.81 33.18 41.37
C SER C 342 -16.14 34.29 42.18
N VAL C 343 -16.45 35.55 41.88
CA VAL C 343 -15.83 36.67 42.61
C VAL C 343 -16.60 37.06 43.86
N LEU C 344 -17.78 36.49 44.09
CA LEU C 344 -18.62 36.86 45.22
C LEU C 344 -18.16 36.21 46.53
N TYR C 345 -16.98 35.59 46.55
CA TYR C 345 -16.50 35.00 47.81
C TYR C 345 -16.31 36.06 48.88
N ASN C 346 -15.74 37.20 48.51
CA ASN C 346 -15.53 38.33 49.43
C ASN C 346 -16.33 39.51 48.90
N SER C 347 -17.58 39.63 49.35
CA SER C 347 -18.46 40.69 48.91
C SER C 347 -19.68 40.80 49.82
N ALA C 348 -20.65 41.62 49.43
CA ALA C 348 -21.87 41.78 50.22
C ALA C 348 -22.76 40.55 50.09
N SER C 349 -22.69 39.67 51.09
CA SER C 349 -23.47 38.43 51.06
C SER C 349 -24.96 38.72 50.95
N PHE C 350 -25.67 37.92 50.17
CA PHE C 350 -27.10 38.08 49.96
C PHE C 350 -27.87 37.28 51.00
N SER C 351 -29.16 37.56 51.13
CA SER C 351 -29.96 36.88 52.15
C SER C 351 -30.00 35.38 51.91
N THR C 352 -30.19 34.95 50.65
CA THR C 352 -30.20 33.55 50.32
C THR C 352 -29.78 33.35 48.87
N PHE C 353 -29.12 32.23 48.62
CA PHE C 353 -28.67 31.84 47.28
C PHE C 353 -28.95 30.35 47.13
N LYS C 354 -29.99 29.99 46.39
CA LYS C 354 -30.42 28.60 46.28
C LYS C 354 -30.51 28.21 44.82
N CYS C 355 -29.80 27.14 44.44
CA CYS C 355 -29.83 26.59 43.10
C CYS C 355 -30.33 25.15 43.17
N TYR C 356 -31.60 24.95 42.78
CA TYR C 356 -32.18 23.62 42.82
C TYR C 356 -31.57 22.71 41.75
N GLY C 357 -31.36 23.25 40.55
CA GLY C 357 -30.87 22.42 39.46
C GLY C 357 -29.50 21.84 39.73
N VAL C 358 -28.57 22.67 40.20
CA VAL C 358 -27.20 22.26 40.47
C VAL C 358 -26.75 22.87 41.79
N SER C 359 -25.74 22.25 42.39
CA SER C 359 -25.19 22.76 43.63
C SER C 359 -24.42 24.06 43.36
N PRO C 360 -24.27 24.92 44.37
CA PRO C 360 -23.55 26.19 44.14
C PRO C 360 -22.12 26.02 43.70
N THR C 361 -21.47 24.91 44.05
CA THR C 361 -20.08 24.67 43.68
C THR C 361 -19.93 24.07 42.30
N LYS C 362 -21.03 23.62 41.68
CA LYS C 362 -21.00 23.04 40.34
C LYS C 362 -21.33 24.04 39.25
N LEU C 363 -21.53 25.32 39.59
CA LEU C 363 -21.86 26.32 38.58
C LEU C 363 -20.72 26.47 37.58
N ASN C 364 -19.48 26.49 38.06
CA ASN C 364 -18.33 26.63 37.20
C ASN C 364 -18.05 25.38 36.37
N ASP C 365 -18.60 24.23 36.75
CA ASP C 365 -18.40 22.99 36.04
C ASP C 365 -19.41 22.77 34.92
N LEU C 366 -20.42 23.64 34.80
CA LEU C 366 -21.45 23.50 33.78
C LEU C 366 -21.46 24.76 32.93
N CYS C 367 -21.48 24.58 31.61
CA CYS C 367 -21.48 25.69 30.68
C CYS C 367 -22.84 26.37 30.66
N PHE C 368 -22.85 27.65 30.29
CA PHE C 368 -24.05 28.46 30.21
C PHE C 368 -24.20 29.01 28.80
N THR C 369 -25.45 29.11 28.35
CA THR C 369 -25.76 29.62 27.02
C THR C 369 -26.59 30.90 27.07
N ASN C 370 -27.69 30.90 27.81
CA ASN C 370 -28.59 32.05 27.92
C ASN C 370 -28.56 32.55 29.36
N VAL C 371 -28.39 33.87 29.52
CA VAL C 371 -28.36 34.50 30.83
C VAL C 371 -29.44 35.57 30.83
N TYR C 372 -30.54 35.30 31.54
CA TYR C 372 -31.66 36.23 31.67
C TYR C 372 -32.07 36.26 33.14
N ALA C 373 -31.89 37.42 33.78
CA ALA C 373 -32.20 37.58 35.19
C ALA C 373 -33.45 38.44 35.34
N ASP C 374 -34.43 37.96 36.09
CA ASP C 374 -35.67 38.68 36.37
C ASP C 374 -35.64 39.15 37.81
N SER C 375 -35.50 40.45 38.01
CA SER C 375 -35.39 41.05 39.34
C SER C 375 -36.72 41.66 39.73
N PHE C 376 -37.17 41.38 40.96
CA PHE C 376 -38.41 41.95 41.47
C PHE C 376 -38.27 42.15 42.97
N VAL C 377 -39.31 42.74 43.56
CA VAL C 377 -39.35 43.06 44.98
C VAL C 377 -40.54 42.35 45.61
N ILE C 378 -40.31 41.72 46.76
CA ILE C 378 -41.35 40.98 47.45
C ILE C 378 -41.36 41.39 48.93
N ARG C 379 -42.47 41.07 49.59
CA ARG C 379 -42.59 41.33 51.02
C ARG C 379 -41.94 40.21 51.82
N GLY C 380 -41.40 40.57 52.98
CA GLY C 380 -40.73 39.59 53.81
C GLY C 380 -41.67 38.48 54.27
N ASP C 381 -42.85 38.86 54.75
CA ASP C 381 -43.81 37.87 55.24
C ASP C 381 -44.27 36.91 54.15
N GLU C 382 -44.15 37.30 52.88
CA GLU C 382 -44.52 36.43 51.77
C GLU C 382 -43.37 35.54 51.31
N VAL C 383 -42.18 35.69 51.89
CA VAL C 383 -41.06 34.86 51.49
C VAL C 383 -41.35 33.39 51.78
N ARG C 384 -41.87 33.10 52.98
CA ARG C 384 -42.20 31.72 53.32
C ARG C 384 -43.31 31.18 52.41
N GLN C 385 -44.33 32.01 52.16
CA GLN C 385 -45.45 31.57 51.33
C GLN C 385 -45.10 31.50 49.85
N ILE C 386 -43.96 32.06 49.43
CA ILE C 386 -43.55 32.04 48.04
C ILE C 386 -42.45 31.00 47.91
N ALA C 387 -42.72 29.96 47.14
CA ALA C 387 -41.76 28.88 46.91
C ALA C 387 -42.27 27.95 45.83
N PRO C 388 -41.40 27.28 45.09
CA PRO C 388 -41.88 26.36 44.04
C PRO C 388 -42.71 25.23 44.63
N GLY C 389 -43.76 24.86 43.91
CA GLY C 389 -44.64 23.79 44.35
C GLY C 389 -45.59 24.16 45.47
N GLN C 390 -45.66 25.43 45.84
CA GLN C 390 -46.54 25.88 46.91
C GLN C 390 -47.73 26.61 46.32
N THR C 391 -48.94 26.17 46.68
CA THR C 391 -50.16 26.79 46.19
C THR C 391 -50.45 28.06 46.99
N GLY C 392 -50.86 29.12 46.29
CA GLY C 392 -51.18 30.36 46.95
C GLY C 392 -51.68 31.38 45.95
N LYS C 393 -52.11 32.52 46.48
CA LYS C 393 -52.62 33.58 45.63
C LYS C 393 -51.55 34.08 44.66
N ILE C 394 -50.34 34.27 45.16
CA ILE C 394 -49.24 34.74 44.30
C ILE C 394 -48.97 33.73 43.19
N ALA C 395 -48.92 32.44 43.57
CA ALA C 395 -48.62 31.39 42.60
C ALA C 395 -49.73 31.29 41.55
N ASP C 396 -50.96 31.56 41.96
CA ASP C 396 -52.11 31.33 41.08
C ASP C 396 -52.21 32.36 39.97
N TYR C 397 -51.95 33.64 40.27
CA TYR C 397 -52.29 34.73 39.34
C TYR C 397 -51.07 35.39 38.73
N ASN C 398 -50.15 35.90 39.54
CA ASN C 398 -49.05 36.70 39.00
C ASN C 398 -47.74 35.93 38.93
N TYR C 399 -47.58 34.88 39.73
CA TYR C 399 -46.36 34.09 39.76
C TYR C 399 -46.66 32.72 39.17
N LYS C 400 -46.47 32.57 37.86
CA LYS C 400 -46.69 31.32 37.15
C LYS C 400 -45.42 30.94 36.40
N LEU C 401 -44.93 29.73 36.65
CA LEU C 401 -43.74 29.22 35.99
C LEU C 401 -43.90 27.75 35.66
N PRO C 402 -43.15 27.23 34.68
CA PRO C 402 -43.26 25.81 34.35
C PRO C 402 -42.87 24.93 35.54
N ASP C 403 -43.57 23.80 35.65
CA ASP C 403 -43.30 22.86 36.74
C ASP C 403 -41.90 22.29 36.69
N ASP C 404 -41.30 22.23 35.49
CA ASP C 404 -39.94 21.71 35.33
C ASP C 404 -38.90 22.82 35.19
N PHE C 405 -39.27 24.06 35.49
CA PHE C 405 -38.34 25.17 35.38
C PHE C 405 -37.13 24.96 36.29
N THR C 406 -35.95 25.21 35.75
CA THR C 406 -34.69 25.07 36.49
C THR C 406 -33.99 26.42 36.51
N GLY C 407 -33.45 26.78 37.68
CA GLY C 407 -32.77 28.06 37.80
C GLY C 407 -32.31 28.28 39.23
N CYS C 408 -31.79 29.47 39.48
CA CYS C 408 -31.29 29.86 40.79
C CYS C 408 -32.08 31.07 41.30
N VAL C 409 -32.24 31.12 42.62
CA VAL C 409 -32.95 32.20 43.29
C VAL C 409 -31.97 32.90 44.23
N ILE C 410 -31.88 34.22 44.09
CA ILE C 410 -30.98 35.04 44.89
C ILE C 410 -31.81 36.15 45.52
N ALA C 411 -31.88 36.16 46.85
CA ALA C 411 -32.64 37.15 47.58
C ALA C 411 -31.74 37.93 48.52
N TRP C 412 -32.00 39.24 48.63
CA TRP C 412 -31.25 40.08 49.54
C TRP C 412 -32.11 41.25 49.99
N ASN C 413 -31.87 41.71 51.21
CA ASN C 413 -32.60 42.84 51.76
C ASN C 413 -32.09 44.13 51.14
N SER C 414 -33.03 44.96 50.66
CA SER C 414 -32.71 46.24 50.03
C SER C 414 -32.96 47.43 50.95
N ASN C 415 -33.17 47.19 52.25
CA ASN C 415 -33.44 48.29 53.17
C ASN C 415 -32.31 49.30 53.18
N ASN C 416 -31.07 48.84 52.95
CA ASN C 416 -29.93 49.74 52.96
C ASN C 416 -30.02 50.80 51.87
N LEU C 417 -30.73 50.52 50.78
CA LEU C 417 -30.87 51.45 49.67
C LEU C 417 -32.31 51.92 49.49
N ASP C 418 -33.28 51.01 49.61
CA ASP C 418 -34.69 51.40 49.43
C ASP C 418 -35.16 52.35 50.49
N SER C 419 -34.46 52.45 51.62
CA SER C 419 -34.87 53.34 52.68
C SER C 419 -34.72 54.80 52.25
N LYS C 420 -35.50 55.67 52.90
CA LYS C 420 -35.53 57.10 52.66
C LYS C 420 -35.56 57.45 51.17
N VAL C 421 -36.36 56.73 50.38
CA VAL C 421 -36.47 57.00 48.95
C VAL C 421 -37.66 57.87 48.58
N GLY C 422 -38.34 58.42 49.58
CA GLY C 422 -39.50 59.29 49.51
C GLY C 422 -40.70 58.63 48.88
N GLY C 423 -40.94 57.36 49.20
CA GLY C 423 -41.96 56.38 48.86
C GLY C 423 -42.37 56.44 47.40
N ASN C 424 -41.41 56.25 46.49
CA ASN C 424 -41.69 56.28 45.07
C ASN C 424 -42.63 55.13 44.71
N TYR C 425 -43.62 55.41 43.87
CA TYR C 425 -44.63 54.44 43.48
C TYR C 425 -44.36 53.82 42.11
N ASN C 426 -43.09 53.75 41.70
CA ASN C 426 -42.77 53.15 40.40
C ASN C 426 -43.17 51.70 40.34
N TYR C 427 -42.91 50.93 41.41
CA TYR C 427 -43.26 49.53 41.42
C TYR C 427 -44.76 49.35 41.27
N LEU C 428 -45.15 48.38 40.44
CA LEU C 428 -46.56 48.09 40.21
C LEU C 428 -46.70 46.61 39.87
N TYR C 429 -47.90 46.08 40.10
CA TYR C 429 -48.19 44.68 39.83
C TYR C 429 -49.68 44.52 39.55
N ARG C 430 -50.03 43.41 38.92
CA ARG C 430 -51.42 43.08 38.61
C ARG C 430 -51.94 42.13 39.67
N LEU C 431 -52.85 42.62 40.52
CA LEU C 431 -53.39 41.79 41.59
C LEU C 431 -54.37 40.74 41.08
N PHE C 432 -55.19 41.09 40.09
CA PHE C 432 -56.19 40.17 39.55
C PHE C 432 -56.15 40.22 38.03
N ARG C 433 -56.54 39.11 37.41
CA ARG C 433 -56.59 39.02 35.96
C ARG C 433 -57.67 38.03 35.56
N LYS C 434 -58.12 38.15 34.32
CA LYS C 434 -59.17 37.28 33.77
C LYS C 434 -58.68 35.85 33.56
N SER C 435 -57.37 35.61 33.60
CA SER C 435 -56.82 34.28 33.39
C SER C 435 -55.42 34.24 33.99
N ASN C 436 -54.79 33.08 33.92
CA ASN C 436 -53.45 32.89 34.44
C ASN C 436 -52.41 33.24 33.37
N LEU C 437 -51.46 34.09 33.75
CA LEU C 437 -50.42 34.51 32.82
C LEU C 437 -49.45 33.36 32.54
N LYS C 438 -49.16 33.14 31.27
CA LYS C 438 -48.21 32.12 30.88
C LYS C 438 -46.79 32.60 31.18
N PRO C 439 -45.82 31.68 31.25
CA PRO C 439 -44.44 32.09 31.53
C PRO C 439 -43.94 33.09 30.49
N PHE C 440 -43.19 34.08 30.96
CA PHE C 440 -42.62 35.13 30.12
C PHE C 440 -43.70 35.93 29.40
N GLU C 441 -44.90 35.99 29.97
CA GLU C 441 -46.00 36.73 29.38
C GLU C 441 -46.28 38.00 30.17
N ARG C 442 -46.70 39.04 29.46
CA ARG C 442 -47.05 40.33 30.06
C ARG C 442 -48.41 40.77 29.57
N ASP C 443 -49.12 41.50 30.43
CA ASP C 443 -50.47 42.00 30.14
C ASP C 443 -50.37 43.50 29.91
N ILE C 444 -50.92 43.96 28.78
CA ILE C 444 -50.91 45.38 28.43
C ILE C 444 -52.30 45.99 28.47
N SER C 445 -53.34 45.20 28.77
CA SER C 445 -54.69 45.71 28.80
C SER C 445 -54.96 46.42 30.13
N THR C 446 -55.19 47.73 30.07
CA THR C 446 -55.47 48.54 31.24
C THR C 446 -56.96 48.82 31.42
N GLU C 447 -57.83 48.18 30.64
CA GLU C 447 -59.25 48.42 30.74
C GLU C 447 -59.78 48.03 32.11
N ILE C 448 -60.75 48.80 32.60
CA ILE C 448 -61.34 48.52 33.90
C ILE C 448 -62.14 47.22 33.82
N TYR C 449 -61.87 46.30 34.75
CA TYR C 449 -62.53 45.01 34.73
C TYR C 449 -64.02 45.19 35.06
N GLN C 450 -64.87 44.58 34.25
CA GLN C 450 -66.32 44.68 34.38
C GLN C 450 -66.82 43.44 35.10
N ALA C 451 -67.30 43.62 36.33
CA ALA C 451 -67.87 42.53 37.10
C ALA C 451 -69.38 42.42 36.93
N GLY C 452 -70.08 43.55 36.86
CA GLY C 452 -71.51 43.57 36.71
C GLY C 452 -71.94 43.81 35.27
N SER C 453 -73.25 43.91 35.09
CA SER C 453 -73.81 44.14 33.76
C SER C 453 -73.61 45.56 33.26
N THR C 454 -73.31 46.50 34.15
CA THR C 454 -73.13 47.89 33.75
C THR C 454 -71.74 48.07 33.13
N PRO C 455 -71.63 48.50 31.88
CA PRO C 455 -70.29 48.72 31.30
C PRO C 455 -69.52 49.78 32.08
N CYS C 456 -68.22 49.54 32.22
CA CYS C 456 -67.35 50.51 32.89
C CYS C 456 -67.05 51.70 31.98
N ASN C 457 -66.96 51.46 30.67
CA ASN C 457 -66.68 52.50 29.69
C ASN C 457 -65.33 53.16 29.94
N GLY C 458 -64.38 52.41 30.49
CA GLY C 458 -63.05 52.92 30.74
C GLY C 458 -62.91 53.80 31.95
N VAL C 459 -63.96 53.94 32.75
CA VAL C 459 -63.94 54.78 33.94
C VAL C 459 -64.55 53.99 35.10
N GLU C 460 -64.28 54.46 36.32
CA GLU C 460 -64.79 53.81 37.51
C GLU C 460 -66.32 53.84 37.53
N GLY C 461 -66.90 52.78 38.05
CA GLY C 461 -68.34 52.69 38.09
C GLY C 461 -68.79 51.55 38.98
N PHE C 462 -70.09 51.23 38.87
CA PHE C 462 -70.67 50.18 39.69
C PHE C 462 -70.15 48.82 39.23
N ASN C 463 -69.71 48.01 40.20
CA ASN C 463 -69.16 46.68 39.91
C ASN C 463 -68.03 46.77 38.89
N CYS C 464 -67.19 47.80 39.02
CA CYS C 464 -66.02 48.00 38.18
C CYS C 464 -64.78 47.90 39.05
N TYR C 465 -63.81 47.09 38.61
CA TYR C 465 -62.60 46.83 39.39
C TYR C 465 -61.38 47.36 38.64
N PHE C 466 -60.40 47.81 39.41
CA PHE C 466 -59.15 48.31 38.85
C PHE C 466 -58.05 47.29 39.11
N PRO C 467 -57.59 46.55 38.08
CA PRO C 467 -56.65 45.46 38.36
C PRO C 467 -55.27 45.94 38.79
N LEU C 468 -54.72 46.95 38.12
CA LEU C 468 -53.37 47.41 38.44
C LEU C 468 -53.30 47.94 39.86
N GLN C 469 -52.25 47.56 40.57
CA GLN C 469 -52.06 48.00 41.95
C GLN C 469 -50.58 47.99 42.28
N SER C 470 -50.21 48.78 43.28
CA SER C 470 -48.83 48.90 43.74
C SER C 470 -48.76 48.62 45.24
N TYR C 471 -47.56 48.32 45.70
CA TYR C 471 -47.31 48.03 47.11
C TYR C 471 -47.23 49.34 47.88
N GLY C 472 -48.21 49.58 48.75
CA GLY C 472 -48.21 50.80 49.55
C GLY C 472 -46.97 50.86 50.43
N PHE C 473 -46.32 52.01 50.44
CA PHE C 473 -45.12 52.23 51.25
C PHE C 473 -45.53 52.90 52.56
N GLN C 474 -45.45 52.16 53.66
CA GLN C 474 -45.82 52.68 54.97
C GLN C 474 -44.55 52.99 55.75
N PRO C 475 -44.33 54.24 56.17
CA PRO C 475 -43.09 54.55 56.91
C PRO C 475 -42.99 53.82 58.24
N THR C 476 -44.09 53.32 58.79
CA THR C 476 -44.09 52.61 60.06
C THR C 476 -43.84 51.12 59.90
N ASN C 477 -43.57 50.66 58.69
CA ASN C 477 -43.32 49.23 58.47
C ASN C 477 -42.15 48.76 59.32
N GLY C 478 -42.31 47.57 59.90
CA GLY C 478 -41.29 46.99 60.75
C GLY C 478 -40.23 46.24 59.96
N VAL C 479 -39.38 45.52 60.70
CA VAL C 479 -38.29 44.77 60.07
C VAL C 479 -38.86 43.69 59.15
N GLY C 480 -39.91 42.99 59.60
CA GLY C 480 -40.49 41.92 58.82
C GLY C 480 -41.17 42.38 57.56
N TYR C 481 -41.59 43.65 57.50
CA TYR C 481 -42.26 44.20 56.33
C TYR C 481 -41.29 44.85 55.35
N GLN C 482 -39.99 44.81 55.62
CA GLN C 482 -39.03 45.44 54.73
C GLN C 482 -39.00 44.71 53.39
N PRO C 483 -39.06 45.41 52.26
CA PRO C 483 -39.01 44.73 50.96
C PRO C 483 -37.67 44.03 50.74
N TYR C 484 -37.73 42.92 50.02
CA TYR C 484 -36.56 42.12 49.70
C TYR C 484 -36.49 41.96 48.19
N ARG C 485 -35.31 42.19 47.61
CA ARG C 485 -35.13 42.03 46.18
C ARG C 485 -34.76 40.57 45.87
N VAL C 486 -35.48 39.98 44.93
CA VAL C 486 -35.29 38.59 44.55
C VAL C 486 -35.05 38.53 43.05
N VAL C 487 -34.07 37.72 42.63
CA VAL C 487 -33.71 37.53 41.24
C VAL C 487 -33.73 36.04 40.93
N VAL C 488 -34.39 35.70 39.82
CA VAL C 488 -34.50 34.32 39.36
C VAL C 488 -33.81 34.23 38.00
N LEU C 489 -32.86 33.31 37.88
CA LEU C 489 -32.12 33.12 36.63
C LEU C 489 -32.80 32.02 35.83
N SER C 490 -33.39 32.39 34.70
CA SER C 490 -34.08 31.46 33.82
C SER C 490 -33.21 31.14 32.62
N PHE C 491 -32.99 29.86 32.36
CA PHE C 491 -32.19 29.41 31.24
C PHE C 491 -32.34 27.91 31.08
N GLU C 492 -32.38 27.46 29.83
CA GLU C 492 -32.53 26.05 29.51
C GLU C 492 -31.21 25.39 29.11
N LEU C 493 -30.20 26.17 28.75
CA LEU C 493 -28.89 25.64 28.38
C LEU C 493 -28.95 24.88 27.07
N LEU C 494 -30.07 24.96 26.36
CA LEU C 494 -30.23 24.28 25.08
C LEU C 494 -30.58 25.31 24.01
N HIS C 495 -30.60 24.87 22.74
CA HIS C 495 -30.96 25.66 21.57
C HIS C 495 -29.89 26.66 21.16
N ALA C 496 -28.80 26.78 21.91
CA ALA C 496 -27.74 27.71 21.57
C ALA C 496 -26.40 27.02 21.81
N PRO C 497 -25.35 27.42 21.10
CA PRO C 497 -24.03 26.82 21.34
C PRO C 497 -23.52 27.11 22.74
N ALA C 498 -22.73 26.18 23.26
CA ALA C 498 -22.11 26.34 24.57
C ALA C 498 -20.80 27.11 24.40
N THR C 499 -20.84 28.41 24.66
CA THR C 499 -19.67 29.27 24.50
C THR C 499 -19.13 29.75 25.85
N VAL C 500 -20.01 30.11 26.77
CA VAL C 500 -19.58 30.63 28.07
C VAL C 500 -19.19 29.46 28.96
N CYS C 501 -17.99 29.52 29.53
CA CYS C 501 -17.47 28.49 30.42
C CYS C 501 -17.02 29.12 31.73
N GLY C 502 -17.12 28.33 32.80
CA GLY C 502 -16.75 28.78 34.12
C GLY C 502 -15.26 28.90 34.29
N PRO C 503 -14.82 29.63 35.33
CA PRO C 503 -13.38 29.81 35.56
C PRO C 503 -12.70 28.48 35.84
N LYS C 504 -11.46 28.35 35.38
CA LYS C 504 -10.66 27.16 35.58
C LYS C 504 -9.33 27.54 36.20
N LYS C 505 -8.87 26.73 37.16
CA LYS C 505 -7.61 26.98 37.84
C LYS C 505 -6.45 26.87 36.85
N SER C 506 -5.51 27.81 36.92
CA SER C 506 -4.36 27.84 36.04
C SER C 506 -3.12 27.40 36.81
N THR C 507 -2.37 26.46 36.22
CA THR C 507 -1.15 25.95 36.85
C THR C 507 0.01 26.89 36.53
N ASN C 508 1.21 26.51 36.98
CA ASN C 508 2.41 27.31 36.75
C ASN C 508 2.99 27.01 35.37
N LEU C 509 3.88 27.88 34.92
CA LEU C 509 4.54 27.73 33.62
C LEU C 509 6.03 27.50 33.82
N VAL C 510 6.60 26.60 33.04
CA VAL C 510 8.01 26.29 33.08
C VAL C 510 8.62 26.57 31.72
N LYS C 511 9.91 26.92 31.71
CA LYS C 511 10.62 27.28 30.50
C LYS C 511 11.92 26.49 30.42
N ASN C 512 12.44 26.39 29.20
CA ASN C 512 13.68 25.67 28.91
C ASN C 512 13.54 24.16 29.15
N LYS C 513 12.31 23.66 29.18
CA LYS C 513 12.05 22.24 29.36
C LYS C 513 10.87 21.84 28.49
N CYS C 514 11.00 20.73 27.78
CA CYS C 514 9.93 20.26 26.92
C CYS C 514 8.67 19.98 27.73
N VAL C 515 7.54 20.51 27.28
CA VAL C 515 6.28 20.38 27.99
C VAL C 515 5.13 20.41 26.99
N ASN C 516 4.00 19.82 27.39
CA ASN C 516 2.79 19.86 26.59
C ASN C 516 2.05 21.18 26.83
N PHE C 517 1.26 21.59 25.84
CA PHE C 517 0.49 22.81 25.94
C PHE C 517 -0.72 22.72 25.02
N ASN C 518 -1.72 23.54 25.31
CA ASN C 518 -2.96 23.58 24.53
C ASN C 518 -3.44 25.02 24.49
N PHE C 519 -3.37 25.64 23.31
CA PHE C 519 -3.78 27.01 23.10
C PHE C 519 -4.97 27.03 22.15
N ASN C 520 -6.09 27.60 22.60
CA ASN C 520 -7.29 27.74 21.77
C ASN C 520 -7.69 26.40 21.14
N GLY C 521 -7.59 25.33 21.93
CA GLY C 521 -7.94 24.00 21.46
C GLY C 521 -6.80 23.26 20.78
N LEU C 522 -5.93 23.98 20.07
CA LEU C 522 -4.82 23.34 19.39
C LEU C 522 -3.77 22.88 20.38
N THR C 523 -3.43 21.60 20.36
CA THR C 523 -2.47 21.00 21.27
C THR C 523 -1.10 20.97 20.61
N GLY C 524 -0.07 20.86 21.45
CA GLY C 524 1.29 20.79 20.96
C GLY C 524 2.25 20.48 22.09
N THR C 525 3.51 20.27 21.72
CA THR C 525 4.56 19.98 22.68
C THR C 525 5.81 20.76 22.29
N GLY C 526 6.46 21.37 23.26
CA GLY C 526 7.65 22.15 22.96
C GLY C 526 8.16 22.88 24.17
N VAL C 527 9.07 23.81 23.92
CA VAL C 527 9.75 24.58 24.96
C VAL C 527 9.35 26.04 24.77
N LEU C 528 8.90 26.68 25.84
CA LEU C 528 8.52 28.09 25.80
C LEU C 528 9.69 28.94 26.26
N THR C 529 10.13 29.87 25.40
CA THR C 529 11.26 30.74 25.69
C THR C 529 10.84 32.19 25.47
N GLU C 530 11.83 33.08 25.54
CA GLU C 530 11.62 34.52 25.36
C GLU C 530 12.38 34.97 24.11
N SER C 531 11.70 35.72 23.25
CA SER C 531 12.28 36.25 22.03
C SER C 531 11.96 37.73 21.90
N ASN C 532 12.91 38.49 21.37
CA ASN C 532 12.76 39.93 21.18
C ASN C 532 12.45 40.31 19.73
N LYS C 533 12.13 39.33 18.89
CA LYS C 533 11.84 39.61 17.48
C LYS C 533 10.54 40.39 17.39
N LYS C 534 10.53 41.45 16.58
CA LYS C 534 9.33 42.26 16.39
C LYS C 534 8.23 41.43 15.76
N PHE C 535 7.01 41.53 16.29
CA PHE C 535 5.88 40.77 15.81
C PHE C 535 4.68 41.68 15.57
N LEU C 536 3.84 41.29 14.60
CA LEU C 536 2.67 42.09 14.26
C LEU C 536 1.69 42.12 15.43
N PRO C 537 1.12 43.28 15.75
CA PRO C 537 0.16 43.33 16.88
C PRO C 537 -1.03 42.41 16.70
N PHE C 538 -1.51 42.24 15.46
CA PHE C 538 -2.71 41.46 15.21
C PHE C 538 -2.45 39.97 15.05
N GLN C 539 -1.27 39.59 14.56
CA GLN C 539 -0.98 38.18 14.34
C GLN C 539 -1.04 37.41 15.66
N GLN C 540 -1.73 36.27 15.65
CA GLN C 540 -1.91 35.46 16.84
C GLN C 540 -0.98 34.25 16.86
N PHE C 541 -1.01 33.43 15.81
CA PHE C 541 -0.23 32.20 15.74
C PHE C 541 0.85 32.31 14.67
N GLY C 542 1.81 31.40 14.75
CA GLY C 542 2.89 31.33 13.80
C GLY C 542 3.12 29.90 13.33
N ARG C 543 3.67 29.78 12.12
CA ARG C 543 3.92 28.49 11.50
C ARG C 543 5.38 28.45 11.07
N ASP C 544 5.77 27.35 10.43
CA ASP C 544 7.15 27.15 10.00
C ASP C 544 7.14 26.20 8.81
N ILE C 545 8.31 26.06 8.17
CA ILE C 545 8.43 25.17 7.03
C ILE C 545 8.07 23.74 7.42
N ALA C 546 8.25 23.40 8.71
CA ALA C 546 7.93 22.08 9.21
C ALA C 546 6.43 21.87 9.41
N ASP C 547 5.61 22.88 9.14
CA ASP C 547 4.16 22.79 9.30
C ASP C 547 3.80 22.52 10.77
N THR C 548 4.59 23.10 11.66
CA THR C 548 4.36 22.99 13.09
C THR C 548 4.44 24.39 13.70
N THR C 549 3.66 24.63 14.74
CA THR C 549 3.62 25.95 15.38
C THR C 549 5.01 26.30 15.90
N ASP C 550 5.46 27.51 15.58
CA ASP C 550 6.75 28.02 16.04
C ASP C 550 6.60 29.27 16.89
N ALA C 551 5.82 30.24 16.44
CA ALA C 551 5.61 31.48 17.18
C ALA C 551 4.17 31.58 17.67
N VAL C 552 4.03 31.90 18.96
CA VAL C 552 2.74 32.05 19.61
C VAL C 552 2.73 33.33 20.42
N ARG C 553 1.54 33.80 20.74
CA ARG C 553 1.34 35.03 21.49
C ARG C 553 0.61 34.71 22.79
N ASP C 554 1.13 35.22 23.89
CA ASP C 554 0.52 34.99 25.20
C ASP C 554 -0.72 35.87 25.34
N PRO C 555 -1.91 35.32 25.57
CA PRO C 555 -3.09 36.18 25.72
C PRO C 555 -2.96 37.17 26.87
N GLN C 556 -2.30 36.78 27.96
CA GLN C 556 -2.19 37.66 29.12
C GLN C 556 -1.45 38.93 28.78
N THR C 557 -0.19 38.80 28.36
CA THR C 557 0.65 39.94 28.03
C THR C 557 1.19 39.80 26.62
N LEU C 558 1.43 40.93 25.95
CA LEU C 558 1.94 40.94 24.58
C LEU C 558 3.39 40.50 24.60
N GLU C 559 3.63 39.23 24.27
CA GLU C 559 4.99 38.70 24.22
C GLU C 559 5.02 37.56 23.21
N ILE C 560 6.22 37.27 22.73
CA ILE C 560 6.45 36.23 21.74
C ILE C 560 7.30 35.14 22.39
N LEU C 561 6.80 33.91 22.38
CA LEU C 561 7.51 32.77 22.92
C LEU C 561 7.78 31.77 21.80
N ASP C 562 9.05 31.42 21.63
CA ASP C 562 9.45 30.49 20.58
C ASP C 562 9.19 29.05 21.03
N ILE C 563 9.16 28.14 20.06
CA ILE C 563 8.93 26.72 20.30
C ILE C 563 10.08 25.94 19.70
N THR C 564 10.67 25.06 20.51
CA THR C 564 11.77 24.23 20.05
C THR C 564 11.91 23.00 20.94
N PRO C 565 12.06 21.81 20.37
CA PRO C 565 12.23 20.60 21.19
C PRO C 565 13.62 20.52 21.79
N CYS C 566 13.71 19.77 22.90
CA CYS C 566 14.98 19.65 23.61
C CYS C 566 15.87 18.58 22.99
N SER C 567 15.43 17.32 23.07
CA SER C 567 16.28 16.20 22.64
C SER C 567 15.65 15.34 21.56
N PHE C 568 14.40 14.91 21.78
CA PHE C 568 13.72 13.93 20.94
C PHE C 568 14.34 12.54 21.06
N GLY C 569 15.45 12.42 21.78
CA GLY C 569 15.98 11.11 22.11
C GLY C 569 16.79 10.44 21.02
N GLY C 570 17.98 9.95 21.38
CA GLY C 570 18.75 9.08 20.52
C GLY C 570 19.95 8.51 21.25
N VAL C 571 20.11 7.19 21.24
CA VAL C 571 21.10 6.51 22.05
C VAL C 571 21.93 5.61 21.14
N SER C 572 23.25 5.65 21.31
CA SER C 572 24.18 4.75 20.66
C SER C 572 25.05 4.07 21.71
N VAL C 573 25.42 2.82 21.45
CA VAL C 573 26.18 2.01 22.38
C VAL C 573 27.47 1.59 21.68
N ILE C 574 28.60 1.83 22.31
CA ILE C 574 29.90 1.40 21.80
C ILE C 574 30.40 0.26 22.64
N THR C 575 30.71 -0.86 22.00
CA THR C 575 31.13 -2.08 22.68
C THR C 575 32.37 -2.64 21.99
N PRO C 576 33.47 -2.83 22.72
CA PRO C 576 34.63 -3.51 22.13
C PRO C 576 34.41 -5.02 22.08
N GLY C 577 35.45 -5.72 21.66
CA GLY C 577 35.39 -7.16 21.58
C GLY C 577 35.03 -7.80 22.92
N THR C 578 34.00 -8.65 22.92
CA THR C 578 33.55 -9.28 24.16
C THR C 578 34.61 -10.21 24.73
N ASN C 579 35.48 -10.77 23.90
CA ASN C 579 36.50 -11.68 24.40
C ASN C 579 37.46 -10.97 25.34
N THR C 580 37.83 -9.73 25.01
CA THR C 580 38.77 -8.99 25.85
C THR C 580 38.07 -8.40 27.08
N SER C 581 37.06 -7.58 26.85
CA SER C 581 36.32 -6.92 27.92
C SER C 581 34.87 -6.74 27.51
N ASN C 582 34.01 -6.48 28.50
CA ASN C 582 32.59 -6.30 28.28
C ASN C 582 32.10 -4.91 28.63
N GLN C 583 33.00 -3.99 28.99
CA GLN C 583 32.61 -2.61 29.30
C GLN C 583 32.06 -1.94 28.06
N VAL C 584 31.04 -1.10 28.24
CA VAL C 584 30.37 -0.43 27.14
C VAL C 584 30.30 1.05 27.44
N ALA C 585 30.12 1.84 26.37
CA ALA C 585 30.02 3.30 26.47
C ALA C 585 28.69 3.74 25.87
N VAL C 586 28.03 4.69 26.53
CA VAL C 586 26.75 5.21 26.04
C VAL C 586 26.98 6.57 25.40
N LEU C 587 26.18 6.90 24.40
CA LEU C 587 26.29 8.18 23.71
C LEU C 587 24.88 8.68 23.40
N TYR C 588 24.48 9.77 24.05
CA TYR C 588 23.24 10.46 23.70
C TYR C 588 23.57 11.39 22.54
N GLN C 589 22.98 11.11 21.38
CA GLN C 589 23.43 11.71 20.13
C GLN C 589 22.64 12.97 19.80
N ASP C 590 23.34 13.99 19.30
CA ASP C 590 22.73 15.23 18.85
C ASP C 590 21.86 15.86 19.94
N VAL C 591 22.36 15.76 21.18
CA VAL C 591 21.67 16.32 22.34
C VAL C 591 22.71 16.71 23.38
N ASN C 592 22.27 17.45 24.39
CA ASN C 592 23.13 17.87 25.49
C ASN C 592 22.61 17.29 26.79
N CYS C 593 23.52 16.71 27.57
CA CYS C 593 23.16 16.05 28.83
C CYS C 593 23.02 17.11 29.91
N THR C 594 21.97 17.92 29.77
CA THR C 594 21.64 18.96 30.75
C THR C 594 20.26 18.74 31.36
N GLU C 595 19.28 18.36 30.56
CA GLU C 595 17.92 18.16 31.07
C GLU C 595 17.81 16.91 31.94
N VAL C 596 18.83 16.05 31.95
CA VAL C 596 18.80 14.84 32.75
C VAL C 596 18.72 15.21 34.22
N PRO C 597 18.02 14.44 35.06
CA PRO C 597 17.93 14.80 36.48
C PRO C 597 19.22 14.84 37.30
N VAL C 598 19.58 16.03 37.76
CA VAL C 598 20.75 16.33 38.59
C VAL C 598 20.39 17.43 39.57
N ALA C 599 20.50 17.13 40.86
CA ALA C 599 20.25 17.87 42.09
C ALA C 599 21.44 17.96 43.05
N ILE C 600 22.61 17.43 42.67
CA ILE C 600 23.83 17.39 43.47
C ILE C 600 24.69 18.63 43.29
N HIS C 601 24.41 19.45 42.26
CA HIS C 601 25.18 20.66 42.00
C HIS C 601 24.26 21.87 41.93
N ALA C 602 24.74 23.01 42.43
CA ALA C 602 24.09 24.31 42.48
C ALA C 602 24.75 25.27 41.51
N ASP C 603 23.93 26.09 40.85
CA ASP C 603 24.43 27.04 39.86
C ASP C 603 25.42 28.01 40.50
N GLN C 604 26.68 27.95 40.07
CA GLN C 604 27.88 28.71 40.40
C GLN C 604 28.23 29.78 39.38
N LEU C 605 27.33 30.08 38.44
CA LEU C 605 27.58 31.08 37.42
C LEU C 605 28.84 30.72 36.62
N THR C 606 28.81 29.57 35.95
CA THR C 606 29.93 29.13 35.12
C THR C 606 29.75 29.28 33.61
N PRO C 607 30.75 29.83 32.91
CA PRO C 607 30.60 30.01 31.45
C PRO C 607 30.23 28.74 30.71
N THR C 608 30.78 27.59 31.11
CA THR C 608 30.51 26.34 30.38
C THR C 608 30.17 25.15 31.29
N TRP C 609 28.89 25.01 31.63
CA TRP C 609 28.37 23.82 32.30
C TRP C 609 29.28 23.33 33.43
N ARG C 610 29.75 24.25 34.28
CA ARG C 610 30.57 24.00 35.46
C ARG C 610 31.63 22.91 35.24
N VAL C 611 32.47 23.12 34.24
CA VAL C 611 33.55 22.21 33.84
C VAL C 611 34.90 22.79 34.25
N TYR C 612 35.37 22.41 35.44
CA TYR C 612 36.65 22.73 36.09
C TYR C 612 37.53 21.49 36.24
N SER C 613 38.33 21.23 35.20
CA SER C 613 39.17 20.05 35.15
C SER C 613 40.64 20.46 35.04
N THR C 614 41.51 19.70 35.71
CA THR C 614 42.96 19.83 35.79
C THR C 614 43.65 19.35 34.51
N GLY C 615 43.01 18.44 33.79
CA GLY C 615 43.62 17.88 32.61
C GLY C 615 42.60 17.57 31.53
N SER C 616 42.76 16.40 30.93
CA SER C 616 41.94 15.97 29.80
C SER C 616 40.68 15.22 30.20
N ASN C 617 40.14 15.44 31.39
CA ASN C 617 38.95 14.83 31.96
C ASN C 617 37.76 14.99 31.02
N VAL C 618 36.69 14.21 31.24
CA VAL C 618 35.55 14.23 30.35
C VAL C 618 35.05 15.66 30.18
N PHE C 619 34.83 16.05 28.93
CA PHE C 619 34.35 17.39 28.58
C PHE C 619 33.21 17.23 27.58
N GLN C 620 32.21 18.11 27.68
CA GLN C 620 31.04 18.00 26.83
C GLN C 620 31.42 18.23 25.37
N THR C 621 30.78 17.47 24.48
CA THR C 621 31.01 17.57 23.04
C THR C 621 29.73 18.03 22.35
N ARG C 622 29.91 18.79 21.27
CA ARG C 622 28.76 19.32 20.55
C ARG C 622 27.99 18.24 19.82
N ALA C 623 28.68 17.26 19.23
CA ALA C 623 28.00 16.21 18.48
C ALA C 623 27.08 15.39 19.39
N GLY C 624 27.55 15.05 20.60
CA GLY C 624 26.74 14.28 21.51
C GLY C 624 27.41 14.23 22.87
N CYS C 625 26.67 13.66 23.83
CA CYS C 625 27.16 13.53 25.21
C CYS C 625 27.51 12.07 25.45
N LEU C 626 28.77 11.80 25.78
CA LEU C 626 29.27 10.44 25.92
C LEU C 626 29.54 10.14 27.39
N ILE C 627 29.12 8.95 27.83
CA ILE C 627 29.36 8.47 29.18
C ILE C 627 30.12 7.15 29.07
N GLY C 628 31.20 7.02 29.83
CA GLY C 628 32.01 5.83 29.85
C GLY C 628 33.37 5.95 29.20
N ALA C 629 33.77 7.13 28.76
CA ALA C 629 35.08 7.33 28.14
C ALA C 629 35.62 8.70 28.53
N GLU C 630 36.94 8.82 28.49
CA GLU C 630 37.64 10.05 28.84
C GLU C 630 38.41 10.54 27.62
N HIS C 631 38.26 11.82 27.30
CA HIS C 631 38.97 12.39 26.17
C HIS C 631 40.48 12.42 26.44
N VAL C 632 41.26 12.17 25.39
CA VAL C 632 42.72 12.16 25.47
C VAL C 632 43.26 13.06 24.38
N ASN C 633 44.24 13.89 24.73
CA ASN C 633 44.81 14.82 23.76
C ASN C 633 45.49 14.06 22.60
N ASN C 634 46.18 12.97 22.92
CA ASN C 634 46.89 12.22 21.89
C ASN C 634 45.90 11.62 20.88
N SER C 635 46.38 11.40 19.66
CA SER C 635 45.55 10.90 18.59
C SER C 635 46.17 9.62 18.03
N TYR C 636 45.33 8.64 17.73
CA TYR C 636 45.78 7.38 17.17
C TYR C 636 44.85 7.01 16.01
N GLU C 637 45.07 5.82 15.44
CA GLU C 637 44.24 5.34 14.33
C GLU C 637 42.81 5.07 14.81
N CYS C 638 41.83 5.37 13.97
CA CYS C 638 40.44 5.16 14.34
C CYS C 638 40.16 3.68 14.58
N ASP C 639 39.39 3.40 15.63
CA ASP C 639 38.98 2.05 15.97
C ASP C 639 37.48 1.83 15.82
N ILE C 640 36.66 2.66 16.46
CA ILE C 640 35.21 2.57 16.36
C ILE C 640 34.67 3.94 15.93
N PRO C 641 34.48 4.19 14.64
CA PRO C 641 34.05 5.52 14.21
C PRO C 641 32.69 5.89 14.80
N ILE C 642 32.55 7.16 15.17
CA ILE C 642 31.30 7.68 15.75
C ILE C 642 30.81 8.82 14.87
N GLY C 643 31.61 9.88 14.75
CA GLY C 643 31.25 11.03 13.95
C GLY C 643 32.13 12.23 14.22
N ALA C 644 32.20 13.15 13.27
CA ALA C 644 33.00 14.37 13.41
C ALA C 644 34.45 14.04 13.72
N GLY C 645 34.93 12.91 13.22
CA GLY C 645 36.29 12.49 13.45
C GLY C 645 36.57 11.90 14.81
N ILE C 646 35.55 11.62 15.59
CA ILE C 646 35.70 11.06 16.94
C ILE C 646 35.55 9.55 16.84
N CYS C 647 36.53 8.82 17.35
CA CYS C 647 36.53 7.37 17.34
C CYS C 647 36.79 6.88 18.77
N ALA C 648 36.18 5.75 19.12
CA ALA C 648 36.35 5.18 20.45
C ALA C 648 37.17 3.89 20.38
N SER C 649 37.98 3.68 21.41
CA SER C 649 38.81 2.49 21.50
C SER C 649 38.86 2.02 22.94
N TYR C 650 39.03 0.72 23.12
CA TYR C 650 39.06 0.14 24.46
C TYR C 650 40.44 0.30 25.10
N GLN C 651 41.46 -0.30 24.49
CA GLN C 651 42.81 -0.21 25.03
C GLN C 651 43.44 1.14 24.68
N THR C 652 44.35 1.58 25.54
CA THR C 652 45.02 2.86 25.37
C THR C 652 46.33 2.69 24.61
N GLN C 653 46.24 2.12 23.40
CA GLN C 653 47.29 1.82 22.44
C GLN C 653 46.62 1.26 21.18
N THR C 654 47.38 1.25 20.09
CA THR C 654 46.92 0.71 18.82
C THR C 654 47.81 -0.43 18.35
N ASN C 655 47.19 -1.57 18.01
CA ASN C 655 47.76 -2.81 17.51
C ASN C 655 49.11 -3.22 18.11
N SER C 656 49.17 -3.33 19.43
CA SER C 656 50.43 -3.68 20.08
C SER C 656 50.81 -5.12 19.80
N PRO C 657 52.00 -5.39 19.26
CA PRO C 657 52.41 -6.79 19.02
C PRO C 657 52.59 -7.59 20.30
N GLY C 658 52.75 -6.96 21.45
CA GLY C 658 52.98 -7.35 22.82
C GLY C 658 51.70 -7.46 23.63
N SER C 659 51.81 -7.25 24.94
CA SER C 659 50.78 -7.33 25.97
C SER C 659 49.63 -6.37 25.71
N ALA C 660 48.42 -6.86 25.91
CA ALA C 660 47.12 -6.22 25.76
C ALA C 660 46.70 -5.58 27.09
N SER C 661 45.44 -5.15 27.13
CA SER C 661 44.87 -4.52 28.32
C SER C 661 44.69 -5.45 29.51
N SER C 662 44.47 -4.87 30.68
CA SER C 662 44.35 -5.63 31.92
C SER C 662 43.22 -5.02 32.76
N VAL C 663 43.17 -5.41 34.03
CA VAL C 663 42.14 -4.94 34.95
C VAL C 663 42.50 -3.60 35.60
N ALA C 664 43.59 -2.99 35.14
CA ALA C 664 44.17 -1.73 35.59
C ALA C 664 43.31 -0.52 35.26
N SER C 665 43.80 0.68 35.56
CA SER C 665 43.03 1.90 35.35
C SER C 665 42.65 2.17 33.90
N GLN C 666 43.31 1.52 32.94
CA GLN C 666 42.97 1.71 31.55
C GLN C 666 41.52 1.31 31.28
N SER C 667 40.84 2.13 30.48
CA SER C 667 39.43 1.91 30.17
C SER C 667 39.15 2.46 28.78
N ILE C 668 37.88 2.45 28.41
CA ILE C 668 37.45 2.93 27.10
C ILE C 668 37.74 4.42 27.00
N ILE C 669 38.19 4.85 25.82
CA ILE C 669 38.49 6.26 25.57
C ILE C 669 37.88 6.65 24.23
N ALA C 670 37.65 7.95 24.08
CA ALA C 670 37.16 8.55 22.84
C ALA C 670 38.12 9.67 22.46
N TYR C 671 38.55 9.67 21.20
CA TYR C 671 39.61 10.58 20.75
C TYR C 671 39.44 10.92 19.28
N THR C 672 40.05 12.02 18.86
CA THR C 672 40.07 12.38 17.45
C THR C 672 41.07 11.49 16.72
N MET C 673 40.59 10.76 15.72
CA MET C 673 41.44 9.82 15.01
C MET C 673 42.60 10.55 14.33
N SER C 674 43.78 9.95 14.41
CA SER C 674 44.99 10.50 13.80
C SER C 674 44.85 10.38 12.29
N LEU C 675 44.90 11.52 11.60
CA LEU C 675 44.74 11.52 10.15
C LEU C 675 46.02 11.03 9.50
N GLY C 676 46.04 9.75 9.13
CA GLY C 676 47.21 9.19 8.50
C GLY C 676 48.42 9.21 9.43
N ALA C 677 49.59 9.24 8.81
CA ALA C 677 50.87 9.28 9.52
C ALA C 677 51.68 10.46 8.98
N GLU C 678 52.21 11.27 9.88
CA GLU C 678 53.01 12.42 9.47
C GLU C 678 54.28 11.96 8.76
N ASN C 679 54.65 12.67 7.71
CA ASN C 679 55.84 12.35 6.94
C ASN C 679 56.38 13.63 6.32
N SER C 680 57.67 13.59 5.98
CA SER C 680 58.34 14.73 5.36
C SER C 680 59.17 14.22 4.19
N VAL C 681 59.18 14.99 3.11
CA VAL C 681 59.91 14.64 1.89
C VAL C 681 60.94 15.74 1.61
N ALA C 682 62.19 15.33 1.40
CA ALA C 682 63.26 16.26 1.09
C ALA C 682 63.20 16.58 -0.39
N TYR C 683 62.66 17.75 -0.72
CA TYR C 683 62.48 18.17 -2.11
C TYR C 683 63.44 19.30 -2.46
N SER C 684 64.13 19.15 -3.58
CA SER C 684 65.01 20.19 -4.09
C SER C 684 65.15 20.01 -5.59
N ASN C 685 65.59 21.08 -6.26
CA ASN C 685 65.70 21.05 -7.71
C ASN C 685 66.78 20.09 -8.20
N ASN C 686 67.69 19.66 -7.32
CA ASN C 686 68.80 18.79 -7.71
C ASN C 686 68.87 17.52 -6.88
N SER C 687 67.75 17.02 -6.37
CA SER C 687 67.71 15.80 -5.58
C SER C 687 66.67 14.86 -6.17
N ILE C 688 67.04 13.59 -6.32
CA ILE C 688 66.13 12.55 -6.81
C ILE C 688 66.29 11.33 -5.91
N ALA C 689 65.28 10.46 -5.94
CA ALA C 689 65.29 9.21 -5.20
C ALA C 689 65.18 8.07 -6.19
N ILE C 690 66.10 7.12 -6.11
CA ILE C 690 66.16 5.99 -7.03
C ILE C 690 66.06 4.72 -6.21
N PRO C 691 65.21 3.75 -6.57
CA PRO C 691 65.15 2.50 -5.82
C PRO C 691 66.37 1.63 -6.07
N THR C 692 66.94 1.10 -5.00
CA THR C 692 68.08 0.19 -5.07
C THR C 692 67.68 -1.27 -4.88
N ASN C 693 66.46 -1.53 -4.43
CA ASN C 693 65.98 -2.89 -4.24
C ASN C 693 64.47 -2.89 -4.41
N PHE C 694 63.92 -4.07 -4.68
CA PHE C 694 62.50 -4.23 -4.94
C PHE C 694 61.96 -5.42 -4.15
N THR C 695 60.65 -5.42 -3.91
CA THR C 695 59.96 -6.48 -3.22
C THR C 695 58.72 -6.85 -4.01
N ILE C 696 58.27 -8.10 -3.85
CA ILE C 696 57.12 -8.64 -4.58
C ILE C 696 56.02 -8.86 -3.55
N SER C 697 55.13 -7.88 -3.42
CA SER C 697 54.00 -7.99 -2.51
C SER C 697 52.78 -8.57 -3.24
N VAL C 698 51.97 -9.30 -2.48
CA VAL C 698 50.76 -9.93 -3.02
C VAL C 698 49.59 -9.55 -2.13
N THR C 699 48.50 -9.12 -2.76
CA THR C 699 47.29 -8.76 -2.03
C THR C 699 46.12 -9.63 -2.50
N THR C 700 44.98 -9.53 -1.81
CA THR C 700 43.80 -10.31 -2.15
C THR C 700 42.59 -9.39 -2.21
N GLU C 701 41.74 -9.62 -3.21
CA GLU C 701 40.51 -8.86 -3.38
C GLU C 701 39.36 -9.82 -3.59
N ILE C 702 38.36 -9.76 -2.72
CA ILE C 702 37.17 -10.60 -2.79
C ILE C 702 36.08 -9.78 -3.46
N LEU C 703 35.49 -10.33 -4.53
CA LEU C 703 34.45 -9.64 -5.27
C LEU C 703 33.22 -10.55 -5.40
N PRO C 704 32.07 -10.16 -4.87
CA PRO C 704 30.86 -10.96 -5.09
C PRO C 704 30.52 -11.06 -6.57
N VAL C 705 29.97 -12.22 -6.94
CA VAL C 705 29.61 -12.48 -8.34
C VAL C 705 28.11 -12.75 -8.43
N SER C 706 27.60 -13.63 -7.58
CA SER C 706 26.20 -14.02 -7.56
C SER C 706 25.72 -14.17 -6.12
N MET C 707 24.50 -14.68 -5.98
CA MET C 707 23.93 -14.94 -4.66
C MET C 707 22.87 -16.03 -4.80
N THR C 708 22.23 -16.34 -3.67
CA THR C 708 21.22 -17.39 -3.66
C THR C 708 20.06 -17.03 -4.58
N LYS C 709 19.57 -18.02 -5.31
CA LYS C 709 18.44 -17.83 -6.24
C LYS C 709 17.16 -18.19 -5.48
N THR C 710 16.32 -17.19 -5.23
CA THR C 710 15.10 -17.37 -4.46
C THR C 710 13.87 -17.25 -5.36
N SER C 711 12.75 -17.76 -4.87
CA SER C 711 11.48 -17.68 -5.59
C SER C 711 10.36 -17.81 -4.58
N VAL C 712 9.31 -17.01 -4.77
CA VAL C 712 8.17 -16.96 -3.86
C VAL C 712 6.90 -17.15 -4.69
N ASP C 713 6.03 -18.06 -4.26
CA ASP C 713 4.76 -18.26 -4.92
C ASP C 713 3.65 -17.54 -4.17
N CYS C 714 2.83 -16.78 -4.90
CA CYS C 714 1.77 -16.01 -4.26
C CYS C 714 0.76 -16.92 -3.58
N THR C 715 0.35 -18.00 -4.26
CA THR C 715 -0.74 -18.84 -3.75
C THR C 715 -0.42 -19.36 -2.36
N MET C 716 0.64 -20.16 -2.25
CA MET C 716 0.97 -20.77 -0.96
C MET C 716 1.30 -19.71 0.09
N TYR C 717 2.05 -18.68 -0.29
CA TYR C 717 2.49 -17.68 0.68
C TYR C 717 1.30 -16.95 1.29
N ILE C 718 0.32 -16.57 0.47
CA ILE C 718 -0.78 -15.74 0.95
C ILE C 718 -1.94 -16.61 1.42
N CYS C 719 -2.29 -17.62 0.62
CA CYS C 719 -3.49 -18.42 0.85
C CYS C 719 -3.10 -19.87 1.08
N GLY C 720 -3.66 -20.48 2.12
CA GLY C 720 -3.47 -21.90 2.37
C GLY C 720 -4.65 -22.71 1.89
N ASP C 721 -4.50 -23.34 0.73
CA ASP C 721 -5.49 -24.25 0.14
C ASP C 721 -6.93 -23.81 0.43
N SER C 722 -7.23 -22.53 0.21
CA SER C 722 -8.56 -21.98 0.41
C SER C 722 -9.02 -21.35 -0.91
N THR C 723 -10.21 -21.74 -1.36
CA THR C 723 -10.70 -21.26 -2.65
C THR C 723 -11.01 -19.78 -2.62
N GLU C 724 -11.64 -19.31 -1.55
CA GLU C 724 -12.05 -17.90 -1.48
C GLU C 724 -10.83 -16.98 -1.52
N CYS C 725 -9.79 -17.32 -0.76
CA CYS C 725 -8.59 -16.51 -0.75
C CYS C 725 -7.94 -16.46 -2.13
N SER C 726 -7.89 -17.59 -2.83
CA SER C 726 -7.34 -17.62 -4.17
C SER C 726 -8.16 -16.76 -5.12
N ASN C 727 -9.49 -16.85 -5.02
CA ASN C 727 -10.35 -16.05 -5.88
C ASN C 727 -10.13 -14.55 -5.63
N LEU C 728 -10.03 -14.15 -4.36
CA LEU C 728 -9.77 -12.75 -4.05
C LEU C 728 -8.40 -12.32 -4.57
N LEU C 729 -7.40 -13.19 -4.43
CA LEU C 729 -6.05 -12.84 -4.86
C LEU C 729 -5.96 -12.69 -6.38
N LEU C 730 -6.69 -13.51 -7.13
CA LEU C 730 -6.64 -13.42 -8.59
C LEU C 730 -7.16 -12.09 -9.09
N GLN C 731 -7.87 -11.34 -8.24
CA GLN C 731 -8.37 -10.03 -8.66
C GLN C 731 -7.23 -9.09 -9.04
N TYR C 732 -6.15 -9.09 -8.25
CA TYR C 732 -5.01 -8.25 -8.58
C TYR C 732 -4.40 -8.64 -9.93
N GLY C 733 -4.24 -9.94 -10.18
CA GLY C 733 -3.82 -10.40 -11.48
C GLY C 733 -2.35 -10.27 -11.80
N SER C 734 -2.01 -9.28 -12.62
CA SER C 734 -0.69 -9.22 -13.23
C SER C 734 0.43 -8.95 -12.22
N PHE C 735 0.10 -8.58 -10.98
CA PHE C 735 1.14 -8.32 -10.00
C PHE C 735 2.03 -9.54 -9.80
N CYS C 736 1.41 -10.70 -9.55
CA CYS C 736 2.20 -11.91 -9.32
C CYS C 736 2.95 -12.34 -10.57
N THR C 737 2.33 -12.20 -11.73
CA THR C 737 2.98 -12.54 -12.99
C THR C 737 4.21 -11.69 -13.26
N GLN C 738 4.15 -10.38 -12.98
CA GLN C 738 5.30 -9.51 -13.16
C GLN C 738 6.37 -9.71 -12.09
N LEU C 739 5.97 -10.02 -10.84
CA LEU C 739 6.97 -10.32 -9.82
C LEU C 739 7.76 -11.58 -10.19
N ASN C 740 7.07 -12.61 -10.68
CA ASN C 740 7.76 -13.82 -11.12
C ASN C 740 8.69 -13.53 -12.29
N ARG C 741 8.24 -12.70 -13.23
CA ARG C 741 9.10 -12.34 -14.36
C ARG C 741 10.34 -11.60 -13.89
N ALA C 742 10.17 -10.68 -12.93
CA ALA C 742 11.31 -9.95 -12.39
C ALA C 742 12.29 -10.91 -11.71
N LEU C 743 11.77 -11.86 -10.93
CA LEU C 743 12.64 -12.83 -10.28
C LEU C 743 13.38 -13.69 -11.31
N THR C 744 12.69 -14.12 -12.37
CA THR C 744 13.34 -14.90 -13.41
C THR C 744 14.43 -14.10 -14.10
N GLY C 745 14.16 -12.82 -14.38
CA GLY C 745 15.19 -11.97 -14.97
C GLY C 745 16.38 -11.79 -14.05
N ILE C 746 16.12 -11.65 -12.75
CA ILE C 746 17.21 -11.54 -11.78
C ILE C 746 18.08 -12.79 -11.81
N ALA C 747 17.43 -13.95 -11.82
CA ALA C 747 18.19 -15.20 -11.89
C ALA C 747 18.99 -15.31 -13.18
N VAL C 748 18.39 -14.92 -14.30
CA VAL C 748 19.07 -15.02 -15.59
C VAL C 748 20.29 -14.12 -15.61
N GLU C 749 20.15 -12.88 -15.12
CA GLU C 749 21.29 -11.97 -15.11
C GLU C 749 22.36 -12.43 -14.12
N GLN C 750 21.96 -13.01 -12.98
CA GLN C 750 22.95 -13.54 -12.05
C GLN C 750 23.74 -14.67 -12.67
N ASP C 751 23.08 -15.57 -13.38
CA ASP C 751 23.78 -16.62 -14.12
C ASP C 751 24.69 -16.07 -15.22
N LYS C 752 24.22 -15.07 -15.96
CA LYS C 752 25.02 -14.48 -17.03
C LYS C 752 26.27 -13.80 -16.47
N ASN C 753 26.15 -13.16 -15.30
CA ASN C 753 27.31 -12.53 -14.68
C ASN C 753 28.38 -13.56 -14.37
N THR C 754 27.98 -14.69 -13.79
CA THR C 754 28.94 -15.75 -13.50
C THR C 754 29.54 -16.29 -14.79
N GLN C 755 28.71 -16.48 -15.82
CA GLN C 755 29.23 -16.98 -17.09
C GLN C 755 30.28 -16.03 -17.66
N GLU C 756 30.01 -14.73 -17.65
CA GLU C 756 30.98 -13.77 -18.17
C GLU C 756 32.24 -13.73 -17.31
N VAL C 757 32.09 -13.79 -15.99
CA VAL C 757 33.25 -13.68 -15.10
C VAL C 757 34.18 -14.88 -15.30
N PHE C 758 33.61 -16.08 -15.36
CA PHE C 758 34.40 -17.30 -15.39
C PHE C 758 34.51 -17.90 -16.79
N ALA C 759 33.36 -18.10 -17.46
CA ALA C 759 33.35 -18.73 -18.78
C ALA C 759 33.71 -17.68 -19.83
N GLN C 760 35.02 -17.50 -20.02
CA GLN C 760 35.54 -16.58 -21.02
C GLN C 760 36.36 -17.26 -22.11
N VAL C 761 36.85 -18.47 -21.87
CA VAL C 761 37.66 -19.20 -22.84
C VAL C 761 36.97 -20.51 -23.15
N LYS C 762 36.78 -20.80 -24.44
CA LYS C 762 36.12 -22.03 -24.84
C LYS C 762 37.05 -23.23 -24.67
N GLN C 763 38.36 -22.99 -24.74
CA GLN C 763 39.36 -24.04 -24.65
C GLN C 763 39.82 -24.19 -23.21
N ILE C 764 39.81 -25.42 -22.70
CA ILE C 764 40.27 -25.67 -21.34
C ILE C 764 41.74 -26.04 -21.38
N TYR C 765 42.54 -25.34 -20.58
CA TYR C 765 43.97 -25.55 -20.52
C TYR C 765 44.33 -26.32 -19.25
N LYS C 766 45.43 -27.07 -19.31
CA LYS C 766 45.89 -27.86 -18.19
C LYS C 766 47.39 -27.72 -18.05
N THR C 767 47.87 -27.79 -16.81
CA THR C 767 49.29 -27.69 -16.54
C THR C 767 50.01 -28.96 -16.98
N PRO C 768 51.30 -28.86 -17.30
CA PRO C 768 52.06 -30.05 -17.69
C PRO C 768 52.25 -30.99 -16.52
N PRO C 769 52.53 -32.27 -16.78
CA PRO C 769 52.72 -33.20 -15.65
C PRO C 769 53.97 -32.91 -14.84
N ILE C 770 54.96 -32.27 -15.45
CA ILE C 770 56.20 -31.89 -14.78
C ILE C 770 56.12 -30.41 -14.43
N LYS C 771 56.29 -30.09 -13.16
CA LYS C 771 56.17 -28.71 -12.67
C LYS C 771 57.57 -28.10 -12.58
N ASP C 772 57.99 -27.47 -13.68
CA ASP C 772 59.27 -26.75 -13.75
C ASP C 772 58.99 -25.35 -14.25
N PHE C 773 59.27 -24.35 -13.41
CA PHE C 773 58.98 -22.95 -13.73
C PHE C 773 60.17 -22.04 -13.42
N GLY C 774 61.37 -22.61 -13.28
CA GLY C 774 62.54 -21.82 -12.98
C GLY C 774 62.67 -21.41 -11.53
N GLY C 775 61.85 -21.98 -10.64
CA GLY C 775 61.88 -21.65 -9.23
C GLY C 775 60.53 -21.38 -8.61
N PHE C 776 59.53 -20.98 -9.39
CA PHE C 776 58.20 -20.71 -8.88
C PHE C 776 57.50 -22.03 -8.53
N ASN C 777 56.72 -21.99 -7.46
CA ASN C 777 55.98 -23.15 -6.97
C ASN C 777 54.52 -22.77 -6.79
N PHE C 778 53.68 -23.18 -7.74
CA PHE C 778 52.25 -22.91 -7.69
C PHE C 778 51.44 -24.09 -7.16
N SER C 779 52.12 -25.15 -6.69
CA SER C 779 51.41 -26.32 -6.19
C SER C 779 50.51 -25.98 -5.02
N GLN C 780 50.89 -24.97 -4.23
CA GLN C 780 50.06 -24.56 -3.10
C GLN C 780 48.71 -24.05 -3.57
N ILE C 781 48.69 -23.33 -4.69
CA ILE C 781 47.44 -22.75 -5.18
C ILE C 781 46.84 -23.60 -6.30
N LEU C 782 47.64 -24.41 -6.98
CA LEU C 782 47.13 -25.28 -8.02
C LEU C 782 46.35 -26.44 -7.40
N PRO C 783 45.42 -27.05 -8.15
CA PRO C 783 44.67 -28.19 -7.61
C PRO C 783 45.59 -29.34 -7.27
N ASP C 784 45.23 -30.08 -6.22
CA ASP C 784 45.98 -31.24 -5.79
C ASP C 784 45.51 -32.46 -6.57
N PRO C 785 46.35 -33.08 -7.41
CA PRO C 785 45.89 -34.27 -8.15
C PRO C 785 45.45 -35.41 -7.24
N SER C 786 46.11 -35.59 -6.10
CA SER C 786 45.78 -36.70 -5.21
C SER C 786 44.37 -36.61 -4.64
N LYS C 787 43.93 -35.43 -4.22
CA LYS C 787 42.61 -35.30 -3.65
C LYS C 787 41.54 -35.54 -4.70
N PRO C 788 40.50 -36.32 -4.39
CA PRO C 788 39.46 -36.58 -5.40
C PRO C 788 38.78 -35.31 -5.91
N SER C 789 38.63 -34.31 -5.05
CA SER C 789 38.00 -33.05 -5.42
C SER C 789 39.09 -32.06 -5.83
N LYS C 790 38.91 -31.44 -6.99
CA LYS C 790 39.89 -30.49 -7.53
C LYS C 790 39.63 -29.12 -6.91
N ARG C 791 39.99 -29.00 -5.63
CA ARG C 791 39.87 -27.75 -4.88
C ARG C 791 41.25 -27.33 -4.42
N SER C 792 41.56 -26.05 -4.61
CA SER C 792 42.88 -25.54 -4.25
C SER C 792 43.03 -25.48 -2.73
N PHE C 793 44.29 -25.41 -2.30
CA PHE C 793 44.59 -25.36 -0.87
C PHE C 793 44.00 -24.11 -0.23
N ILE C 794 44.00 -23.00 -0.97
CA ILE C 794 43.49 -21.74 -0.44
C ILE C 794 42.01 -21.88 -0.09
N GLU C 795 41.23 -22.49 -0.97
CA GLU C 795 39.81 -22.69 -0.69
C GLU C 795 39.61 -23.60 0.51
N ASP C 796 40.45 -24.63 0.65
CA ASP C 796 40.35 -25.52 1.80
C ASP C 796 40.61 -24.75 3.09
N LEU C 797 41.63 -23.90 3.12
CA LEU C 797 41.90 -23.10 4.31
C LEU C 797 40.77 -22.13 4.58
N LEU C 798 40.21 -21.52 3.53
CA LEU C 798 39.10 -20.60 3.72
C LEU C 798 37.92 -21.31 4.36
N PHE C 799 37.60 -22.52 3.89
CA PHE C 799 36.53 -23.29 4.50
C PHE C 799 36.86 -23.68 5.94
N ASN C 800 38.10 -24.07 6.21
CA ASN C 800 38.50 -24.50 7.54
C ASN C 800 38.48 -23.37 8.56
N LYS C 801 38.82 -22.15 8.15
CA LYS C 801 38.91 -21.02 9.07
C LYS C 801 37.58 -20.65 9.70
N VAL C 802 36.45 -21.25 9.31
CA VAL C 802 35.15 -20.94 9.89
C VAL C 802 34.87 -21.94 11.00
N THR C 803 34.12 -21.49 12.01
CA THR C 803 33.78 -22.33 13.15
C THR C 803 32.89 -23.49 12.72
N LEU C 804 33.42 -24.72 12.81
CA LEU C 804 32.70 -25.93 12.47
C LEU C 804 32.39 -26.73 13.75
N ALA C 805 31.79 -27.91 13.59
CA ALA C 805 31.44 -28.77 14.71
C ALA C 805 32.12 -30.12 14.55
N ASP C 806 32.52 -30.71 15.68
CA ASP C 806 33.20 -31.97 15.98
C ASP C 806 32.31 -33.11 16.44
N ALA C 807 31.01 -32.85 16.67
CA ALA C 807 30.08 -33.89 17.11
C ALA C 807 29.58 -34.79 15.98
N GLY C 808 30.40 -35.77 15.63
CA GLY C 808 30.07 -36.70 14.57
C GLY C 808 31.23 -36.91 13.61
N PHE C 809 30.91 -37.28 12.37
CA PHE C 809 31.84 -37.52 11.27
C PHE C 809 31.77 -36.47 10.17
N ILE C 810 32.92 -35.91 9.82
CA ILE C 810 32.99 -34.86 8.80
C ILE C 810 33.19 -35.51 7.43
N MET C 811 32.08 -35.92 6.83
CA MET C 811 32.11 -36.52 5.49
C MET C 811 32.00 -35.56 4.31
N GLN C 812 30.94 -34.75 4.25
CA GLN C 812 30.78 -33.80 3.16
C GLN C 812 30.81 -32.35 3.62
N TYR C 813 30.08 -32.04 4.69
CA TYR C 813 29.72 -30.93 5.57
C TYR C 813 29.59 -29.58 4.86
N GLY C 814 28.73 -29.52 3.84
CA GLY C 814 28.51 -28.28 3.12
C GLY C 814 29.23 -28.24 1.79
N ASP C 815 28.50 -28.45 0.70
CA ASP C 815 29.05 -28.41 -0.64
C ASP C 815 28.80 -27.10 -1.38
N CYS C 816 27.85 -26.30 -0.91
CA CYS C 816 27.54 -25.02 -1.56
C CYS C 816 27.47 -23.79 -0.66
N LEU C 817 27.34 -24.01 0.64
CA LEU C 817 27.22 -22.90 1.58
C LEU C 817 28.48 -22.04 1.64
N GLY C 818 28.29 -20.76 1.95
CA GLY C 818 29.38 -19.81 1.95
C GLY C 818 30.22 -19.84 3.22
N ASP C 819 31.01 -20.90 3.39
CA ASP C 819 32.04 -21.45 4.29
C ASP C 819 31.60 -21.99 5.65
N MET C 820 30.35 -22.45 5.74
CA MET C 820 29.72 -23.00 6.92
C MET C 820 29.17 -24.39 6.58
N ALA C 821 28.72 -25.10 7.61
CA ALA C 821 28.11 -26.40 7.81
C ALA C 821 26.80 -26.23 8.58
N TYR C 822 25.70 -26.59 7.92
CA TYR C 822 24.37 -26.47 8.50
C TYR C 822 23.55 -27.76 8.50
N ARG C 823 22.27 -27.66 8.86
CA ARG C 823 21.39 -28.83 8.85
C ARG C 823 20.96 -29.14 7.43
N ASP C 824 19.93 -29.98 7.27
CA ASP C 824 19.37 -30.61 6.09
C ASP C 824 19.08 -29.55 5.02
N LEU C 825 18.89 -30.04 3.79
CA LEU C 825 18.78 -29.30 2.53
C LEU C 825 17.60 -28.35 2.54
N ILE C 826 17.42 -27.60 1.45
CA ILE C 826 16.45 -26.52 1.42
C ILE C 826 15.05 -27.04 1.74
N CYS C 827 14.78 -28.30 1.38
CA CYS C 827 13.49 -28.90 1.70
C CYS C 827 13.17 -28.85 3.18
N ALA C 828 14.19 -28.91 4.05
CA ALA C 828 14.04 -28.81 5.50
C ALA C 828 13.51 -27.43 5.89
N GLN C 829 14.03 -26.37 5.27
CA GLN C 829 13.68 -24.97 5.44
C GLN C 829 12.49 -24.54 4.58
N LYS C 830 12.03 -25.39 3.67
CA LYS C 830 10.93 -25.03 2.78
C LYS C 830 9.61 -25.58 3.35
N PHE C 831 9.01 -24.77 4.22
CA PHE C 831 7.72 -25.09 4.83
C PHE C 831 6.60 -24.21 4.29
N ASN C 832 6.89 -23.32 3.33
CA ASN C 832 5.99 -22.39 2.66
C ASN C 832 6.32 -22.34 1.17
N GLY C 833 7.09 -23.30 0.67
CA GLY C 833 7.44 -23.31 -0.73
C GLY C 833 8.49 -22.29 -1.13
N LEU C 834 9.35 -21.89 -0.20
CA LEU C 834 10.42 -20.93 -0.50
C LEU C 834 11.54 -21.69 -1.20
N THR C 835 11.23 -22.12 -2.42
CA THR C 835 12.19 -22.91 -3.20
C THR C 835 13.42 -22.07 -3.53
N VAL C 836 14.58 -22.74 -3.51
CA VAL C 836 15.86 -22.12 -3.85
C VAL C 836 16.37 -22.84 -5.09
N LEU C 837 16.28 -22.19 -6.23
CA LEU C 837 16.70 -22.81 -7.48
C LEU C 837 18.21 -23.01 -7.48
N PRO C 838 18.70 -24.22 -7.74
CA PRO C 838 20.16 -24.42 -7.78
C PRO C 838 20.87 -23.59 -8.83
N PRO C 839 22.08 -23.11 -8.53
CA PRO C 839 22.82 -22.31 -9.51
C PRO C 839 23.12 -23.13 -10.76
N LEU C 840 23.09 -22.44 -11.91
CA LEU C 840 23.38 -23.11 -13.18
C LEU C 840 24.81 -23.66 -13.18
N LEU C 841 25.75 -22.86 -12.67
CA LEU C 841 27.15 -23.27 -12.63
C LEU C 841 27.49 -23.86 -11.28
N THR C 842 28.14 -25.02 -11.30
CA THR C 842 28.54 -25.72 -10.10
C THR C 842 29.95 -25.30 -9.69
N ASP C 843 30.23 -25.42 -8.39
CA ASP C 843 31.54 -25.03 -7.88
C ASP C 843 32.68 -25.76 -8.58
N GLU C 844 32.48 -27.02 -8.96
CA GLU C 844 33.52 -27.75 -9.67
C GLU C 844 33.83 -27.09 -11.01
N MET C 845 32.80 -26.63 -11.72
CA MET C 845 33.02 -25.95 -12.99
C MET C 845 33.76 -24.62 -12.79
N ILE C 846 33.42 -23.88 -11.74
CA ILE C 846 34.11 -22.63 -11.46
C ILE C 846 35.58 -22.89 -11.16
N ALA C 847 35.85 -23.93 -10.35
CA ALA C 847 37.22 -24.31 -10.06
C ALA C 847 37.98 -24.74 -11.31
N GLN C 848 37.33 -25.49 -12.21
CA GLN C 848 37.97 -25.87 -13.47
C GLN C 848 38.29 -24.65 -14.32
N TYR C 849 37.36 -23.69 -14.39
CA TYR C 849 37.62 -22.47 -15.15
C TYR C 849 38.80 -21.70 -14.55
N THR C 850 38.83 -21.58 -13.23
CA THR C 850 39.94 -20.90 -12.58
C THR C 850 41.27 -21.60 -12.80
N SER C 851 41.30 -22.93 -12.73
CA SER C 851 42.52 -23.68 -13.01
C SER C 851 42.96 -23.52 -14.46
N ALA C 852 42.02 -23.54 -15.40
CA ALA C 852 42.37 -23.36 -16.80
C ALA C 852 42.95 -21.99 -17.06
N LEU C 853 42.33 -20.95 -16.49
CA LEU C 853 42.85 -19.59 -16.66
C LEU C 853 44.24 -19.46 -16.06
N LEU C 854 44.43 -20.01 -14.86
CA LEU C 854 45.73 -19.97 -14.21
C LEU C 854 46.80 -20.71 -15.00
N ALA C 855 46.50 -21.89 -15.53
CA ALA C 855 47.42 -22.63 -16.37
C ALA C 855 47.75 -21.89 -17.66
N GLY C 856 46.77 -21.27 -18.30
CA GLY C 856 47.02 -20.48 -19.48
C GLY C 856 47.93 -19.30 -19.18
N THR C 857 47.72 -18.65 -18.04
CA THR C 857 48.57 -17.54 -17.64
C THR C 857 50.01 -17.99 -17.43
N ILE C 858 50.19 -19.13 -16.76
CA ILE C 858 51.53 -19.64 -16.50
C ILE C 858 52.21 -20.05 -17.80
N THR C 859 51.48 -20.76 -18.66
CA THR C 859 52.07 -21.30 -19.88
C THR C 859 51.91 -20.33 -21.05
N SER C 860 50.68 -19.93 -21.35
CA SER C 860 50.38 -19.10 -22.51
C SER C 860 50.48 -17.62 -22.21
N GLY C 861 50.70 -17.22 -20.96
CA GLY C 861 50.76 -15.81 -20.64
C GLY C 861 49.45 -15.12 -20.99
N TRP C 862 49.58 -13.92 -21.59
CA TRP C 862 48.41 -13.17 -22.02
C TRP C 862 48.05 -13.42 -23.48
N THR C 863 48.80 -14.28 -24.17
CA THR C 863 48.54 -14.53 -25.59
C THR C 863 47.20 -15.23 -25.81
N PHE C 864 46.82 -16.15 -24.94
CA PHE C 864 45.58 -16.89 -25.11
C PHE C 864 44.35 -16.02 -25.00
N GLY C 865 44.40 -14.92 -24.23
CA GLY C 865 43.27 -14.03 -24.12
C GLY C 865 43.10 -13.15 -25.34
N ALA C 866 44.17 -12.96 -26.09
CA ALA C 866 44.15 -12.14 -27.30
C ALA C 866 44.12 -12.99 -28.57
N GLY C 867 43.97 -14.29 -28.45
CA GLY C 867 43.96 -15.17 -29.60
C GLY C 867 44.44 -16.57 -29.21
N ALA C 868 45.04 -17.25 -30.17
CA ALA C 868 45.54 -18.59 -29.94
C ALA C 868 46.63 -18.57 -28.87
N ALA C 869 46.62 -19.59 -28.00
CA ALA C 869 47.60 -19.67 -26.94
C ALA C 869 49.00 -19.87 -27.52
N LEU C 870 49.98 -19.22 -26.91
CA LEU C 870 51.38 -19.30 -27.35
C LEU C 870 52.23 -19.68 -26.14
N GLN C 871 52.74 -20.91 -26.12
CA GLN C 871 53.54 -21.36 -25.00
C GLN C 871 54.81 -20.54 -24.88
N ILE C 872 55.23 -20.29 -23.64
CA ILE C 872 56.45 -19.53 -23.36
C ILE C 872 56.87 -19.81 -21.93
N PRO C 873 58.16 -19.94 -21.63
CA PRO C 873 58.58 -20.22 -20.25
C PRO C 873 58.12 -19.11 -19.31
N PHE C 874 57.77 -19.50 -18.08
CA PHE C 874 57.33 -18.53 -17.09
C PHE C 874 58.43 -17.52 -16.77
N ALA C 875 59.66 -18.01 -16.65
CA ALA C 875 60.79 -17.12 -16.39
C ALA C 875 60.93 -16.03 -17.44
N MET C 876 60.51 -16.30 -18.68
CA MET C 876 60.54 -15.32 -19.75
C MET C 876 59.28 -14.45 -19.78
N GLN C 877 58.23 -14.84 -19.07
CA GLN C 877 57.02 -14.03 -18.99
C GLN C 877 57.24 -12.81 -18.11
N MET C 878 57.87 -12.98 -16.95
CA MET C 878 58.14 -11.85 -16.07
C MET C 878 59.10 -10.85 -16.71
N ALA C 879 59.96 -11.31 -17.62
CA ALA C 879 60.88 -10.40 -18.30
C ALA C 879 60.12 -9.34 -19.09
N TYR C 880 59.12 -9.76 -19.87
CA TYR C 880 58.31 -8.82 -20.64
C TYR C 880 57.46 -7.93 -19.72
N ARG C 881 56.91 -8.50 -18.64
CA ARG C 881 56.11 -7.73 -17.71
C ARG C 881 56.90 -6.62 -17.03
N PHE C 882 58.16 -6.89 -16.65
CA PHE C 882 58.98 -5.84 -16.06
C PHE C 882 59.20 -4.70 -17.05
N ASN C 883 59.50 -5.04 -18.32
CA ASN C 883 59.65 -4.01 -19.33
C ASN C 883 58.35 -3.24 -19.52
N GLY C 884 57.21 -3.90 -19.32
CA GLY C 884 55.94 -3.21 -19.41
C GLY C 884 55.83 -2.08 -18.41
N ILE C 885 56.39 -2.26 -17.22
CA ILE C 885 56.35 -1.26 -16.16
C ILE C 885 57.61 -0.39 -16.17
N GLY C 886 58.38 -0.42 -17.25
CA GLY C 886 59.57 0.41 -17.35
C GLY C 886 60.79 -0.13 -16.67
N VAL C 887 60.78 -1.40 -16.27
CA VAL C 887 61.93 -2.04 -15.63
C VAL C 887 62.56 -3.00 -16.61
N THR C 888 63.86 -2.83 -16.86
CA THR C 888 64.55 -3.72 -17.78
C THR C 888 64.62 -5.13 -17.20
N GLN C 889 64.42 -6.12 -18.09
CA GLN C 889 64.35 -7.50 -17.64
C GLN C 889 65.69 -8.01 -17.09
N ASN C 890 66.76 -7.28 -17.35
CA ASN C 890 68.08 -7.73 -16.92
C ASN C 890 68.13 -8.02 -15.42
N VAL C 891 67.41 -7.24 -14.62
CA VAL C 891 67.38 -7.46 -13.18
C VAL C 891 66.76 -8.83 -12.89
N LEU C 892 65.64 -9.13 -13.53
CA LEU C 892 64.90 -10.37 -13.27
C LEU C 892 65.84 -11.57 -13.20
N TYR C 893 66.56 -11.83 -14.29
CA TYR C 893 67.46 -12.97 -14.33
C TYR C 893 68.44 -12.93 -13.16
N GLU C 894 69.09 -11.78 -12.95
CA GLU C 894 70.09 -11.68 -11.90
C GLU C 894 69.52 -12.04 -10.54
N ASN C 895 68.21 -11.88 -10.35
CA ASN C 895 67.53 -12.23 -9.12
C ASN C 895 66.41 -13.23 -9.34
N GLN C 896 66.35 -13.88 -10.51
CA GLN C 896 65.25 -14.76 -10.84
C GLN C 896 64.90 -15.69 -9.68
N LYS C 897 65.84 -16.57 -9.32
CA LYS C 897 65.58 -17.49 -8.22
C LYS C 897 65.11 -16.73 -6.98
N LEU C 898 65.85 -15.68 -6.60
CA LEU C 898 65.45 -14.89 -5.45
C LEU C 898 64.00 -14.41 -5.59
N ILE C 899 63.67 -13.86 -6.76
CA ILE C 899 62.31 -13.39 -6.99
C ILE C 899 61.32 -14.52 -6.74
N ALA C 900 61.62 -15.70 -7.25
CA ALA C 900 60.73 -16.85 -7.01
C ALA C 900 60.49 -17.03 -5.52
N ASN C 901 61.57 -17.01 -4.73
CA ASN C 901 61.40 -17.11 -3.28
C ASN C 901 60.52 -15.98 -2.77
N GLN C 902 60.77 -14.76 -3.21
CA GLN C 902 59.93 -13.64 -2.81
C GLN C 902 58.47 -13.92 -3.14
N PHE C 903 58.22 -14.56 -4.28
CA PHE C 903 56.86 -14.96 -4.62
C PHE C 903 56.37 -16.04 -3.67
N ASN C 904 57.18 -17.09 -3.47
CA ASN C 904 56.74 -18.21 -2.64
C ASN C 904 56.39 -17.73 -1.24
N SER C 905 57.29 -17.00 -0.60
CA SER C 905 57.02 -16.49 0.74
C SER C 905 55.71 -15.70 0.77
N ALA C 906 55.45 -14.95 -0.31
CA ALA C 906 54.22 -14.15 -0.35
C ALA C 906 53.00 -15.04 -0.17
N ILE C 907 53.00 -16.20 -0.84
CA ILE C 907 51.88 -17.13 -0.69
C ILE C 907 51.70 -17.49 0.79
N GLY C 908 52.81 -17.76 1.48
CA GLY C 908 52.71 -18.04 2.90
C GLY C 908 52.03 -16.91 3.65
N LYS C 909 52.40 -15.66 3.32
CA LYS C 909 51.78 -14.52 3.97
C LYS C 909 50.26 -14.56 3.81
N ILE C 910 49.78 -15.03 2.66
CA ILE C 910 48.34 -15.13 2.45
C ILE C 910 47.71 -15.94 3.57
N GLN C 911 48.32 -17.07 3.91
CA GLN C 911 47.81 -17.88 5.01
C GLN C 911 47.73 -17.05 6.28
N ASP C 912 48.79 -16.30 6.57
CA ASP C 912 48.77 -15.44 7.75
C ASP C 912 47.61 -14.44 7.68
N SER C 913 47.33 -13.92 6.48
CA SER C 913 46.23 -12.98 6.33
C SER C 913 44.92 -13.59 6.80
N LEU C 914 44.79 -14.92 6.68
CA LEU C 914 43.60 -15.58 7.17
C LEU C 914 43.60 -15.70 8.69
N SER C 915 44.76 -15.97 9.28
CA SER C 915 44.84 -16.11 10.72
C SER C 915 44.76 -14.75 11.42
N SER C 916 45.43 -13.75 10.87
CA SER C 916 45.49 -12.42 11.48
C SER C 916 44.33 -11.52 11.07
N THR C 917 43.49 -11.94 10.12
CA THR C 917 42.36 -11.14 9.68
C THR C 917 41.28 -12.04 9.13
N ALA C 918 40.12 -12.03 9.79
CA ALA C 918 38.97 -12.81 9.35
C ALA C 918 37.98 -11.98 8.53
N SER C 919 38.29 -10.73 8.23
CA SER C 919 37.40 -9.86 7.48
C SER C 919 37.66 -9.89 5.98
N ALA C 920 38.56 -10.74 5.51
CA ALA C 920 38.84 -10.81 4.07
C ALA C 920 37.59 -11.19 3.28
N LEU C 921 36.83 -12.17 3.79
CA LEU C 921 35.59 -12.61 3.17
C LEU C 921 34.38 -11.86 3.71
N GLY C 922 34.58 -10.62 4.18
CA GLY C 922 33.47 -9.89 4.78
C GLY C 922 32.32 -9.65 3.82
N LYS C 923 32.63 -9.38 2.55
CA LYS C 923 31.60 -9.06 1.58
C LYS C 923 30.63 -10.23 1.40
N LEU C 924 31.16 -11.41 1.12
CA LEU C 924 30.32 -12.58 0.88
C LEU C 924 29.51 -12.93 2.12
N GLN C 925 30.16 -12.92 3.29
CA GLN C 925 29.46 -13.24 4.52
C GLN C 925 28.34 -12.24 4.80
N ASP C 926 28.60 -10.95 4.59
CA ASP C 926 27.58 -9.94 4.82
C ASP C 926 26.42 -10.12 3.85
N VAL C 927 26.71 -10.42 2.58
CA VAL C 927 25.64 -10.62 1.61
C VAL C 927 24.78 -11.81 2.00
N VAL C 928 25.42 -12.92 2.39
CA VAL C 928 24.66 -14.10 2.78
C VAL C 928 23.82 -13.81 4.02
N ASN C 929 24.41 -13.11 5.00
CA ASN C 929 23.67 -12.78 6.21
C ASN C 929 22.46 -11.90 5.90
N GLN C 930 22.65 -10.91 5.02
CA GLN C 930 21.54 -10.04 4.66
C GLN C 930 20.43 -10.82 3.96
N ASN C 931 20.80 -11.71 3.03
CA ASN C 931 19.80 -12.51 2.34
C ASN C 931 19.03 -13.41 3.32
N ALA C 932 19.77 -14.06 4.22
CA ALA C 932 19.12 -14.93 5.20
C ALA C 932 18.20 -14.14 6.11
N GLN C 933 18.65 -12.96 6.57
CA GLN C 933 17.81 -12.13 7.43
C GLN C 933 16.55 -11.69 6.71
N ALA C 934 16.67 -11.28 5.45
CA ALA C 934 15.49 -10.88 4.68
C ALA C 934 14.52 -12.03 4.51
N LEU C 935 15.02 -13.22 4.17
CA LEU C 935 14.14 -14.37 4.01
C LEU C 935 13.45 -14.71 5.32
N ASN C 936 14.20 -14.71 6.43
CA ASN C 936 13.61 -15.03 7.72
C ASN C 936 12.54 -14.00 8.10
N THR C 937 12.83 -12.72 7.89
CA THR C 937 11.85 -11.68 8.20
C THR C 937 10.59 -11.85 7.37
N LEU C 938 10.75 -12.15 6.07
CA LEU C 938 9.59 -12.40 5.23
C LEU C 938 8.79 -13.58 5.74
N VAL C 939 9.48 -14.61 6.24
CA VAL C 939 8.78 -15.78 6.77
C VAL C 939 7.97 -15.40 8.01
N LYS C 940 8.59 -14.68 8.94
CA LYS C 940 7.87 -14.33 10.18
C LYS C 940 6.73 -13.36 9.89
N GLN C 941 6.85 -12.55 8.84
CA GLN C 941 5.79 -11.61 8.53
C GLN C 941 4.48 -12.31 8.21
N LEU C 942 4.51 -13.61 7.86
CA LEU C 942 3.29 -14.35 7.61
C LEU C 942 2.39 -14.38 8.84
N SER C 943 2.98 -14.31 10.04
CA SER C 943 2.23 -14.39 11.28
C SER C 943 1.77 -13.01 11.77
N SER C 944 2.05 -11.95 11.02
CA SER C 944 1.64 -10.61 11.40
C SER C 944 0.14 -10.47 11.31
N ASN C 945 -0.44 -9.82 12.32
CA ASN C 945 -1.89 -9.68 12.39
C ASN C 945 -2.44 -8.67 11.39
N PHE C 946 -1.74 -7.55 11.21
CA PHE C 946 -2.21 -6.48 10.31
C PHE C 946 -3.58 -5.97 10.74
N GLY C 947 -3.82 -5.95 12.05
CA GLY C 947 -5.05 -5.41 12.59
C GLY C 947 -6.25 -6.32 12.52
N ALA C 948 -6.08 -7.56 12.07
CA ALA C 948 -7.19 -8.49 11.97
C ALA C 948 -7.48 -9.14 13.32
N ILE C 949 -8.57 -9.90 13.38
CA ILE C 949 -8.89 -10.63 14.60
C ILE C 949 -7.87 -11.73 14.86
N SER C 950 -7.37 -12.36 13.81
CA SER C 950 -6.37 -13.42 13.96
C SER C 950 -5.46 -13.41 12.75
N SER C 951 -4.29 -14.01 12.91
CA SER C 951 -3.29 -14.08 11.85
C SER C 951 -3.39 -15.36 11.02
N VAL C 952 -4.36 -16.23 11.31
CA VAL C 952 -4.54 -17.48 10.60
C VAL C 952 -5.89 -17.46 9.90
N LEU C 953 -5.89 -17.73 8.59
CA LEU C 953 -7.12 -17.70 7.82
C LEU C 953 -8.10 -18.75 8.32
N ASN C 954 -7.62 -19.96 8.63
CA ASN C 954 -8.51 -21.02 9.08
C ASN C 954 -9.21 -20.64 10.37
N ASP C 955 -8.50 -20.03 11.32
CA ASP C 955 -9.12 -19.59 12.56
C ASP C 955 -10.20 -18.55 12.29
N ILE C 956 -9.93 -17.61 11.39
CA ILE C 956 -10.91 -16.59 11.05
C ILE C 956 -12.17 -17.24 10.47
N LEU C 957 -11.99 -18.17 9.54
CA LEU C 957 -13.14 -18.83 8.92
C LEU C 957 -13.93 -19.62 9.95
N SER C 958 -13.25 -20.34 10.84
CA SER C 958 -13.94 -21.17 11.81
C SER C 958 -14.70 -20.32 12.82
N ARG C 959 -14.03 -19.33 13.42
CA ARG C 959 -14.67 -18.52 14.45
C ARG C 959 -15.63 -17.49 13.86
N LEU C 960 -15.28 -16.92 12.72
CA LEU C 960 -16.05 -15.84 12.12
C LEU C 960 -16.61 -16.28 10.77
N ASP C 961 -17.80 -15.75 10.44
CA ASP C 961 -18.47 -16.11 9.21
C ASP C 961 -17.70 -15.61 8.00
N PRO C 962 -17.80 -16.30 6.86
CA PRO C 962 -17.04 -15.90 5.66
C PRO C 962 -17.39 -14.49 5.21
N PRO C 963 -18.67 -14.18 4.98
CA PRO C 963 -19.00 -12.91 4.32
C PRO C 963 -18.47 -11.69 5.05
N GLU C 964 -18.54 -11.65 6.38
CA GLU C 964 -18.04 -10.49 7.11
C GLU C 964 -16.52 -10.55 7.25
N ALA C 965 -15.95 -11.76 7.16
CA ALA C 965 -14.51 -11.90 7.24
C ALA C 965 -13.82 -11.45 5.95
N GLU C 966 -14.60 -11.14 4.92
CA GLU C 966 -14.02 -10.75 3.64
C GLU C 966 -13.12 -9.54 3.78
N VAL C 967 -13.55 -8.56 4.57
CA VAL C 967 -12.75 -7.35 4.76
C VAL C 967 -11.42 -7.69 5.42
N GLN C 968 -11.45 -8.53 6.47
CA GLN C 968 -10.21 -8.89 7.15
C GLN C 968 -9.28 -9.65 6.21
N ILE C 969 -9.84 -10.58 5.42
CA ILE C 969 -9.02 -11.33 4.47
C ILE C 969 -8.40 -10.38 3.45
N ASP C 970 -9.18 -9.42 2.95
CA ASP C 970 -8.66 -8.48 1.96
C ASP C 970 -7.54 -7.65 2.55
N ARG C 971 -7.70 -7.19 3.80
CA ARG C 971 -6.65 -6.41 4.44
C ARG C 971 -5.39 -7.24 4.63
N LEU C 972 -5.54 -8.50 5.07
CA LEU C 972 -4.38 -9.36 5.25
C LEU C 972 -3.67 -9.59 3.91
N ILE C 973 -4.42 -9.83 2.85
CA ILE C 973 -3.82 -10.04 1.54
C ILE C 973 -3.09 -8.79 1.07
N THR C 974 -3.69 -7.62 1.31
CA THR C 974 -3.04 -6.37 0.92
C THR C 974 -1.73 -6.18 1.68
N GLY C 975 -1.74 -6.46 2.99
CA GLY C 975 -0.52 -6.34 3.76
C GLY C 975 0.57 -7.29 3.28
N ARG C 976 0.19 -8.55 3.01
CA ARG C 976 1.15 -9.52 2.52
C ARG C 976 1.69 -9.11 1.15
N LEU C 977 0.83 -8.57 0.28
CA LEU C 977 1.27 -8.10 -1.02
C LEU C 977 2.24 -6.94 -0.88
N GLN C 978 1.97 -6.01 0.03
CA GLN C 978 2.89 -4.90 0.25
C GLN C 978 4.24 -5.41 0.75
N SER C 979 4.22 -6.36 1.68
CA SER C 979 5.47 -6.95 2.16
C SER C 979 6.24 -7.63 1.04
N LEU C 980 5.52 -8.38 0.19
CA LEU C 980 6.17 -9.05 -0.94
C LEU C 980 6.78 -8.03 -1.90
N GLN C 981 6.06 -6.93 -2.16
CA GLN C 981 6.60 -5.90 -3.04
C GLN C 981 7.85 -5.28 -2.46
N THR C 982 7.84 -5.01 -1.15
CA THR C 982 9.03 -4.45 -0.51
C THR C 982 10.20 -5.42 -0.61
N TYR C 983 9.94 -6.71 -0.37
CA TYR C 983 11.00 -7.71 -0.46
C TYR C 983 11.55 -7.80 -1.88
N VAL C 984 10.66 -7.73 -2.88
CA VAL C 984 11.10 -7.82 -4.27
C VAL C 984 11.93 -6.59 -4.64
N THR C 985 11.52 -5.42 -4.14
CA THR C 985 12.31 -4.21 -4.40
C THR C 985 13.70 -4.33 -3.79
N GLN C 986 13.77 -4.82 -2.55
CA GLN C 986 15.08 -5.03 -1.93
C GLN C 986 15.90 -6.04 -2.72
N GLN C 987 15.24 -7.09 -3.24
CA GLN C 987 15.95 -8.07 -4.06
C GLN C 987 16.48 -7.43 -5.34
N LEU C 988 15.72 -6.51 -5.92
CA LEU C 988 16.20 -5.79 -7.10
C LEU C 988 17.43 -4.96 -6.78
N ILE C 989 17.42 -4.28 -5.62
CA ILE C 989 18.61 -3.50 -5.24
C ILE C 989 19.81 -4.43 -5.04
N ARG C 990 19.59 -5.56 -4.39
CA ARG C 990 20.68 -6.51 -4.18
C ARG C 990 21.19 -7.06 -5.51
N ALA C 991 20.29 -7.33 -6.46
CA ALA C 991 20.70 -7.82 -7.77
C ALA C 991 21.51 -6.77 -8.52
N ALA C 992 21.10 -5.50 -8.45
CA ALA C 992 21.88 -4.42 -9.04
C ALA C 992 23.27 -4.31 -8.40
N GLU C 993 23.35 -4.43 -7.07
CA GLU C 993 24.64 -4.44 -6.39
C GLU C 993 25.51 -5.59 -6.87
N ILE C 994 24.95 -6.80 -6.97
CA ILE C 994 25.72 -7.97 -7.35
C ILE C 994 26.20 -7.85 -8.80
N ARG C 995 25.33 -7.37 -9.69
CA ARG C 995 25.77 -7.20 -11.07
C ARG C 995 26.86 -6.15 -11.19
N ALA C 996 26.74 -5.05 -10.44
CA ALA C 996 27.78 -4.03 -10.43
C ALA C 996 29.12 -4.57 -9.95
N SER C 997 29.11 -5.39 -8.88
CA SER C 997 30.33 -6.05 -8.45
C SER C 997 30.86 -7.03 -9.49
N ALA C 998 29.98 -7.80 -10.13
CA ALA C 998 30.42 -8.82 -11.09
C ALA C 998 31.01 -8.18 -12.34
N ASN C 999 30.47 -7.04 -12.76
CA ASN C 999 31.05 -6.36 -13.92
C ASN C 999 32.47 -5.91 -13.64
N LEU C 1000 32.71 -5.35 -12.45
CA LEU C 1000 34.07 -4.96 -12.08
C LEU C 1000 34.97 -6.19 -11.98
N ALA C 1001 34.45 -7.29 -11.41
CA ALA C 1001 35.25 -8.51 -11.31
C ALA C 1001 35.64 -9.02 -12.69
N ALA C 1002 34.70 -9.03 -13.64
CA ALA C 1002 34.99 -9.45 -15.00
C ALA C 1002 35.97 -8.53 -15.69
N THR C 1003 35.84 -7.21 -15.50
CA THR C 1003 36.79 -6.27 -16.08
C THR C 1003 38.20 -6.52 -15.54
N LYS C 1004 38.31 -6.75 -14.23
CA LYS C 1004 39.61 -7.05 -13.65
C LYS C 1004 40.17 -8.36 -14.20
N MET C 1005 39.32 -9.38 -14.32
CA MET C 1005 39.76 -10.66 -14.88
C MET C 1005 40.30 -10.47 -16.30
N SER C 1006 39.58 -9.71 -17.12
CA SER C 1006 40.03 -9.46 -18.48
C SER C 1006 41.34 -8.69 -18.48
N GLU C 1007 41.48 -7.72 -17.57
CA GLU C 1007 42.66 -6.87 -17.51
C GLU C 1007 43.72 -7.42 -16.58
N CYS C 1008 43.38 -7.59 -15.30
CA CYS C 1008 44.36 -7.99 -14.30
C CYS C 1008 44.91 -9.39 -14.57
N VAL C 1009 44.02 -10.32 -14.92
CA VAL C 1009 44.43 -11.72 -15.01
C VAL C 1009 44.91 -12.06 -16.42
N LEU C 1010 44.03 -11.91 -17.40
CA LEU C 1010 44.39 -12.30 -18.77
C LEU C 1010 45.54 -11.47 -19.31
N GLY C 1011 45.52 -10.16 -19.08
CA GLY C 1011 46.57 -9.29 -19.57
C GLY C 1011 47.27 -8.51 -18.48
N GLN C 1012 47.98 -7.45 -18.87
CA GLN C 1012 48.66 -6.57 -17.93
C GLN C 1012 48.01 -5.20 -18.03
N SER C 1013 47.59 -4.65 -16.89
CA SER C 1013 46.88 -3.38 -16.85
C SER C 1013 47.81 -2.28 -16.38
N LYS C 1014 47.84 -1.17 -17.12
CA LYS C 1014 48.61 0.01 -16.75
C LYS C 1014 47.88 0.92 -15.78
N ARG C 1015 46.62 0.60 -15.46
CA ARG C 1015 45.84 1.43 -14.56
C ARG C 1015 46.38 1.32 -13.13
N VAL C 1016 46.55 2.45 -12.47
CA VAL C 1016 47.14 2.47 -11.14
C VAL C 1016 46.08 2.13 -10.10
N ASP C 1017 46.45 1.28 -9.15
CA ASP C 1017 45.59 0.88 -8.03
C ASP C 1017 44.33 0.17 -8.52
N PHE C 1018 44.34 -0.31 -9.77
CA PHE C 1018 43.19 -1.07 -10.28
C PHE C 1018 43.38 -2.57 -10.02
N CYS C 1019 44.59 -3.07 -10.27
CA CYS C 1019 44.93 -4.47 -10.05
C CYS C 1019 45.78 -4.64 -8.80
N GLY C 1020 45.49 -3.86 -7.77
CA GLY C 1020 46.24 -3.93 -6.53
C GLY C 1020 47.28 -2.83 -6.43
N LYS C 1021 47.67 -2.52 -5.19
CA LYS C 1021 48.66 -1.47 -4.96
C LYS C 1021 49.99 -1.85 -5.58
N GLY C 1022 50.68 -0.86 -6.14
CA GLY C 1022 51.96 -1.06 -6.78
C GLY C 1022 51.81 -1.41 -8.26
N TYR C 1023 52.94 -1.36 -8.95
CA TYR C 1023 52.95 -1.69 -10.37
C TYR C 1023 52.52 -3.13 -10.58
N HIS C 1024 51.55 -3.31 -11.48
CA HIS C 1024 50.92 -4.60 -11.73
C HIS C 1024 51.86 -5.50 -12.51
N LEU C 1025 52.02 -6.74 -12.06
CA LEU C 1025 52.75 -7.77 -12.78
C LEU C 1025 51.83 -8.84 -13.33
N MET C 1026 50.96 -9.40 -12.49
CA MET C 1026 50.00 -10.40 -12.94
C MET C 1026 48.95 -10.60 -11.86
N SER C 1027 47.96 -11.44 -12.14
CA SER C 1027 46.90 -11.72 -11.18
C SER C 1027 46.43 -13.15 -11.36
N PHE C 1028 46.08 -13.78 -10.23
CA PHE C 1028 45.63 -15.17 -10.21
C PHE C 1028 44.18 -15.19 -9.73
N PRO C 1029 43.27 -15.82 -10.45
CA PRO C 1029 41.89 -15.95 -9.96
C PRO C 1029 41.69 -17.21 -9.13
N GLN C 1030 40.71 -17.13 -8.23
CA GLN C 1030 40.35 -18.26 -7.37
C GLN C 1030 38.85 -18.24 -7.16
N SER C 1031 38.25 -19.44 -7.10
CA SER C 1031 36.83 -19.56 -6.87
C SER C 1031 36.49 -19.26 -5.41
N ALA C 1032 35.26 -18.78 -5.19
CA ALA C 1032 34.76 -18.51 -3.86
C ALA C 1032 33.25 -18.67 -3.89
N PRO C 1033 32.64 -19.11 -2.78
CA PRO C 1033 31.19 -19.34 -2.79
C PRO C 1033 30.44 -18.04 -3.08
N HIS C 1034 29.73 -18.03 -4.22
CA HIS C 1034 29.00 -16.83 -4.65
C HIS C 1034 29.94 -15.64 -4.76
N GLY C 1035 31.15 -15.89 -5.26
CA GLY C 1035 32.10 -14.80 -5.40
C GLY C 1035 33.38 -15.29 -6.05
N VAL C 1036 34.32 -14.36 -6.21
CA VAL C 1036 35.62 -14.66 -6.80
C VAL C 1036 36.68 -13.96 -5.97
N VAL C 1037 37.92 -14.44 -6.07
CA VAL C 1037 39.05 -13.87 -5.35
C VAL C 1037 40.16 -13.62 -6.35
N PHE C 1038 40.81 -12.46 -6.25
CA PHE C 1038 41.94 -12.11 -7.10
C PHE C 1038 43.18 -11.89 -6.24
N LEU C 1039 44.24 -12.61 -6.57
CA LEU C 1039 45.55 -12.44 -5.92
C LEU C 1039 46.45 -11.68 -6.89
N HIS C 1040 46.76 -10.44 -6.56
CA HIS C 1040 47.50 -9.56 -7.46
C HIS C 1040 48.98 -9.60 -7.10
N VAL C 1041 49.79 -10.17 -7.99
CA VAL C 1041 51.25 -10.11 -7.84
C VAL C 1041 51.71 -8.82 -8.52
N THR C 1042 52.37 -7.96 -7.75
CA THR C 1042 52.76 -6.63 -8.21
C THR C 1042 54.24 -6.39 -7.93
N TYR C 1043 54.73 -5.27 -8.45
CA TYR C 1043 56.12 -4.86 -8.29
C TYR C 1043 56.13 -3.59 -7.43
N VAL C 1044 56.87 -3.63 -6.33
CA VAL C 1044 56.93 -2.53 -5.38
C VAL C 1044 58.40 -2.31 -5.01
N PRO C 1045 58.91 -1.08 -5.07
CA PRO C 1045 60.28 -0.83 -4.62
C PRO C 1045 60.44 -1.14 -3.13
N ALA C 1046 61.65 -1.56 -2.77
CA ALA C 1046 61.96 -1.93 -1.39
C ALA C 1046 62.91 -0.94 -0.75
N GLN C 1047 64.06 -0.66 -1.36
CA GLN C 1047 65.07 0.24 -0.81
C GLN C 1047 65.30 1.37 -1.80
N GLU C 1048 65.35 2.60 -1.27
CA GLU C 1048 65.56 3.79 -2.09
C GLU C 1048 66.74 4.60 -1.55
N LYS C 1049 67.46 5.24 -2.46
CA LYS C 1049 68.63 6.03 -2.11
C LYS C 1049 68.55 7.37 -2.83
N ASN C 1050 69.12 8.41 -2.20
CA ASN C 1050 69.10 9.74 -2.79
C ASN C 1050 70.30 9.94 -3.71
N PHE C 1051 70.11 10.78 -4.73
CA PHE C 1051 71.15 11.07 -5.69
C PHE C 1051 70.96 12.51 -6.18
N THR C 1052 72.01 13.04 -6.78
CA THR C 1052 71.99 14.38 -7.38
C THR C 1052 71.80 14.22 -8.88
N THR C 1053 70.75 14.86 -9.40
CA THR C 1053 70.38 14.74 -10.81
C THR C 1053 70.43 16.12 -11.48
N ALA C 1054 70.65 16.09 -12.79
CA ALA C 1054 70.71 17.31 -13.59
C ALA C 1054 69.75 17.12 -14.77
N PRO C 1055 69.19 18.21 -15.31
CA PRO C 1055 68.24 18.06 -16.42
C PRO C 1055 68.85 17.41 -17.65
N ALA C 1056 70.13 17.66 -17.94
CA ALA C 1056 70.78 17.10 -19.11
C ALA C 1056 72.28 17.34 -19.01
N ILE C 1057 73.00 16.96 -20.06
CA ILE C 1057 74.44 17.14 -20.15
C ILE C 1057 74.77 17.73 -21.51
N CYS C 1058 75.50 18.84 -21.52
CA CYS C 1058 75.92 19.47 -22.76
C CYS C 1058 77.42 19.73 -22.69
N HIS C 1059 78.20 18.95 -23.44
CA HIS C 1059 79.66 18.93 -23.29
C HIS C 1059 80.37 19.87 -24.26
N ASP C 1060 80.14 19.71 -25.57
CA ASP C 1060 80.83 20.52 -26.57
C ASP C 1060 79.89 21.48 -27.28
N GLY C 1061 78.91 22.04 -26.56
CA GLY C 1061 77.91 22.94 -27.12
C GLY C 1061 76.63 22.22 -27.52
N LYS C 1062 76.69 20.91 -27.69
CA LYS C 1062 75.50 20.14 -28.02
C LYS C 1062 75.01 19.38 -26.78
N ALA C 1063 73.70 19.47 -26.54
CA ALA C 1063 73.10 18.82 -25.39
C ALA C 1063 73.01 17.32 -25.62
N HIS C 1064 72.77 16.59 -24.53
CA HIS C 1064 72.65 15.14 -24.57
C HIS C 1064 71.54 14.72 -23.62
N PHE C 1065 70.39 14.39 -24.18
CA PHE C 1065 69.23 14.03 -23.39
C PHE C 1065 69.11 12.51 -23.31
N PRO C 1066 68.64 11.97 -22.18
CA PRO C 1066 68.58 10.51 -22.04
C PRO C 1066 67.35 9.94 -22.75
N ARG C 1067 67.61 8.98 -23.65
CA ARG C 1067 66.50 8.28 -24.30
C ARG C 1067 65.69 7.48 -23.29
N GLU C 1068 66.38 6.81 -22.36
CA GLU C 1068 65.73 6.06 -21.29
C GLU C 1068 66.60 6.15 -20.06
N GLY C 1069 66.00 6.44 -18.91
CA GLY C 1069 66.76 6.53 -17.67
C GLY C 1069 67.07 7.97 -17.30
N VAL C 1070 67.35 8.18 -16.02
CA VAL C 1070 67.65 9.51 -15.51
C VAL C 1070 69.07 9.55 -14.96
N PHE C 1071 69.77 10.64 -15.24
CA PHE C 1071 71.13 10.80 -14.76
C PHE C 1071 71.16 10.92 -13.25
N VAL C 1072 72.21 10.35 -12.65
CA VAL C 1072 72.41 10.38 -11.21
C VAL C 1072 73.89 10.72 -10.95
N SER C 1073 74.17 11.14 -9.72
CA SER C 1073 75.53 11.48 -9.32
C SER C 1073 75.75 11.06 -7.87
N ASN C 1074 76.96 10.57 -7.60
CA ASN C 1074 77.38 10.22 -6.25
C ASN C 1074 78.19 11.32 -5.59
N GLY C 1075 78.31 12.48 -6.24
CA GLY C 1075 79.09 13.59 -5.73
C GLY C 1075 80.36 13.86 -6.51
N THR C 1076 80.92 12.85 -7.17
CA THR C 1076 82.12 13.00 -7.97
C THR C 1076 81.91 12.65 -9.43
N HIS C 1077 81.25 11.52 -9.71
CA HIS C 1077 81.04 11.05 -11.07
C HIS C 1077 79.57 11.10 -11.42
N TRP C 1078 79.28 11.28 -12.71
CA TRP C 1078 77.92 11.27 -13.23
C TRP C 1078 77.67 9.98 -13.99
N PHE C 1079 76.57 9.31 -13.67
CA PHE C 1079 76.22 8.05 -14.30
C PHE C 1079 74.78 8.13 -14.81
N VAL C 1080 74.39 7.16 -15.64
CA VAL C 1080 73.05 7.07 -16.18
C VAL C 1080 72.45 5.74 -15.71
N THR C 1081 71.25 5.80 -15.16
CA THR C 1081 70.56 4.63 -14.64
C THR C 1081 69.13 4.60 -15.18
N GLN C 1082 68.59 3.40 -15.26
CA GLN C 1082 67.25 3.22 -15.82
C GLN C 1082 66.19 3.75 -14.87
N ARG C 1083 64.98 3.90 -15.40
CA ARG C 1083 63.94 4.71 -14.77
C ARG C 1083 63.54 4.19 -13.39
N ASN C 1084 63.22 2.90 -13.27
CA ASN C 1084 62.58 2.38 -12.06
C ASN C 1084 63.50 1.52 -11.21
N PHE C 1085 64.80 1.48 -11.49
CA PHE C 1085 65.72 0.68 -10.71
C PHE C 1085 67.13 1.23 -10.89
N TYR C 1086 67.97 1.07 -9.86
CA TYR C 1086 69.33 1.58 -9.90
C TYR C 1086 70.24 0.66 -10.69
N GLU C 1087 70.82 1.17 -11.76
CA GLU C 1087 71.73 0.39 -12.62
C GLU C 1087 72.64 1.35 -13.36
N PRO C 1088 73.58 1.98 -12.66
CA PRO C 1088 74.44 2.97 -13.31
C PRO C 1088 75.29 2.36 -14.40
N GLN C 1089 75.51 3.14 -15.45
CA GLN C 1089 76.35 2.72 -16.57
C GLN C 1089 77.08 3.94 -17.12
N ILE C 1090 78.18 3.68 -17.84
CA ILE C 1090 78.91 4.76 -18.45
C ILE C 1090 78.06 5.43 -19.53
N ILE C 1091 78.07 6.75 -19.55
CA ILE C 1091 77.28 7.53 -20.51
C ILE C 1091 77.93 7.39 -21.87
N THR C 1092 77.14 7.00 -22.86
CA THR C 1092 77.60 6.81 -24.23
C THR C 1092 76.59 7.42 -25.20
N THR C 1093 77.08 7.73 -26.40
CA THR C 1093 76.21 8.31 -27.43
C THR C 1093 75.09 7.37 -27.82
N ASP C 1094 75.22 6.06 -27.57
CA ASP C 1094 74.19 5.10 -27.90
C ASP C 1094 72.90 5.33 -27.11
N ASN C 1095 73.00 5.65 -25.82
CA ASN C 1095 71.84 5.80 -24.97
C ASN C 1095 71.32 7.23 -24.92
N THR C 1096 71.94 8.16 -25.64
CA THR C 1096 71.52 9.56 -25.63
C THR C 1096 71.61 10.12 -27.05
N PHE C 1097 70.83 11.17 -27.30
CA PHE C 1097 70.86 11.88 -28.58
C PHE C 1097 70.99 13.38 -28.34
N VAL C 1098 71.28 14.10 -29.41
CA VAL C 1098 71.59 15.52 -29.36
C VAL C 1098 70.34 16.32 -29.72
N SER C 1099 69.98 17.26 -28.84
CA SER C 1099 68.84 18.15 -29.08
C SER C 1099 69.05 19.41 -28.25
N GLY C 1100 69.31 20.53 -28.93
CA GLY C 1100 69.52 21.78 -28.24
C GLY C 1100 70.98 22.01 -27.89
N ASN C 1101 71.21 23.18 -27.29
CA ASN C 1101 72.55 23.61 -26.90
C ASN C 1101 72.67 23.70 -25.38
N CYS C 1102 73.85 24.09 -24.92
CA CYS C 1102 74.06 24.27 -23.48
C CYS C 1102 73.18 25.39 -22.95
N ASP C 1103 73.08 26.50 -23.68
CA ASP C 1103 72.38 27.68 -23.20
C ASP C 1103 70.88 27.42 -23.03
N VAL C 1104 70.29 26.70 -23.99
CA VAL C 1104 68.83 26.56 -24.00
C VAL C 1104 68.35 25.87 -22.72
N VAL C 1105 69.06 24.84 -22.27
CA VAL C 1105 68.66 24.13 -21.07
C VAL C 1105 68.95 24.99 -19.85
N ILE C 1106 68.15 24.82 -18.81
CA ILE C 1106 68.29 25.56 -17.55
C ILE C 1106 68.67 24.55 -16.47
N GLY C 1107 69.73 24.85 -15.73
CA GLY C 1107 70.26 23.95 -14.74
C GLY C 1107 71.16 22.87 -15.29
N ILE C 1108 71.54 22.94 -16.57
CA ILE C 1108 72.35 21.89 -17.17
C ILE C 1108 73.74 21.89 -16.55
N VAL C 1109 74.41 20.74 -16.66
CA VAL C 1109 75.75 20.55 -16.13
C VAL C 1109 76.64 19.97 -17.23
N ASN C 1110 77.94 20.14 -17.06
CA ASN C 1110 78.93 19.68 -18.03
C ASN C 1110 79.56 18.38 -17.57
N ASN C 1111 79.73 17.45 -18.53
CA ASN C 1111 80.34 16.15 -18.26
C ASN C 1111 80.85 15.61 -19.59
N THR C 1112 81.69 14.58 -19.49
CA THR C 1112 82.27 13.93 -20.66
C THR C 1112 81.45 12.68 -20.99
N VAL C 1113 81.20 12.47 -22.28
CA VAL C 1113 80.43 11.33 -22.76
C VAL C 1113 81.40 10.39 -23.47
N TYR C 1114 81.38 9.11 -23.09
CA TYR C 1114 82.27 8.13 -23.70
C TYR C 1114 81.83 7.89 -25.13
N ASP C 1115 82.73 8.18 -26.08
CA ASP C 1115 82.46 7.97 -27.49
C ASP C 1115 83.17 6.71 -27.95
N PRO C 1116 82.46 5.63 -28.30
CA PRO C 1116 83.16 4.41 -28.74
C PRO C 1116 84.01 4.63 -29.97
N LEU C 1117 83.67 5.59 -30.82
CA LEU C 1117 84.43 5.82 -32.05
C LEU C 1117 85.85 6.27 -31.74
N GLN C 1118 86.03 7.12 -30.73
CA GLN C 1118 87.34 7.70 -30.44
C GLN C 1118 88.44 6.66 -30.21
N PRO C 1119 88.26 5.68 -29.33
CA PRO C 1119 89.35 4.69 -29.15
C PRO C 1119 89.69 3.92 -30.40
N GLU C 1120 88.71 3.65 -31.27
CA GLU C 1120 88.99 2.91 -32.50
C GLU C 1120 89.95 3.70 -33.40
N LEU C 1121 89.75 5.01 -33.52
CA LEU C 1121 90.62 5.83 -34.35
C LEU C 1121 92.05 5.92 -33.81
N ASP C 1122 92.26 5.62 -32.53
CA ASP C 1122 93.61 5.68 -31.97
C ASP C 1122 94.53 4.68 -32.64
N SER C 1123 94.05 3.46 -32.89
CA SER C 1123 94.87 2.43 -33.52
C SER C 1123 94.94 2.65 -35.02
N HIS D 1 -52.36 66.93 35.54
CA HIS D 1 -52.45 66.91 34.05
C HIS D 1 -51.12 67.31 33.43
N VAL D 2 -50.74 66.62 32.36
CA VAL D 2 -49.48 66.86 31.65
C VAL D 2 -49.83 67.30 30.23
N GLN D 3 -49.30 68.45 29.82
CA GLN D 3 -49.55 69.00 28.48
C GLN D 3 -48.35 68.65 27.61
N LEU D 4 -48.58 67.77 26.62
CA LEU D 4 -47.53 67.35 25.71
C LEU D 4 -47.46 68.19 24.44
N VAL D 5 -48.33 69.20 24.31
CA VAL D 5 -48.31 70.04 23.12
C VAL D 5 -47.02 70.84 23.09
N GLU D 6 -46.36 70.87 21.93
CA GLU D 6 -45.11 71.60 21.75
C GLU D 6 -45.28 72.82 20.85
N SER D 7 -45.83 72.64 19.65
CA SER D 7 -46.03 73.74 18.72
C SER D 7 -47.18 73.41 17.80
N GLY D 8 -47.75 74.45 17.18
CA GLY D 8 -48.86 74.24 16.28
C GLY D 8 -48.50 73.42 15.06
N GLY D 9 -47.33 73.67 14.48
CA GLY D 9 -46.90 72.94 13.31
C GLY D 9 -46.04 73.83 12.42
N GLY D 10 -45.90 73.40 11.18
CA GLY D 10 -45.11 74.16 10.22
C GLY D 10 -45.16 73.50 8.86
N LEU D 11 -44.56 74.17 7.89
CA LEU D 11 -44.53 73.67 6.53
C LEU D 11 -43.67 72.41 6.44
N VAL D 12 -44.11 71.49 5.59
CA VAL D 12 -43.42 70.22 5.37
C VAL D 12 -43.17 70.07 3.87
N GLN D 13 -41.92 69.77 3.51
CA GLN D 13 -41.56 69.60 2.11
C GLN D 13 -41.67 68.13 1.70
N ALA D 14 -41.67 67.90 0.40
CA ALA D 14 -41.79 66.54 -0.13
C ALA D 14 -40.59 65.72 0.31
N GLY D 15 -40.86 64.50 0.79
CA GLY D 15 -39.78 63.63 1.23
C GLY D 15 -38.96 64.20 2.36
N GLY D 16 -39.61 64.90 3.29
CA GLY D 16 -38.91 65.49 4.41
C GLY D 16 -38.66 64.50 5.53
N SER D 17 -37.92 64.97 6.53
CA SER D 17 -37.60 64.16 7.71
C SER D 17 -37.45 65.08 8.90
N LEU D 18 -38.48 65.10 9.77
CA LEU D 18 -38.48 65.92 10.97
C LEU D 18 -38.54 65.02 12.19
N ARG D 19 -37.67 65.32 13.17
CA ARG D 19 -37.60 64.56 14.42
C ARG D 19 -37.86 65.53 15.56
N LEU D 20 -39.14 65.71 15.91
CA LEU D 20 -39.50 66.61 16.99
C LEU D 20 -39.03 66.05 18.34
N SER D 21 -38.65 66.96 19.23
CA SER D 21 -38.19 66.61 20.56
C SER D 21 -39.17 67.14 21.58
N CYS D 22 -39.66 66.25 22.46
CA CYS D 22 -40.61 66.66 23.48
C CYS D 22 -39.95 67.60 24.48
N ALA D 23 -40.72 68.57 24.95
CA ALA D 23 -40.19 69.53 25.92
C ALA D 23 -39.79 68.83 27.22
N ALA D 24 -40.61 67.89 27.68
CA ALA D 24 -40.33 67.15 28.92
C ALA D 24 -40.14 68.10 30.09
N SER D 25 -40.97 69.14 30.16
CA SER D 25 -40.91 70.13 31.22
C SER D 25 -42.26 70.20 31.92
N GLY D 26 -42.22 70.28 33.25
CA GLY D 26 -43.43 70.35 34.04
C GLY D 26 -43.24 69.80 35.44
N SER D 27 -44.21 68.99 35.90
CA SER D 27 -44.15 68.41 37.23
C SER D 27 -43.33 67.13 37.18
N ILE D 28 -43.22 66.44 38.32
CA ILE D 28 -42.47 65.20 38.39
C ILE D 28 -43.18 64.13 37.58
N PHE D 29 -42.42 63.40 36.76
CA PHE D 29 -42.96 62.35 35.93
C PHE D 29 -43.10 61.06 36.74
N SER D 30 -43.57 60.01 36.08
CA SER D 30 -43.77 58.72 36.72
C SER D 30 -43.66 57.62 35.68
N SER D 31 -43.41 56.40 36.16
CA SER D 31 -43.28 55.23 35.29
C SER D 31 -44.67 54.67 34.99
N ASN D 32 -45.35 55.35 34.08
CA ASN D 32 -46.70 54.98 33.66
C ASN D 32 -46.68 54.54 32.20
N ALA D 33 -47.39 53.45 31.91
CA ALA D 33 -47.47 52.95 30.55
C ALA D 33 -48.20 53.96 29.66
N MET D 34 -47.78 54.02 28.40
CA MET D 34 -48.34 54.94 27.42
C MET D 34 -48.91 54.16 26.24
N SER D 35 -50.02 54.66 25.70
CA SER D 35 -50.67 54.06 24.55
C SER D 35 -50.95 55.12 23.50
N TRP D 36 -50.64 54.80 22.25
CA TRP D 36 -50.81 55.70 21.12
C TRP D 36 -51.89 55.12 20.22
N TYR D 37 -52.90 55.93 19.90
CA TYR D 37 -54.03 55.49 19.09
C TYR D 37 -54.22 56.44 17.90
N ARG D 38 -54.73 55.88 16.82
CA ARG D 38 -55.04 56.64 15.61
C ARG D 38 -56.54 56.66 15.39
N GLN D 39 -57.06 57.82 15.00
CA GLN D 39 -58.49 57.98 14.73
C GLN D 39 -58.67 58.66 13.39
N ALA D 40 -59.73 58.27 12.69
CA ALA D 40 -60.08 58.82 11.40
C ALA D 40 -61.56 58.57 11.15
N PRO D 41 -62.18 59.32 10.23
CA PRO D 41 -63.60 59.11 9.96
C PRO D 41 -63.88 57.68 9.50
N GLY D 42 -64.99 57.13 9.97
CA GLY D 42 -65.40 55.79 9.61
C GLY D 42 -64.72 54.68 10.37
N LYS D 43 -63.83 55.00 11.32
CA LYS D 43 -63.13 53.99 12.09
C LYS D 43 -63.15 54.37 13.56
N GLN D 44 -63.30 53.37 14.42
CA GLN D 44 -63.32 53.58 15.86
C GLN D 44 -61.89 53.55 16.39
N ARG D 45 -61.74 53.63 17.72
CA ARG D 45 -60.42 53.59 18.33
C ARG D 45 -59.80 52.22 18.15
N GLU D 46 -58.49 52.20 17.86
CA GLU D 46 -57.73 50.97 17.70
C GLU D 46 -56.43 51.09 18.48
N LEU D 47 -55.96 49.95 19.00
CA LEU D 47 -54.69 49.89 19.74
C LEU D 47 -53.56 49.92 18.73
N VAL D 48 -53.06 51.13 18.44
CA VAL D 48 -52.02 51.28 17.43
C VAL D 48 -50.65 50.94 18.00
N ALA D 49 -50.31 51.51 19.15
CA ALA D 49 -49.02 51.25 19.76
C ALA D 49 -49.13 51.31 21.28
N SER D 50 -48.26 50.58 21.96
CA SER D 50 -48.22 50.57 23.42
C SER D 50 -46.77 50.46 23.87
N ILE D 51 -46.32 51.45 24.64
CA ILE D 51 -44.96 51.50 25.16
C ILE D 51 -45.02 51.46 26.68
N THR D 52 -44.25 50.55 27.27
CA THR D 52 -44.21 50.39 28.72
C THR D 52 -43.17 51.35 29.30
N SER D 53 -42.85 51.16 30.58
CA SER D 53 -41.88 52.01 31.28
C SER D 53 -40.45 51.53 31.00
N GLY D 54 -40.09 51.55 29.72
CA GLY D 54 -38.77 51.17 29.29
C GLY D 54 -38.57 49.68 29.06
N GLY D 55 -39.57 48.86 29.37
CA GLY D 55 -39.44 47.43 29.16
C GLY D 55 -39.41 47.05 27.70
N ASN D 56 -40.53 47.25 27.01
CA ASN D 56 -40.62 46.97 25.58
C ASN D 56 -41.78 47.77 25.01
N ALA D 57 -41.76 47.92 23.68
CA ALA D 57 -42.79 48.65 22.96
C ALA D 57 -43.35 47.78 21.84
N ASP D 58 -44.66 47.80 21.68
CA ASP D 58 -45.35 47.05 20.64
C ASP D 58 -46.02 48.01 19.68
N TYR D 59 -45.81 47.81 18.38
CA TYR D 59 -46.37 48.64 17.33
C TYR D 59 -47.02 47.76 16.28
N ALA D 60 -48.03 48.31 15.62
CA ALA D 60 -48.71 47.58 14.55
C ALA D 60 -47.80 47.47 13.33
N ASP D 61 -48.08 46.47 12.51
CA ASP D 61 -47.26 46.23 11.33
C ASP D 61 -47.32 47.42 10.37
N SER D 62 -48.50 47.99 10.18
CA SER D 62 -48.64 49.12 9.27
C SER D 62 -47.82 50.32 9.75
N VAL D 63 -47.83 50.58 11.05
CA VAL D 63 -47.13 51.73 11.62
C VAL D 63 -45.75 51.34 12.13
N LYS D 64 -45.31 50.11 11.89
CA LYS D 64 -44.02 49.66 12.39
C LYS D 64 -42.89 50.46 11.75
N GLY D 65 -41.96 50.92 12.58
CA GLY D 65 -40.78 51.64 12.09
C GLY D 65 -40.99 53.08 11.67
N ARG D 66 -41.77 53.30 10.61
CA ARG D 66 -41.96 54.64 10.08
C ARG D 66 -42.62 55.60 11.06
N PHE D 67 -43.58 55.14 11.85
CA PHE D 67 -44.07 55.88 13.00
C PHE D 67 -43.71 55.10 14.26
N THR D 68 -43.00 55.74 15.19
CA THR D 68 -42.64 55.06 16.42
C THR D 68 -42.50 56.07 17.55
N ILE D 69 -42.57 55.55 18.78
CA ILE D 69 -42.38 56.33 19.99
C ILE D 69 -41.42 55.56 20.90
N SER D 70 -40.45 56.27 21.47
CA SER D 70 -39.45 55.66 22.33
C SER D 70 -39.44 56.37 23.68
N ARG D 71 -39.23 55.59 24.75
CA ARG D 71 -39.16 56.11 26.10
C ARG D 71 -37.74 55.94 26.63
N ASP D 72 -37.16 57.04 27.13
CA ASP D 72 -35.80 57.02 27.64
C ASP D 72 -35.64 58.13 28.67
N LYS D 73 -35.20 57.74 29.88
CA LYS D 73 -34.97 58.67 30.98
C LYS D 73 -36.14 59.63 31.16
N ASN D 74 -37.33 59.05 31.27
CA ASN D 74 -38.56 59.82 31.49
C ASN D 74 -38.75 60.87 30.40
N THR D 75 -38.41 60.51 29.17
CA THR D 75 -38.55 61.39 28.02
C THR D 75 -39.11 60.60 26.86
N VAL D 76 -40.00 61.23 26.09
CA VAL D 76 -40.67 60.61 24.96
C VAL D 76 -40.09 61.18 23.68
N TYR D 77 -39.52 60.31 22.84
CA TYR D 77 -38.98 60.71 21.55
C TYR D 77 -39.82 60.10 20.44
N PRO D 78 -40.53 60.90 19.64
CA PRO D 78 -41.26 60.35 18.49
C PRO D 78 -40.40 60.37 17.22
N GLU D 79 -40.45 59.26 16.49
CA GLU D 79 -39.77 59.11 15.21
C GLU D 79 -40.83 59.09 14.12
N MET D 80 -40.72 60.01 13.17
CA MET D 80 -41.71 60.26 12.13
C MET D 80 -41.08 59.97 10.78
N SER D 81 -41.77 59.18 9.96
CA SER D 81 -41.26 58.84 8.63
C SER D 81 -42.43 58.33 7.80
N SER D 82 -42.20 58.26 6.49
CA SER D 82 -43.20 57.79 5.53
C SER D 82 -44.46 58.64 5.60
N LEU D 83 -44.29 59.92 5.27
CA LEU D 83 -45.40 60.87 5.26
C LEU D 83 -46.13 60.77 3.92
N LYS D 84 -47.44 60.51 3.99
CA LYS D 84 -48.26 60.37 2.79
C LYS D 84 -49.58 61.11 2.99
N PRO D 85 -50.27 61.47 1.90
CA PRO D 85 -51.57 62.15 2.08
C PRO D 85 -52.57 61.36 2.89
N ALA D 86 -52.55 60.02 2.79
CA ALA D 86 -53.50 59.19 3.52
C ALA D 86 -53.23 59.17 5.03
N ASP D 87 -52.10 59.71 5.47
CA ASP D 87 -51.76 59.73 6.89
C ASP D 87 -52.56 60.75 7.69
N THR D 88 -53.35 61.59 7.03
CA THR D 88 -54.17 62.58 7.72
C THR D 88 -55.10 61.88 8.71
N ALA D 89 -54.88 62.11 10.00
CA ALA D 89 -55.63 61.42 11.04
C ALA D 89 -55.56 62.24 12.32
N VAL D 90 -55.94 61.62 13.44
CA VAL D 90 -55.85 62.25 14.75
C VAL D 90 -55.12 61.30 15.69
N TYR D 91 -54.11 61.81 16.39
CA TYR D 91 -53.37 61.04 17.38
C TYR D 91 -54.00 61.21 18.75
N TYR D 92 -54.08 60.11 19.49
CA TYR D 92 -54.59 60.11 20.86
C TYR D 92 -53.56 59.44 21.77
N CYS D 93 -53.32 60.04 22.92
CA CYS D 93 -52.37 59.52 23.91
C CYS D 93 -53.13 59.14 25.18
N HIS D 94 -52.89 57.93 25.67
CA HIS D 94 -53.51 57.44 26.89
C HIS D 94 -52.42 57.07 27.89
N ALA D 95 -52.61 57.48 29.14
CA ALA D 95 -51.66 57.22 30.21
C ALA D 95 -52.40 56.58 31.38
N VAL D 96 -51.65 56.25 32.43
CA VAL D 96 -52.18 55.64 33.63
C VAL D 96 -51.90 56.56 34.81
N GLY D 97 -52.96 56.89 35.56
CA GLY D 97 -52.82 57.76 36.72
C GLY D 97 -53.46 57.18 37.96
N GLN D 98 -52.67 56.99 39.02
CA GLN D 98 -53.15 56.44 40.27
C GLN D 98 -53.45 57.52 41.31
N GLU D 99 -52.50 58.43 41.54
CA GLU D 99 -52.69 59.51 42.51
C GLU D 99 -53.41 60.69 41.85
N ALA D 100 -54.65 60.43 41.43
CA ALA D 100 -55.47 61.45 40.80
C ALA D 100 -56.92 61.42 41.28
N SER D 101 -57.20 60.76 42.40
CA SER D 101 -58.54 60.66 42.94
C SER D 101 -58.86 61.74 43.95
N ALA D 102 -57.93 62.66 44.21
CA ALA D 102 -58.16 63.71 45.18
C ALA D 102 -59.32 64.63 44.79
N TYR D 103 -59.40 65.02 43.52
CA TYR D 103 -60.45 65.89 43.04
C TYR D 103 -61.07 65.46 41.72
N ALA D 104 -60.46 64.53 41.00
CA ALA D 104 -60.98 64.08 39.71
C ALA D 104 -60.52 62.65 39.46
N PRO D 105 -61.18 61.67 40.08
CA PRO D 105 -60.78 60.27 39.88
C PRO D 105 -61.10 59.76 38.48
N ARG D 106 -60.50 60.39 37.47
CA ARG D 106 -60.71 60.00 36.08
C ARG D 106 -59.36 59.96 35.37
N ALA D 107 -59.27 59.13 34.34
CA ALA D 107 -58.04 59.02 33.57
C ALA D 107 -57.76 60.31 32.82
N TYR D 108 -56.48 60.66 32.75
CA TYR D 108 -56.03 61.86 32.05
C TYR D 108 -55.94 61.54 30.56
N TRP D 109 -57.02 61.82 29.83
CA TRP D 109 -57.09 61.59 28.40
C TRP D 109 -56.74 62.89 27.68
N GLY D 110 -55.54 62.92 27.09
CA GLY D 110 -55.12 64.11 26.38
C GLY D 110 -55.95 64.37 25.13
N GLN D 111 -56.10 65.65 24.82
CA GLN D 111 -56.88 66.04 23.65
C GLN D 111 -56.22 65.52 22.39
N GLY D 112 -57.02 64.92 21.51
CA GLY D 112 -56.52 64.40 20.25
C GLY D 112 -55.91 65.47 19.37
N THR D 113 -54.74 65.21 18.82
CA THR D 113 -54.03 66.15 17.97
C THR D 113 -54.24 65.76 16.51
N GLN D 114 -54.84 66.65 15.73
CA GLN D 114 -55.12 66.36 14.33
C GLN D 114 -53.90 66.69 13.47
N VAL D 115 -53.56 65.79 12.55
CA VAL D 115 -52.46 65.98 11.63
C VAL D 115 -52.99 65.76 10.21
N THR D 116 -52.66 66.69 9.32
CA THR D 116 -53.09 66.61 7.92
C THR D 116 -51.90 66.87 7.02
N VAL D 117 -51.89 66.21 5.88
CA VAL D 117 -50.82 66.33 4.89
C VAL D 117 -51.43 66.89 3.60
N SER D 118 -50.85 67.98 3.10
CA SER D 118 -51.34 68.61 1.88
C SER D 118 -50.27 69.56 1.37
N SER D 119 -49.95 69.47 0.08
CA SER D 119 -48.96 70.33 -0.52
C SER D 119 -49.52 71.72 -0.78
N HIS E 1 -31.65 -46.26 73.05
CA HIS E 1 -30.94 -45.02 73.46
C HIS E 1 -29.46 -45.11 73.15
N VAL E 2 -28.88 -44.02 72.67
CA VAL E 2 -27.47 -43.94 72.30
C VAL E 2 -26.82 -42.91 73.21
N GLN E 3 -25.75 -43.31 73.89
CA GLN E 3 -25.01 -42.42 74.79
C GLN E 3 -23.78 -41.90 74.06
N LEU E 4 -23.78 -40.60 73.76
CA LEU E 4 -22.68 -39.96 73.05
C LEU E 4 -21.63 -39.38 73.98
N VAL E 5 -21.81 -39.52 75.30
CA VAL E 5 -20.83 -38.98 76.24
C VAL E 5 -19.53 -39.75 76.12
N GLU E 6 -18.42 -39.02 76.05
CA GLU E 6 -17.09 -39.61 75.93
C GLU E 6 -16.26 -39.44 77.19
N SER E 7 -16.13 -38.21 77.68
CA SER E 7 -15.35 -37.96 78.89
C SER E 7 -15.86 -36.69 79.54
N GLY E 8 -15.54 -36.54 80.83
CA GLY E 8 -15.99 -35.36 81.56
C GLY E 8 -15.40 -34.07 81.03
N GLY E 9 -14.12 -34.08 80.68
CA GLY E 9 -13.46 -32.89 80.16
C GLY E 9 -12.01 -32.88 80.58
N GLY E 10 -11.41 -31.71 80.48
CA GLY E 10 -10.01 -31.55 80.85
C GLY E 10 -9.59 -30.10 80.72
N LEU E 11 -8.36 -29.84 81.14
CA LEU E 11 -7.82 -28.48 81.08
C LEU E 11 -7.63 -28.04 79.63
N VAL E 12 -7.88 -26.75 79.39
CA VAL E 12 -7.74 -26.15 78.07
C VAL E 12 -6.82 -24.94 78.19
N GLN E 13 -5.82 -24.87 77.32
CA GLN E 13 -4.88 -23.77 77.33
C GLN E 13 -5.33 -22.68 76.37
N ALA E 14 -4.74 -21.50 76.53
CA ALA E 14 -5.07 -20.36 75.69
C ALA E 14 -4.73 -20.66 74.23
N GLY E 15 -5.66 -20.36 73.33
CA GLY E 15 -5.43 -20.61 71.92
C GLY E 15 -5.19 -22.07 71.60
N GLY E 16 -5.88 -22.98 72.28
CA GLY E 16 -5.71 -24.39 72.04
C GLY E 16 -6.51 -24.88 70.84
N SER E 17 -6.29 -26.15 70.52
CA SER E 17 -6.99 -26.79 69.41
C SER E 17 -7.15 -28.27 69.72
N LEU E 18 -8.37 -28.66 70.11
CA LEU E 18 -8.68 -30.05 70.45
C LEU E 18 -9.72 -30.58 69.47
N ARG E 19 -9.47 -31.78 68.94
CA ARG E 19 -10.37 -32.43 67.99
C ARG E 19 -10.78 -33.77 68.61
N LEU E 20 -11.85 -33.75 69.40
CA LEU E 20 -12.34 -34.97 70.03
C LEU E 20 -12.91 -35.92 68.98
N SER E 21 -12.75 -37.22 69.23
CA SER E 21 -13.23 -38.27 68.34
C SER E 21 -14.30 -39.05 69.07
N CYS E 22 -15.47 -39.17 68.44
CA CYS E 22 -16.57 -39.91 69.05
C CYS E 22 -16.23 -41.40 69.13
N ALA E 23 -16.67 -42.05 70.22
CA ALA E 23 -16.40 -43.47 70.39
C ALA E 23 -17.06 -44.28 69.28
N ALA E 24 -18.30 -43.94 68.93
CA ALA E 24 -19.04 -44.65 67.88
C ALA E 24 -19.12 -46.15 68.19
N SER E 25 -19.37 -46.46 69.47
CA SER E 25 -19.49 -47.84 69.92
C SER E 25 -20.85 -48.04 70.59
N GLY E 26 -21.49 -49.17 70.29
CA GLY E 26 -22.79 -49.47 70.84
C GLY E 26 -23.61 -50.39 69.96
N SER E 27 -24.89 -50.06 69.78
CA SER E 27 -25.78 -50.86 68.95
C SER E 27 -25.64 -50.44 67.50
N ILE E 28 -26.44 -51.05 66.62
CA ILE E 28 -26.39 -50.71 65.20
C ILE E 28 -26.93 -49.30 65.01
N PHE E 29 -26.21 -48.51 64.20
CA PHE E 29 -26.60 -47.14 63.91
C PHE E 29 -27.63 -47.11 62.79
N SER E 30 -28.06 -45.91 62.44
CA SER E 30 -29.06 -45.73 61.39
C SER E 30 -28.86 -44.37 60.75
N SER E 31 -29.41 -44.22 59.54
CA SER E 31 -29.32 -42.97 58.78
C SER E 31 -30.43 -42.02 59.24
N ASN E 32 -30.20 -41.41 60.40
CA ASN E 32 -31.14 -40.48 61.01
C ASN E 32 -30.53 -39.08 61.04
N ALA E 33 -31.34 -38.09 60.68
CA ALA E 33 -30.88 -36.71 60.70
C ALA E 33 -30.55 -36.27 62.12
N MET E 34 -29.55 -35.41 62.25
CA MET E 34 -29.10 -34.91 63.53
C MET E 34 -29.22 -33.38 63.56
N SER E 35 -29.56 -32.86 64.73
CA SER E 35 -29.69 -31.43 64.95
C SER E 35 -28.93 -31.03 66.20
N TRP E 36 -28.16 -29.94 66.09
CA TRP E 36 -27.35 -29.42 67.17
C TRP E 36 -27.91 -28.06 67.58
N TYR E 37 -28.18 -27.91 68.88
CA TYR E 37 -28.77 -26.70 69.41
C TYR E 37 -27.92 -26.15 70.54
N ARG E 38 -27.95 -24.83 70.71
CA ARG E 38 -27.25 -24.13 71.77
C ARG E 38 -28.27 -23.51 72.72
N GLN E 39 -27.99 -23.61 74.02
CA GLN E 39 -28.85 -23.05 75.04
C GLN E 39 -28.02 -22.25 76.02
N ALA E 40 -28.60 -21.16 76.51
CA ALA E 40 -27.96 -20.28 77.48
C ALA E 40 -29.05 -19.50 78.21
N PRO E 41 -28.74 -18.94 79.38
CA PRO E 41 -29.74 -18.18 80.12
C PRO E 41 -30.28 -17.02 79.30
N GLY E 42 -31.59 -16.78 79.40
CA GLY E 42 -32.23 -15.69 78.71
C GLY E 42 -32.56 -15.97 77.25
N LYS E 43 -32.27 -17.16 76.74
CA LYS E 43 -32.54 -17.50 75.36
C LYS E 43 -33.17 -18.88 75.29
N GLN E 44 -34.13 -19.02 74.38
CA GLN E 44 -34.82 -20.29 74.20
C GLN E 44 -34.05 -21.14 73.19
N ARG E 45 -34.60 -22.30 72.83
CA ARG E 45 -33.95 -23.18 71.87
C ARG E 45 -33.92 -22.54 70.49
N GLU E 46 -32.80 -22.69 69.80
CA GLU E 46 -32.62 -22.18 68.45
C GLU E 46 -32.00 -23.27 67.56
N LEU E 47 -32.38 -23.26 66.29
CA LEU E 47 -31.84 -24.22 65.32
C LEU E 47 -30.43 -23.76 64.94
N VAL E 48 -29.44 -24.29 65.64
CA VAL E 48 -28.07 -23.85 65.41
C VAL E 48 -27.46 -24.56 64.21
N ALA E 49 -27.59 -25.89 64.15
CA ALA E 49 -27.05 -26.64 63.03
C ALA E 49 -27.90 -27.87 62.77
N SER E 50 -27.89 -28.32 61.52
CA SER E 50 -28.64 -29.51 61.12
C SER E 50 -27.83 -30.26 60.08
N ILE E 51 -27.50 -31.52 60.38
CA ILE E 51 -26.72 -32.37 59.49
C ILE E 51 -27.59 -33.57 59.10
N THR E 52 -27.68 -33.83 57.80
CA THR E 52 -28.47 -34.93 57.28
C THR E 52 -27.62 -36.21 57.26
N SER E 53 -28.13 -37.26 56.60
CA SER E 53 -27.43 -38.54 56.52
C SER E 53 -26.39 -38.50 55.38
N GLY E 54 -25.44 -37.58 55.52
CA GLY E 54 -24.37 -37.44 54.56
C GLY E 54 -24.68 -36.59 53.35
N GLY E 55 -25.92 -36.11 53.23
CA GLY E 55 -26.29 -35.27 52.10
C GLY E 55 -25.65 -33.90 52.16
N ASN E 56 -26.05 -33.10 53.15
CA ASN E 56 -25.48 -31.78 53.35
C ASN E 56 -25.73 -31.36 54.79
N ALA E 57 -24.97 -30.37 55.24
CA ALA E 57 -25.07 -29.83 56.58
C ALA E 57 -25.24 -28.32 56.53
N ASP E 58 -26.13 -27.80 57.35
CA ASP E 58 -26.40 -26.38 57.44
C ASP E 58 -26.01 -25.87 58.82
N TYR E 59 -25.26 -24.78 58.87
CA TYR E 59 -24.80 -24.17 60.11
C TYR E 59 -25.08 -22.69 60.08
N ALA E 60 -25.28 -22.11 61.27
CA ALA E 60 -25.51 -20.69 61.37
C ALA E 60 -24.24 -19.91 61.07
N ASP E 61 -24.41 -18.65 60.66
CA ASP E 61 -23.26 -17.83 60.30
C ASP E 61 -22.33 -17.63 61.50
N SER E 62 -22.90 -17.40 62.68
CA SER E 62 -22.08 -17.18 63.87
C SER E 62 -21.24 -18.42 64.19
N VAL E 63 -21.82 -19.61 64.07
CA VAL E 63 -21.14 -20.85 64.39
C VAL E 63 -20.52 -21.50 63.15
N LYS E 64 -20.56 -20.82 62.01
CA LYS E 64 -20.03 -21.39 60.78
C LYS E 64 -18.52 -21.62 60.91
N GLY E 65 -18.07 -22.80 60.51
CA GLY E 65 -16.65 -23.13 60.49
C GLY E 65 -16.03 -23.44 61.84
N ARG E 66 -15.97 -22.45 62.73
CA ARG E 66 -15.28 -22.63 64.01
C ARG E 66 -15.92 -23.71 64.89
N PHE E 67 -17.25 -23.82 64.90
CA PHE E 67 -17.93 -24.99 65.45
C PHE E 67 -18.63 -25.72 64.32
N THR E 68 -18.32 -27.01 64.16
CA THR E 68 -18.97 -27.78 63.11
C THR E 68 -19.07 -29.24 63.51
N ILE E 69 -19.97 -29.95 62.85
CA ILE E 69 -20.15 -31.39 63.01
C ILE E 69 -20.21 -32.02 61.64
N SER E 70 -19.50 -33.14 61.47
CA SER E 70 -19.45 -33.84 60.19
C SER E 70 -19.88 -35.29 60.39
N ARG E 71 -20.58 -35.84 59.39
CA ARG E 71 -21.03 -37.21 59.40
C ARG E 71 -20.31 -38.00 58.31
N ASP E 72 -19.70 -39.11 58.70
CA ASP E 72 -18.96 -39.94 57.76
C ASP E 72 -18.94 -41.38 58.24
N LYS E 73 -19.39 -42.29 57.38
CA LYS E 73 -19.43 -43.73 57.68
C LYS E 73 -20.03 -43.99 59.06
N ASN E 74 -21.22 -43.42 59.29
CA ASN E 74 -21.95 -43.62 60.54
C ASN E 74 -21.11 -43.20 61.74
N THR E 75 -20.34 -42.13 61.57
CA THR E 75 -19.50 -41.60 62.63
C THR E 75 -19.62 -40.08 62.64
N VAL E 76 -19.64 -39.50 63.84
CA VAL E 76 -19.79 -38.07 64.04
C VAL E 76 -18.45 -37.50 64.48
N TYR E 77 -17.93 -36.56 63.69
CA TYR E 77 -16.67 -35.88 64.01
C TYR E 77 -16.96 -34.42 64.32
N PRO E 78 -16.77 -33.96 65.56
CA PRO E 78 -16.92 -32.52 65.84
C PRO E 78 -15.61 -31.77 65.69
N GLU E 79 -15.71 -30.60 65.05
CA GLU E 79 -14.58 -29.70 64.87
C GLU E 79 -14.82 -28.48 65.75
N MET E 80 -13.85 -28.21 66.64
CA MET E 80 -13.95 -27.18 67.67
C MET E 80 -12.89 -26.13 67.42
N SER E 81 -13.29 -24.87 67.41
CA SER E 81 -12.35 -23.78 67.20
C SER E 81 -12.98 -22.48 67.70
N SER E 82 -12.15 -21.45 67.86
CA SER E 82 -12.59 -20.14 68.31
C SER E 82 -13.23 -20.23 69.70
N LEU E 83 -12.42 -20.66 70.66
CA LEU E 83 -12.87 -20.78 72.05
C LEU E 83 -12.77 -19.43 72.74
N LYS E 84 -13.89 -18.96 73.29
CA LYS E 84 -13.93 -17.67 73.97
C LYS E 84 -14.74 -17.80 75.26
N PRO E 85 -14.55 -16.89 76.22
CA PRO E 85 -15.33 -16.97 77.46
C PRO E 85 -16.84 -16.93 77.23
N ALA E 86 -17.30 -16.19 76.21
CA ALA E 86 -18.72 -16.08 75.93
C ALA E 86 -19.32 -17.37 75.38
N ASP E 87 -18.49 -18.35 75.02
CA ASP E 87 -18.97 -19.61 74.47
C ASP E 87 -19.59 -20.52 75.52
N THR E 88 -19.51 -20.17 76.80
CA THR E 88 -20.10 -20.97 77.86
C THR E 88 -21.59 -21.14 77.61
N ALA E 89 -22.02 -22.37 77.33
CA ALA E 89 -23.41 -22.64 76.97
C ALA E 89 -23.70 -24.11 77.24
N VAL E 90 -24.82 -24.60 76.69
CA VAL E 90 -25.19 -26.01 76.79
C VAL E 90 -25.51 -26.51 75.40
N TYR E 91 -24.92 -27.64 75.01
CA TYR E 91 -25.19 -28.27 73.74
C TYR E 91 -26.31 -29.29 73.88
N TYR E 92 -27.21 -29.31 72.90
CA TYR E 92 -28.30 -30.27 72.84
C TYR E 92 -28.27 -30.98 71.49
N CYS E 93 -28.46 -32.29 71.52
CA CYS E 93 -28.48 -33.12 70.32
C CYS E 93 -29.86 -33.73 70.14
N HIS E 94 -30.42 -33.59 68.94
CA HIS E 94 -31.72 -34.15 68.61
C HIS E 94 -31.57 -35.10 67.44
N ALA E 95 -32.21 -36.27 67.54
CA ALA E 95 -32.16 -37.30 66.52
C ALA E 95 -33.59 -37.70 66.15
N VAL E 96 -33.70 -38.61 65.19
CA VAL E 96 -34.99 -39.12 64.71
C VAL E 96 -35.03 -40.62 64.97
N GLY E 97 -36.09 -41.08 65.65
CA GLY E 97 -36.26 -42.49 65.94
C GLY E 97 -37.62 -43.01 65.55
N GLN E 98 -37.65 -44.01 64.68
CA GLN E 98 -38.90 -44.60 64.21
C GLN E 98 -39.23 -45.90 64.95
N GLU E 99 -38.28 -46.83 65.04
CA GLU E 99 -38.50 -48.10 65.73
C GLU E 99 -38.24 -47.94 67.23
N ALA E 100 -39.06 -47.08 67.86
CA ALA E 100 -38.93 -46.83 69.29
C ALA E 100 -40.29 -46.77 69.98
N SER E 101 -41.35 -47.26 69.35
CA SER E 101 -42.68 -47.24 69.92
C SER E 101 -43.03 -48.51 70.68
N ALA E 102 -42.10 -49.46 70.79
CA ALA E 102 -42.36 -50.71 71.49
C ALA E 102 -42.67 -50.50 72.96
N TYR E 103 -41.91 -49.64 73.63
CA TYR E 103 -42.10 -49.36 75.05
C TYR E 103 -42.05 -47.89 75.41
N ALA E 104 -41.57 -47.02 74.52
CA ALA E 104 -41.47 -45.58 74.81
C ALA E 104 -41.56 -44.82 73.51
N PRO E 105 -42.77 -44.62 72.98
CA PRO E 105 -42.91 -43.89 71.71
C PRO E 105 -42.61 -42.40 71.87
N ARG E 106 -41.39 -42.07 72.26
CA ARG E 106 -40.96 -40.69 72.44
C ARG E 106 -39.59 -40.51 71.80
N ALA E 107 -39.31 -39.28 71.37
CA ALA E 107 -38.03 -38.97 70.76
C ALA E 107 -36.91 -39.09 71.79
N TYR E 108 -35.76 -39.60 71.33
CA TYR E 108 -34.59 -39.78 72.17
C TYR E 108 -33.86 -38.44 72.25
N TRP E 109 -34.19 -37.66 73.28
CA TRP E 109 -33.57 -36.35 73.51
C TRP E 109 -32.41 -36.53 74.48
N GLY E 110 -31.18 -36.44 73.97
CA GLY E 110 -30.02 -36.57 74.81
C GLY E 110 -29.90 -35.45 75.82
N GLN E 111 -29.33 -35.78 76.98
CA GLN E 111 -29.15 -34.80 78.03
C GLN E 111 -28.18 -33.71 77.57
N GLY E 112 -28.57 -32.45 77.80
CA GLY E 112 -27.74 -31.33 77.43
C GLY E 112 -26.40 -31.33 78.13
N THR E 113 -25.32 -31.12 77.37
CA THR E 113 -23.97 -31.12 77.91
C THR E 113 -23.51 -29.67 78.10
N GLN E 114 -23.21 -29.30 79.33
CA GLN E 114 -22.79 -27.93 79.64
C GLN E 114 -21.29 -27.78 79.40
N VAL E 115 -20.91 -26.69 78.74
CA VAL E 115 -19.52 -26.36 78.48
C VAL E 115 -19.26 -24.95 78.98
N THR E 116 -18.17 -24.78 79.73
CA THR E 116 -17.79 -23.49 80.28
C THR E 116 -16.32 -23.24 80.02
N VAL E 117 -15.98 -21.98 79.79
CA VAL E 117 -14.60 -21.57 79.52
C VAL E 117 -14.16 -20.62 80.63
N SER E 118 -13.03 -20.94 81.27
CA SER E 118 -12.51 -20.12 82.34
C SER E 118 -11.06 -20.50 82.59
N SER E 119 -10.19 -19.50 82.66
CA SER E 119 -8.77 -19.75 82.89
C SER E 119 -8.50 -20.06 84.36
N HIS F 1 -80.62 -26.47 -35.44
CA HIS F 1 -79.80 -27.64 -35.00
C HIS F 1 -78.55 -27.79 -35.87
N VAL F 2 -77.43 -28.11 -35.24
CA VAL F 2 -76.16 -28.30 -35.93
C VAL F 2 -75.72 -29.74 -35.73
N GLN F 3 -75.44 -30.42 -36.83
CA GLN F 3 -75.01 -31.82 -36.82
C GLN F 3 -73.49 -31.85 -36.94
N LEU F 4 -72.83 -32.27 -35.87
CA LEU F 4 -71.37 -32.35 -35.84
C LEU F 4 -70.85 -33.71 -36.24
N VAL F 5 -71.72 -34.66 -36.57
CA VAL F 5 -71.27 -35.99 -36.96
C VAL F 5 -70.54 -35.90 -38.29
N GLU F 6 -69.37 -36.55 -38.36
CA GLU F 6 -68.54 -36.56 -39.56
C GLU F 6 -68.52 -37.93 -40.23
N SER F 7 -68.19 -38.98 -39.49
CA SER F 7 -68.14 -40.32 -40.06
C SER F 7 -68.37 -41.33 -38.93
N GLY F 8 -68.74 -42.55 -39.34
CA GLY F 8 -68.99 -43.59 -38.36
C GLY F 8 -67.75 -43.98 -37.57
N GLY F 9 -66.61 -44.09 -38.23
CA GLY F 9 -65.39 -44.46 -37.58
C GLY F 9 -64.50 -45.24 -38.52
N GLY F 10 -63.53 -45.94 -37.95
CA GLY F 10 -62.61 -46.74 -38.73
C GLY F 10 -61.66 -47.48 -37.82
N LEU F 11 -60.84 -48.33 -38.45
CA LEU F 11 -59.87 -49.12 -37.71
C LEU F 11 -58.79 -48.21 -37.11
N VAL F 12 -58.34 -48.59 -35.91
CA VAL F 12 -57.30 -47.85 -35.19
C VAL F 12 -56.19 -48.84 -34.83
N GLN F 13 -54.96 -48.48 -35.15
CA GLN F 13 -53.81 -49.32 -34.86
C GLN F 13 -53.21 -48.95 -33.50
N ALA F 14 -52.38 -49.85 -32.98
CA ALA F 14 -51.74 -49.62 -31.69
C ALA F 14 -50.83 -48.39 -31.76
N GLY F 15 -50.94 -47.53 -30.76
CA GLY F 15 -50.13 -46.33 -30.72
C GLY F 15 -50.35 -45.42 -31.91
N GLY F 16 -51.60 -45.30 -32.37
CA GLY F 16 -51.89 -44.46 -33.51
C GLY F 16 -52.07 -43.00 -33.12
N SER F 17 -52.24 -42.17 -34.14
CA SER F 17 -52.43 -40.74 -33.94
C SER F 17 -53.30 -40.21 -35.07
N LEU F 18 -54.58 -39.95 -34.77
CA LEU F 18 -55.54 -39.45 -35.73
C LEU F 18 -56.02 -38.07 -35.28
N ARG F 19 -56.03 -37.12 -36.22
CA ARG F 19 -56.46 -35.75 -35.96
C ARG F 19 -57.63 -35.46 -36.91
N LEU F 20 -58.84 -35.78 -36.47
CA LEU F 20 -60.02 -35.53 -37.28
C LEU F 20 -60.28 -34.03 -37.40
N SER F 21 -60.80 -33.65 -38.58
CA SER F 21 -61.12 -32.26 -38.87
C SER F 21 -62.62 -32.12 -39.03
N CYS F 22 -63.22 -31.20 -38.28
CA CYS F 22 -64.65 -30.98 -38.37
C CYS F 22 -65.03 -30.42 -39.74
N ALA F 23 -66.19 -30.85 -40.24
CA ALA F 23 -66.64 -30.36 -41.54
C ALA F 23 -66.89 -28.86 -41.50
N ALA F 24 -67.49 -28.35 -40.43
CA ALA F 24 -67.78 -26.93 -40.29
C ALA F 24 -68.60 -26.41 -41.46
N SER F 25 -69.58 -27.21 -41.88
CA SER F 25 -70.46 -26.86 -42.99
C SER F 25 -71.90 -26.88 -42.51
N GLY F 26 -72.67 -25.88 -42.93
CA GLY F 26 -74.07 -25.79 -42.55
C GLY F 26 -74.58 -24.36 -42.54
N SER F 27 -75.33 -23.99 -41.51
CA SER F 27 -75.88 -22.65 -41.40
C SER F 27 -74.84 -21.72 -40.77
N ILE F 28 -75.21 -20.45 -40.57
CA ILE F 28 -74.30 -19.49 -39.98
C ILE F 28 -74.03 -19.87 -38.53
N PHE F 29 -72.76 -19.82 -38.13
CA PHE F 29 -72.36 -20.16 -36.78
C PHE F 29 -72.54 -18.95 -35.87
N SER F 30 -72.19 -19.13 -34.60
CA SER F 30 -72.31 -18.06 -33.61
C SER F 30 -71.28 -18.27 -32.52
N SER F 31 -71.01 -17.19 -31.78
CA SER F 31 -70.04 -17.24 -30.68
C SER F 31 -70.73 -17.74 -29.41
N ASN F 32 -70.93 -19.06 -29.37
CA ASN F 32 -71.58 -19.73 -28.26
C ASN F 32 -70.58 -20.63 -27.54
N ALA F 33 -70.61 -20.59 -26.21
CA ALA F 33 -69.73 -21.42 -25.42
C ALA F 33 -70.06 -22.90 -25.62
N MET F 34 -69.03 -23.74 -25.58
CA MET F 34 -69.17 -25.17 -25.79
C MET F 34 -68.66 -25.91 -24.56
N SER F 35 -69.33 -27.02 -24.25
CA SER F 35 -68.97 -27.86 -23.11
C SER F 35 -68.90 -29.32 -23.57
N TRP F 36 -67.83 -30.00 -23.15
CA TRP F 36 -67.58 -31.39 -23.50
C TRP F 36 -67.68 -32.23 -22.24
N TYR F 37 -68.50 -33.28 -22.28
CA TYR F 37 -68.75 -34.13 -21.13
C TYR F 37 -68.49 -35.58 -21.50
N ARG F 38 -68.08 -36.36 -20.50
CA ARG F 38 -67.83 -37.78 -20.64
C ARG F 38 -68.84 -38.56 -19.80
N GLN F 39 -69.37 -39.64 -20.38
CA GLN F 39 -70.33 -40.49 -19.69
C GLN F 39 -69.89 -41.94 -19.81
N ALA F 40 -70.16 -42.70 -18.75
CA ALA F 40 -69.84 -44.12 -18.69
C ALA F 40 -70.73 -44.77 -17.64
N PRO F 41 -70.88 -46.09 -17.69
CA PRO F 41 -71.74 -46.76 -16.70
C PRO F 41 -71.24 -46.51 -15.28
N GLY F 42 -72.19 -46.32 -14.36
CA GLY F 42 -71.87 -46.10 -12.97
C GLY F 42 -71.46 -44.68 -12.62
N LYS F 43 -71.44 -43.76 -13.59
CA LYS F 43 -71.05 -42.38 -13.35
C LYS F 43 -72.05 -41.45 -14.01
N GLN F 44 -72.35 -40.34 -13.33
CA GLN F 44 -73.28 -39.35 -13.86
C GLN F 44 -72.49 -38.34 -14.72
N ARG F 45 -73.18 -37.31 -15.19
CA ARG F 45 -72.53 -36.30 -16.01
C ARG F 45 -71.54 -35.50 -15.18
N GLU F 46 -70.38 -35.21 -15.79
CA GLU F 46 -69.34 -34.41 -15.16
C GLU F 46 -68.84 -33.35 -16.13
N LEU F 47 -68.45 -32.20 -15.59
CA LEU F 47 -67.91 -31.10 -16.40
C LEU F 47 -66.48 -31.45 -16.76
N VAL F 48 -66.31 -32.06 -17.93
CA VAL F 48 -64.98 -32.52 -18.34
C VAL F 48 -64.18 -31.37 -18.94
N ALA F 49 -64.77 -30.62 -19.88
CA ALA F 49 -64.07 -29.51 -20.50
C ALA F 49 -65.06 -28.43 -20.88
N SER F 50 -64.58 -27.18 -20.91
CA SER F 50 -65.40 -26.04 -21.29
C SER F 50 -64.55 -25.06 -22.08
N ILE F 51 -64.96 -24.79 -23.32
CA ILE F 51 -64.25 -23.87 -24.21
C ILE F 51 -65.17 -22.70 -24.53
N THR F 52 -64.65 -21.48 -24.35
CA THR F 52 -65.42 -20.28 -24.60
C THR F 52 -65.27 -19.88 -26.06
N SER F 53 -65.72 -18.67 -26.41
CA SER F 53 -65.66 -18.18 -27.79
C SER F 53 -64.28 -17.59 -28.08
N GLY F 54 -63.26 -18.45 -27.97
CA GLY F 54 -61.90 -18.07 -28.24
C GLY F 54 -61.16 -17.42 -27.09
N GLY F 55 -61.83 -17.17 -25.97
CA GLY F 55 -61.17 -16.57 -24.83
C GLY F 55 -60.18 -17.50 -24.16
N ASN F 56 -60.69 -18.57 -23.57
CA ASN F 56 -59.84 -19.57 -22.92
C ASN F 56 -60.62 -20.87 -22.82
N ALA F 57 -59.88 -21.96 -22.61
CA ALA F 57 -60.47 -23.29 -22.48
C ALA F 57 -59.95 -23.94 -21.20
N ASP F 58 -60.86 -24.59 -20.48
CA ASP F 58 -60.54 -25.29 -19.25
C ASP F 58 -60.78 -26.78 -19.44
N TYR F 59 -59.79 -27.59 -19.05
CA TYR F 59 -59.87 -29.04 -19.17
C TYR F 59 -59.46 -29.68 -17.84
N ALA F 60 -60.02 -30.86 -17.59
CA ALA F 60 -59.68 -31.58 -16.37
C ALA F 60 -58.25 -32.12 -16.45
N ASP F 61 -57.67 -32.36 -15.27
CA ASP F 61 -56.28 -32.83 -15.22
C ASP F 61 -56.14 -34.18 -15.91
N SER F 62 -57.10 -35.08 -15.70
CA SER F 62 -57.02 -36.40 -16.32
C SER F 62 -57.05 -36.31 -17.83
N VAL F 63 -57.91 -35.44 -18.38
CA VAL F 63 -58.05 -35.29 -19.83
C VAL F 63 -57.19 -34.15 -20.37
N LYS F 64 -56.35 -33.55 -19.53
CA LYS F 64 -55.52 -32.44 -19.98
C LYS F 64 -54.55 -32.89 -21.07
N GLY F 65 -54.48 -32.10 -22.14
CA GLY F 65 -53.53 -32.37 -23.22
C GLY F 65 -53.88 -33.49 -24.17
N ARG F 66 -53.92 -34.74 -23.67
CA ARG F 66 -54.16 -35.89 -24.52
C ARG F 66 -55.53 -35.87 -25.20
N PHE F 67 -56.57 -35.41 -24.52
CA PHE F 67 -57.84 -35.08 -25.15
C PHE F 67 -58.06 -33.59 -25.03
N THR F 68 -58.26 -32.91 -26.17
CA THR F 68 -58.50 -31.46 -26.11
C THR F 68 -59.37 -31.04 -27.28
N ILE F 69 -59.97 -29.87 -27.14
CA ILE F 69 -60.78 -29.24 -28.18
C ILE F 69 -60.34 -27.78 -28.29
N SER F 70 -60.17 -27.31 -29.52
CA SER F 70 -59.74 -25.94 -29.77
C SER F 70 -60.73 -25.24 -30.68
N ARG F 71 -60.95 -23.96 -30.45
CA ARG F 71 -61.85 -23.13 -31.24
C ARG F 71 -61.05 -22.09 -31.99
N ASP F 72 -61.23 -22.03 -33.31
CA ASP F 72 -60.50 -21.08 -34.14
C ASP F 72 -61.33 -20.76 -35.38
N LYS F 73 -61.57 -19.47 -35.61
CA LYS F 73 -62.33 -18.99 -36.76
C LYS F 73 -63.61 -19.79 -36.96
N ASN F 74 -64.40 -19.89 -35.90
CA ASN F 74 -65.69 -20.58 -35.93
C ASN F 74 -65.52 -22.03 -36.40
N THR F 75 -64.43 -22.67 -35.98
CA THR F 75 -64.13 -24.04 -36.33
C THR F 75 -63.64 -24.78 -35.10
N VAL F 76 -64.05 -26.03 -34.95
CA VAL F 76 -63.70 -26.85 -33.79
C VAL F 76 -62.69 -27.90 -34.26
N TYR F 77 -61.51 -27.90 -33.64
CA TYR F 77 -60.47 -28.87 -33.92
C TYR F 77 -60.27 -29.76 -32.71
N PRO F 78 -60.59 -31.05 -32.78
CA PRO F 78 -60.29 -31.96 -31.66
C PRO F 78 -58.93 -32.61 -31.80
N GLU F 79 -58.20 -32.64 -30.69
CA GLU F 79 -56.89 -33.29 -30.61
C GLU F 79 -57.04 -34.53 -29.75
N MET F 80 -56.69 -35.68 -30.32
CA MET F 80 -56.90 -37.00 -29.73
C MET F 80 -55.55 -37.64 -29.49
N SER F 81 -55.34 -38.16 -28.28
CA SER F 81 -54.08 -38.82 -27.93
C SER F 81 -54.31 -39.67 -26.70
N SER F 82 -53.36 -40.56 -26.42
CA SER F 82 -53.40 -41.45 -25.27
C SER F 82 -54.66 -42.33 -25.32
N LEU F 83 -54.73 -43.14 -26.36
CA LEU F 83 -55.84 -44.07 -26.54
C LEU F 83 -55.60 -45.34 -25.74
N LYS F 84 -56.53 -45.67 -24.85
CA LYS F 84 -56.42 -46.85 -24.00
C LYS F 84 -57.75 -47.59 -23.96
N PRO F 85 -57.74 -48.88 -23.60
CA PRO F 85 -59.03 -49.60 -23.52
C PRO F 85 -60.01 -48.98 -22.55
N ALA F 86 -59.53 -48.38 -21.46
CA ALA F 86 -60.41 -47.77 -20.48
C ALA F 86 -61.08 -46.51 -20.98
N ASP F 87 -60.66 -45.98 -22.12
CA ASP F 87 -61.23 -44.76 -22.68
C ASP F 87 -62.62 -44.97 -23.28
N THR F 88 -63.08 -46.21 -23.38
CA THR F 88 -64.41 -46.48 -23.92
C THR F 88 -65.47 -45.74 -23.12
N ALA F 89 -66.13 -44.77 -23.74
CA ALA F 89 -67.09 -43.92 -23.05
C ALA F 89 -68.04 -43.32 -24.08
N VAL F 90 -68.78 -42.29 -23.67
CA VAL F 90 -69.67 -41.56 -24.55
C VAL F 90 -69.38 -40.06 -24.40
N TYR F 91 -69.18 -39.39 -25.52
CA TYR F 91 -68.96 -37.95 -25.53
C TYR F 91 -70.29 -37.22 -25.70
N TYR F 92 -70.45 -36.14 -24.94
CA TYR F 92 -71.62 -35.27 -25.03
C TYR F 92 -71.17 -33.84 -25.25
N CYS F 93 -71.86 -33.15 -26.16
CA CYS F 93 -71.57 -31.75 -26.49
C CYS F 93 -72.75 -30.89 -26.10
N HIS F 94 -72.48 -29.81 -25.37
CA HIS F 94 -73.51 -28.86 -24.95
C HIS F 94 -73.16 -27.48 -25.48
N ALA F 95 -74.15 -26.80 -26.03
CA ALA F 95 -73.99 -25.46 -26.60
C ALA F 95 -75.03 -24.54 -25.98
N VAL F 96 -74.98 -23.26 -26.37
CA VAL F 96 -75.89 -22.24 -25.89
C VAL F 96 -76.65 -21.68 -27.09
N GLY F 97 -77.98 -21.68 -26.99
CA GLY F 97 -78.82 -21.17 -28.05
C GLY F 97 -79.85 -20.18 -27.56
N GLN F 98 -79.81 -18.95 -28.09
CA GLN F 98 -80.75 -17.90 -27.71
C GLN F 98 -81.90 -17.75 -28.69
N GLU F 99 -81.60 -17.66 -29.99
CA GLU F 99 -82.64 -17.52 -31.01
C GLU F 99 -83.16 -18.90 -31.42
N ALA F 100 -83.77 -19.58 -30.44
CA ALA F 100 -84.33 -20.90 -30.69
C ALA F 100 -85.69 -21.08 -30.01
N SER F 101 -86.34 -20.01 -29.62
CA SER F 101 -87.65 -20.08 -28.95
C SER F 101 -88.81 -19.95 -29.93
N ALA F 102 -88.55 -19.85 -31.23
CA ALA F 102 -89.61 -19.71 -32.22
C ALA F 102 -90.53 -20.92 -32.24
N TYR F 103 -89.96 -22.13 -32.20
CA TYR F 103 -90.75 -23.35 -32.23
C TYR F 103 -90.32 -24.40 -31.22
N ALA F 104 -89.14 -24.25 -30.60
CA ALA F 104 -88.64 -25.23 -29.63
C ALA F 104 -87.71 -24.53 -28.65
N PRO F 105 -88.27 -23.83 -27.66
CA PRO F 105 -87.43 -23.12 -26.69
C PRO F 105 -86.69 -24.08 -25.76
N ARG F 106 -85.85 -24.93 -26.33
CA ARG F 106 -85.07 -25.89 -25.56
C ARG F 106 -83.64 -25.88 -26.06
N ALA F 107 -82.71 -26.24 -25.17
CA ALA F 107 -81.30 -26.29 -25.52
C ALA F 107 -81.04 -27.40 -26.53
N TYR F 108 -80.15 -27.12 -27.48
CA TYR F 108 -79.77 -28.09 -28.51
C TYR F 108 -78.74 -29.03 -27.92
N TRP F 109 -79.21 -30.16 -27.39
CA TRP F 109 -78.36 -31.18 -26.80
C TRP F 109 -78.07 -32.24 -27.87
N GLY F 110 -76.84 -32.25 -28.37
CA GLY F 110 -76.47 -33.21 -29.38
C GLY F 110 -76.45 -34.63 -28.84
N GLN F 111 -76.77 -35.58 -29.71
CA GLN F 111 -76.79 -36.98 -29.33
C GLN F 111 -75.39 -37.44 -28.94
N GLY F 112 -75.31 -38.14 -27.80
CA GLY F 112 -74.04 -38.65 -27.33
C GLY F 112 -73.40 -39.62 -28.30
N THR F 113 -72.11 -39.44 -28.57
CA THR F 113 -71.38 -40.30 -29.49
C THR F 113 -70.56 -41.30 -28.69
N GLN F 114 -70.84 -42.59 -28.90
CA GLN F 114 -70.14 -43.64 -28.16
C GLN F 114 -68.82 -43.98 -28.86
N VAL F 115 -67.76 -44.11 -28.07
CA VAL F 115 -66.44 -44.48 -28.58
C VAL F 115 -65.95 -45.68 -27.76
N THR F 116 -65.47 -46.70 -28.46
CA THR F 116 -64.96 -47.91 -27.81
C THR F 116 -63.61 -48.27 -28.43
N VAL F 117 -62.73 -48.82 -27.61
CA VAL F 117 -61.39 -49.22 -28.02
C VAL F 117 -61.26 -50.73 -27.83
N SER F 118 -60.88 -51.43 -28.89
CA SER F 118 -60.73 -52.87 -28.83
C SER F 118 -59.92 -53.33 -30.04
N SER F 119 -58.91 -54.15 -29.80
CA SER F 119 -58.05 -54.65 -30.88
C SER F 119 -58.76 -55.76 -31.64
#